data_9CB0
#
_entry.id   9CB0
#
_cell.length_a   1.00
_cell.length_b   1.00
_cell.length_c   1.00
_cell.angle_alpha   90.00
_cell.angle_beta   90.00
_cell.angle_gamma   90.00
#
_symmetry.space_group_name_H-M   'P 1'
#
loop_
_entity.id
_entity.type
_entity.pdbx_description
1 polymer 'Spike glycoprotein'
2 branched 2-acetamido-2-deoxy-beta-D-glucopyranose-(1-4)-2-acetamido-2-deoxy-beta-D-glucopyranose
3 branched 2-acetamido-2-deoxy-beta-D-glucopyranose-(1-6)-2-acetamido-2-deoxy-beta-D-glucopyranose
4 non-polymer 2-acetamido-2-deoxy-beta-D-glucopyranose
#
_entity_poly.entity_id   1
_entity_poly.type   'polypeptide(L)'
_entity_poly.pdbx_seq_one_letter_code
;VNLTTRTQLPPAYTNSFTRGVYYPDKVFRSSVLHSTQDLFLPFFSNVTWFHAIHVSGTNGTKRFDNPVLPFNDGVYFAST
EKSNIIRGWIFGTTLDSKTQSLLIVNNATNVVIKVCEFQFCNDPFLGVYYHKNNKSWMESEFRVYSSANNCTFEYVSQPF
LMDLEGKQGNFKNLREFVFKNIDGYFKIYSKHTPINLVRDLPQGFSALEPLVDLPIGINITRFQTLLALHRSYLTPGDSS
SGWTAGAAAYYVGYLQPRTFLLKYNENGTITDAVDCALDPLSETKCTLKSFTVEKGIYQTSNFRVQPTESIVRFPNITNL
CPFGEVFNATRFASVYAWNRKRISNCVADYSVLYNSASFSTFKCYGVSPTKLNDLCFTNVYADSFVIRGDEVRQIAPGQT
GKIADYNYKLPDDFTGCVIAWNSNNLDSKVGGNYNYLYRLFRKSNLKPFERDISTEIYQAGSTPCNGVEGFNCYFPLQSY
GFQPTNGVGYQPYRVVVLSFELLHAPATVCGPKKSTNLVKNKCVNFNFNGLTGTGVLTESNKKFLPFQQFGRDIADTTDA
VRDPQTLEILDITPCSFGGVSVITPGTNTSNQVAVLYQDVNCTEVPVAIHADQLTPTWRVYSTGSNVFQTRAGCLIGAEH
VNNSYECDIPIGAGICASYQTQTNSPRAAASVASQSIIAYTMSLGAENSVAYSNNSIAIPTNFTISVTTEILPVSMTKTS
VDCTMYICGDSTECSNLLLQYGSFCTQLNRALTGIAVEQDKNTQEVFAQVKQIYKTPPIKDFGGFNFSQILPDPSKPSKR
SPIEDLLFNKVTLADAGFIKQYGDCLGDIAARDLICAQKFNGLTVLPPLLTDEMIAQYTSALLAGTITSGWTFGAGPALQ
IPFPMQMAYRFNGIGVTQNVLYENQKLIANQFNSAIGKIQDSLSSTPSALGKLQDVVNQNAQALNTLVKQLSSNFGAISS
VLNDILSRLDPPEAEVQIDRLITGRLQSLQTYVTQQLIRAAEIRASANLAATKMSECVLGQSKRVDFCGKGYHLMSFPQS
APHGVVFLHVTYVPAQEKNFTTAPAICHDGKAHFPREGVFVSNGTHWFVTQRNFYEPQIITTDNTFVSGNCDVVIGIVNN
TVYDPLQPELDSFKEELDKYFKNHTSPDVDLGDISGINASVVNIQKEIDRLNEVAKNLNESLIDLQELGKYEQYIKWP
;
_entity_poly.pdbx_strand_id   A,B,C
#
loop_
_chem_comp.id
_chem_comp.type
_chem_comp.name
_chem_comp.formula
NAG D-saccharide, beta linking 2-acetamido-2-deoxy-beta-D-glucopyranose 'C8 H15 N O6'
#
# COMPACT_ATOMS: atom_id res chain seq x y z
N ALA A 12 28.59 -32.18 44.57
CA ALA A 12 27.19 -31.97 44.91
C ALA A 12 26.61 -30.99 43.90
N TYR A 13 25.31 -30.71 44.05
CA TYR A 13 24.62 -29.75 43.20
C TYR A 13 24.04 -28.64 44.06
N THR A 14 23.92 -27.45 43.47
CA THR A 14 23.36 -26.30 44.17
C THR A 14 22.64 -25.42 43.18
N ASN A 15 21.50 -24.88 43.59
CA ASN A 15 20.71 -24.01 42.74
C ASN A 15 21.20 -22.57 42.83
N SER A 16 21.22 -21.89 41.69
CA SER A 16 21.52 -20.47 41.61
C SER A 16 20.40 -19.81 40.81
N PHE A 17 19.58 -19.02 41.49
CA PHE A 17 18.31 -18.60 40.90
C PHE A 17 18.48 -17.44 39.91
N THR A 18 18.90 -16.28 40.40
CA THR A 18 19.00 -15.07 39.57
C THR A 18 20.33 -14.40 39.88
N ARG A 19 21.36 -14.74 39.11
CA ARG A 19 22.69 -14.20 39.33
C ARG A 19 23.40 -14.01 37.99
N GLY A 20 24.44 -13.20 38.00
CA GLY A 20 25.38 -13.15 36.91
C GLY A 20 25.00 -12.26 35.74
N VAL A 21 23.92 -11.49 35.85
CA VAL A 21 23.56 -10.59 34.76
C VAL A 21 24.55 -9.44 34.70
N TYR A 22 25.13 -9.21 33.53
CA TYR A 22 26.12 -8.17 33.33
C TYR A 22 25.63 -7.15 32.32
N TYR A 23 26.23 -5.97 32.37
CA TYR A 23 25.84 -4.90 31.45
C TYR A 23 26.18 -5.29 30.02
N PRO A 24 25.25 -5.16 29.08
CA PRO A 24 25.53 -5.59 27.70
C PRO A 24 26.55 -4.73 26.99
N ASP A 25 26.37 -3.41 26.99
CA ASP A 25 27.24 -2.52 26.24
C ASP A 25 27.50 -1.27 27.07
N LYS A 26 28.03 -0.24 26.42
CA LYS A 26 28.47 0.96 27.12
C LYS A 26 27.71 2.21 26.65
N VAL A 27 26.39 2.10 26.55
CA VAL A 27 25.54 3.21 26.14
C VAL A 27 24.51 3.44 27.24
N PHE A 28 24.33 4.72 27.62
CA PHE A 28 23.36 5.04 28.66
C PHE A 28 21.94 4.89 28.13
N ARG A 29 21.11 4.19 28.91
CA ARG A 29 19.70 3.99 28.58
C ARG A 29 18.89 4.34 29.82
N SER A 30 17.86 5.16 29.65
CA SER A 30 17.13 5.76 30.77
C SER A 30 15.69 5.26 30.80
N SER A 31 15.39 4.38 31.76
CA SER A 31 14.02 3.97 32.08
C SER A 31 13.25 3.51 30.86
N VAL A 32 13.75 2.46 30.22
CA VAL A 32 13.11 1.84 29.07
C VAL A 32 13.26 0.34 29.17
N LEU A 33 12.57 -0.37 28.29
CA LEU A 33 12.68 -1.82 28.17
C LEU A 33 13.28 -2.15 26.80
N HIS A 34 14.30 -3.00 26.80
CA HIS A 34 15.10 -3.25 25.62
C HIS A 34 15.24 -4.75 25.36
N SER A 35 15.58 -5.09 24.12
CA SER A 35 15.77 -6.46 23.69
C SER A 35 17.24 -6.72 23.39
N THR A 36 17.80 -7.77 23.99
CA THR A 36 19.19 -8.12 23.82
C THR A 36 19.33 -9.60 23.49
N GLN A 37 20.31 -9.92 22.64
CA GLN A 37 20.63 -11.28 22.27
C GLN A 37 22.10 -11.51 22.63
N ASP A 38 22.35 -12.22 23.72
CA ASP A 38 23.70 -12.32 24.26
C ASP A 38 23.76 -13.55 25.15
N LEU A 39 24.97 -14.04 25.40
CA LEU A 39 25.18 -15.16 26.29
C LEU A 39 24.89 -14.76 27.73
N PHE A 40 24.16 -15.60 28.45
CA PHE A 40 23.84 -15.37 29.85
C PHE A 40 23.80 -16.70 30.58
N LEU A 41 23.84 -16.63 31.91
CA LEU A 41 23.62 -17.81 32.73
C LEU A 41 22.13 -18.10 32.79
N PRO A 42 21.67 -19.29 32.36
CA PRO A 42 20.24 -19.58 32.41
C PRO A 42 19.70 -19.54 33.83
N PHE A 43 18.47 -19.04 33.96
CA PHE A 43 17.85 -18.93 35.26
C PHE A 43 17.49 -20.31 35.81
N PHE A 44 17.56 -20.43 37.13
CA PHE A 44 17.21 -21.66 37.84
C PHE A 44 18.01 -22.85 37.31
N SER A 45 19.33 -22.74 37.40
CA SER A 45 20.23 -23.78 36.94
C SER A 45 20.88 -24.50 38.11
N ASN A 46 21.30 -25.72 37.88
CA ASN A 46 22.05 -26.50 38.86
C ASN A 46 23.53 -26.13 38.73
N VAL A 47 24.11 -25.65 39.82
CA VAL A 47 25.51 -25.25 39.84
C VAL A 47 26.29 -26.20 40.72
N THR A 48 27.13 -27.03 40.11
CA THR A 48 27.83 -28.08 40.85
C THR A 48 28.80 -27.50 41.86
N TRP A 49 28.97 -28.18 43.00
CA TRP A 49 29.76 -27.69 44.11
C TRP A 49 30.89 -28.67 44.42
N PHE A 50 32.11 -28.16 44.44
CA PHE A 50 33.30 -28.95 44.72
C PHE A 50 33.91 -28.51 46.03
N HIS A 51 34.46 -29.46 46.78
CA HIS A 51 35.14 -29.18 48.03
C HIS A 51 36.52 -29.81 47.99
N ALA A 52 37.55 -29.01 48.23
CA ALA A 52 38.94 -29.46 48.16
C ALA A 52 39.38 -29.90 49.55
N ILE A 53 39.23 -31.18 49.84
CA ILE A 53 39.68 -31.76 51.11
C ILE A 53 41.04 -32.38 50.82
N HIS A 54 42.09 -31.60 51.04
CA HIS A 54 43.45 -32.03 50.74
C HIS A 54 44.10 -32.69 51.95
N ASN A 66 42.15 -31.05 42.54
CA ASN A 66 41.82 -30.03 41.55
C ASN A 66 42.04 -30.49 40.10
N PRO A 67 41.20 -31.37 39.58
CA PRO A 67 41.22 -31.61 38.13
C PRO A 67 40.83 -30.34 37.38
N VAL A 68 41.36 -30.21 36.17
CA VAL A 68 41.15 -29.02 35.38
C VAL A 68 39.75 -29.04 34.78
N LEU A 69 38.96 -28.01 35.05
CA LEU A 69 37.59 -27.86 34.60
C LEU A 69 37.56 -27.14 33.24
N PRO A 70 36.60 -27.47 32.39
CA PRO A 70 36.67 -27.03 31.00
C PRO A 70 36.06 -25.66 30.71
N PHE A 71 36.58 -25.06 29.64
CA PHE A 71 36.06 -23.89 28.94
C PHE A 71 34.97 -24.34 27.99
N ASN A 72 34.86 -23.69 26.82
CA ASN A 72 33.71 -23.81 25.92
C ASN A 72 32.48 -23.07 26.46
N ASP A 73 32.50 -21.75 26.26
CA ASP A 73 31.45 -20.79 26.60
C ASP A 73 31.46 -20.42 28.07
N GLY A 74 32.66 -20.31 28.64
CA GLY A 74 32.83 -19.61 29.89
C GLY A 74 32.29 -20.34 31.10
N VAL A 75 32.60 -19.82 32.28
CA VAL A 75 32.18 -20.43 33.53
C VAL A 75 31.73 -19.33 34.48
N TYR A 76 30.91 -19.71 35.45
CA TYR A 76 30.53 -18.83 36.56
C TYR A 76 31.19 -19.37 37.82
N PHE A 77 32.12 -18.62 38.37
CA PHE A 77 32.93 -19.04 39.50
C PHE A 77 32.39 -18.41 40.77
N ALA A 78 32.12 -19.23 41.78
CA ALA A 78 31.58 -18.78 43.05
C ALA A 78 32.43 -19.33 44.19
N SER A 79 32.69 -18.49 45.19
CA SER A 79 33.40 -18.90 46.39
C SER A 79 33.05 -17.94 47.51
N THR A 80 33.16 -18.42 48.75
CA THR A 80 32.76 -17.66 49.92
C THR A 80 33.87 -17.60 50.97
N GLU A 81 35.13 -17.63 50.53
CA GLU A 81 36.28 -17.61 51.42
C GLU A 81 36.97 -16.26 51.30
N LYS A 82 38.11 -16.13 51.97
CA LYS A 82 38.86 -14.88 51.99
C LYS A 82 39.77 -14.79 50.77
N SER A 83 40.52 -13.69 50.68
CA SER A 83 41.25 -13.34 49.46
C SER A 83 42.62 -13.99 49.36
N ASN A 84 43.10 -14.64 50.43
CA ASN A 84 44.43 -15.24 50.39
C ASN A 84 44.40 -16.76 50.46
N ILE A 85 43.24 -17.37 50.27
CA ILE A 85 43.15 -18.81 50.09
C ILE A 85 43.09 -19.19 48.62
N ILE A 86 42.28 -18.48 47.85
CA ILE A 86 42.24 -18.63 46.39
C ILE A 86 43.24 -17.65 45.80
N ARG A 87 44.17 -18.17 44.98
CA ARG A 87 45.29 -17.37 44.52
C ARG A 87 45.26 -17.19 43.00
N GLY A 88 44.11 -16.83 42.46
CA GLY A 88 43.99 -16.55 41.05
C GLY A 88 43.55 -17.77 40.26
N TRP A 89 43.55 -17.60 38.94
CA TRP A 89 43.06 -18.62 38.04
C TRP A 89 44.03 -18.76 36.88
N ILE A 90 44.04 -19.94 36.26
CA ILE A 90 44.89 -20.25 35.12
C ILE A 90 44.01 -20.76 33.99
N PHE A 91 44.32 -20.35 32.77
CA PHE A 91 43.63 -20.83 31.59
C PHE A 91 44.66 -21.26 30.55
N GLY A 92 44.30 -22.28 29.79
CA GLY A 92 45.20 -22.76 28.76
C GLY A 92 44.63 -24.00 28.09
N THR A 93 45.26 -24.36 26.98
CA THR A 93 44.81 -25.52 26.21
C THR A 93 45.49 -26.81 26.64
N THR A 94 46.72 -26.73 27.14
CA THR A 94 47.44 -27.91 27.60
C THR A 94 48.12 -27.73 28.94
N LEU A 95 48.38 -26.50 29.38
CA LEU A 95 49.06 -26.23 30.65
C LEU A 95 50.41 -26.93 30.70
N ASP A 96 51.25 -26.65 29.69
CA ASP A 96 52.56 -27.24 29.58
C ASP A 96 53.48 -26.26 28.86
N SER A 97 54.70 -26.71 28.54
CA SER A 97 55.67 -25.90 27.83
C SER A 97 55.64 -26.11 26.33
N LYS A 98 54.48 -26.44 25.77
CA LYS A 98 54.33 -26.66 24.34
C LYS A 98 53.29 -25.78 23.68
N THR A 99 52.44 -25.10 24.45
CA THR A 99 51.44 -24.21 23.89
C THR A 99 51.16 -23.08 24.88
N GLN A 100 50.68 -21.95 24.35
CA GLN A 100 50.51 -20.75 25.15
C GLN A 100 49.46 -20.94 26.23
N SER A 101 49.58 -20.15 27.30
CA SER A 101 48.67 -20.20 28.43
C SER A 101 48.66 -18.84 29.11
N LEU A 102 47.67 -18.63 29.98
CA LEU A 102 47.46 -17.35 30.64
C LEU A 102 47.39 -17.54 32.14
N LEU A 103 47.72 -16.48 32.88
CA LEU A 103 47.80 -16.54 34.34
C LEU A 103 47.46 -15.18 34.92
N ILE A 104 46.69 -15.19 36.02
CA ILE A 104 46.30 -13.98 36.72
C ILE A 104 46.48 -14.20 38.22
N VAL A 105 47.31 -13.38 38.85
CA VAL A 105 47.54 -13.42 40.30
C VAL A 105 47.62 -12.00 40.82
N ASN A 106 47.12 -11.80 42.05
CA ASN A 106 47.22 -10.54 42.76
C ASN A 106 47.55 -10.86 44.22
N ASN A 107 48.82 -10.73 44.59
CA ASN A 107 49.29 -11.16 45.91
C ASN A 107 49.37 -10.00 46.90
N ALA A 108 50.18 -8.98 46.62
CA ALA A 108 50.32 -7.85 47.53
C ALA A 108 49.76 -6.57 46.91
N THR A 109 50.21 -6.21 45.73
CA THR A 109 49.63 -5.12 44.97
C THR A 109 49.68 -5.49 43.49
N ASN A 110 48.87 -4.77 42.71
CA ASN A 110 48.82 -4.71 41.25
C ASN A 110 48.30 -6.03 40.67
N VAL A 111 48.62 -6.31 39.40
CA VAL A 111 48.18 -7.52 38.73
C VAL A 111 49.29 -7.99 37.82
N VAL A 112 49.38 -9.31 37.62
CA VAL A 112 50.35 -9.90 36.70
C VAL A 112 49.59 -10.76 35.70
N ILE A 113 49.80 -10.48 34.42
CA ILE A 113 49.21 -11.26 33.33
C ILE A 113 50.35 -11.60 32.38
N LYS A 114 50.75 -12.87 32.36
CA LYS A 114 51.81 -13.35 31.49
C LYS A 114 51.23 -14.43 30.59
N VAL A 115 51.53 -14.35 29.30
CA VAL A 115 50.96 -15.27 28.31
C VAL A 115 52.13 -15.95 27.60
N CYS A 116 52.63 -17.05 28.17
CA CYS A 116 53.60 -17.91 27.51
C CYS A 116 53.58 -19.27 28.19
N GLU A 117 54.58 -20.09 27.86
CA GLU A 117 54.60 -21.47 28.30
C GLU A 117 54.87 -21.57 29.80
N PHE A 118 54.31 -22.62 30.40
CA PHE A 118 54.49 -22.93 31.82
C PHE A 118 54.80 -24.43 31.87
N GLN A 119 54.72 -25.01 33.07
CA GLN A 119 54.86 -26.46 33.19
C GLN A 119 53.50 -27.09 33.45
N GLY A 127 50.28 -19.08 44.80
CA GLY A 127 50.77 -19.96 45.84
C GLY A 127 52.03 -19.44 46.52
N VAL A 128 52.31 -19.95 47.71
CA VAL A 128 53.49 -19.54 48.46
C VAL A 128 54.51 -20.67 48.46
N GLU A 139 58.19 -16.69 50.07
CA GLU A 139 57.26 -17.41 49.21
C GLU A 139 57.92 -17.77 47.87
N SER A 140 57.47 -18.87 47.27
CA SER A 140 57.94 -19.30 45.97
C SER A 140 56.74 -19.65 45.11
N GLU A 141 56.58 -18.93 44.00
CA GLU A 141 55.47 -19.14 43.09
C GLU A 141 55.79 -20.15 41.99
N PHE A 142 56.98 -20.76 42.01
CA PHE A 142 57.36 -21.74 41.02
C PHE A 142 56.72 -23.10 41.29
N ARG A 143 55.40 -23.13 41.38
CA ARG A 143 54.68 -24.39 41.55
C ARG A 143 54.15 -24.96 40.26
N VAL A 144 53.75 -24.11 39.32
CA VAL A 144 53.24 -24.56 38.02
C VAL A 144 54.13 -24.12 36.87
N TYR A 145 55.04 -23.18 37.06
CA TYR A 145 55.90 -22.73 35.99
C TYR A 145 57.34 -22.62 36.47
N SER A 146 58.26 -23.08 35.62
CA SER A 146 59.69 -22.85 35.82
C SER A 146 60.38 -22.47 34.53
N SER A 147 59.67 -22.42 33.41
CA SER A 147 60.22 -22.04 32.11
C SER A 147 59.37 -20.94 31.51
N ALA A 148 60.04 -19.91 30.98
CA ALA A 148 59.36 -18.78 30.36
C ALA A 148 60.19 -18.30 29.18
N ASN A 149 59.55 -18.14 28.02
CA ASN A 149 60.25 -17.75 26.81
C ASN A 149 59.25 -17.34 25.75
N ASN A 150 59.66 -16.38 24.92
CA ASN A 150 58.98 -15.97 23.69
C ASN A 150 57.61 -15.36 23.92
N CYS A 151 57.30 -14.86 25.11
CA CYS A 151 55.99 -14.27 25.30
C CYS A 151 56.01 -12.76 25.12
N THR A 152 54.82 -12.23 24.77
CA THR A 152 54.68 -10.86 24.31
C THR A 152 53.97 -9.97 25.33
N PHE A 153 52.77 -10.36 25.76
CA PHE A 153 51.90 -9.45 26.50
C PHE A 153 52.23 -9.49 27.99
N GLU A 154 52.25 -8.31 28.60
CA GLU A 154 52.37 -8.16 30.04
C GLU A 154 51.50 -6.98 30.44
N TYR A 155 50.82 -7.11 31.58
CA TYR A 155 49.87 -6.09 32.01
C TYR A 155 49.92 -5.93 33.52
N VAL A 156 49.96 -4.68 33.98
CA VAL A 156 49.97 -4.33 35.39
C VAL A 156 49.07 -3.12 35.61
N SER A 157 48.24 -3.18 36.64
CA SER A 157 47.39 -2.05 37.04
C SER A 157 46.93 -2.29 38.47
N GLN A 158 45.99 -1.46 38.93
CA GLN A 158 45.61 -1.44 40.33
C GLN A 158 45.03 -2.78 40.76
N PRO A 159 45.31 -3.23 41.99
CA PRO A 159 44.87 -4.56 42.44
C PRO A 159 43.37 -4.80 42.34
N PHE A 160 42.98 -6.03 42.01
CA PHE A 160 41.56 -6.37 41.95
C PHE A 160 41.18 -7.62 42.72
N LEU A 161 42.12 -8.27 43.38
CA LEU A 161 41.80 -9.40 44.26
C LEU A 161 41.63 -8.92 45.71
N MET A 162 40.64 -8.05 45.91
CA MET A 162 40.31 -7.60 47.25
C MET A 162 39.30 -8.54 47.90
N LYS A 172 34.80 -14.68 54.65
CA LYS A 172 34.91 -13.24 54.47
C LYS A 172 33.73 -12.69 53.68
N ASN A 173 33.87 -12.72 52.35
CA ASN A 173 32.84 -12.19 51.46
C ASN A 173 32.65 -13.15 50.29
N LEU A 174 31.45 -13.13 49.73
CA LEU A 174 31.15 -13.95 48.56
C LEU A 174 31.67 -13.29 47.30
N ARG A 175 32.27 -14.09 46.43
CA ARG A 175 32.85 -13.58 45.19
C ARG A 175 32.29 -14.34 44.00
N GLU A 176 31.99 -13.60 42.93
CA GLU A 176 31.54 -14.18 41.68
C GLU A 176 32.31 -13.56 40.52
N PHE A 177 32.71 -14.39 39.57
CA PHE A 177 33.47 -13.94 38.42
C PHE A 177 32.93 -14.61 37.16
N VAL A 178 33.20 -13.99 36.01
CA VAL A 178 32.81 -14.55 34.71
C VAL A 178 33.84 -14.10 33.67
N PHE A 179 34.21 -15.02 32.77
CA PHE A 179 35.24 -14.76 31.79
C PHE A 179 34.76 -15.15 30.40
N LYS A 180 35.00 -14.28 29.43
CA LYS A 180 34.58 -14.47 28.05
C LYS A 180 35.78 -14.47 27.12
N ASN A 181 35.61 -15.08 25.95
CA ASN A 181 36.68 -15.13 24.96
C ASN A 181 36.04 -15.06 23.58
N ILE A 182 35.96 -13.86 23.02
CA ILE A 182 35.44 -13.63 21.68
C ILE A 182 36.40 -12.70 20.94
N ASP A 183 36.34 -12.78 19.60
CA ASP A 183 37.09 -11.95 18.64
C ASP A 183 38.48 -11.53 19.12
N GLY A 184 39.23 -12.46 19.69
CA GLY A 184 40.55 -12.10 20.13
C GLY A 184 40.60 -11.24 21.38
N TYR A 185 39.48 -11.02 22.05
CA TYR A 185 39.41 -10.20 23.24
C TYR A 185 39.02 -11.05 24.44
N PHE A 186 39.64 -10.79 25.58
CA PHE A 186 39.32 -11.44 26.85
C PHE A 186 38.66 -10.40 27.75
N LYS A 187 37.38 -10.59 28.04
CA LYS A 187 36.62 -9.68 28.87
C LYS A 187 36.18 -10.40 30.15
N ILE A 188 36.34 -9.73 31.29
CA ILE A 188 36.06 -10.31 32.59
C ILE A 188 35.13 -9.38 33.35
N TYR A 189 34.09 -9.95 33.96
CA TYR A 189 33.18 -9.23 34.83
C TYR A 189 33.13 -9.94 36.18
N SER A 190 32.84 -9.18 37.24
CA SER A 190 32.87 -9.74 38.58
C SER A 190 32.03 -8.89 39.51
N LYS A 191 31.81 -9.40 40.72
CA LYS A 191 31.10 -8.70 41.77
C LYS A 191 31.31 -9.41 43.09
N HIS A 192 31.46 -8.65 44.16
CA HIS A 192 31.62 -9.19 45.50
C HIS A 192 30.53 -8.62 46.41
N THR A 193 29.98 -9.47 47.26
CA THR A 193 28.85 -9.07 48.10
C THR A 193 29.10 -9.51 49.54
N PRO A 194 28.51 -8.80 50.51
CA PRO A 194 28.61 -9.24 51.90
C PRO A 194 27.79 -10.49 52.17
N ILE A 195 28.46 -11.61 52.46
CA ILE A 195 27.77 -12.86 52.72
C ILE A 195 27.09 -12.80 54.07
N ASN A 196 25.86 -13.30 54.13
CA ASN A 196 25.04 -13.30 55.34
C ASN A 196 24.88 -14.71 55.89
N LEU A 197 25.98 -15.45 55.92
CA LEU A 197 26.09 -16.81 56.49
C LEU A 197 24.92 -17.70 56.06
N VAL A 198 24.73 -17.79 54.76
CA VAL A 198 23.75 -18.69 54.15
C VAL A 198 24.50 -19.63 53.22
N ARG A 199 24.13 -20.91 53.25
CA ARG A 199 24.88 -21.91 52.50
C ARG A 199 24.73 -21.70 51.00
N ASP A 200 23.52 -21.42 50.53
CA ASP A 200 23.26 -21.25 49.11
C ASP A 200 23.52 -19.80 48.70
N LEU A 201 23.25 -19.52 47.42
CA LEU A 201 23.35 -18.16 46.93
C LEU A 201 22.17 -17.33 47.46
N PRO A 202 22.32 -16.02 47.59
CA PRO A 202 21.24 -15.21 48.15
C PRO A 202 20.30 -14.68 47.08
N GLN A 203 19.22 -14.08 47.54
CA GLN A 203 18.20 -13.55 46.66
C GLN A 203 18.53 -12.11 46.31
N GLY A 204 17.60 -11.42 45.66
CA GLY A 204 17.85 -10.08 45.19
C GLY A 204 18.68 -10.06 43.92
N PHE A 205 18.66 -8.91 43.25
CA PHE A 205 19.31 -8.77 41.96
C PHE A 205 20.53 -7.86 42.08
N SER A 206 21.67 -8.34 41.58
CA SER A 206 22.91 -7.60 41.57
C SER A 206 23.46 -7.56 40.16
N ALA A 207 23.85 -6.37 39.71
CA ALA A 207 24.39 -6.17 38.37
C ALA A 207 25.91 -6.14 38.42
N LEU A 208 26.54 -6.81 37.45
CA LEU A 208 27.98 -6.87 37.37
C LEU A 208 28.52 -5.62 36.66
N GLU A 209 29.84 -5.58 36.47
CA GLU A 209 30.50 -4.45 35.85
C GLU A 209 31.63 -4.96 34.95
N PRO A 210 31.99 -4.20 33.92
CA PRO A 210 33.11 -4.57 33.04
C PRO A 210 34.44 -4.20 33.69
N LEU A 211 35.24 -5.21 34.01
CA LEU A 211 36.43 -4.95 34.81
C LEU A 211 37.60 -4.47 33.96
N VAL A 212 38.13 -5.34 33.10
CA VAL A 212 39.32 -5.04 32.32
C VAL A 212 39.23 -5.76 30.99
N ASP A 213 39.88 -5.21 29.97
CA ASP A 213 39.90 -5.77 28.62
C ASP A 213 41.27 -6.36 28.36
N LEU A 214 41.30 -7.48 27.65
CA LEU A 214 42.55 -8.12 27.23
C LEU A 214 42.49 -8.49 25.76
N PRO A 215 43.13 -7.73 24.88
CA PRO A 215 43.24 -8.12 23.45
C PRO A 215 44.43 -9.04 23.16
N ILE A 216 44.24 -10.33 23.44
CA ILE A 216 45.33 -11.31 23.40
C ILE A 216 45.15 -12.30 22.25
N GLY A 217 44.05 -13.05 22.24
CA GLY A 217 43.79 -13.98 21.16
C GLY A 217 44.48 -15.32 21.27
N ILE A 218 44.16 -16.09 22.31
CA ILE A 218 44.74 -17.43 22.51
C ILE A 218 43.67 -18.48 22.29
N ASN A 219 44.07 -19.75 22.28
CA ASN A 219 43.16 -20.88 22.15
C ASN A 219 42.97 -21.52 23.52
N ILE A 220 41.96 -21.07 24.24
CA ILE A 220 41.70 -21.51 25.61
C ILE A 220 40.62 -22.58 25.60
N THR A 221 40.91 -23.72 26.23
CA THR A 221 39.91 -24.79 26.32
C THR A 221 39.84 -25.45 27.70
N ARG A 222 40.66 -25.04 28.66
CA ARG A 222 40.61 -25.62 30.00
C ARG A 222 40.95 -24.56 31.03
N PHE A 223 40.47 -24.75 32.25
CA PHE A 223 40.57 -23.74 33.29
C PHE A 223 40.81 -24.42 34.64
N GLN A 224 41.77 -23.88 35.40
CA GLN A 224 42.15 -24.44 36.69
C GLN A 224 42.59 -23.29 37.59
N THR A 225 42.44 -23.49 38.90
CA THR A 225 42.74 -22.46 39.88
C THR A 225 43.88 -22.89 40.79
N LEU A 226 44.60 -21.89 41.31
CA LEU A 226 45.60 -22.10 42.34
C LEU A 226 45.02 -21.80 43.71
N LEU A 227 45.35 -22.65 44.67
CA LEU A 227 44.90 -22.51 46.04
C LEU A 227 46.10 -22.32 46.95
N ALA A 228 45.85 -21.74 48.12
CA ALA A 228 46.92 -21.48 49.09
C ALA A 228 47.18 -22.75 49.89
N LEU A 229 47.92 -23.67 49.27
CA LEU A 229 48.41 -24.85 49.98
C LEU A 229 49.52 -24.37 50.91
N HIS A 230 49.17 -24.18 52.19
CA HIS A 230 49.98 -23.40 53.11
C HIS A 230 51.40 -23.94 53.26
N ARG A 231 52.36 -23.18 52.77
CA ARG A 231 53.77 -23.47 52.95
C ARG A 231 54.30 -22.68 54.15
N SER A 232 55.63 -22.69 54.32
CA SER A 232 56.28 -21.83 55.30
C SER A 232 56.67 -20.47 54.72
N TYR A 233 55.96 -20.02 53.68
CA TYR A 233 56.28 -18.79 52.96
C TYR A 233 57.72 -18.81 52.43
N LEU A 234 58.13 -19.97 51.93
CA LEU A 234 59.47 -20.14 51.37
C LEU A 234 59.43 -20.06 49.85
N GLY A 242 54.11 -30.32 55.15
CA GLY A 242 54.21 -29.24 54.19
C GLY A 242 52.86 -28.73 53.73
N TRP A 243 52.35 -29.30 52.64
CA TRP A 243 51.04 -28.92 52.12
C TRP A 243 49.95 -29.25 53.14
N THR A 244 49.33 -28.23 53.71
CA THR A 244 48.35 -28.43 54.76
C THR A 244 47.08 -29.07 54.21
N ALA A 245 46.26 -29.59 55.12
CA ALA A 245 44.99 -30.20 54.75
C ALA A 245 44.04 -29.12 54.24
N GLY A 246 43.85 -29.07 52.93
CA GLY A 246 43.03 -28.04 52.33
C GLY A 246 41.57 -28.21 52.67
N ALA A 247 40.87 -27.08 52.72
CA ALA A 247 39.42 -27.05 52.95
C ALA A 247 38.89 -25.77 52.33
N ALA A 248 38.32 -25.88 51.13
CA ALA A 248 37.81 -24.73 50.42
C ALA A 248 36.57 -25.13 49.63
N ALA A 249 35.71 -24.16 49.38
CA ALA A 249 34.44 -24.40 48.69
C ALA A 249 34.36 -23.51 47.47
N TYR A 250 33.92 -24.08 46.34
CA TYR A 250 33.67 -23.28 45.15
C TYR A 250 32.67 -23.99 44.26
N TYR A 251 32.00 -23.20 43.42
CA TYR A 251 30.97 -23.67 42.50
C TYR A 251 31.40 -23.34 41.08
N VAL A 252 30.68 -23.90 40.09
CA VAL A 252 30.98 -23.68 38.68
C VAL A 252 29.67 -23.61 37.90
N GLY A 253 29.49 -22.53 37.14
CA GLY A 253 28.36 -22.37 36.25
C GLY A 253 28.77 -22.38 34.78
N TYR A 254 27.77 -22.28 33.91
CA TYR A 254 27.98 -22.27 32.48
C TYR A 254 27.04 -21.28 31.81
N LEU A 255 27.44 -20.83 30.62
CA LEU A 255 26.67 -19.85 29.85
C LEU A 255 26.23 -20.45 28.53
N GLN A 256 25.08 -19.98 28.05
CA GLN A 256 24.52 -20.41 26.77
C GLN A 256 23.80 -19.23 26.15
N PRO A 257 23.64 -19.22 24.82
CA PRO A 257 22.96 -18.10 24.16
C PRO A 257 21.48 -18.06 24.51
N ARG A 258 20.97 -16.87 24.84
CA ARG A 258 19.58 -16.66 25.20
C ARG A 258 19.12 -15.32 24.67
N THR A 259 17.87 -14.98 24.97
CA THR A 259 17.32 -13.65 24.70
C THR A 259 16.77 -13.10 26.00
N PHE A 260 17.06 -11.84 26.30
CA PHE A 260 16.71 -11.24 27.57
C PHE A 260 15.97 -9.93 27.35
N LEU A 261 15.08 -9.60 28.28
CA LEU A 261 14.42 -8.30 28.34
C LEU A 261 14.81 -7.65 29.66
N LEU A 262 15.52 -6.52 29.57
CA LEU A 262 16.11 -5.88 30.73
C LEU A 262 15.29 -4.67 31.15
N LYS A 263 15.05 -4.55 32.46
CA LYS A 263 14.31 -3.45 33.05
C LYS A 263 15.30 -2.40 33.55
N TYR A 264 15.36 -1.27 32.87
CA TYR A 264 16.21 -0.15 33.27
C TYR A 264 15.37 0.88 34.01
N ASN A 265 15.98 1.52 35.01
CA ASN A 265 15.35 2.60 35.74
C ASN A 265 16.08 3.92 35.43
N GLU A 266 15.66 4.98 36.11
CA GLU A 266 16.22 6.30 35.84
C GLU A 266 17.71 6.35 36.14
N ASN A 267 18.13 5.72 37.22
CA ASN A 267 19.53 5.72 37.61
C ASN A 267 20.37 4.76 36.78
N GLY A 268 19.82 4.19 35.72
CA GLY A 268 20.59 3.32 34.85
C GLY A 268 21.07 2.05 35.52
N THR A 269 20.22 1.42 36.33
CA THR A 269 20.57 0.19 37.03
C THR A 269 19.62 -0.92 36.61
N ILE A 270 20.18 -2.10 36.34
CA ILE A 270 19.41 -3.26 35.93
C ILE A 270 18.95 -3.94 37.21
N THR A 271 17.82 -3.47 37.76
CA THR A 271 17.27 -4.05 38.96
C THR A 271 16.39 -5.27 38.69
N ASP A 272 16.06 -5.54 37.43
CA ASP A 272 15.25 -6.69 37.09
C ASP A 272 15.45 -7.03 35.62
N ALA A 273 15.38 -8.33 35.33
CA ALA A 273 15.49 -8.83 33.96
C ALA A 273 14.73 -10.14 33.87
N VAL A 274 14.02 -10.34 32.77
CA VAL A 274 13.13 -11.48 32.58
C VAL A 274 13.67 -12.34 31.45
N ASP A 275 13.79 -13.65 31.72
CA ASP A 275 14.19 -14.59 30.69
C ASP A 275 13.08 -14.77 29.66
N CYS A 276 13.46 -15.29 28.49
CA CYS A 276 12.52 -15.39 27.38
C CYS A 276 12.17 -16.82 26.98
N ALA A 277 12.93 -17.82 27.41
CA ALA A 277 12.57 -19.21 27.18
C ALA A 277 12.66 -19.97 28.51
N LEU A 278 11.61 -19.85 29.31
CA LEU A 278 11.46 -20.59 30.56
C LEU A 278 10.10 -21.23 30.70
N ASP A 279 9.04 -20.59 30.23
CA ASP A 279 7.66 -21.03 30.39
C ASP A 279 6.77 -20.16 29.51
N PRO A 280 5.51 -20.52 29.28
CA PRO A 280 4.68 -19.71 28.37
C PRO A 280 4.49 -18.27 28.81
N LEU A 281 4.46 -18.02 30.11
CA LEU A 281 4.25 -16.66 30.60
C LEU A 281 5.41 -15.75 30.22
N SER A 282 6.64 -16.27 30.29
CA SER A 282 7.79 -15.46 29.90
C SER A 282 7.75 -15.12 28.41
N GLU A 283 7.36 -16.08 27.58
CA GLU A 283 7.24 -15.80 26.14
C GLU A 283 6.14 -14.80 25.86
N THR A 284 5.02 -14.89 26.57
CA THR A 284 3.95 -13.91 26.43
C THR A 284 4.42 -12.52 26.84
N LYS A 285 5.17 -12.43 27.94
CA LYS A 285 5.73 -11.15 28.35
C LYS A 285 6.69 -10.60 27.30
N CYS A 286 7.53 -11.46 26.73
CA CYS A 286 8.46 -11.04 25.69
C CYS A 286 7.71 -10.46 24.50
N THR A 287 6.65 -11.14 24.05
CA THR A 287 5.92 -10.69 22.88
C THR A 287 5.12 -9.42 23.16
N LEU A 288 4.56 -9.30 24.36
CA LEU A 288 3.82 -8.09 24.72
C LEU A 288 4.72 -6.96 25.19
N LYS A 289 5.95 -7.26 25.60
CA LYS A 289 6.92 -6.26 26.07
C LYS A 289 6.37 -5.49 27.27
N SER A 290 6.05 -6.23 28.32
CA SER A 290 5.59 -5.65 29.57
C SER A 290 5.79 -6.66 30.69
N PHE A 291 5.79 -6.18 31.92
CA PHE A 291 6.02 -7.02 33.08
C PHE A 291 4.72 -7.52 33.72
N THR A 292 3.57 -7.15 33.18
CA THR A 292 2.30 -7.63 33.70
C THR A 292 1.34 -7.85 32.53
N VAL A 293 0.54 -8.91 32.61
CA VAL A 293 -0.34 -9.32 31.53
C VAL A 293 -1.76 -9.36 32.06
N GLU A 294 -2.71 -8.88 31.26
CA GLU A 294 -4.10 -8.90 31.63
C GLU A 294 -4.75 -10.21 31.17
N LYS A 295 -6.07 -10.28 31.25
CA LYS A 295 -6.80 -11.50 30.95
C LYS A 295 -7.07 -11.62 29.46
N GLY A 296 -6.84 -12.81 28.91
CA GLY A 296 -7.14 -13.07 27.52
C GLY A 296 -6.35 -14.26 26.99
N ILE A 297 -6.44 -14.43 25.68
CA ILE A 297 -5.72 -15.46 24.96
C ILE A 297 -4.91 -14.79 23.86
N TYR A 298 -3.61 -15.05 23.86
CA TYR A 298 -2.67 -14.44 22.93
C TYR A 298 -2.04 -15.50 22.04
N GLN A 299 -1.38 -15.04 20.97
CA GLN A 299 -0.65 -15.91 20.06
C GLN A 299 0.84 -15.59 20.15
N THR A 300 1.67 -16.63 20.23
CA THR A 300 3.09 -16.47 20.45
C THR A 300 3.94 -16.90 19.25
N SER A 301 3.80 -18.14 18.80
CA SER A 301 4.67 -18.64 17.74
C SER A 301 3.98 -19.80 17.04
N ASN A 302 4.71 -20.45 16.12
CA ASN A 302 4.22 -21.58 15.36
C ASN A 302 5.22 -22.72 15.44
N PHE A 303 4.75 -23.92 15.13
CA PHE A 303 5.57 -25.13 15.21
C PHE A 303 5.63 -25.82 13.85
N ARG A 304 6.71 -26.57 13.63
CA ARG A 304 6.89 -27.33 12.40
C ARG A 304 7.65 -28.61 12.71
N VAL A 305 7.43 -29.62 11.89
CA VAL A 305 8.12 -30.89 12.00
C VAL A 305 9.29 -30.89 11.02
N GLN A 306 10.33 -31.66 11.35
CA GLN A 306 11.55 -31.62 10.55
C GLN A 306 11.80 -32.97 9.88
N PRO A 307 12.35 -32.97 8.67
CA PRO A 307 12.58 -34.22 7.95
C PRO A 307 13.61 -35.10 8.64
N THR A 308 13.58 -36.38 8.29
CA THR A 308 14.44 -37.37 8.92
C THR A 308 15.31 -38.17 7.97
N GLU A 309 15.15 -38.01 6.65
CA GLU A 309 15.88 -38.83 5.71
C GLU A 309 15.84 -38.17 4.34
N SER A 310 16.74 -38.60 3.45
CA SER A 310 16.83 -38.08 2.10
C SER A 310 16.54 -39.17 1.08
N ILE A 311 15.83 -38.80 0.00
CA ILE A 311 15.44 -39.72 -1.05
C ILE A 311 16.02 -39.24 -2.38
N VAL A 312 16.66 -40.14 -3.11
CA VAL A 312 17.14 -39.86 -4.46
C VAL A 312 16.73 -41.00 -5.37
N ARG A 313 15.96 -40.69 -6.42
CA ARG A 313 15.45 -41.70 -7.34
C ARG A 313 15.82 -41.31 -8.77
N PHE A 314 16.15 -42.32 -9.58
CA PHE A 314 16.60 -42.11 -10.95
C PHE A 314 16.36 -43.39 -11.73
N PRO A 315 16.37 -43.34 -13.06
CA PRO A 315 16.29 -44.57 -13.85
C PRO A 315 17.50 -45.47 -13.61
N ASN A 316 17.43 -46.68 -14.14
CA ASN A 316 18.38 -47.73 -13.78
C ASN A 316 19.80 -47.35 -14.18
N ILE A 317 19.97 -46.77 -15.37
CA ILE A 317 21.16 -46.37 -16.14
C ILE A 317 21.56 -47.58 -16.98
N THR A 318 21.84 -47.35 -18.26
CA THR A 318 22.17 -48.42 -19.20
C THR A 318 23.11 -47.82 -20.26
N ASN A 319 23.25 -48.53 -21.38
CA ASN A 319 23.91 -48.04 -22.59
C ASN A 319 25.39 -47.68 -22.37
N LEU A 320 26.02 -48.31 -21.39
CA LEU A 320 27.42 -48.00 -21.09
C LEU A 320 28.33 -48.32 -22.27
N CYS A 321 28.84 -47.30 -22.96
CA CYS A 321 29.69 -47.44 -24.15
C CYS A 321 31.05 -48.06 -23.76
N PRO A 322 31.73 -48.78 -24.68
CA PRO A 322 33.00 -49.40 -24.29
C PRO A 322 34.24 -48.51 -24.40
N PHE A 323 34.79 -48.14 -23.27
CA PHE A 323 36.14 -47.62 -23.33
C PHE A 323 37.16 -48.73 -23.13
N GLY A 324 36.83 -49.68 -22.25
CA GLY A 324 37.75 -50.77 -21.93
C GLY A 324 38.07 -51.66 -23.11
N GLU A 325 37.30 -51.56 -24.21
CA GLU A 325 37.66 -52.27 -25.42
C GLU A 325 39.04 -51.84 -25.92
N VAL A 326 39.38 -50.56 -25.76
CA VAL A 326 40.75 -50.13 -26.03
C VAL A 326 41.70 -50.69 -25.00
N PHE A 327 41.28 -50.78 -23.74
CA PHE A 327 42.09 -51.34 -22.66
C PHE A 327 41.89 -52.84 -22.54
N ASN A 328 41.08 -53.41 -23.44
CA ASN A 328 41.04 -54.86 -23.63
C ASN A 328 41.40 -55.18 -25.08
N ALA A 329 42.15 -54.30 -25.72
CA ALA A 329 42.66 -54.50 -27.07
C ALA A 329 44.11 -54.95 -27.00
N THR A 330 44.61 -55.43 -28.14
CA THR A 330 45.97 -55.96 -28.20
C THR A 330 46.97 -54.91 -28.68
N ARG A 331 46.73 -54.31 -29.84
CA ARG A 331 47.70 -53.40 -30.43
C ARG A 331 46.96 -52.33 -31.22
N PHE A 332 47.58 -51.15 -31.33
CA PHE A 332 47.07 -50.06 -32.13
C PHE A 332 48.14 -49.61 -33.11
N ALA A 333 47.72 -48.90 -34.14
CA ALA A 333 48.66 -48.38 -35.13
C ALA A 333 49.51 -47.28 -34.53
N SER A 334 50.65 -47.02 -35.16
CA SER A 334 51.67 -46.14 -34.60
C SER A 334 51.27 -44.68 -34.81
N VAL A 335 52.21 -43.77 -34.52
CA VAL A 335 51.91 -42.34 -34.51
C VAL A 335 51.63 -41.83 -35.92
N TYR A 336 52.34 -42.33 -36.92
CA TYR A 336 52.19 -41.81 -38.27
C TYR A 336 50.78 -42.04 -38.80
N ALA A 337 50.10 -43.08 -38.33
CA ALA A 337 48.71 -43.35 -38.68
C ALA A 337 47.97 -43.69 -37.39
N TRP A 338 47.46 -42.66 -36.71
CA TRP A 338 46.72 -42.87 -35.49
C TRP A 338 45.27 -43.21 -35.80
N ASN A 339 44.64 -43.98 -34.92
CA ASN A 339 43.24 -44.35 -35.06
C ASN A 339 42.36 -43.40 -34.26
N ARG A 340 41.25 -42.98 -34.87
CA ARG A 340 40.31 -42.06 -34.25
C ARG A 340 39.02 -42.80 -33.98
N LYS A 341 38.55 -42.72 -32.73
CA LYS A 341 37.37 -43.45 -32.30
C LYS A 341 36.35 -42.49 -31.69
N ARG A 342 35.08 -42.84 -31.81
CA ARG A 342 33.98 -41.97 -31.42
C ARG A 342 33.14 -42.62 -30.32
N ILE A 343 32.74 -41.80 -29.35
CA ILE A 343 31.82 -42.21 -28.30
C ILE A 343 30.73 -41.15 -28.20
N SER A 344 29.47 -41.59 -28.29
CA SER A 344 28.36 -40.66 -28.28
C SER A 344 27.12 -41.34 -27.72
N ASN A 345 26.23 -40.53 -27.15
CA ASN A 345 24.95 -40.99 -26.61
C ASN A 345 25.14 -42.12 -25.61
N CYS A 346 25.81 -41.79 -24.51
CA CYS A 346 26.25 -42.79 -23.55
C CYS A 346 26.37 -42.18 -22.17
N VAL A 347 26.59 -43.05 -21.18
CA VAL A 347 26.75 -42.66 -19.79
C VAL A 347 28.23 -42.66 -19.45
N ALA A 348 28.65 -41.66 -18.68
CA ALA A 348 30.06 -41.51 -18.33
C ALA A 348 30.53 -42.64 -17.43
N ASP A 349 31.79 -43.05 -17.63
CA ASP A 349 32.40 -44.08 -16.78
C ASP A 349 33.89 -43.76 -16.76
N TYR A 350 34.35 -43.11 -15.69
CA TYR A 350 35.77 -42.85 -15.48
C TYR A 350 36.26 -43.26 -14.10
N SER A 351 35.39 -43.79 -13.24
CA SER A 351 35.82 -44.15 -11.89
C SER A 351 36.80 -45.31 -11.91
N VAL A 352 36.61 -46.28 -12.82
CA VAL A 352 37.49 -47.44 -12.87
C VAL A 352 38.90 -47.02 -13.23
N LEU A 353 39.04 -46.10 -14.19
CA LEU A 353 40.37 -45.61 -14.55
C LEU A 353 41.01 -44.86 -13.38
N TYR A 354 40.22 -44.10 -12.63
CA TYR A 354 40.76 -43.36 -11.50
C TYR A 354 41.26 -44.31 -10.41
N ASN A 355 40.44 -45.30 -10.03
CA ASN A 355 40.81 -46.16 -8.91
C ASN A 355 41.89 -47.17 -9.28
N SER A 356 41.81 -47.74 -10.49
CA SER A 356 42.75 -48.78 -10.87
C SER A 356 44.15 -48.19 -11.01
N ALA A 357 45.12 -48.82 -10.34
CA ALA A 357 46.50 -48.36 -10.33
C ALA A 357 47.31 -49.30 -11.22
N SER A 358 47.29 -49.04 -12.52
CA SER A 358 48.13 -49.77 -13.47
C SER A 358 48.71 -48.86 -14.54
N PHE A 359 48.62 -47.55 -14.37
CA PHE A 359 49.04 -46.58 -15.37
C PHE A 359 50.32 -45.89 -14.92
N SER A 360 50.84 -45.03 -15.80
CA SER A 360 51.96 -44.18 -15.46
C SER A 360 51.65 -42.69 -15.62
N THR A 361 50.53 -42.34 -16.24
CA THR A 361 50.15 -40.94 -16.40
C THR A 361 48.63 -40.85 -16.51
N PHE A 362 48.01 -40.15 -15.57
CA PHE A 362 46.57 -39.92 -15.61
C PHE A 362 46.24 -38.47 -15.25
N LYS A 363 47.11 -37.53 -15.61
CA LYS A 363 46.92 -36.12 -15.28
C LYS A 363 46.46 -35.46 -16.57
N CYS A 364 45.22 -34.98 -16.57
CA CYS A 364 44.62 -34.41 -17.77
C CYS A 364 45.08 -32.96 -17.95
N TYR A 365 45.55 -32.64 -19.15
CA TYR A 365 45.98 -31.29 -19.46
C TYR A 365 44.82 -30.37 -19.77
N GLY A 366 43.62 -30.89 -19.95
CA GLY A 366 42.50 -30.08 -20.39
C GLY A 366 41.46 -29.79 -19.34
N VAL A 367 41.20 -30.76 -18.45
CA VAL A 367 40.10 -30.66 -17.50
C VAL A 367 40.63 -30.95 -16.10
N SER A 368 39.92 -30.43 -15.11
CA SER A 368 40.29 -30.65 -13.72
C SER A 368 40.21 -32.13 -13.38
N PRO A 369 41.23 -32.69 -12.73
CA PRO A 369 41.22 -34.13 -12.43
C PRO A 369 40.38 -34.54 -11.25
N THR A 370 39.53 -33.64 -10.73
CA THR A 370 38.71 -33.98 -9.56
C THR A 370 37.76 -35.12 -9.87
N LYS A 371 36.81 -34.88 -10.78
CA LYS A 371 35.88 -35.91 -11.22
C LYS A 371 35.16 -35.40 -12.46
N LEU A 372 34.96 -36.29 -13.43
CA LEU A 372 34.34 -35.93 -14.70
C LEU A 372 33.00 -36.60 -14.94
N ASN A 373 32.57 -37.49 -14.04
CA ASN A 373 31.27 -38.14 -14.19
C ASN A 373 30.11 -37.20 -13.93
N ASP A 374 30.38 -35.97 -13.49
CA ASP A 374 29.35 -34.97 -13.21
C ASP A 374 29.04 -34.09 -14.41
N LEU A 375 30.06 -33.51 -15.03
CA LEU A 375 29.85 -32.63 -16.18
C LEU A 375 29.42 -33.45 -17.40
N CYS A 376 28.79 -32.76 -18.34
CA CYS A 376 28.23 -33.40 -19.53
C CYS A 376 28.80 -32.78 -20.79
N PHE A 377 29.22 -33.62 -21.73
CA PHE A 377 29.74 -33.19 -23.02
C PHE A 377 29.09 -34.05 -24.10
N THR A 378 29.50 -33.83 -25.35
CA THR A 378 28.94 -34.56 -26.48
C THR A 378 30.01 -34.81 -27.53
N ASN A 379 29.84 -35.91 -28.27
CA ASN A 379 30.76 -36.33 -29.32
C ASN A 379 32.20 -36.44 -28.79
N VAL A 380 32.36 -37.42 -27.89
CA VAL A 380 33.65 -37.66 -27.27
C VAL A 380 34.69 -37.98 -28.33
N TYR A 381 35.84 -37.30 -28.25
CA TYR A 381 36.96 -37.57 -29.13
C TYR A 381 38.01 -38.41 -28.40
N ALA A 382 38.71 -39.25 -29.15
CA ALA A 382 39.73 -40.11 -28.58
C ALA A 382 40.68 -40.57 -29.67
N ASP A 383 41.94 -40.17 -29.55
CA ASP A 383 42.99 -40.58 -30.49
C ASP A 383 44.02 -41.42 -29.75
N SER A 384 44.38 -42.57 -30.33
CA SER A 384 45.30 -43.50 -29.71
C SER A 384 46.40 -43.85 -30.69
N PHE A 385 47.52 -44.34 -30.15
CA PHE A 385 48.65 -44.79 -30.94
C PHE A 385 49.58 -45.57 -30.02
N VAL A 386 50.64 -46.14 -30.59
CA VAL A 386 51.65 -46.86 -29.86
C VAL A 386 53.00 -46.21 -30.12
N ILE A 387 53.81 -46.08 -29.06
CA ILE A 387 55.10 -45.42 -29.15
C ILE A 387 56.15 -46.28 -28.47
N ARG A 388 57.41 -46.02 -28.82
CA ARG A 388 58.53 -46.60 -28.10
C ARG A 388 58.65 -45.95 -26.73
N GLY A 389 59.24 -46.69 -25.79
CA GLY A 389 59.32 -46.21 -24.42
C GLY A 389 60.14 -44.95 -24.24
N ASP A 390 60.93 -44.56 -25.24
CA ASP A 390 61.85 -43.44 -25.06
C ASP A 390 61.20 -42.08 -25.31
N GLU A 391 60.09 -42.01 -26.05
CA GLU A 391 59.41 -40.74 -26.30
C GLU A 391 58.17 -40.57 -25.42
N VAL A 392 58.24 -41.02 -24.17
CA VAL A 392 57.16 -40.82 -23.22
C VAL A 392 57.05 -39.37 -22.78
N ARG A 393 58.03 -38.53 -23.13
CA ARG A 393 58.02 -37.13 -22.76
C ARG A 393 57.29 -36.24 -23.76
N GLN A 394 56.79 -36.81 -24.86
CA GLN A 394 56.08 -36.03 -25.88
C GLN A 394 54.61 -35.84 -25.55
N ILE A 395 54.09 -36.55 -24.56
CA ILE A 395 52.65 -36.46 -24.23
C ILE A 395 52.53 -35.29 -23.26
N ALA A 396 52.42 -34.09 -23.84
CA ALA A 396 52.35 -32.83 -23.10
C ALA A 396 51.95 -31.72 -24.06
N PRO A 397 51.32 -30.65 -23.59
CA PRO A 397 50.96 -29.55 -24.49
C PRO A 397 52.18 -28.93 -25.14
N GLY A 398 52.03 -28.55 -26.40
CA GLY A 398 53.14 -27.98 -27.16
C GLY A 398 53.50 -28.79 -28.39
N ILE A 403 59.98 -35.09 -31.72
CA ILE A 403 58.99 -34.96 -32.76
C ILE A 403 58.10 -33.75 -32.51
N ALA A 404 58.03 -32.85 -33.49
CA ALA A 404 57.21 -31.65 -33.40
C ALA A 404 56.04 -31.67 -34.40
N ASP A 405 56.32 -31.89 -35.68
CA ASP A 405 55.28 -31.95 -36.70
C ASP A 405 55.36 -33.18 -37.59
N TYR A 406 56.42 -33.99 -37.49
CA TYR A 406 56.53 -35.17 -38.34
C TYR A 406 55.50 -36.23 -37.98
N ASN A 407 55.04 -36.23 -36.73
CA ASN A 407 54.10 -37.24 -36.25
C ASN A 407 53.11 -36.55 -35.32
N TYR A 408 52.39 -37.36 -34.54
CA TYR A 408 51.31 -36.86 -33.68
C TYR A 408 51.80 -35.75 -32.76
N LYS A 409 51.02 -34.67 -32.70
CA LYS A 409 51.33 -33.52 -31.86
C LYS A 409 50.08 -33.14 -31.07
N LEU A 410 50.27 -32.88 -29.78
CA LEU A 410 49.15 -32.52 -28.91
C LEU A 410 48.80 -31.04 -29.07
N PRO A 411 47.52 -30.69 -29.10
CA PRO A 411 47.14 -29.27 -29.21
C PRO A 411 47.50 -28.50 -27.96
N ASP A 412 47.70 -27.19 -28.15
CA ASP A 412 47.95 -26.29 -27.03
C ASP A 412 46.67 -25.88 -26.32
N ASP A 413 45.51 -26.11 -26.92
CA ASP A 413 44.21 -25.89 -26.29
C ASP A 413 43.55 -27.24 -25.99
N PHE A 414 44.36 -28.18 -25.53
CA PHE A 414 43.91 -29.56 -25.36
C PHE A 414 42.74 -29.67 -24.40
N THR A 415 41.80 -30.55 -24.73
CA THR A 415 40.67 -30.87 -23.87
C THR A 415 40.60 -32.38 -23.71
N GLY A 416 40.07 -32.82 -22.58
CA GLY A 416 39.98 -34.24 -22.31
C GLY A 416 41.01 -34.72 -21.30
N CYS A 417 41.60 -35.89 -21.56
CA CYS A 417 42.59 -36.44 -20.65
C CYS A 417 43.56 -37.30 -21.45
N VAL A 418 44.70 -37.60 -20.82
CA VAL A 418 45.77 -38.37 -21.44
C VAL A 418 46.13 -39.53 -20.53
N ILE A 419 46.47 -40.67 -21.14
CA ILE A 419 46.77 -41.90 -20.41
C ILE A 419 48.04 -42.50 -20.98
N ALA A 420 48.96 -42.88 -20.10
CA ALA A 420 50.20 -43.54 -20.50
C ALA A 420 50.49 -44.69 -19.56
N TRP A 421 50.99 -45.79 -20.11
CA TRP A 421 51.37 -46.97 -19.35
C TRP A 421 52.15 -47.90 -20.25
N ASN A 422 53.13 -48.59 -19.65
CA ASN A 422 53.98 -49.51 -20.40
C ASN A 422 53.18 -50.74 -20.83
N SER A 423 53.52 -51.25 -22.02
CA SER A 423 52.91 -52.48 -22.53
C SER A 423 53.93 -53.14 -23.44
N ASN A 424 54.62 -54.15 -22.92
CA ASN A 424 55.59 -54.90 -23.70
C ASN A 424 55.30 -56.39 -23.75
N ASN A 425 54.63 -56.96 -22.74
CA ASN A 425 54.27 -58.36 -22.76
C ASN A 425 53.25 -58.68 -23.83
N LEU A 426 52.44 -57.70 -24.23
CA LEU A 426 51.44 -57.87 -25.28
C LEU A 426 51.66 -56.95 -26.47
N ASP A 427 52.70 -56.12 -26.44
CA ASP A 427 52.98 -55.20 -27.54
C ASP A 427 54.47 -55.20 -27.87
N LYS A 447 50.12 -28.34 -35.75
CA LYS A 447 48.72 -28.63 -36.04
C LYS A 447 48.21 -29.74 -35.11
N PRO A 448 47.03 -29.52 -34.51
CA PRO A 448 46.48 -30.52 -33.59
C PRO A 448 46.26 -31.85 -34.29
N PHE A 449 46.70 -32.93 -33.64
CA PHE A 449 46.54 -34.29 -34.14
C PHE A 449 47.16 -34.43 -35.53
N GLU A 450 48.48 -34.22 -35.60
CA GLU A 450 49.20 -34.36 -36.85
C GLU A 450 49.26 -35.82 -37.27
N ARG A 451 49.19 -36.06 -38.58
CA ARG A 451 49.23 -37.40 -39.12
C ARG A 451 50.42 -37.58 -40.05
N TYR A 480 58.27 -48.04 -35.47
CA TYR A 480 59.54 -47.61 -34.89
C TYR A 480 60.28 -48.79 -34.28
N GLY A 481 61.48 -48.53 -33.79
CA GLY A 481 62.27 -49.58 -33.19
C GLY A 481 61.67 -50.09 -31.89
N PHE A 482 61.95 -51.35 -31.59
CA PHE A 482 61.41 -51.99 -30.40
C PHE A 482 62.45 -52.96 -29.83
N GLN A 483 62.29 -53.29 -28.56
CA GLN A 483 63.21 -54.20 -27.88
C GLN A 483 63.14 -55.60 -28.46
N GLY A 489 64.67 -47.39 -22.98
CA GLY A 489 64.12 -48.68 -23.37
C GLY A 489 63.23 -48.60 -24.61
N TYR A 490 63.41 -49.53 -25.52
CA TYR A 490 62.66 -49.57 -26.77
C TYR A 490 61.34 -50.31 -26.63
N GLN A 491 60.93 -50.66 -25.42
CA GLN A 491 59.70 -51.40 -25.23
C GLN A 491 58.51 -50.55 -25.70
N PRO A 492 57.53 -51.14 -26.38
CA PRO A 492 56.39 -50.37 -26.86
C PRO A 492 55.56 -49.81 -25.72
N TYR A 493 54.91 -48.68 -25.99
CA TYR A 493 54.06 -48.00 -25.03
C TYR A 493 52.75 -47.65 -25.72
N ARG A 494 51.67 -48.34 -25.35
CA ARG A 494 50.35 -47.97 -25.85
C ARG A 494 49.95 -46.61 -25.28
N VAL A 495 49.41 -45.76 -26.14
CA VAL A 495 49.02 -44.40 -25.75
C VAL A 495 47.58 -44.17 -26.21
N VAL A 496 46.76 -43.60 -25.32
CA VAL A 496 45.42 -43.15 -25.66
C VAL A 496 45.24 -41.75 -25.08
N VAL A 497 44.61 -40.87 -25.86
CA VAL A 497 44.41 -39.49 -25.47
C VAL A 497 42.95 -39.14 -25.72
N LEU A 498 42.26 -38.66 -24.68
CA LEU A 498 40.85 -38.31 -24.76
C LEU A 498 40.67 -36.85 -25.13
N SER A 499 39.57 -36.54 -25.80
CA SER A 499 39.23 -35.17 -26.14
C SER A 499 37.72 -35.04 -26.20
N PHE A 500 37.24 -33.80 -26.11
CA PHE A 500 35.82 -33.52 -26.08
C PHE A 500 35.50 -32.38 -27.04
N GLU A 501 34.44 -32.54 -27.82
CA GLU A 501 34.02 -31.51 -28.74
C GLU A 501 33.45 -30.31 -27.99
N LEU A 502 33.67 -29.13 -28.56
CA LEU A 502 33.08 -27.91 -27.99
C LEU A 502 31.55 -28.02 -28.02
N LEU A 503 30.93 -27.61 -26.92
CA LEU A 503 29.48 -27.75 -26.76
C LEU A 503 28.76 -26.74 -27.64
N HIS A 504 28.39 -27.17 -28.85
CA HIS A 504 27.51 -26.39 -29.71
C HIS A 504 26.16 -27.03 -29.92
N ALA A 505 26.03 -28.32 -29.74
CA ALA A 505 24.79 -29.07 -29.77
C ALA A 505 24.39 -29.46 -28.36
N PRO A 506 23.15 -29.89 -28.16
CA PRO A 506 22.75 -30.36 -26.82
C PRO A 506 23.64 -31.50 -26.35
N ALA A 507 24.00 -31.46 -25.08
CA ALA A 507 24.89 -32.46 -24.50
C ALA A 507 24.20 -33.80 -24.37
N THR A 508 24.93 -34.88 -24.68
CA THR A 508 24.37 -36.22 -24.62
C THR A 508 25.28 -37.25 -23.97
N VAL A 509 26.55 -36.96 -23.71
CA VAL A 509 27.46 -37.95 -23.14
C VAL A 509 27.79 -37.55 -21.71
N CYS A 510 27.21 -38.26 -20.75
CA CYS A 510 27.48 -38.11 -19.33
C CYS A 510 26.68 -39.16 -18.56
N GLY A 511 27.08 -39.39 -17.32
CA GLY A 511 26.41 -40.36 -16.47
C GLY A 511 27.12 -40.58 -15.15
N LYS A 514 24.49 -43.04 -5.91
CA LYS A 514 23.42 -42.67 -6.82
C LYS A 514 22.18 -43.53 -6.59
N SER A 515 21.01 -42.91 -6.64
CA SER A 515 19.72 -43.58 -6.50
C SER A 515 19.64 -44.36 -5.19
N THR A 516 19.63 -43.59 -4.10
CA THR A 516 19.51 -44.18 -2.77
C THR A 516 18.13 -44.82 -2.59
N ASN A 517 17.94 -45.47 -1.45
CA ASN A 517 16.77 -46.29 -1.23
C ASN A 517 15.51 -45.43 -1.08
N LEU A 518 14.38 -46.09 -0.87
CA LEU A 518 13.06 -45.46 -0.88
C LEU A 518 12.33 -45.76 0.43
N VAL A 519 11.78 -44.71 1.05
CA VAL A 519 11.02 -44.85 2.29
C VAL A 519 9.69 -44.12 2.12
N LYS A 520 8.74 -44.45 2.99
CA LYS A 520 7.38 -43.95 2.87
C LYS A 520 6.82 -43.59 4.24
N ASN A 521 5.75 -42.78 4.22
CA ASN A 521 4.90 -42.46 5.36
C ASN A 521 5.57 -41.58 6.42
N LYS A 522 6.68 -40.92 6.08
CA LYS A 522 7.35 -40.04 7.03
C LYS A 522 7.81 -38.78 6.33
N CYS A 523 7.99 -37.71 7.11
CA CYS A 523 8.44 -36.43 6.58
C CYS A 523 9.88 -36.56 6.12
N VAL A 524 10.11 -36.52 4.81
CA VAL A 524 11.42 -36.73 4.23
C VAL A 524 11.66 -35.71 3.11
N ASN A 525 12.94 -35.54 2.77
CA ASN A 525 13.33 -34.79 1.59
C ASN A 525 13.41 -35.74 0.41
N PHE A 526 12.89 -35.32 -0.75
CA PHE A 526 12.87 -36.16 -1.93
C PHE A 526 13.43 -35.42 -3.13
N ASN A 527 14.05 -36.18 -4.02
CA ASN A 527 14.63 -35.69 -5.27
C ASN A 527 14.18 -36.64 -6.38
N PHE A 528 13.02 -36.35 -6.97
CA PHE A 528 12.45 -37.17 -8.03
C PHE A 528 12.85 -36.55 -9.36
N ASN A 529 13.98 -37.01 -9.90
CA ASN A 529 14.46 -36.57 -11.22
C ASN A 529 14.63 -35.06 -11.29
N GLY A 530 15.13 -34.47 -10.21
CA GLY A 530 15.40 -33.04 -10.19
C GLY A 530 14.41 -32.20 -9.43
N LEU A 531 13.23 -32.73 -9.09
CA LEU A 531 12.26 -32.00 -8.31
C LEU A 531 12.57 -32.17 -6.83
N THR A 532 12.93 -31.08 -6.17
CA THR A 532 13.34 -31.09 -4.76
C THR A 532 12.21 -30.55 -3.90
N GLY A 533 11.94 -31.22 -2.79
CA GLY A 533 10.90 -30.77 -1.89
C GLY A 533 10.79 -31.68 -0.68
N THR A 534 9.94 -31.28 0.26
CA THR A 534 9.74 -32.02 1.49
C THR A 534 8.25 -32.32 1.68
N GLY A 535 7.96 -33.43 2.34
CA GLY A 535 6.57 -33.80 2.56
C GLY A 535 6.46 -35.25 3.01
N VAL A 536 5.24 -35.77 2.90
CA VAL A 536 4.92 -37.14 3.30
C VAL A 536 4.52 -37.92 2.05
N LEU A 537 5.12 -39.08 1.87
CA LEU A 537 4.88 -39.91 0.69
C LEU A 537 3.93 -41.05 1.04
N THR A 538 2.80 -41.13 0.34
CA THR A 538 1.83 -42.19 0.53
C THR A 538 1.36 -42.68 -0.83
N GLU A 539 0.89 -43.92 -0.86
CA GLU A 539 0.47 -44.55 -2.12
C GLU A 539 -0.95 -44.10 -2.48
N SER A 540 -1.16 -43.84 -3.77
CA SER A 540 -2.39 -43.23 -4.24
C SER A 540 -3.18 -44.22 -5.10
N ASN A 541 -4.33 -43.75 -5.59
CA ASN A 541 -5.19 -44.54 -6.45
C ASN A 541 -5.50 -43.84 -7.77
N LYS A 542 -4.88 -42.69 -8.03
CA LYS A 542 -5.07 -42.03 -9.30
C LYS A 542 -4.45 -42.84 -10.43
N LYS A 543 -4.97 -42.64 -11.63
CA LYS A 543 -4.50 -43.33 -12.82
C LYS A 543 -3.92 -42.33 -13.80
N PHE A 544 -2.70 -42.58 -14.25
CA PHE A 544 -2.00 -41.74 -15.21
C PHE A 544 -2.09 -42.35 -16.61
N LEU A 545 -2.23 -41.51 -17.61
CA LEU A 545 -2.01 -41.96 -18.97
C LEU A 545 -0.54 -42.33 -19.14
N PRO A 546 -0.22 -43.37 -19.90
CA PRO A 546 1.15 -43.85 -19.91
C PRO A 546 2.12 -43.02 -20.72
N PHE A 547 2.04 -41.69 -20.59
CA PHE A 547 3.13 -40.82 -21.03
C PHE A 547 3.31 -39.61 -20.12
N GLN A 548 2.71 -39.60 -18.94
CA GLN A 548 2.77 -38.45 -18.04
C GLN A 548 3.60 -38.80 -16.80
N GLN A 549 4.45 -37.85 -16.39
CA GLN A 549 5.35 -38.07 -15.27
C GLN A 549 4.78 -37.60 -13.94
N PHE A 550 4.16 -36.43 -13.90
CA PHE A 550 3.61 -35.89 -12.67
C PHE A 550 2.38 -35.06 -12.97
N GLY A 551 1.55 -34.88 -11.94
CA GLY A 551 0.32 -34.12 -12.07
C GLY A 551 0.33 -32.88 -11.19
N ARG A 552 -0.61 -31.98 -11.49
CA ARG A 552 -0.71 -30.73 -10.75
C ARG A 552 -2.16 -30.45 -10.35
N ASP A 553 -2.43 -29.28 -9.82
CA ASP A 553 -3.71 -28.95 -9.19
C ASP A 553 -4.28 -27.68 -9.82
N ILE A 554 -5.44 -27.26 -9.31
CA ILE A 554 -6.12 -26.08 -9.82
C ILE A 554 -5.44 -24.78 -9.41
N ALA A 555 -4.50 -24.83 -8.48
CA ALA A 555 -3.85 -23.61 -7.98
C ALA A 555 -2.34 -23.64 -8.21
N ASP A 556 -1.88 -24.45 -9.17
CA ASP A 556 -0.51 -24.68 -9.67
C ASP A 556 0.30 -25.63 -8.80
N THR A 557 -0.28 -26.24 -7.77
CA THR A 557 0.47 -27.08 -6.86
C THR A 557 0.54 -28.51 -7.37
N THR A 558 1.63 -29.18 -7.01
CA THR A 558 1.87 -30.57 -7.43
C THR A 558 1.65 -31.49 -6.23
N ASP A 559 0.96 -32.60 -6.47
CA ASP A 559 0.72 -33.58 -5.42
C ASP A 559 0.83 -35.03 -5.87
N ALA A 560 1.19 -35.30 -7.12
CA ALA A 560 1.31 -36.67 -7.59
C ALA A 560 2.60 -36.81 -8.38
N VAL A 561 3.39 -37.84 -8.06
CA VAL A 561 4.67 -38.09 -8.69
C VAL A 561 4.79 -39.59 -8.94
N ARG A 562 5.29 -39.95 -10.12
CA ARG A 562 5.45 -41.34 -10.52
C ARG A 562 6.84 -41.84 -10.17
N ASP A 563 6.92 -43.10 -9.77
CA ASP A 563 8.21 -43.67 -9.37
C ASP A 563 9.02 -44.04 -10.61
N PRO A 564 10.25 -43.53 -10.74
CA PRO A 564 11.02 -43.74 -11.98
C PRO A 564 11.71 -45.09 -12.08
N GLN A 565 11.52 -45.99 -11.12
CA GLN A 565 12.09 -47.34 -11.20
C GLN A 565 11.02 -48.42 -11.22
N THR A 566 10.07 -48.36 -10.29
CA THR A 566 8.91 -49.26 -10.27
C THR A 566 7.68 -48.39 -10.48
N LEU A 567 7.11 -48.44 -11.68
CA LEU A 567 6.11 -47.47 -12.10
C LEU A 567 4.85 -47.53 -11.24
N GLU A 568 4.66 -46.54 -10.39
CA GLU A 568 3.46 -46.43 -9.57
C GLU A 568 3.29 -44.97 -9.18
N ILE A 569 2.09 -44.64 -8.69
CA ILE A 569 1.74 -43.27 -8.34
C ILE A 569 1.89 -43.09 -6.84
N LEU A 570 2.27 -41.88 -6.44
CA LEU A 570 2.40 -41.54 -5.02
C LEU A 570 1.75 -40.19 -4.77
N ASP A 571 1.22 -40.02 -3.56
CA ASP A 571 0.61 -38.78 -3.13
C ASP A 571 1.54 -38.03 -2.19
N ILE A 572 1.51 -36.70 -2.28
CA ILE A 572 2.38 -35.83 -1.49
C ILE A 572 1.50 -34.95 -0.61
N THR A 573 1.72 -35.01 0.70
CA THR A 573 0.94 -34.26 1.67
C THR A 573 1.88 -33.35 2.46
N PRO A 574 1.53 -32.08 2.65
CA PRO A 574 2.42 -31.19 3.42
C PRO A 574 2.55 -31.65 4.86
N CYS A 575 3.75 -31.48 5.40
CA CYS A 575 3.98 -31.84 6.80
C CYS A 575 3.33 -30.81 7.71
N SER A 576 3.01 -31.24 8.93
CA SER A 576 2.12 -30.49 9.80
C SER A 576 2.72 -29.17 10.25
N PHE A 577 1.86 -28.17 10.40
CA PHE A 577 2.24 -26.89 10.99
C PHE A 577 1.00 -26.27 11.63
N GLY A 578 1.22 -25.35 12.56
CA GLY A 578 0.11 -24.73 13.25
C GLY A 578 0.62 -23.70 14.23
N GLY A 579 -0.33 -23.04 14.90
CA GLY A 579 -0.03 -21.99 15.84
C GLY A 579 -0.20 -22.41 17.29
N VAL A 580 0.41 -21.63 18.18
CA VAL A 580 0.41 -21.90 19.61
C VAL A 580 -0.21 -20.70 20.33
N SER A 581 -1.21 -20.96 21.16
CA SER A 581 -1.89 -19.93 21.93
C SER A 581 -1.77 -20.23 23.42
N VAL A 582 -1.88 -19.18 24.23
CA VAL A 582 -1.71 -19.27 25.67
C VAL A 582 -2.93 -18.66 26.36
N ILE A 583 -3.45 -19.34 27.37
CA ILE A 583 -4.60 -18.87 28.13
C ILE A 583 -4.14 -18.53 29.54
N THR A 584 -4.25 -17.26 29.92
CA THR A 584 -3.80 -16.79 31.22
C THR A 584 -4.91 -16.01 31.89
N PRO A 585 -5.31 -16.36 33.11
CA PRO A 585 -6.02 -15.40 33.95
C PRO A 585 -5.08 -14.27 34.32
N GLY A 586 -5.67 -13.11 34.63
CA GLY A 586 -4.87 -11.93 34.91
C GLY A 586 -3.78 -12.19 35.93
N THR A 587 -2.53 -11.81 35.60
CA THR A 587 -1.41 -12.11 36.47
C THR A 587 -1.49 -11.40 37.82
N ASN A 588 -2.39 -10.43 37.95
CA ASN A 588 -2.62 -9.81 39.26
C ASN A 588 -3.27 -10.78 40.24
N THR A 589 -3.83 -11.89 39.76
CA THR A 589 -4.55 -12.82 40.62
C THR A 589 -3.88 -14.17 40.77
N SER A 590 -3.20 -14.68 39.75
CA SER A 590 -2.58 -15.99 39.82
C SER A 590 -1.47 -16.07 38.78
N ASN A 591 -0.96 -17.29 38.56
CA ASN A 591 0.13 -17.53 37.62
C ASN A 591 -0.07 -18.78 36.76
N GLN A 592 -1.13 -19.55 36.97
CA GLN A 592 -1.34 -20.74 36.18
C GLN A 592 -1.84 -20.40 34.77
N VAL A 593 -1.39 -21.16 33.78
CA VAL A 593 -1.72 -20.93 32.39
C VAL A 593 -2.06 -22.26 31.70
N ALA A 594 -2.54 -22.17 30.47
CA ALA A 594 -2.84 -23.32 29.63
C ALA A 594 -2.43 -23.02 28.20
N VAL A 595 -2.17 -24.07 27.42
CA VAL A 595 -1.64 -23.96 26.06
C VAL A 595 -2.51 -24.75 25.10
N LEU A 596 -2.77 -24.19 23.93
CA LEU A 596 -3.61 -24.80 22.91
C LEU A 596 -2.84 -24.91 21.60
N TYR A 597 -2.92 -26.06 20.95
CA TYR A 597 -2.29 -26.30 19.66
C TYR A 597 -3.38 -26.52 18.61
N GLN A 598 -3.26 -25.84 17.48
CA GLN A 598 -4.34 -25.73 16.51
C GLN A 598 -4.33 -26.87 15.51
N ASP A 599 -5.45 -27.59 15.43
CA ASP A 599 -5.72 -28.52 14.34
C ASP A 599 -4.66 -29.64 14.24
N VAL A 600 -4.37 -30.25 15.38
CA VAL A 600 -3.41 -31.36 15.44
C VAL A 600 -3.91 -32.38 16.46
N ASN A 601 -3.67 -33.66 16.18
CA ASN A 601 -3.86 -34.68 17.19
C ASN A 601 -2.72 -34.61 18.20
N CYS A 602 -3.08 -34.58 19.49
CA CYS A 602 -2.06 -34.41 20.51
C CYS A 602 -1.35 -35.70 20.88
N THR A 603 -1.73 -36.82 20.26
CA THR A 603 -0.84 -37.97 20.25
C THR A 603 0.43 -37.69 19.46
N GLU A 604 0.45 -36.61 18.68
CA GLU A 604 1.59 -36.24 17.84
C GLU A 604 2.28 -34.96 18.30
N VAL A 605 2.13 -34.57 19.57
CA VAL A 605 2.77 -33.34 20.03
C VAL A 605 3.71 -33.59 21.20
N PRO A 606 4.54 -34.66 21.19
CA PRO A 606 5.83 -34.57 21.88
C PRO A 606 6.91 -34.22 20.89
N VAL A 607 6.56 -34.28 19.61
CA VAL A 607 7.51 -34.08 18.53
C VAL A 607 7.24 -32.82 17.72
N ALA A 608 6.01 -32.29 17.75
CA ALA A 608 5.71 -31.08 17.00
C ALA A 608 6.62 -29.94 17.44
N ILE A 609 6.82 -29.80 18.74
CA ILE A 609 7.85 -28.93 19.28
C ILE A 609 8.88 -29.82 19.98
N HIS A 610 10.13 -29.36 19.97
CA HIS A 610 11.27 -30.26 20.13
C HIS A 610 11.41 -30.84 21.53
N ALA A 611 10.47 -30.58 22.44
CA ALA A 611 10.46 -31.18 23.77
C ALA A 611 11.76 -30.95 24.52
N ASP A 612 12.32 -29.75 24.39
CA ASP A 612 13.56 -29.40 25.07
C ASP A 612 13.36 -28.04 25.75
N GLN A 613 13.37 -28.05 27.08
CA GLN A 613 13.25 -26.86 27.90
C GLN A 613 13.45 -27.29 29.35
N LEU A 614 13.91 -26.34 30.17
CA LEU A 614 14.16 -26.66 31.57
C LEU A 614 12.85 -27.11 32.22
N THR A 615 11.90 -26.19 32.31
CA THR A 615 10.51 -26.52 32.59
C THR A 615 9.74 -26.26 31.30
N PRO A 616 9.22 -27.28 30.62
CA PRO A 616 8.59 -27.05 29.31
C PRO A 616 7.43 -26.06 29.39
N THR A 617 6.92 -25.61 28.25
CA THR A 617 5.94 -24.52 28.27
C THR A 617 4.62 -25.01 28.84
N TRP A 618 4.66 -25.42 30.12
CA TRP A 618 3.56 -26.03 30.88
C TRP A 618 2.79 -27.03 30.04
N ARG A 619 3.49 -27.68 29.14
CA ARG A 619 3.22 -29.03 28.66
C ARG A 619 4.43 -29.80 29.15
N VAL A 620 4.39 -30.23 30.41
CA VAL A 620 5.64 -30.55 31.07
C VAL A 620 6.10 -31.89 30.54
N TYR A 621 6.89 -31.86 29.45
CA TYR A 621 7.27 -33.08 28.75
C TYR A 621 5.98 -33.80 28.36
N SER A 622 5.28 -33.27 27.35
CA SER A 622 3.82 -33.16 27.39
C SER A 622 3.12 -34.51 27.38
N THR A 623 3.08 -35.11 28.58
CA THR A 623 2.28 -36.28 28.87
C THR A 623 1.42 -35.96 30.08
N GLY A 624 0.81 -36.97 30.69
CA GLY A 624 0.06 -36.78 31.90
C GLY A 624 -1.39 -36.44 31.61
N SER A 625 -2.11 -36.15 32.69
CA SER A 625 -3.55 -35.91 32.60
C SER A 625 -3.81 -34.52 32.01
N ASN A 626 -5.07 -34.11 32.00
CA ASN A 626 -5.51 -32.87 31.39
C ASN A 626 -5.17 -32.84 29.90
N VAL A 627 -5.78 -33.75 29.15
CA VAL A 627 -5.69 -33.78 27.69
C VAL A 627 -7.10 -33.85 27.14
N PHE A 628 -7.46 -32.91 26.28
CA PHE A 628 -8.80 -32.79 25.73
C PHE A 628 -8.72 -32.49 24.24
N GLN A 629 -9.49 -33.23 23.45
CA GLN A 629 -9.54 -33.05 22.00
C GLN A 629 -10.83 -32.36 21.61
N THR A 630 -10.72 -31.21 20.97
CA THR A 630 -11.85 -30.40 20.51
C THR A 630 -11.73 -30.20 19.01
N ARG A 631 -12.60 -29.35 18.47
CA ARG A 631 -12.53 -29.01 17.05
C ARG A 631 -11.34 -28.11 16.75
N ALA A 632 -10.96 -27.24 17.68
CA ALA A 632 -9.86 -26.31 17.46
C ALA A 632 -8.50 -26.91 17.75
N GLY A 633 -8.44 -28.17 18.18
CA GLY A 633 -7.16 -28.82 18.44
C GLY A 633 -7.15 -29.51 19.78
N CYS A 634 -5.98 -29.65 20.40
CA CYS A 634 -5.85 -30.28 21.70
C CYS A 634 -5.46 -29.23 22.74
N LEU A 635 -6.03 -29.36 23.93
CA LEU A 635 -5.82 -28.42 25.03
C LEU A 635 -5.13 -29.16 26.16
N ILE A 636 -4.00 -28.61 26.62
CA ILE A 636 -3.23 -29.18 27.72
C ILE A 636 -3.17 -28.17 28.83
N GLY A 637 -3.56 -28.58 30.04
CA GLY A 637 -3.45 -27.72 31.20
C GLY A 637 -4.79 -27.34 31.80
N ALA A 638 -5.85 -28.09 31.49
CA ALA A 638 -7.17 -27.81 32.02
C ALA A 638 -7.96 -29.10 32.07
N GLU A 639 -9.01 -29.11 32.88
CA GLU A 639 -9.84 -30.28 33.08
C GLU A 639 -11.25 -30.05 32.58
N HIS A 640 -11.94 -31.16 32.30
CA HIS A 640 -13.28 -31.14 31.72
C HIS A 640 -14.33 -31.30 32.81
N VAL A 641 -15.36 -30.45 32.77
CA VAL A 641 -16.46 -30.52 33.71
C VAL A 641 -17.76 -30.74 32.95
N ASN A 642 -18.79 -31.16 33.67
CA ASN A 642 -20.09 -31.48 33.10
C ASN A 642 -21.17 -30.53 33.57
N ASN A 643 -20.84 -29.24 33.67
CA ASN A 643 -21.79 -28.20 33.98
C ASN A 643 -21.80 -27.17 32.84
N SER A 644 -22.49 -26.06 33.05
CA SER A 644 -22.55 -24.99 32.08
C SER A 644 -22.62 -23.65 32.80
N TYR A 645 -21.82 -22.70 32.33
CA TYR A 645 -21.76 -21.37 32.92
C TYR A 645 -21.70 -20.34 31.79
N GLU A 646 -21.38 -19.10 32.15
CA GLU A 646 -21.22 -18.04 31.18
C GLU A 646 -19.80 -18.01 30.65
N CYS A 647 -19.65 -17.58 29.40
CA CYS A 647 -18.35 -17.60 28.75
C CYS A 647 -17.44 -16.51 29.32
N ASP A 648 -16.30 -16.92 29.86
CA ASP A 648 -15.30 -15.99 30.35
C ASP A 648 -14.24 -15.71 29.29
N ILE A 649 -13.56 -16.75 28.81
CA ILE A 649 -12.60 -16.65 27.73
C ILE A 649 -13.02 -17.63 26.63
N PRO A 650 -13.19 -17.20 25.39
CA PRO A 650 -13.67 -18.10 24.35
C PRO A 650 -12.55 -18.92 23.72
N ILE A 651 -12.85 -20.20 23.47
CA ILE A 651 -11.91 -21.07 22.77
C ILE A 651 -12.35 -21.21 21.32
N GLY A 652 -13.55 -21.73 21.10
CA GLY A 652 -14.09 -21.88 19.77
C GLY A 652 -15.07 -23.03 19.69
N ALA A 653 -16.05 -22.88 18.79
CA ALA A 653 -17.07 -23.89 18.53
C ALA A 653 -17.88 -24.23 19.78
N GLY A 654 -18.11 -23.26 20.64
CA GLY A 654 -18.95 -23.45 21.81
C GLY A 654 -18.24 -23.82 23.09
N ILE A 655 -16.92 -23.79 23.12
CA ILE A 655 -16.14 -24.15 24.31
C ILE A 655 -15.59 -22.87 24.93
N CYS A 656 -15.74 -22.74 26.25
CA CYS A 656 -15.22 -21.61 26.99
C CYS A 656 -14.45 -22.11 28.21
N ALA A 657 -13.42 -21.36 28.61
CA ALA A 657 -12.55 -21.74 29.71
C ALA A 657 -12.50 -20.63 30.75
N SER A 658 -12.50 -21.01 32.02
CA SER A 658 -12.51 -20.05 33.11
C SER A 658 -11.58 -20.52 34.23
N TYR A 659 -11.10 -19.58 35.02
CA TYR A 659 -10.30 -19.85 36.21
C TYR A 659 -11.18 -19.59 37.43
N GLN A 660 -11.49 -20.65 38.17
CA GLN A 660 -12.37 -20.54 39.32
C GLN A 660 -11.70 -19.73 40.42
N SER A 676 -7.99 -23.85 39.92
CA SER A 676 -7.45 -24.35 38.68
C SER A 676 -8.23 -23.83 37.47
N ILE A 677 -8.05 -24.47 36.33
CA ILE A 677 -8.67 -24.04 35.07
C ILE A 677 -9.64 -25.13 34.61
N ILE A 678 -10.85 -24.73 34.26
CA ILE A 678 -11.90 -25.65 33.85
C ILE A 678 -12.42 -25.25 32.48
N ALA A 679 -12.81 -26.26 31.70
CA ALA A 679 -13.39 -26.05 30.38
C ALA A 679 -14.81 -26.58 30.36
N TYR A 680 -15.72 -25.84 29.72
CA TYR A 680 -17.13 -26.17 29.79
C TYR A 680 -17.82 -25.70 28.52
N THR A 681 -19.10 -26.09 28.39
CA THR A 681 -19.94 -25.65 27.30
C THR A 681 -20.87 -24.55 27.79
N MET A 682 -20.97 -23.47 27.02
CA MET A 682 -21.70 -22.30 27.46
C MET A 682 -23.21 -22.55 27.44
N SER A 683 -23.92 -21.86 28.33
CA SER A 683 -25.36 -21.95 28.44
C SER A 683 -26.01 -20.63 28.04
N LEU A 684 -27.08 -20.71 27.26
CA LEU A 684 -27.71 -19.52 26.72
C LEU A 684 -28.65 -18.83 27.69
N GLY A 685 -29.07 -19.50 28.75
CA GLY A 685 -29.91 -18.87 29.75
C GLY A 685 -30.80 -19.89 30.43
N ALA A 686 -31.69 -19.37 31.27
CA ALA A 686 -32.63 -20.19 32.01
C ALA A 686 -33.82 -20.57 31.13
N GLU A 687 -34.63 -21.49 31.62
CA GLU A 687 -35.77 -22.02 30.89
C GLU A 687 -37.06 -21.51 31.51
N ASN A 688 -37.97 -21.03 30.66
CA ASN A 688 -39.24 -20.48 31.10
C ASN A 688 -40.36 -21.06 30.25
N SER A 689 -41.45 -21.44 30.90
CA SER A 689 -42.65 -21.93 30.23
C SER A 689 -43.82 -21.07 30.68
N VAL A 690 -44.59 -20.56 29.72
CA VAL A 690 -45.70 -19.66 29.99
C VAL A 690 -47.01 -20.39 29.73
N ALA A 691 -47.94 -20.28 30.66
CA ALA A 691 -49.24 -20.93 30.51
C ALA A 691 -50.04 -20.24 29.42
N TYR A 692 -50.56 -21.04 28.49
CA TYR A 692 -51.36 -20.52 27.39
C TYR A 692 -52.74 -21.16 27.41
N SER A 693 -53.77 -20.35 27.30
CA SER A 693 -55.14 -20.84 27.18
C SER A 693 -55.93 -19.95 26.24
N ASN A 694 -57.23 -20.18 26.14
CA ASN A 694 -58.09 -19.31 25.36
C ASN A 694 -58.98 -18.41 26.21
N ASN A 695 -58.86 -18.44 27.53
CA ASN A 695 -59.64 -17.53 28.37
C ASN A 695 -58.83 -16.98 29.55
N SER A 696 -57.51 -16.88 29.45
CA SER A 696 -56.67 -16.42 30.54
C SER A 696 -55.85 -15.21 30.11
N ILE A 697 -55.57 -14.31 31.06
CA ILE A 697 -54.80 -13.10 30.81
C ILE A 697 -53.86 -12.89 32.00
N ALA A 698 -53.13 -11.77 31.97
CA ALA A 698 -52.27 -11.36 33.07
C ALA A 698 -52.10 -9.84 33.07
N ILE A 699 -52.20 -9.23 34.25
CA ILE A 699 -52.16 -7.78 34.38
C ILE A 699 -51.24 -7.37 35.52
N PRO A 700 -50.36 -6.39 35.33
CA PRO A 700 -49.46 -5.96 36.41
C PRO A 700 -50.18 -5.14 37.46
N THR A 701 -49.50 -4.97 38.61
CA THR A 701 -50.06 -4.20 39.71
C THR A 701 -49.11 -3.20 40.36
N ASN A 702 -47.81 -3.23 40.05
CA ASN A 702 -46.90 -2.31 40.72
C ASN A 702 -45.68 -1.95 39.86
N PHE A 703 -45.55 -0.67 39.51
CA PHE A 703 -44.48 -0.16 38.66
C PHE A 703 -43.12 -0.10 39.33
N THR A 704 -42.07 0.13 38.54
CA THR A 704 -40.69 0.29 39.01
C THR A 704 -39.96 1.22 38.05
N ILE A 705 -39.09 2.06 38.59
CA ILE A 705 -38.38 3.08 37.81
C ILE A 705 -36.90 2.70 37.75
N SER A 706 -36.30 2.78 36.56
CA SER A 706 -34.94 2.35 36.34
C SER A 706 -34.15 3.37 35.55
N VAL A 707 -32.83 3.34 35.70
CA VAL A 707 -31.91 4.26 35.02
C VAL A 707 -30.74 3.46 34.47
N THR A 708 -30.41 3.69 33.20
CA THR A 708 -29.33 2.99 32.51
C THR A 708 -28.41 4.00 31.85
N THR A 709 -27.24 3.53 31.41
CA THR A 709 -26.21 4.39 30.84
C THR A 709 -25.83 3.94 29.43
N GLU A 710 -25.15 4.83 28.71
CA GLU A 710 -24.71 4.57 27.35
C GLU A 710 -23.50 5.46 27.06
N ILE A 711 -22.50 4.90 26.38
CA ILE A 711 -21.25 5.58 26.10
C ILE A 711 -20.97 5.54 24.61
N LEU A 712 -20.57 6.68 24.03
CA LEU A 712 -20.34 6.81 22.59
C LEU A 712 -19.18 7.75 22.28
N PRO A 713 -18.19 7.31 21.50
CA PRO A 713 -17.08 8.19 21.15
C PRO A 713 -17.41 9.14 20.01
N VAL A 714 -16.74 10.29 19.99
CA VAL A 714 -17.11 11.34 19.04
C VAL A 714 -15.93 11.83 18.19
N SER A 715 -14.71 11.78 18.72
CA SER A 715 -13.61 12.44 18.03
C SER A 715 -12.28 11.75 18.32
N MET A 716 -11.28 12.10 17.52
CA MET A 716 -9.92 11.58 17.61
C MET A 716 -8.94 12.72 17.89
N THR A 717 -7.65 12.42 17.80
CA THR A 717 -6.59 13.41 17.91
C THR A 717 -6.08 13.81 16.53
N LYS A 718 -5.55 15.02 16.43
CA LYS A 718 -5.11 15.59 15.17
C LYS A 718 -3.59 15.54 15.10
N THR A 719 -3.07 14.84 14.09
CA THR A 719 -1.63 14.67 13.92
C THR A 719 -1.19 15.27 12.58
N SER A 720 0.05 15.74 12.54
CA SER A 720 0.62 16.34 11.35
C SER A 720 2.06 15.89 11.21
N VAL A 721 2.48 15.63 9.97
CA VAL A 721 3.82 15.14 9.68
C VAL A 721 4.47 16.05 8.64
N ASP A 722 5.77 16.28 8.81
CA ASP A 722 6.57 16.99 7.82
C ASP A 722 7.42 15.98 7.06
N CYS A 723 7.29 15.99 5.72
CA CYS A 723 7.96 14.99 4.90
C CYS A 723 9.47 15.05 5.03
N THR A 724 10.06 16.15 4.60
CA THR A 724 11.51 16.21 4.43
C THR A 724 12.24 15.98 5.75
N MET A 725 11.67 16.42 6.87
CA MET A 725 12.31 16.19 8.16
C MET A 725 12.27 14.71 8.53
N TYR A 726 11.18 14.02 8.20
CA TYR A 726 11.07 12.60 8.55
C TYR A 726 11.91 11.73 7.61
N ILE A 727 11.99 12.09 6.34
CA ILE A 727 12.66 11.27 5.33
C ILE A 727 14.10 11.70 5.13
N CYS A 728 14.33 12.98 4.88
CA CYS A 728 15.63 13.46 4.45
C CYS A 728 16.40 14.17 5.54
N GLY A 729 15.85 14.31 6.75
CA GLY A 729 16.55 15.01 7.80
C GLY A 729 16.79 16.47 7.49
N ASP A 730 18.05 16.83 7.26
CA ASP A 730 18.39 18.19 6.84
C ASP A 730 19.48 18.18 5.77
N SER A 731 19.55 17.12 4.97
CA SER A 731 20.57 17.02 3.93
C SER A 731 20.02 17.56 2.62
N THR A 732 20.78 18.47 2.00
CA THR A 732 20.37 19.02 0.71
C THR A 732 20.46 17.98 -0.40
N GLU A 733 21.45 17.08 -0.32
CA GLU A 733 21.57 16.02 -1.31
C GLU A 733 20.34 15.13 -1.33
N CYS A 734 19.82 14.81 -0.14
CA CYS A 734 18.62 13.99 -0.07
C CYS A 734 17.42 14.69 -0.71
N SER A 735 17.29 16.00 -0.49
CA SER A 735 16.21 16.74 -1.12
C SER A 735 16.36 16.77 -2.65
N ASN A 736 17.59 16.95 -3.12
CA ASN A 736 17.84 16.93 -4.56
C ASN A 736 17.47 15.59 -5.16
N LEU A 737 17.73 14.50 -4.44
CA LEU A 737 17.35 13.18 -4.94
C LEU A 737 15.85 12.94 -4.83
N LEU A 738 15.21 13.50 -3.81
CA LEU A 738 13.79 13.28 -3.57
C LEU A 738 12.92 14.06 -4.54
N LEU A 739 13.43 15.16 -5.09
CA LEU A 739 12.66 15.95 -6.04
C LEU A 739 12.36 15.20 -7.34
N GLN A 740 12.81 13.94 -7.44
CA GLN A 740 12.61 13.14 -8.63
C GLN A 740 11.33 12.31 -8.61
N TYR A 741 10.60 12.27 -7.50
CA TYR A 741 9.46 11.38 -7.36
C TYR A 741 8.11 12.07 -7.55
N GLY A 742 8.05 13.39 -7.55
CA GLY A 742 6.81 14.06 -7.88
C GLY A 742 6.09 14.74 -6.73
N SER A 743 4.78 14.51 -6.64
CA SER A 743 3.92 15.22 -5.70
C SER A 743 3.25 14.25 -4.72
N PHE A 744 3.99 13.25 -4.26
CA PHE A 744 3.46 12.35 -3.24
C PHE A 744 3.21 13.09 -1.93
N CYS A 745 4.14 13.97 -1.55
CA CYS A 745 4.09 14.58 -0.23
C CYS A 745 2.99 15.64 -0.13
N THR A 746 2.77 16.38 -1.22
CA THR A 746 1.62 17.29 -1.23
C THR A 746 0.33 16.52 -1.05
N GLN A 747 0.23 15.35 -1.69
CA GLN A 747 -0.95 14.50 -1.53
C GLN A 747 -1.13 14.08 -0.07
N LEU A 748 -0.06 13.61 0.56
CA LEU A 748 -0.17 13.13 1.94
C LEU A 748 -0.56 14.26 2.89
N ASN A 749 0.06 15.43 2.72
CA ASN A 749 -0.27 16.57 3.57
C ASN A 749 -1.73 16.99 3.37
N ARG A 750 -2.20 16.99 2.12
CA ARG A 750 -3.58 17.35 1.86
C ARG A 750 -4.55 16.37 2.51
N ALA A 751 -4.22 15.07 2.45
CA ALA A 751 -5.09 14.08 3.07
C ALA A 751 -5.17 14.26 4.58
N LEU A 752 -4.01 14.48 5.22
CA LEU A 752 -4.01 14.68 6.67
C LEU A 752 -4.78 15.95 7.05
N THR A 753 -4.58 17.03 6.29
CA THR A 753 -5.32 18.25 6.56
C THR A 753 -6.82 18.03 6.43
N GLY A 754 -7.24 17.28 5.41
CA GLY A 754 -8.65 16.97 5.27
C GLY A 754 -9.20 16.19 6.45
N ILE A 755 -8.42 15.23 6.96
CA ILE A 755 -8.85 14.48 8.13
C ILE A 755 -8.95 15.37 9.36
N ALA A 756 -8.14 16.43 9.41
CA ALA A 756 -8.06 17.25 10.63
C ALA A 756 -9.39 17.92 10.98
N VAL A 757 -10.09 18.48 9.99
CA VAL A 757 -11.23 19.35 10.30
C VAL A 757 -12.53 18.59 10.51
N GLU A 758 -12.60 17.32 10.10
CA GLU A 758 -13.83 16.56 10.28
C GLU A 758 -14.15 16.35 11.75
N GLN A 759 -13.13 16.26 12.61
CA GLN A 759 -13.38 16.11 14.04
C GLN A 759 -14.07 17.33 14.63
N ASP A 760 -13.61 18.52 14.25
CA ASP A 760 -14.27 19.74 14.69
C ASP A 760 -15.70 19.81 14.17
N LYS A 761 -15.91 19.40 12.92
CA LYS A 761 -17.27 19.36 12.39
C LYS A 761 -18.15 18.39 13.18
N ASN A 762 -17.60 17.23 13.55
CA ASN A 762 -18.36 16.26 14.33
C ASN A 762 -18.78 16.83 15.67
N THR A 763 -17.83 17.44 16.39
CA THR A 763 -18.15 18.01 17.69
C THR A 763 -19.20 19.11 17.56
N GLN A 764 -19.04 19.99 16.56
CA GLN A 764 -20.02 21.06 16.37
C GLN A 764 -21.40 20.51 16.09
N GLU A 765 -21.49 19.47 15.25
CA GLU A 765 -22.78 18.89 14.95
C GLU A 765 -23.43 18.26 16.18
N VAL A 766 -22.64 17.58 17.00
CA VAL A 766 -23.22 16.88 18.14
C VAL A 766 -23.69 17.86 19.21
N PHE A 767 -22.85 18.84 19.56
CA PHE A 767 -23.11 19.61 20.77
C PHE A 767 -23.78 20.96 20.53
N ALA A 768 -23.57 21.60 19.39
CA ALA A 768 -24.13 22.93 19.15
C ALA A 768 -25.46 22.79 18.41
N GLN A 769 -26.55 22.74 19.18
CA GLN A 769 -27.88 22.60 18.60
C GLN A 769 -28.86 23.67 19.05
N VAL A 770 -28.64 24.33 20.19
CA VAL A 770 -29.46 25.45 20.62
C VAL A 770 -28.62 26.72 20.55
N LYS A 771 -29.26 27.82 20.17
CA LYS A 771 -28.56 29.07 19.93
C LYS A 771 -28.78 30.09 21.05
N GLN A 772 -29.32 29.69 22.18
CA GLN A 772 -29.47 30.57 23.33
C GLN A 772 -28.97 29.85 24.58
N ILE A 773 -28.61 30.64 25.58
CA ILE A 773 -28.08 30.14 26.85
C ILE A 773 -29.16 30.30 27.91
N TYR A 774 -29.42 29.23 28.65
CA TYR A 774 -30.44 29.22 29.68
C TYR A 774 -29.80 28.96 31.04
N LYS A 775 -30.31 29.64 32.08
CA LYS A 775 -29.79 29.49 33.44
C LYS A 775 -30.90 29.06 34.39
N THR A 776 -30.57 28.15 35.30
CA THR A 776 -31.54 27.60 36.23
C THR A 776 -31.91 28.64 37.29
N PRO A 777 -33.14 28.58 37.83
CA PRO A 777 -33.54 29.55 38.83
C PRO A 777 -32.72 29.39 40.10
N PRO A 778 -32.45 30.48 40.82
CA PRO A 778 -31.73 30.36 42.09
C PRO A 778 -32.45 29.52 43.13
N ILE A 779 -33.76 29.55 43.16
CA ILE A 779 -34.54 28.74 44.11
C ILE A 779 -34.82 27.38 43.49
N LYS A 780 -34.60 26.33 44.27
CA LYS A 780 -34.78 24.96 43.82
C LYS A 780 -35.91 24.30 44.59
N ASP A 781 -37.05 24.10 43.94
CA ASP A 781 -38.18 23.39 44.53
C ASP A 781 -38.95 22.74 43.40
N PHE A 782 -38.70 21.45 43.18
CA PHE A 782 -39.30 20.73 42.07
C PHE A 782 -40.23 19.62 42.54
N GLY A 783 -40.86 19.80 43.71
CA GLY A 783 -41.80 18.84 44.21
C GLY A 783 -41.20 17.63 44.89
N GLY A 784 -39.89 17.60 45.07
CA GLY A 784 -39.25 16.47 45.73
C GLY A 784 -38.27 15.75 44.84
N PHE A 785 -38.04 16.29 43.65
CA PHE A 785 -37.09 15.73 42.69
C PHE A 785 -35.77 16.46 42.88
N ASN A 786 -34.70 15.71 43.14
CA ASN A 786 -33.42 16.29 43.55
C ASN A 786 -32.39 16.08 42.44
N PHE A 787 -31.95 17.16 41.82
CA PHE A 787 -31.07 17.12 40.67
C PHE A 787 -29.65 17.60 40.99
N SER A 788 -29.24 17.53 42.25
CA SER A 788 -27.96 18.12 42.65
C SER A 788 -26.78 17.41 41.99
N GLN A 789 -26.93 16.14 41.62
CA GLN A 789 -25.80 15.40 41.09
C GLN A 789 -25.47 15.78 39.66
N ILE A 790 -26.45 16.24 38.89
CA ILE A 790 -26.23 16.54 37.48
C ILE A 790 -26.11 18.04 37.20
N LEU A 791 -26.51 18.89 38.14
CA LEU A 791 -26.36 20.32 37.96
C LEU A 791 -24.96 20.77 38.34
N PRO A 792 -24.48 21.89 37.80
CA PRO A 792 -23.10 22.31 38.08
C PRO A 792 -22.90 22.73 39.52
N ASP A 793 -21.65 22.63 39.97
CA ASP A 793 -21.27 22.97 41.33
C ASP A 793 -20.60 24.32 41.36
N PRO A 794 -21.18 25.34 41.99
CA PRO A 794 -20.56 26.67 41.96
C PRO A 794 -19.26 26.76 42.74
N SER A 795 -19.07 25.93 43.76
CA SER A 795 -17.89 26.05 44.61
C SER A 795 -16.61 25.72 43.85
N LYS A 796 -16.65 24.69 43.01
CA LYS A 796 -15.45 24.28 42.29
C LYS A 796 -15.06 25.35 41.26
N PRO A 797 -13.78 25.42 40.90
CA PRO A 797 -13.35 26.40 39.90
C PRO A 797 -13.73 25.98 38.48
N SER A 798 -13.67 24.69 38.19
CA SER A 798 -13.93 24.21 36.84
C SER A 798 -15.41 24.23 36.48
N LYS A 799 -16.29 24.29 37.47
CA LYS A 799 -17.74 24.31 37.28
C LYS A 799 -18.21 23.05 36.55
N ARG A 800 -17.97 21.90 37.19
CA ARG A 800 -18.39 20.61 36.68
C ARG A 800 -19.21 19.87 37.72
N SER A 801 -20.10 19.00 37.25
CA SER A 801 -20.89 18.17 38.13
C SER A 801 -20.03 17.04 38.72
N PRO A 802 -20.45 16.45 39.85
CA PRO A 802 -19.66 15.34 40.41
C PRO A 802 -19.48 14.16 39.46
N ILE A 803 -20.51 13.83 38.68
CA ILE A 803 -20.39 12.73 37.74
C ILE A 803 -19.34 13.05 36.68
N GLU A 804 -19.34 14.28 36.19
CA GLU A 804 -18.34 14.69 35.19
C GLU A 804 -16.94 14.64 35.76
N ASP A 805 -16.77 15.04 37.03
CA ASP A 805 -15.47 14.96 37.66
C ASP A 805 -15.01 13.51 37.80
N LEU A 806 -15.92 12.61 38.19
CA LEU A 806 -15.58 11.20 38.28
C LEU A 806 -15.17 10.65 36.92
N LEU A 807 -15.90 11.02 35.88
CA LEU A 807 -15.55 10.56 34.54
C LEU A 807 -14.19 11.09 34.11
N PHE A 808 -13.89 12.35 34.42
CA PHE A 808 -12.63 12.94 34.00
C PHE A 808 -11.45 12.34 34.75
N ASN A 809 -11.65 11.90 35.99
CA ASN A 809 -10.57 11.31 36.77
C ASN A 809 -10.39 9.82 36.50
N LYS A 810 -10.89 9.30 35.38
CA LYS A 810 -10.85 7.87 35.12
C LYS A 810 -10.28 7.47 33.77
N VAL A 811 -9.82 8.42 32.95
CA VAL A 811 -9.23 8.12 31.67
C VAL A 811 -7.79 8.63 31.69
N THR A 812 -6.85 7.73 31.42
CA THR A 812 -5.43 8.06 31.46
C THR A 812 -4.73 7.74 30.15
N LEU A 834 8.40 9.89 26.12
CA LEU A 834 8.26 9.45 24.74
C LEU A 834 7.64 10.53 23.89
N ILE A 835 7.16 11.60 24.54
CA ILE A 835 6.47 12.67 23.82
C ILE A 835 7.45 13.55 23.07
N CYS A 836 8.48 14.03 23.76
CA CYS A 836 9.48 14.89 23.11
C CYS A 836 10.25 14.13 22.04
N ALA A 837 10.57 12.86 22.30
CA ALA A 837 11.26 12.06 21.30
C ALA A 837 10.43 11.92 20.03
N GLN A 838 9.12 11.72 20.18
CA GLN A 838 8.23 11.73 19.03
C GLN A 838 8.26 13.07 18.32
N LYS A 839 8.05 14.15 19.08
CA LYS A 839 7.88 15.46 18.46
C LYS A 839 9.15 16.00 17.84
N PHE A 840 10.31 15.43 18.18
CA PHE A 840 11.55 15.96 17.64
C PHE A 840 11.84 15.52 16.22
N ASN A 841 11.04 14.62 15.64
CA ASN A 841 11.31 14.11 14.29
C ASN A 841 10.23 14.51 13.29
N GLY A 842 9.47 15.55 13.57
CA GLY A 842 8.48 16.05 12.63
C GLY A 842 7.05 15.66 12.88
N LEU A 843 6.72 15.18 14.08
CA LEU A 843 5.35 14.82 14.44
C LEU A 843 4.82 15.85 15.44
N THR A 844 3.65 16.41 15.15
CA THR A 844 3.05 17.43 15.99
C THR A 844 1.58 17.14 16.20
N VAL A 845 1.02 17.70 17.27
CA VAL A 845 -0.39 17.58 17.60
C VAL A 845 -0.99 18.98 17.69
N LEU A 846 -2.10 19.19 16.98
CA LEU A 846 -2.79 20.47 16.92
C LEU A 846 -3.89 20.54 17.97
N PRO A 847 -3.99 21.64 18.72
CA PRO A 847 -5.02 21.72 19.76
C PRO A 847 -6.40 21.83 19.15
N PRO A 848 -7.44 21.38 19.85
CA PRO A 848 -8.80 21.52 19.33
C PRO A 848 -9.28 22.96 19.37
N LEU A 849 -10.51 23.21 18.89
CA LEU A 849 -11.05 24.55 18.78
C LEU A 849 -11.97 24.93 19.93
N LEU A 850 -12.74 23.98 20.44
CA LEU A 850 -13.65 24.23 21.56
C LEU A 850 -13.05 23.64 22.83
N THR A 851 -12.87 24.47 23.85
CA THR A 851 -12.37 23.99 25.13
C THR A 851 -13.47 23.27 25.90
N ASP A 852 -13.07 22.62 27.00
CA ASP A 852 -14.01 21.82 27.78
C ASP A 852 -15.03 22.69 28.51
N GLU A 853 -14.65 23.92 28.87
CA GLU A 853 -15.60 24.81 29.53
C GLU A 853 -16.77 25.15 28.62
N MET A 854 -16.51 25.34 27.32
CA MET A 854 -17.58 25.63 26.39
C MET A 854 -18.56 24.46 26.27
N ILE A 855 -18.04 23.23 26.22
CA ILE A 855 -18.91 22.06 26.16
C ILE A 855 -19.71 21.94 27.45
N ALA A 856 -19.09 22.25 28.58
CA ALA A 856 -19.82 22.21 29.84
C ALA A 856 -20.95 23.25 29.84
N GLN A 857 -20.69 24.44 29.31
CA GLN A 857 -21.73 25.46 29.19
C GLN A 857 -22.88 24.98 28.30
N TYR A 858 -22.55 24.33 27.19
CA TYR A 858 -23.58 23.79 26.30
C TYR A 858 -24.45 22.77 27.03
N THR A 859 -23.81 21.85 27.75
CA THR A 859 -24.57 20.82 28.46
C THR A 859 -25.44 21.43 29.54
N SER A 860 -24.92 22.41 30.28
CA SER A 860 -25.73 23.06 31.32
C SER A 860 -26.94 23.77 30.70
N ALA A 861 -26.73 24.43 29.57
CA ALA A 861 -27.86 25.09 28.91
C ALA A 861 -28.92 24.09 28.49
N LEU A 862 -28.50 22.96 27.92
CA LEU A 862 -29.47 21.94 27.51
C LEU A 862 -30.23 21.40 28.72
N LEU A 863 -29.52 21.14 29.82
CA LEU A 863 -30.18 20.60 31.01
C LEU A 863 -31.19 21.59 31.57
N ALA A 864 -30.81 22.88 31.67
CA ALA A 864 -31.74 23.87 32.19
C ALA A 864 -32.96 24.00 31.28
N GLY A 865 -32.74 24.00 29.97
CA GLY A 865 -33.87 24.10 29.05
C GLY A 865 -34.83 22.94 29.19
N THR A 866 -34.31 21.72 29.34
CA THR A 866 -35.20 20.57 29.47
C THR A 866 -35.85 20.53 30.84
N ILE A 867 -35.21 21.10 31.86
CA ILE A 867 -35.78 21.07 33.20
C ILE A 867 -36.92 22.07 33.32
N THR A 868 -36.75 23.27 32.79
CA THR A 868 -37.74 24.32 33.02
C THR A 868 -38.83 24.41 31.96
N SER A 869 -38.61 23.86 30.76
CA SER A 869 -39.53 24.06 29.65
C SER A 869 -40.21 22.76 29.21
N GLY A 870 -39.45 21.73 28.86
CA GLY A 870 -39.99 20.49 28.33
C GLY A 870 -39.50 20.24 26.92
N TRP A 871 -40.39 19.79 26.05
CA TRP A 871 -40.06 19.60 24.65
C TRP A 871 -40.35 20.83 23.81
N THR A 872 -40.81 21.92 24.43
CA THR A 872 -41.25 23.10 23.70
C THR A 872 -40.10 24.02 23.30
N PHE A 873 -38.90 23.83 23.83
CA PHE A 873 -37.78 24.69 23.48
C PHE A 873 -37.02 24.19 22.26
N GLY A 874 -37.42 23.08 21.68
CA GLY A 874 -36.81 22.55 20.48
C GLY A 874 -37.56 22.79 19.20
N ALA A 875 -38.73 23.43 19.26
CA ALA A 875 -39.53 23.69 18.07
C ALA A 875 -40.06 25.13 18.04
N GLY A 876 -39.43 26.04 18.75
CA GLY A 876 -39.87 27.42 18.79
C GLY A 876 -39.55 28.10 20.10
N PRO A 877 -40.38 29.06 20.49
CA PRO A 877 -40.15 29.77 21.75
C PRO A 877 -40.27 28.85 22.95
N ALA A 878 -39.54 29.19 24.00
CA ALA A 878 -39.54 28.39 25.23
C ALA A 878 -40.71 28.79 26.11
N LEU A 879 -41.49 27.81 26.56
CA LEU A 879 -42.62 28.00 27.44
C LEU A 879 -42.31 27.40 28.81
N GLN A 880 -43.21 27.62 29.76
CA GLN A 880 -42.99 27.23 31.14
C GLN A 880 -44.13 26.34 31.63
N ILE A 881 -43.78 25.43 32.54
CA ILE A 881 -44.74 24.49 33.12
C ILE A 881 -44.10 23.85 34.36
N PRO A 882 -44.87 23.58 35.41
CA PRO A 882 -44.32 22.84 36.56
C PRO A 882 -43.88 21.43 36.18
N PHE A 883 -42.85 20.94 36.88
CA PHE A 883 -42.31 19.62 36.60
C PHE A 883 -43.31 18.48 36.79
N PRO A 884 -44.11 18.43 37.86
CA PRO A 884 -45.08 17.32 37.99
C PRO A 884 -46.06 17.24 36.84
N MET A 885 -46.49 18.38 36.29
CA MET A 885 -47.36 18.35 35.13
C MET A 885 -46.66 17.74 33.92
N GLN A 886 -45.38 18.06 33.74
CA GLN A 886 -44.59 17.45 32.68
C GLN A 886 -44.52 15.94 32.86
N MET A 887 -44.28 15.49 34.09
CA MET A 887 -44.23 14.06 34.35
C MET A 887 -45.57 13.40 34.08
N ALA A 888 -46.67 14.06 34.44
CA ALA A 888 -47.99 13.51 34.16
C ALA A 888 -48.23 13.38 32.66
N TYR A 889 -47.81 14.38 31.89
CA TYR A 889 -47.99 14.31 30.44
C TYR A 889 -47.16 13.20 29.82
N ARG A 890 -45.91 13.04 30.29
CA ARG A 890 -45.09 11.94 29.79
C ARG A 890 -45.66 10.58 30.20
N PHE A 891 -46.29 10.50 31.37
CA PHE A 891 -47.00 9.29 31.76
C PHE A 891 -48.15 9.00 30.81
N ASN A 892 -48.93 10.04 30.48
CA ASN A 892 -50.04 9.89 29.54
C ASN A 892 -49.55 9.54 28.14
N GLY A 893 -48.29 9.83 27.84
CA GLY A 893 -47.74 9.50 26.53
C GLY A 893 -47.61 8.01 26.24
N ILE A 894 -47.59 7.17 27.28
CA ILE A 894 -47.39 5.74 27.11
C ILE A 894 -48.64 4.95 27.49
N GLY A 895 -49.77 5.62 27.69
CA GLY A 895 -51.02 4.92 27.94
C GLY A 895 -51.34 4.64 29.39
N VAL A 896 -50.98 5.56 30.28
CA VAL A 896 -51.31 5.46 31.69
C VAL A 896 -52.02 6.74 32.10
N THR A 897 -53.12 6.61 32.84
CA THR A 897 -53.92 7.77 33.19
C THR A 897 -53.16 8.69 34.14
N GLN A 898 -53.58 9.95 34.17
CA GLN A 898 -52.88 10.96 34.95
C GLN A 898 -52.97 10.69 36.45
N ASN A 899 -54.12 10.23 36.92
CA ASN A 899 -54.35 10.12 38.35
C ASN A 899 -53.40 9.14 39.02
N VAL A 900 -52.73 8.28 38.25
CA VAL A 900 -51.74 7.39 38.82
C VAL A 900 -50.59 8.19 39.42
N LEU A 901 -50.15 9.25 38.75
CA LEU A 901 -48.98 9.99 39.22
C LEU A 901 -49.33 10.85 40.43
N TYR A 902 -50.48 11.52 40.41
CA TYR A 902 -50.81 12.44 41.49
C TYR A 902 -51.08 11.74 42.81
N GLU A 903 -51.35 10.44 42.79
CA GLU A 903 -51.58 9.67 44.00
C GLU A 903 -50.36 8.89 44.47
N ASN A 904 -49.23 9.01 43.77
CA ASN A 904 -48.03 8.26 44.12
C ASN A 904 -46.76 9.11 43.97
N GLN A 905 -46.86 10.42 44.23
CA GLN A 905 -45.76 11.34 43.93
C GLN A 905 -44.50 11.01 44.74
N LYS A 906 -44.65 10.84 46.05
CA LYS A 906 -43.50 10.67 46.93
C LYS A 906 -42.73 9.40 46.62
N LEU A 907 -43.44 8.31 46.34
CA LEU A 907 -42.78 7.04 46.01
C LEU A 907 -41.92 7.18 44.77
N ILE A 908 -42.44 7.83 43.73
CA ILE A 908 -41.69 8.00 42.49
C ILE A 908 -40.46 8.86 42.72
N ALA A 909 -40.63 9.94 43.50
CA ALA A 909 -39.48 10.80 43.80
C ALA A 909 -38.38 10.01 44.52
N ASN A 910 -38.76 9.22 45.52
CA ASN A 910 -37.77 8.46 46.28
C ASN A 910 -37.06 7.44 45.39
N GLN A 911 -37.82 6.76 44.52
CA GLN A 911 -37.20 5.80 43.61
C GLN A 911 -36.19 6.47 42.70
N PHE A 912 -36.55 7.64 42.16
CA PHE A 912 -35.65 8.38 41.28
C PHE A 912 -34.35 8.73 42.00
N ASN A 913 -34.46 9.25 43.22
CA ASN A 913 -33.26 9.64 43.96
C ASN A 913 -32.37 8.43 44.25
N SER A 914 -32.98 7.32 44.68
CA SER A 914 -32.20 6.12 44.98
C SER A 914 -31.49 5.61 43.74
N ALA A 915 -32.16 5.66 42.59
CA ALA A 915 -31.51 5.21 41.35
C ALA A 915 -30.30 6.07 41.02
N ILE A 916 -30.41 7.39 41.19
CA ILE A 916 -29.27 8.26 40.91
C ILE A 916 -28.09 7.91 41.83
N GLY A 917 -28.37 7.72 43.12
CA GLY A 917 -27.30 7.33 44.03
C GLY A 917 -26.63 6.03 43.64
N LYS A 918 -27.44 5.03 43.25
CA LYS A 918 -26.88 3.75 42.84
C LYS A 918 -26.03 3.91 41.58
N ILE A 919 -26.42 4.79 40.68
CA ILE A 919 -25.62 5.04 39.48
C ILE A 919 -24.25 5.56 39.86
N GLN A 920 -24.21 6.54 40.78
CA GLN A 920 -22.92 7.07 41.18
C GLN A 920 -22.06 6.01 41.86
N ASP A 921 -22.66 5.19 42.72
CA ASP A 921 -21.87 4.16 43.40
C ASP A 921 -21.33 3.13 42.41
N SER A 922 -22.16 2.70 41.45
CA SER A 922 -21.71 1.75 40.45
C SER A 922 -20.58 2.32 39.59
N LEU A 923 -20.68 3.59 39.22
CA LEU A 923 -19.61 4.21 38.45
C LEU A 923 -18.32 4.25 39.25
N SER A 924 -18.40 4.61 40.53
CA SER A 924 -17.19 4.74 41.34
C SER A 924 -16.54 3.40 41.61
N SER A 925 -17.34 2.36 41.86
CA SER A 925 -16.77 1.08 42.31
C SER A 925 -16.13 0.31 41.18
N THR A 926 -16.85 0.04 40.11
CA THR A 926 -16.32 -0.76 39.01
C THR A 926 -15.23 0.00 38.28
N PRO A 927 -14.02 -0.53 38.17
CA PRO A 927 -12.91 0.22 37.57
C PRO A 927 -12.98 0.34 36.05
N SER A 928 -13.31 -0.75 35.36
CA SER A 928 -13.15 -0.83 33.91
C SER A 928 -14.52 -0.83 33.23
N ALA A 929 -15.02 0.37 32.92
CA ALA A 929 -16.25 0.51 32.15
C ALA A 929 -16.17 1.56 31.06
N LEU A 930 -15.09 2.34 30.98
CA LEU A 930 -14.90 3.36 29.95
C LEU A 930 -13.96 2.87 28.85
N GLY A 931 -14.02 1.58 28.52
CA GLY A 931 -13.04 0.98 27.64
C GLY A 931 -13.14 1.40 26.19
N LYS A 932 -14.31 1.91 25.78
CA LYS A 932 -14.51 2.26 24.38
C LYS A 932 -13.62 3.41 23.93
N LEU A 933 -13.31 4.34 24.83
CA LEU A 933 -12.44 5.47 24.50
C LEU A 933 -10.96 5.13 24.70
N GLN A 934 -10.65 4.37 25.74
CA GLN A 934 -9.30 3.86 25.93
C GLN A 934 -8.86 3.02 24.75
N ASP A 935 -9.79 2.32 24.10
CA ASP A 935 -9.46 1.56 22.90
C ASP A 935 -8.90 2.48 21.81
N VAL A 936 -9.57 3.60 21.56
CA VAL A 936 -9.14 4.53 20.53
C VAL A 936 -7.77 5.10 20.87
N VAL A 937 -7.60 5.50 22.14
CA VAL A 937 -6.31 6.07 22.55
C VAL A 937 -5.20 5.05 22.36
N ASN A 938 -5.43 3.80 22.76
CA ASN A 938 -4.41 2.77 22.63
C ASN A 938 -4.06 2.51 21.17
N GLN A 939 -5.07 2.46 20.29
CA GLN A 939 -4.80 2.23 18.88
C GLN A 939 -3.93 3.33 18.30
N ASN A 940 -4.26 4.58 18.61
CA ASN A 940 -3.47 5.70 18.09
C ASN A 940 -2.03 5.65 18.60
N ALA A 941 -1.86 5.38 19.90
CA ALA A 941 -0.51 5.33 20.45
C ALA A 941 0.30 4.21 19.84
N GLN A 942 -0.32 3.05 19.61
CA GLN A 942 0.39 1.94 18.98
C GLN A 942 0.84 2.29 17.56
N ALA A 943 -0.04 2.92 16.78
CA ALA A 943 0.33 3.29 15.42
C ALA A 943 1.48 4.28 15.40
N LEU A 944 1.43 5.29 16.27
CA LEU A 944 2.51 6.28 16.30
C LEU A 944 3.84 5.65 16.74
N ASN A 945 3.79 4.74 17.73
CA ASN A 945 5.01 4.08 18.17
C ASN A 945 5.62 3.26 17.05
N THR A 946 4.79 2.55 16.28
CA THR A 946 5.32 1.78 15.15
C THR A 946 5.96 2.70 14.11
N LEU A 947 5.31 3.84 13.82
CA LEU A 947 5.87 4.76 12.85
C LEU A 947 7.23 5.29 13.31
N VAL A 948 7.36 5.59 14.61
CA VAL A 948 8.65 6.06 15.10
C VAL A 948 9.69 4.96 15.05
N LYS A 949 9.29 3.72 15.37
CA LYS A 949 10.25 2.62 15.39
C LYS A 949 10.73 2.22 14.00
N GLN A 950 9.94 2.49 12.97
CA GLN A 950 10.39 2.07 11.63
C GLN A 950 11.61 2.87 11.09
N LEU A 951 12.27 3.74 11.83
CA LEU A 951 13.40 4.51 11.34
C LEU A 951 14.74 3.83 11.62
N SER A 952 14.76 2.66 12.25
CA SER A 952 15.99 1.99 12.63
C SER A 952 16.37 0.85 11.69
N SER A 953 15.68 0.70 10.57
CA SER A 953 15.90 -0.42 9.68
C SER A 953 16.99 -0.11 8.66
N ASN A 954 17.47 -1.17 8.01
CA ASN A 954 18.53 -1.07 7.01
C ASN A 954 17.98 -0.92 5.59
N PHE A 955 17.01 -1.74 5.23
CA PHE A 955 16.46 -1.83 3.88
C PHE A 955 17.52 -2.22 2.85
N GLY A 956 18.58 -2.90 3.28
CA GLY A 956 19.63 -3.34 2.41
C GLY A 956 20.84 -2.44 2.35
N ALA A 957 20.71 -1.20 2.83
CA ALA A 957 21.83 -0.27 2.81
C ALA A 957 22.88 -0.68 3.84
N ILE A 958 24.07 -0.09 3.71
CA ILE A 958 25.18 -0.45 4.60
C ILE A 958 24.99 0.07 6.02
N SER A 959 24.06 0.99 6.24
CA SER A 959 23.86 1.55 7.58
C SER A 959 22.44 2.13 7.64
N SER A 960 22.17 2.89 8.68
CA SER A 960 20.88 3.54 8.85
C SER A 960 20.99 5.03 9.16
N VAL A 961 22.19 5.56 9.32
CA VAL A 961 22.42 6.97 9.61
C VAL A 961 22.94 7.63 8.34
N LEU A 962 22.28 8.71 7.92
CA LEU A 962 22.63 9.38 6.68
C LEU A 962 24.03 9.98 6.75
N ASN A 963 24.36 10.63 7.86
CA ASN A 963 25.67 11.26 7.98
C ASN A 963 26.79 10.22 7.98
N ASP A 964 26.54 9.03 8.53
CA ASP A 964 27.53 7.97 8.49
C ASP A 964 27.85 7.58 7.04
N ILE A 965 26.82 7.43 6.21
CA ILE A 965 27.04 7.10 4.80
C ILE A 965 27.75 8.25 4.10
N LEU A 966 27.31 9.48 4.34
CA LEU A 966 27.89 10.62 3.65
C LEU A 966 29.33 10.88 4.08
N SER A 967 29.74 10.38 5.23
CA SER A 967 31.08 10.62 5.74
C SER A 967 32.08 9.54 5.34
N ARG A 968 31.68 8.60 4.49
CA ARG A 968 32.55 7.50 4.11
C ARG A 968 32.80 7.37 2.62
N LEU A 969 31.82 7.67 1.77
CA LEU A 969 31.91 7.36 0.36
C LEU A 969 31.84 8.64 -0.49
N ASP A 970 31.83 8.44 -1.80
CA ASP A 970 31.75 9.39 -2.90
C ASP A 970 30.40 9.28 -3.61
N PRO A 971 29.93 10.34 -4.27
CA PRO A 971 28.47 10.56 -4.43
C PRO A 971 27.72 9.41 -5.09
N PRO A 972 28.21 8.81 -6.18
CA PRO A 972 27.35 7.83 -6.90
C PRO A 972 26.88 6.64 -6.07
N GLU A 973 27.71 6.07 -5.19
CA GLU A 973 27.24 4.93 -4.40
C GLU A 973 26.33 5.37 -3.26
N ALA A 974 26.66 6.50 -2.63
CA ALA A 974 25.79 7.07 -1.63
C ALA A 974 24.40 7.34 -2.21
N GLU A 975 24.34 7.67 -3.49
CA GLU A 975 23.05 7.86 -4.14
C GLU A 975 22.21 6.59 -4.12
N VAL A 976 22.84 5.45 -4.41
CA VAL A 976 22.12 4.17 -4.40
C VAL A 976 21.61 3.86 -3.01
N GLN A 977 22.47 4.00 -2.00
CA GLN A 977 22.05 3.69 -0.63
C GLN A 977 20.90 4.61 -0.19
N ILE A 978 21.02 5.90 -0.48
CA ILE A 978 19.97 6.86 -0.14
C ILE A 978 18.67 6.50 -0.84
N ASP A 979 18.76 6.02 -2.08
CA ASP A 979 17.56 5.62 -2.81
C ASP A 979 16.83 4.49 -2.10
N ARG A 980 17.58 3.47 -1.65
CA ARG A 980 16.95 2.38 -0.91
C ARG A 980 16.24 2.89 0.33
N LEU A 981 16.93 3.75 1.10
CA LEU A 981 16.33 4.29 2.32
C LEU A 981 15.05 5.05 2.01
N ILE A 982 15.07 5.89 0.98
CA ILE A 982 13.92 6.72 0.62
C ILE A 982 12.73 5.85 0.27
N THR A 983 12.96 4.80 -0.54
CA THR A 983 11.85 3.93 -0.93
C THR A 983 11.19 3.30 0.29
N GLY A 984 11.99 2.77 1.21
CA GLY A 984 11.41 2.16 2.40
C GLY A 984 10.58 3.14 3.21
N ARG A 985 11.12 4.32 3.46
CA ARG A 985 10.42 5.27 4.31
C ARG A 985 9.12 5.74 3.67
N LEU A 986 9.13 5.94 2.34
CA LEU A 986 7.91 6.32 1.64
C LEU A 986 6.83 5.26 1.80
N GLN A 987 7.20 3.98 1.66
CA GLN A 987 6.19 2.93 1.83
C GLN A 987 5.58 2.95 3.23
N SER A 988 6.43 3.14 4.24
CA SER A 988 5.91 3.18 5.62
C SER A 988 4.90 4.32 5.79
N LEU A 989 5.24 5.50 5.28
CA LEU A 989 4.35 6.65 5.43
C LEU A 989 3.00 6.40 4.76
N GLN A 990 3.02 5.81 3.55
CA GLN A 990 1.77 5.56 2.84
C GLN A 990 0.87 4.61 3.64
N THR A 991 1.45 3.55 4.20
CA THR A 991 0.65 2.61 4.99
C THR A 991 -0.03 3.33 6.16
N TYR A 992 0.73 4.17 6.87
CA TYR A 992 0.17 4.89 8.01
C TYR A 992 -1.04 5.74 7.59
N VAL A 993 -0.89 6.46 6.47
CA VAL A 993 -1.97 7.35 6.04
C VAL A 993 -3.23 6.56 5.72
N THR A 994 -3.08 5.42 5.03
CA THR A 994 -4.26 4.63 4.67
C THR A 994 -5.02 4.17 5.92
N GLN A 995 -4.28 3.64 6.91
CA GLN A 995 -4.96 3.16 8.12
C GLN A 995 -5.71 4.30 8.81
N GLN A 996 -5.09 5.49 8.86
CA GLN A 996 -5.75 6.62 9.51
C GLN A 996 -7.04 6.97 8.79
N LEU A 997 -7.06 6.95 7.46
CA LEU A 997 -8.28 7.28 6.73
C LEU A 997 -9.42 6.33 7.08
N ILE A 998 -9.12 5.03 7.15
CA ILE A 998 -10.19 4.07 7.45
C ILE A 998 -10.73 4.30 8.87
N ARG A 999 -9.84 4.53 9.83
CA ARG A 999 -10.30 4.77 11.20
C ARG A 999 -11.15 6.03 11.28
N ALA A 1000 -10.80 7.06 10.51
CA ALA A 1000 -11.59 8.29 10.49
C ALA A 1000 -13.00 8.02 10.00
N ALA A 1001 -13.15 7.18 8.97
CA ALA A 1001 -14.49 6.85 8.50
C ALA A 1001 -15.32 6.18 9.60
N GLU A 1002 -14.72 5.24 10.32
CA GLU A 1002 -15.44 4.59 11.41
C GLU A 1002 -15.90 5.58 12.48
N ILE A 1003 -15.00 6.48 12.89
CA ILE A 1003 -15.35 7.45 13.92
C ILE A 1003 -16.46 8.37 13.45
N ARG A 1004 -16.46 8.73 12.16
CA ARG A 1004 -17.53 9.58 11.64
C ARG A 1004 -18.88 8.89 11.73
N ALA A 1005 -18.92 7.59 11.42
CA ALA A 1005 -20.18 6.87 11.57
C ALA A 1005 -20.69 6.91 13.01
N SER A 1006 -19.78 6.70 13.97
CA SER A 1006 -20.18 6.78 15.38
C SER A 1006 -20.72 8.17 15.73
N ALA A 1007 -20.06 9.21 15.24
CA ALA A 1007 -20.49 10.57 15.56
C ALA A 1007 -21.88 10.87 15.02
N ASN A 1008 -22.17 10.40 13.80
CA ASN A 1008 -23.52 10.59 13.25
C ASN A 1008 -24.57 9.90 14.11
N LEU A 1009 -24.28 8.66 14.54
CA LEU A 1009 -25.24 7.98 15.42
C LEU A 1009 -25.46 8.76 16.71
N ALA A 1010 -24.39 9.30 17.29
CA ALA A 1010 -24.53 10.05 18.54
C ALA A 1010 -25.37 11.31 18.34
N ALA A 1011 -25.17 12.00 17.20
CA ALA A 1011 -25.97 13.19 16.95
C ALA A 1011 -27.45 12.85 16.82
N THR A 1012 -27.77 11.75 16.12
CA THR A 1012 -29.18 11.36 16.02
C THR A 1012 -29.77 11.04 17.38
N LYS A 1013 -29.02 10.31 18.20
CA LYS A 1013 -29.52 9.95 19.54
C LYS A 1013 -29.75 11.19 20.39
N MET A 1014 -28.85 12.16 20.32
CA MET A 1014 -29.06 13.40 21.06
C MET A 1014 -30.29 14.14 20.56
N SER A 1015 -30.51 14.15 19.25
CA SER A 1015 -31.67 14.85 18.70
C SER A 1015 -32.98 14.21 19.14
N GLU A 1016 -33.05 12.89 19.19
CA GLU A 1016 -34.35 12.24 19.36
C GLU A 1016 -34.73 11.93 20.81
N CYS A 1017 -33.78 11.55 21.67
CA CYS A 1017 -34.16 11.17 23.03
C CYS A 1017 -34.21 12.38 23.97
N VAL A 1018 -33.25 13.30 23.87
CA VAL A 1018 -33.22 14.43 24.79
C VAL A 1018 -34.35 15.41 24.50
N LEU A 1019 -34.65 15.63 23.23
CA LEU A 1019 -35.72 16.55 22.82
C LEU A 1019 -36.91 15.73 22.34
N GLY A 1020 -37.77 15.34 23.27
CA GLY A 1020 -39.00 14.63 22.95
C GLY A 1020 -38.99 13.21 23.47
N GLN A 1021 -40.14 12.56 23.32
CA GLN A 1021 -40.37 11.20 23.77
C GLN A 1021 -40.45 10.29 22.56
N SER A 1022 -39.71 9.18 22.61
CA SER A 1022 -39.53 8.30 21.46
C SER A 1022 -40.37 7.05 21.59
N LYS A 1023 -41.05 6.69 20.50
CA LYS A 1023 -41.87 5.49 20.44
C LYS A 1023 -41.14 4.28 19.88
N ARG A 1024 -39.89 4.44 19.45
CA ARG A 1024 -39.14 3.34 18.88
C ARG A 1024 -38.67 2.40 19.98
N VAL A 1025 -38.77 1.10 19.71
CA VAL A 1025 -38.40 0.10 20.71
C VAL A 1025 -36.89 -0.03 20.78
N ASP A 1026 -36.35 0.02 22.00
CA ASP A 1026 -34.94 -0.20 22.29
C ASP A 1026 -34.02 0.87 21.71
N PHE A 1027 -34.55 2.04 21.35
CA PHE A 1027 -33.68 3.13 20.90
C PHE A 1027 -33.08 3.87 22.09
N CYS A 1028 -33.93 4.42 22.96
CA CYS A 1028 -33.47 5.13 24.15
C CYS A 1028 -33.86 4.30 25.36
N GLY A 1029 -33.01 3.35 25.72
CA GLY A 1029 -33.17 2.59 26.94
C GLY A 1029 -33.91 1.28 26.75
N LYS A 1030 -34.16 0.62 27.89
CA LYS A 1030 -34.87 -0.65 27.93
C LYS A 1030 -36.18 -0.45 28.68
N GLY A 1031 -37.29 -0.74 28.02
CA GLY A 1031 -38.61 -0.47 28.56
C GLY A 1031 -39.28 0.69 27.85
N TYR A 1032 -40.23 1.30 28.55
CA TYR A 1032 -40.97 2.44 28.02
C TYR A 1032 -40.22 3.72 28.38
N HIS A 1033 -39.93 4.54 27.37
CA HIS A 1033 -39.06 5.70 27.54
C HIS A 1033 -39.83 6.88 28.14
N LEU A 1034 -39.17 7.59 29.06
CA LEU A 1034 -39.73 8.79 29.67
C LEU A 1034 -38.91 10.04 29.38
N MET A 1035 -37.63 10.06 29.69
CA MET A 1035 -36.79 11.23 29.47
C MET A 1035 -35.32 10.82 29.56
N SER A 1036 -34.44 11.75 29.18
CA SER A 1036 -33.01 11.49 29.14
C SER A 1036 -32.22 12.75 29.46
N PHE A 1037 -30.97 12.56 29.90
CA PHE A 1037 -30.09 13.66 30.28
C PHE A 1037 -28.68 13.45 29.70
N PRO A 1038 -28.05 14.50 29.20
CA PRO A 1038 -26.68 14.36 28.67
C PRO A 1038 -25.59 14.71 29.67
N GLN A 1039 -24.42 14.10 29.53
CA GLN A 1039 -23.24 14.47 30.30
C GLN A 1039 -22.02 14.40 29.40
N SER A 1040 -20.97 15.14 29.77
CA SER A 1040 -19.80 15.32 28.92
C SER A 1040 -18.62 14.50 29.43
N ALA A 1041 -17.97 13.78 28.54
CA ALA A 1041 -16.80 12.97 28.81
C ALA A 1041 -15.72 13.29 27.77
N PRO A 1042 -14.45 13.08 28.11
CA PRO A 1042 -13.38 13.40 27.15
C PRO A 1042 -13.49 12.56 25.89
N HIS A 1043 -13.61 13.24 24.75
CA HIS A 1043 -13.72 12.64 23.43
C HIS A 1043 -14.99 11.83 23.24
N GLY A 1044 -16.07 12.15 23.95
CA GLY A 1044 -17.28 11.39 23.82
C GLY A 1044 -18.43 11.99 24.61
N VAL A 1045 -19.44 11.18 24.87
CA VAL A 1045 -20.65 11.62 25.55
C VAL A 1045 -21.26 10.43 26.28
N VAL A 1046 -21.97 10.72 27.37
CA VAL A 1046 -22.59 9.69 28.21
C VAL A 1046 -24.07 10.06 28.41
N PHE A 1047 -24.96 9.09 28.21
CA PHE A 1047 -26.40 9.31 28.25
C PHE A 1047 -27.03 8.61 29.45
N LEU A 1048 -28.06 9.24 30.01
CA LEU A 1048 -28.81 8.71 31.15
C LEU A 1048 -30.27 8.55 30.73
N HIS A 1049 -30.78 7.33 30.81
CA HIS A 1049 -32.12 7.01 30.31
C HIS A 1049 -33.03 6.64 31.46
N VAL A 1050 -34.24 7.21 31.46
CA VAL A 1050 -35.25 6.93 32.48
C VAL A 1050 -36.39 6.17 31.81
N THR A 1051 -36.73 5.00 32.37
CA THR A 1051 -37.72 4.10 31.80
C THR A 1051 -38.69 3.61 32.86
N TYR A 1052 -39.71 2.88 32.41
CA TYR A 1052 -40.82 2.43 33.24
C TYR A 1052 -41.02 0.94 33.02
N VAL A 1053 -40.98 0.16 34.10
CA VAL A 1053 -41.14 -1.29 34.02
C VAL A 1053 -42.20 -1.77 35.01
N PRO A 1054 -43.09 -2.67 34.61
CA PRO A 1054 -44.12 -3.17 35.54
C PRO A 1054 -43.70 -4.45 36.25
N ALA A 1055 -44.49 -4.82 37.26
CA ALA A 1055 -44.21 -6.00 38.05
C ALA A 1055 -45.46 -6.42 38.83
N GLN A 1056 -45.36 -7.57 39.49
CA GLN A 1056 -46.40 -8.09 40.40
C GLN A 1056 -47.73 -8.31 39.66
N GLU A 1057 -47.71 -9.30 38.75
CA GLU A 1057 -48.84 -9.59 37.89
C GLU A 1057 -49.79 -10.62 38.51
N LYS A 1058 -51.05 -10.59 38.06
CA LYS A 1058 -52.12 -11.45 38.54
C LYS A 1058 -52.92 -11.98 37.36
N ASN A 1059 -53.36 -13.23 37.43
CA ASN A 1059 -53.95 -13.93 36.29
C ASN A 1059 -55.28 -13.40 35.76
N PHE A 1060 -56.38 -13.57 36.52
CA PHE A 1060 -57.73 -13.21 36.08
C PHE A 1060 -58.21 -14.04 34.89
N THR A 1061 -59.51 -13.97 34.58
CA THR A 1061 -60.08 -14.61 33.40
C THR A 1061 -60.79 -13.56 32.55
N THR A 1062 -60.92 -13.82 31.25
CA THR A 1062 -61.35 -12.80 30.30
C THR A 1062 -62.31 -13.38 29.27
N ALA A 1063 -63.03 -12.48 28.61
CA ALA A 1063 -63.95 -12.75 27.52
C ALA A 1063 -63.88 -11.61 26.52
N PRO A 1064 -64.19 -11.86 25.25
CA PRO A 1064 -64.04 -10.80 24.23
C PRO A 1064 -65.25 -9.93 23.98
N ALA A 1065 -66.45 -10.30 24.45
CA ALA A 1065 -67.63 -9.49 24.21
C ALA A 1065 -68.71 -9.84 25.22
N ILE A 1066 -69.72 -8.97 25.30
CA ILE A 1066 -70.86 -9.12 26.20
C ILE A 1066 -72.13 -8.99 25.38
N CYS A 1067 -73.04 -9.95 25.52
CA CYS A 1067 -74.33 -9.91 24.82
C CYS A 1067 -75.42 -9.59 25.84
N HIS A 1068 -75.98 -8.38 25.72
CA HIS A 1068 -77.09 -7.94 26.58
C HIS A 1068 -78.21 -7.45 25.69
N ASP A 1069 -79.45 -7.86 26.02
CA ASP A 1069 -80.63 -7.51 25.25
C ASP A 1069 -80.52 -7.98 23.80
N GLY A 1070 -79.77 -9.05 23.56
CA GLY A 1070 -79.61 -9.54 22.20
C GLY A 1070 -78.70 -8.72 21.32
N LYS A 1071 -77.85 -7.87 21.90
CA LYS A 1071 -76.90 -7.08 21.13
C LYS A 1071 -75.51 -7.24 21.73
N ALA A 1072 -74.50 -7.05 20.90
CA ALA A 1072 -73.11 -7.27 21.29
C ALA A 1072 -72.47 -5.95 21.71
N HIS A 1073 -71.82 -5.96 22.87
CA HIS A 1073 -71.14 -4.79 23.41
C HIS A 1073 -69.63 -5.02 23.45
N PHE A 1074 -68.87 -4.00 23.04
CA PHE A 1074 -67.43 -4.07 22.97
C PHE A 1074 -66.80 -2.99 23.86
N PRO A 1075 -65.61 -3.23 24.40
CA PRO A 1075 -64.96 -2.21 25.24
C PRO A 1075 -64.49 -1.02 24.41
N ARG A 1076 -64.35 0.12 25.09
CA ARG A 1076 -63.90 1.34 24.43
C ARG A 1076 -62.38 1.39 24.28
N GLU A 1077 -61.63 1.37 25.39
CA GLU A 1077 -60.18 1.19 25.28
C GLU A 1077 -59.65 0.20 26.33
N GLY A 1078 -60.51 -0.66 26.89
CA GLY A 1078 -60.06 -1.51 27.96
C GLY A 1078 -60.10 -2.99 27.68
N VAL A 1079 -60.33 -3.79 28.73
CA VAL A 1079 -60.38 -5.24 28.63
C VAL A 1079 -61.28 -5.76 29.74
N PHE A 1080 -62.06 -6.79 29.43
CA PHE A 1080 -63.02 -7.37 30.37
C PHE A 1080 -62.34 -8.43 31.22
N VAL A 1081 -62.49 -8.33 32.54
CA VAL A 1081 -61.88 -9.26 33.48
C VAL A 1081 -62.91 -9.72 34.49
N SER A 1082 -62.65 -10.87 35.11
CA SER A 1082 -63.49 -11.41 36.15
C SER A 1082 -62.66 -11.93 37.31
N ASN A 1083 -63.26 -11.93 38.50
CA ASN A 1083 -62.62 -12.44 39.71
C ASN A 1083 -63.39 -13.60 40.30
N GLY A 1084 -64.01 -14.42 39.45
CA GLY A 1084 -65.02 -15.34 39.94
C GLY A 1084 -66.42 -14.89 39.59
N THR A 1085 -67.12 -14.27 40.53
CA THR A 1085 -68.54 -13.99 40.40
C THR A 1085 -68.86 -12.55 40.02
N HIS A 1086 -67.94 -11.84 39.38
CA HIS A 1086 -68.21 -10.46 38.98
C HIS A 1086 -67.37 -10.09 37.75
N TRP A 1087 -67.92 -9.21 36.92
CA TRP A 1087 -67.27 -8.74 35.70
C TRP A 1087 -67.00 -7.25 35.79
N PHE A 1088 -65.79 -6.84 35.40
CA PHE A 1088 -65.39 -5.43 35.42
C PHE A 1088 -64.65 -5.09 34.13
N VAL A 1089 -64.23 -3.84 34.01
CA VAL A 1089 -63.45 -3.35 32.88
C VAL A 1089 -62.27 -2.56 33.42
N THR A 1090 -61.08 -2.80 32.86
CA THR A 1090 -59.86 -2.18 33.33
C THR A 1090 -58.97 -1.80 32.16
N GLN A 1091 -57.86 -1.13 32.46
CA GLN A 1091 -56.91 -0.71 31.45
C GLN A 1091 -55.73 -1.69 31.39
N ARG A 1092 -54.91 -1.52 30.36
CA ARG A 1092 -53.89 -2.51 30.04
C ARG A 1092 -52.81 -2.60 31.12
N ASN A 1093 -52.17 -1.49 31.43
CA ASN A 1093 -50.92 -1.48 32.17
C ASN A 1093 -51.09 -1.25 33.66
N PHE A 1094 -52.32 -1.19 34.17
CA PHE A 1094 -52.55 -0.99 35.59
C PHE A 1094 -53.93 -1.53 35.95
N TYR A 1095 -54.00 -2.28 37.03
CA TYR A 1095 -55.25 -2.90 37.45
C TYR A 1095 -56.12 -1.86 38.17
N GLU A 1096 -57.16 -1.40 37.50
CA GLU A 1096 -58.13 -0.47 38.09
C GLU A 1096 -59.53 -0.91 37.66
N PRO A 1097 -60.17 -1.76 38.44
CA PRO A 1097 -61.51 -2.23 38.06
C PRO A 1097 -62.55 -1.13 38.14
N GLN A 1098 -63.52 -1.19 37.25
CA GLN A 1098 -64.61 -0.23 37.19
C GLN A 1098 -65.90 -0.95 36.85
N ILE A 1099 -67.00 -0.20 36.75
CA ILE A 1099 -68.33 -0.75 36.54
C ILE A 1099 -68.74 -0.53 35.09
N ILE A 1100 -69.30 -1.56 34.47
CA ILE A 1100 -69.65 -1.49 33.06
C ILE A 1100 -70.95 -0.70 32.90
N THR A 1101 -70.90 0.37 32.11
CA THR A 1101 -72.08 1.20 31.84
C THR A 1101 -72.08 1.52 30.35
N THR A 1102 -72.96 2.45 29.95
CA THR A 1102 -73.07 2.85 28.56
C THR A 1102 -72.13 4.01 28.21
N ASP A 1103 -71.07 4.20 28.99
CA ASP A 1103 -70.09 5.25 28.71
C ASP A 1103 -68.72 4.71 28.36
N ASN A 1104 -68.43 3.45 28.66
CA ASN A 1104 -67.17 2.81 28.30
C ASN A 1104 -67.37 1.61 27.38
N THR A 1105 -68.47 1.59 26.63
CA THR A 1105 -68.77 0.51 25.70
C THR A 1105 -69.47 1.08 24.47
N PHE A 1106 -69.42 0.34 23.37
CA PHE A 1106 -70.19 0.67 22.17
C PHE A 1106 -70.77 -0.61 21.58
N VAL A 1107 -71.87 -0.44 20.84
CA VAL A 1107 -72.70 -1.55 20.36
C VAL A 1107 -72.45 -1.76 18.87
N SER A 1108 -72.45 -3.02 18.45
CA SER A 1108 -72.29 -3.35 17.03
C SER A 1108 -72.91 -4.71 16.76
N GLY A 1109 -74.12 -4.72 16.20
CA GLY A 1109 -74.74 -5.94 15.72
C GLY A 1109 -75.22 -6.84 16.84
N ASN A 1110 -75.82 -7.96 16.43
CA ASN A 1110 -76.30 -8.97 17.36
C ASN A 1110 -75.22 -10.02 17.62
N CYS A 1111 -75.43 -10.83 18.65
CA CYS A 1111 -74.38 -11.68 19.19
C CYS A 1111 -74.43 -13.11 18.67
N ASP A 1112 -74.79 -13.30 17.41
CA ASP A 1112 -74.79 -14.62 16.78
C ASP A 1112 -73.54 -14.89 15.95
N VAL A 1113 -72.60 -13.96 15.89
CA VAL A 1113 -71.45 -14.06 15.01
C VAL A 1113 -70.16 -14.37 15.77
N VAL A 1114 -69.93 -13.67 16.89
CA VAL A 1114 -68.66 -13.80 17.60
C VAL A 1114 -68.50 -15.20 18.18
N ILE A 1115 -67.26 -15.62 18.32
CA ILE A 1115 -66.92 -16.93 18.87
C ILE A 1115 -66.44 -16.71 20.30
N GLY A 1116 -67.30 -16.97 21.27
CA GLY A 1116 -66.98 -16.74 22.66
C GLY A 1116 -67.62 -15.48 23.18
N ILE A 1117 -68.73 -15.62 23.90
CA ILE A 1117 -69.48 -14.47 24.40
C ILE A 1117 -70.22 -14.92 25.65
N VAL A 1118 -70.35 -14.00 26.61
CA VAL A 1118 -70.92 -14.33 27.90
C VAL A 1118 -72.08 -13.41 28.22
N ASN A 1119 -72.95 -13.85 29.12
CA ASN A 1119 -74.17 -13.15 29.49
C ASN A 1119 -73.91 -12.38 30.79
N ASN A 1120 -74.06 -11.06 30.74
CA ASN A 1120 -73.91 -10.24 31.93
C ASN A 1120 -74.57 -8.88 31.69
N THR A 1121 -75.16 -8.33 32.75
CA THR A 1121 -75.95 -7.11 32.63
C THR A 1121 -75.08 -5.88 32.47
N VAL A 1122 -75.58 -4.92 31.72
CA VAL A 1122 -74.93 -3.63 31.52
C VAL A 1122 -75.88 -2.54 32.03
N TYR A 1123 -75.39 -1.72 32.95
CA TYR A 1123 -76.23 -0.78 33.67
C TYR A 1123 -76.46 0.49 32.84
N ASP A 1124 -77.26 1.40 33.38
CA ASP A 1124 -77.65 2.62 32.70
C ASP A 1124 -77.38 3.74 33.69
N PRO A 1125 -76.56 4.74 33.34
CA PRO A 1125 -76.25 5.85 34.24
C PRO A 1125 -77.43 6.81 34.42
N ALA B 12 -6.74 -29.10 -54.85
CA ALA B 12 -8.11 -28.73 -54.54
C ALA B 12 -8.14 -28.17 -53.12
N TYR B 13 -9.34 -27.81 -52.66
CA TYR B 13 -9.50 -27.25 -51.32
C TYR B 13 -10.55 -28.03 -50.55
N THR B 14 -10.37 -28.10 -49.23
CA THR B 14 -11.35 -28.67 -48.34
C THR B 14 -11.22 -27.98 -46.99
N ASN B 15 -12.31 -28.01 -46.20
CA ASN B 15 -12.36 -27.33 -44.92
C ASN B 15 -12.02 -28.29 -43.80
N SER B 16 -11.06 -27.89 -42.96
CA SER B 16 -10.69 -28.66 -41.78
C SER B 16 -11.53 -28.17 -40.60
N PHE B 17 -12.39 -29.04 -40.08
CA PHE B 17 -13.37 -28.60 -39.08
C PHE B 17 -12.74 -28.47 -37.70
N THR B 18 -12.30 -29.59 -37.13
CA THR B 18 -11.63 -29.61 -35.82
C THR B 18 -10.47 -30.59 -35.94
N ARG B 19 -9.31 -30.08 -36.34
CA ARG B 19 -8.15 -30.91 -36.61
C ARG B 19 -6.91 -30.31 -35.98
N GLY B 20 -5.95 -31.17 -35.67
CA GLY B 20 -4.66 -30.73 -35.18
C GLY B 20 -4.66 -30.28 -33.74
N VAL B 21 -4.97 -31.19 -32.81
CA VAL B 21 -4.88 -30.92 -31.38
C VAL B 21 -3.97 -31.97 -30.75
N TYR B 22 -2.98 -31.53 -29.98
CA TYR B 22 -2.06 -32.43 -29.33
C TYR B 22 -1.85 -32.01 -27.88
N TYR B 23 -1.41 -32.95 -27.06
CA TYR B 23 -1.12 -32.65 -25.66
C TYR B 23 0.13 -31.78 -25.57
N PRO B 24 0.06 -30.58 -24.98
CA PRO B 24 1.23 -29.70 -25.00
C PRO B 24 2.34 -30.13 -24.06
N ASP B 25 1.99 -30.55 -22.83
CA ASP B 25 3.01 -30.84 -21.83
C ASP B 25 2.80 -32.24 -21.25
N LYS B 26 3.52 -32.55 -20.17
CA LYS B 26 3.53 -33.87 -19.56
C LYS B 26 2.94 -33.85 -18.17
N VAL B 27 1.82 -33.14 -17.99
CA VAL B 27 1.19 -32.99 -16.69
C VAL B 27 -0.21 -33.58 -16.75
N PHE B 28 -0.68 -34.09 -15.61
CA PHE B 28 -1.99 -34.72 -15.50
C PHE B 28 -2.92 -33.81 -14.72
N ARG B 29 -4.03 -33.42 -15.33
CA ARG B 29 -5.01 -32.52 -14.73
C ARG B 29 -6.40 -33.15 -14.83
N SER B 30 -7.19 -33.00 -13.77
CA SER B 30 -8.51 -33.62 -13.69
C SER B 30 -9.56 -32.54 -13.51
N SER B 31 -10.47 -32.43 -14.49
CA SER B 31 -11.64 -31.55 -14.41
C SER B 31 -11.23 -30.09 -14.22
N VAL B 32 -10.36 -29.59 -15.09
CA VAL B 32 -9.96 -28.19 -15.09
C VAL B 32 -10.02 -27.66 -16.51
N LEU B 33 -10.05 -26.33 -16.62
CA LEU B 33 -9.95 -25.62 -17.88
C LEU B 33 -8.65 -24.81 -17.87
N HIS B 34 -7.81 -25.03 -18.87
CA HIS B 34 -6.47 -24.44 -18.91
C HIS B 34 -6.26 -23.73 -20.24
N SER B 35 -5.44 -22.67 -20.19
CA SER B 35 -5.15 -21.85 -21.36
C SER B 35 -3.68 -21.96 -21.73
N THR B 36 -3.42 -22.15 -23.02
CA THR B 36 -2.07 -22.37 -23.53
C THR B 36 -1.81 -21.44 -24.71
N GLN B 37 -0.59 -21.49 -25.23
CA GLN B 37 -0.21 -20.66 -26.37
C GLN B 37 0.96 -21.33 -27.08
N ASP B 38 0.71 -21.89 -28.26
CA ASP B 38 1.72 -22.60 -29.03
C ASP B 38 1.31 -22.57 -30.51
N LEU B 39 1.95 -23.40 -31.32
CA LEU B 39 1.64 -23.50 -32.74
C LEU B 39 0.52 -24.51 -32.95
N PHE B 40 -0.59 -24.06 -33.51
CA PHE B 40 -1.75 -24.93 -33.72
C PHE B 40 -2.29 -24.69 -35.13
N LEU B 41 -3.25 -25.52 -35.52
CA LEU B 41 -3.94 -25.36 -36.80
C LEU B 41 -5.25 -24.66 -36.56
N PRO B 42 -5.47 -23.46 -37.10
CA PRO B 42 -6.71 -22.73 -36.81
C PRO B 42 -7.96 -23.49 -37.22
N PHE B 43 -9.02 -23.31 -36.45
CA PHE B 43 -10.29 -23.94 -36.73
C PHE B 43 -10.88 -23.40 -38.03
N PHE B 44 -11.46 -24.30 -38.82
CA PHE B 44 -12.20 -23.95 -40.03
C PHE B 44 -11.35 -23.18 -41.02
N SER B 45 -10.31 -23.85 -41.53
CA SER B 45 -9.46 -23.31 -42.58
C SER B 45 -9.40 -24.27 -43.75
N ASN B 46 -8.71 -23.85 -44.80
CA ASN B 46 -8.65 -24.60 -46.05
C ASN B 46 -7.35 -25.39 -46.12
N VAL B 47 -7.48 -26.70 -46.33
CA VAL B 47 -6.34 -27.60 -46.46
C VAL B 47 -6.24 -28.05 -47.91
N THR B 48 -5.01 -28.04 -48.44
CA THR B 48 -4.80 -28.34 -49.85
C THR B 48 -4.93 -29.84 -50.09
N TRP B 49 -5.76 -30.21 -51.06
CA TRP B 49 -5.93 -31.60 -51.45
C TRP B 49 -4.91 -31.93 -52.54
N PHE B 50 -4.04 -32.88 -52.27
CA PHE B 50 -3.05 -33.34 -53.24
C PHE B 50 -3.44 -34.74 -53.71
N HIS B 51 -3.76 -34.86 -55.00
CA HIS B 51 -4.09 -36.14 -55.61
C HIS B 51 -3.02 -36.41 -56.66
N ALA B 52 -2.22 -37.45 -56.43
CA ALA B 52 -1.03 -37.72 -57.23
C ALA B 52 -1.25 -38.93 -58.12
N ILE B 53 -0.86 -38.81 -59.39
CA ILE B 53 -0.91 -39.89 -60.37
C ILE B 53 0.47 -40.08 -60.95
N HIS B 54 0.76 -41.31 -61.36
CA HIS B 54 2.02 -41.61 -62.03
C HIS B 54 1.76 -42.21 -63.41
N ASN B 66 5.04 -35.25 -57.49
CA ASN B 66 5.76 -35.38 -56.22
C ASN B 66 6.62 -34.16 -55.94
N VAL B 68 8.38 -31.84 -54.66
CA VAL B 68 8.62 -31.44 -53.29
C VAL B 68 7.48 -30.58 -52.77
N LEU B 69 7.52 -30.25 -51.48
CA LEU B 69 6.51 -29.42 -50.86
C LEU B 69 7.18 -28.56 -49.79
N PRO B 70 6.78 -27.29 -49.68
CA PRO B 70 7.48 -26.36 -48.77
C PRO B 70 7.22 -26.71 -47.32
N PHE B 71 8.28 -27.07 -46.60
CA PHE B 71 8.21 -27.25 -45.16
C PHE B 71 8.16 -25.88 -44.49
N ASN B 72 7.19 -25.71 -43.60
CA ASN B 72 6.99 -24.46 -42.89
C ASN B 72 7.18 -24.71 -41.39
N ASP B 73 6.82 -23.72 -40.58
CA ASP B 73 6.98 -23.87 -39.14
C ASP B 73 5.98 -24.89 -38.62
N GLY B 74 6.21 -26.16 -38.93
CA GLY B 74 5.29 -27.22 -38.60
C GLY B 74 4.44 -27.61 -39.80
N VAL B 75 4.09 -28.89 -39.89
CA VAL B 75 3.26 -29.39 -40.98
C VAL B 75 2.30 -30.43 -40.41
N TYR B 76 1.06 -30.42 -40.90
CA TYR B 76 0.05 -31.39 -40.51
C TYR B 76 -0.27 -32.29 -41.69
N PHE B 77 -0.34 -33.59 -41.43
CA PHE B 77 -0.51 -34.59 -42.47
C PHE B 77 -1.64 -35.55 -42.13
N ALA B 78 -2.46 -35.86 -43.12
CA ALA B 78 -3.49 -36.88 -43.01
C ALA B 78 -3.44 -37.74 -44.26
N SER B 79 -3.78 -39.02 -44.10
CA SER B 79 -3.71 -39.95 -45.22
C SER B 79 -4.69 -41.08 -45.01
N THR B 80 -5.32 -41.51 -46.10
CA THR B 80 -6.21 -42.67 -46.08
C THR B 80 -5.72 -43.78 -46.99
N GLU B 81 -4.44 -43.76 -47.37
CA GLU B 81 -3.86 -44.76 -48.25
C GLU B 81 -3.11 -45.81 -47.43
N LYS B 82 -2.82 -46.94 -48.08
CA LYS B 82 -2.18 -48.05 -47.39
C LYS B 82 -0.74 -47.71 -47.07
N SER B 83 -0.13 -48.56 -46.25
CA SER B 83 1.27 -48.36 -45.86
C SER B 83 2.19 -48.56 -47.06
N ASN B 84 1.81 -49.46 -47.97
CA ASN B 84 2.61 -49.74 -49.15
C ASN B 84 2.56 -48.60 -50.16
N ILE B 85 1.74 -47.59 -49.94
CA ILE B 85 1.70 -46.47 -50.86
C ILE B 85 2.59 -45.32 -50.40
N ILE B 86 2.37 -44.83 -49.18
CA ILE B 86 3.15 -43.74 -48.59
C ILE B 86 4.17 -44.36 -47.64
N ARG B 87 5.44 -44.03 -47.86
CA ARG B 87 6.53 -44.78 -47.25
C ARG B 87 7.34 -43.98 -46.26
N GLY B 88 7.33 -42.67 -46.36
CA GLY B 88 8.06 -41.87 -45.41
C GLY B 88 8.32 -40.49 -45.97
N TRP B 89 9.18 -39.77 -45.25
CA TRP B 89 9.53 -38.40 -45.60
C TRP B 89 11.03 -38.21 -45.41
N ILE B 90 11.58 -37.20 -46.07
CA ILE B 90 12.95 -36.78 -45.84
C ILE B 90 12.97 -35.27 -45.66
N PHE B 91 13.58 -34.81 -44.57
CA PHE B 91 13.67 -33.40 -44.23
C PHE B 91 15.11 -32.93 -44.44
N GLY B 92 15.27 -31.75 -45.00
CA GLY B 92 16.61 -31.25 -45.25
C GLY B 92 16.57 -29.92 -45.96
N THR B 93 17.76 -29.46 -46.38
CA THR B 93 17.91 -28.17 -47.03
C THR B 93 18.34 -28.31 -48.49
N THR B 94 19.47 -28.96 -48.74
CA THR B 94 19.98 -29.10 -50.11
C THR B 94 19.41 -30.30 -50.84
N LEU B 95 18.79 -31.24 -50.12
CA LEU B 95 18.04 -32.35 -50.70
C LEU B 95 18.89 -33.20 -51.63
N ASP B 96 20.19 -33.34 -51.34
CA ASP B 96 21.05 -34.26 -52.05
C ASP B 96 22.30 -34.45 -51.19
N SER B 97 23.24 -35.25 -51.68
CA SER B 97 24.44 -35.55 -50.90
C SER B 97 25.45 -34.40 -50.98
N LYS B 98 25.07 -33.29 -50.35
CA LYS B 98 26.03 -32.27 -49.95
C LYS B 98 25.83 -31.81 -48.51
N THR B 99 24.76 -32.23 -47.84
CA THR B 99 24.53 -31.89 -46.45
C THR B 99 23.81 -33.04 -45.77
N GLN B 100 23.89 -33.07 -44.44
CA GLN B 100 23.17 -34.07 -43.67
C GLN B 100 21.66 -33.84 -43.82
N SER B 101 20.93 -34.92 -44.08
CA SER B 101 19.49 -34.84 -44.29
C SER B 101 18.80 -35.86 -43.40
N LEU B 102 17.81 -35.41 -42.64
CA LEU B 102 17.03 -36.31 -41.81
C LEU B 102 16.13 -37.15 -42.70
N LEU B 103 16.27 -38.47 -42.63
CA LEU B 103 15.52 -39.38 -43.47
C LEU B 103 14.80 -40.39 -42.57
N ILE B 104 13.52 -40.60 -42.84
CA ILE B 104 12.71 -41.59 -42.13
C ILE B 104 12.22 -42.59 -43.15
N VAL B 105 12.50 -43.87 -42.92
CA VAL B 105 12.12 -44.95 -43.82
C VAL B 105 11.41 -46.03 -43.01
N ASN B 106 10.30 -46.53 -43.54
CA ASN B 106 9.52 -47.58 -42.90
C ASN B 106 9.62 -48.87 -43.72
N ASN B 107 9.73 -49.99 -43.02
CA ASN B 107 9.66 -51.31 -43.64
C ASN B 107 8.85 -52.22 -42.70
N ALA B 108 8.94 -53.53 -42.93
CA ALA B 108 8.04 -54.47 -42.27
C ALA B 108 8.12 -54.37 -40.75
N THR B 109 9.28 -54.68 -40.18
CA THR B 109 9.39 -54.88 -38.74
C THR B 109 10.29 -53.86 -38.04
N ASN B 110 10.78 -52.85 -38.74
CA ASN B 110 11.62 -51.84 -38.12
C ASN B 110 11.32 -50.48 -38.73
N VAL B 111 11.75 -49.44 -38.03
CA VAL B 111 11.61 -48.06 -38.49
C VAL B 111 13.00 -47.44 -38.44
N VAL B 112 13.60 -47.24 -39.61
CA VAL B 112 15.00 -46.82 -39.71
C VAL B 112 15.03 -45.29 -39.70
N ILE B 113 15.30 -44.72 -38.54
CA ILE B 113 15.58 -43.30 -38.43
C ILE B 113 17.09 -43.11 -38.56
N LYS B 114 17.50 -42.30 -39.54
CA LYS B 114 18.91 -42.16 -39.85
C LYS B 114 19.13 -40.78 -40.45
N VAL B 115 20.31 -40.22 -40.21
CA VAL B 115 20.68 -38.91 -40.75
C VAL B 115 22.07 -39.04 -41.36
N CYS B 116 22.13 -39.29 -42.66
CA CYS B 116 23.38 -39.30 -43.40
C CYS B 116 23.36 -38.19 -44.44
N GLU B 117 24.37 -38.14 -45.31
CA GLU B 117 24.32 -37.27 -46.47
C GLU B 117 23.62 -38.05 -47.57
N PHE B 118 22.36 -37.70 -47.83
CA PHE B 118 21.47 -38.55 -48.61
C PHE B 118 21.00 -37.82 -49.86
N GLN B 119 21.04 -38.52 -50.99
CA GLN B 119 20.42 -38.07 -52.23
C GLN B 119 19.44 -39.13 -52.72
N PHE B 120 18.79 -38.85 -53.85
CA PHE B 120 17.76 -39.72 -54.40
C PHE B 120 18.07 -40.03 -55.85
N CYS B 121 17.79 -41.27 -56.26
CA CYS B 121 17.98 -41.66 -57.65
C CYS B 121 16.63 -41.83 -58.34
N PRO B 124 11.33 -40.68 -57.24
CA PRO B 124 12.05 -41.58 -56.34
C PRO B 124 11.18 -42.72 -55.82
N PHE B 125 10.41 -43.34 -56.71
CA PHE B 125 9.53 -44.43 -56.32
C PHE B 125 10.33 -45.67 -55.98
N LEU B 126 9.82 -46.45 -55.02
CA LEU B 126 10.43 -47.69 -54.58
C LEU B 126 9.63 -48.87 -55.10
N GLY B 127 10.28 -50.03 -55.19
CA GLY B 127 9.65 -51.22 -55.73
C GLY B 127 9.12 -52.15 -54.67
N VAL B 128 7.80 -52.42 -54.71
CA VAL B 128 7.17 -53.35 -53.78
C VAL B 128 6.18 -54.24 -54.53
N MET B 138 12.27 -56.93 -57.33
CA MET B 138 11.45 -56.61 -56.15
C MET B 138 11.82 -55.24 -55.60
N GLU B 139 13.01 -55.13 -55.04
CA GLU B 139 13.46 -53.93 -54.35
C GLU B 139 14.25 -53.04 -55.28
N SER B 140 14.10 -51.73 -55.11
CA SER B 140 14.82 -50.71 -55.85
C SER B 140 15.51 -49.77 -54.88
N GLU B 141 16.24 -50.35 -53.92
CA GLU B 141 16.89 -49.56 -52.87
C GLU B 141 17.81 -48.49 -53.45
N PHE B 142 18.40 -48.75 -54.61
CA PHE B 142 19.25 -47.74 -55.25
C PHE B 142 18.47 -46.49 -55.62
N ARG B 143 17.17 -46.63 -55.90
CA ARG B 143 16.36 -45.46 -56.20
C ARG B 143 16.29 -44.52 -54.99
N VAL B 144 16.22 -45.09 -53.78
CA VAL B 144 16.18 -44.27 -52.59
C VAL B 144 17.48 -43.49 -52.41
N TYR B 145 18.62 -44.16 -52.56
CA TYR B 145 19.91 -43.49 -52.38
C TYR B 145 21.01 -44.28 -53.08
N SER B 146 22.18 -43.64 -53.15
CA SER B 146 23.40 -44.33 -53.53
C SER B 146 24.59 -43.91 -52.66
N SER B 147 24.40 -43.01 -51.69
CA SER B 147 25.49 -42.49 -50.88
C SER B 147 25.04 -42.35 -49.44
N ALA B 148 25.89 -42.77 -48.49
CA ALA B 148 25.56 -42.72 -47.07
C ALA B 148 26.77 -42.33 -46.21
N ASN B 149 27.65 -41.48 -46.73
CA ASN B 149 28.86 -41.14 -45.99
C ASN B 149 28.59 -40.12 -44.90
N ASN B 150 29.45 -40.13 -43.87
CA ASN B 150 29.41 -39.18 -42.75
C ASN B 150 28.05 -39.20 -42.05
N CYS B 151 27.74 -40.35 -41.46
CA CYS B 151 26.48 -40.57 -40.77
C CYS B 151 26.72 -40.68 -39.27
N THR B 152 25.78 -40.17 -38.49
CA THR B 152 26.01 -40.09 -37.05
C THR B 152 24.94 -40.76 -36.21
N PHE B 153 23.67 -40.65 -36.58
CA PHE B 153 22.56 -41.10 -35.73
C PHE B 153 21.78 -42.19 -36.43
N GLU B 154 21.51 -43.26 -35.71
CA GLU B 154 20.69 -44.37 -36.21
C GLU B 154 19.73 -44.76 -35.10
N TYR B 155 18.49 -45.07 -35.47
CA TYR B 155 17.48 -45.46 -34.50
C TYR B 155 16.62 -46.54 -35.14
N VAL B 156 16.50 -47.68 -34.46
CA VAL B 156 15.58 -48.75 -34.86
C VAL B 156 14.53 -48.91 -33.77
N SER B 157 13.26 -48.93 -34.15
CA SER B 157 12.17 -49.08 -33.22
C SER B 157 11.09 -49.94 -33.85
N GLN B 158 10.03 -50.18 -33.08
CA GLN B 158 8.93 -51.00 -33.57
C GLN B 158 8.16 -50.26 -34.66
N PRO B 159 7.49 -51.00 -35.55
CA PRO B 159 6.77 -50.33 -36.64
C PRO B 159 5.68 -49.40 -36.12
N PHE B 160 5.52 -48.26 -36.79
CA PHE B 160 4.49 -47.29 -36.45
C PHE B 160 3.49 -47.05 -37.57
N LEU B 161 3.80 -47.43 -38.80
CA LEU B 161 2.91 -47.25 -39.94
C LEU B 161 2.39 -48.62 -40.34
N MET B 162 1.11 -48.88 -40.07
CA MET B 162 0.45 -50.12 -40.44
C MET B 162 -0.94 -49.82 -40.96
N ASP B 163 -1.45 -50.73 -41.79
CA ASP B 163 -2.78 -50.56 -42.38
C ASP B 163 -3.87 -50.54 -41.30
N LYS B 172 -12.58 -48.10 -43.40
CA LYS B 172 -11.27 -48.57 -42.94
C LYS B 172 -10.83 -47.84 -41.67
N ASN B 173 -9.59 -47.36 -41.65
CA ASN B 173 -9.04 -46.59 -40.56
C ASN B 173 -8.52 -45.25 -41.08
N LEU B 174 -7.87 -44.49 -40.21
CA LEU B 174 -7.33 -43.20 -40.60
C LEU B 174 -6.10 -42.90 -39.75
N ARG B 175 -5.19 -42.10 -40.31
CA ARG B 175 -3.95 -41.74 -39.65
C ARG B 175 -3.74 -40.25 -39.71
N GLU B 176 -3.17 -39.69 -38.65
CA GLU B 176 -2.79 -38.27 -38.63
C GLU B 176 -1.45 -38.13 -37.93
N PHE B 177 -0.54 -37.36 -38.54
CA PHE B 177 0.78 -37.11 -37.97
C PHE B 177 1.10 -35.63 -38.01
N VAL B 178 1.79 -35.15 -36.97
CA VAL B 178 2.22 -33.76 -36.86
C VAL B 178 3.70 -33.74 -36.53
N PHE B 179 4.47 -32.99 -37.33
CA PHE B 179 5.92 -32.93 -37.21
C PHE B 179 6.33 -31.51 -36.86
N LYS B 180 7.18 -31.38 -35.83
CA LYS B 180 7.66 -30.08 -35.39
C LYS B 180 9.15 -30.18 -35.11
N ASN B 181 9.82 -29.03 -35.14
CA ASN B 181 11.24 -28.95 -34.80
C ASN B 181 11.47 -27.65 -34.05
N ILE B 182 11.98 -27.76 -32.82
CA ILE B 182 12.19 -26.60 -31.95
C ILE B 182 13.57 -26.71 -31.32
N ASP B 183 14.37 -25.64 -31.48
CA ASP B 183 15.65 -25.42 -30.81
C ASP B 183 16.56 -26.66 -30.75
N GLY B 184 16.48 -27.53 -31.75
CA GLY B 184 17.35 -28.67 -31.82
C GLY B 184 16.73 -30.01 -31.49
N TYR B 185 15.41 -30.09 -31.43
CA TYR B 185 14.71 -31.35 -31.22
C TYR B 185 13.61 -31.49 -32.26
N PHE B 186 13.47 -32.71 -32.78
CA PHE B 186 12.46 -33.05 -33.77
C PHE B 186 11.41 -33.93 -33.09
N LYS B 187 10.15 -33.50 -33.15
CA LYS B 187 9.06 -34.18 -32.46
C LYS B 187 8.02 -34.62 -33.47
N ILE B 188 7.50 -35.83 -33.27
CA ILE B 188 6.41 -36.36 -34.09
C ILE B 188 5.31 -36.84 -33.16
N TYR B 189 4.12 -36.27 -33.33
CA TYR B 189 2.90 -36.71 -32.66
C TYR B 189 2.04 -37.46 -33.68
N SER B 190 1.35 -38.50 -33.22
CA SER B 190 0.63 -39.37 -34.14
C SER B 190 -0.70 -39.80 -33.55
N LYS B 191 -1.60 -40.23 -34.42
CA LYS B 191 -2.88 -40.80 -34.01
C LYS B 191 -3.39 -41.74 -35.09
N HIS B 192 -3.87 -42.90 -34.68
CA HIS B 192 -4.39 -43.93 -35.58
C HIS B 192 -5.84 -44.18 -35.18
N THR B 193 -6.77 -43.46 -35.81
CA THR B 193 -8.17 -43.56 -35.45
C THR B 193 -8.86 -44.61 -36.31
N PRO B 194 -9.29 -45.73 -35.75
CA PRO B 194 -9.91 -46.80 -36.55
C PRO B 194 -11.43 -46.64 -36.68
N ILE B 195 -11.85 -45.59 -37.37
CA ILE B 195 -13.26 -45.38 -37.67
C ILE B 195 -13.46 -45.60 -39.15
N ASN B 196 -14.61 -46.13 -39.53
CA ASN B 196 -14.93 -46.38 -40.93
C ASN B 196 -15.38 -45.08 -41.57
N LEU B 197 -14.48 -44.44 -42.32
CA LEU B 197 -14.78 -43.16 -42.93
C LEU B 197 -15.59 -43.36 -44.20
N VAL B 198 -16.71 -42.67 -44.30
CA VAL B 198 -17.45 -42.55 -45.55
C VAL B 198 -17.19 -41.23 -46.24
N ARG B 199 -16.44 -40.34 -45.61
CA ARG B 199 -16.13 -39.02 -46.12
C ARG B 199 -14.65 -38.73 -45.93
N ASP B 200 -14.22 -37.58 -46.44
CA ASP B 200 -12.82 -37.19 -46.30
C ASP B 200 -12.45 -36.95 -44.85
N LEU B 201 -13.08 -35.97 -44.22
CA LEU B 201 -12.72 -35.59 -42.86
C LEU B 201 -13.86 -35.88 -41.90
N PRO B 202 -13.58 -36.37 -40.71
CA PRO B 202 -14.63 -36.83 -39.81
C PRO B 202 -15.32 -35.67 -39.10
N GLN B 203 -16.31 -36.00 -38.27
CA GLN B 203 -17.10 -35.03 -37.54
C GLN B 203 -17.02 -35.28 -36.04
N GLY B 204 -15.83 -35.57 -35.54
CA GLY B 204 -15.64 -35.81 -34.12
C GLY B 204 -14.48 -35.01 -33.55
N PHE B 205 -14.02 -35.39 -32.36
CA PHE B 205 -12.88 -34.72 -31.71
C PHE B 205 -11.93 -35.77 -31.17
N SER B 206 -10.71 -35.79 -31.69
CA SER B 206 -9.68 -36.71 -31.24
C SER B 206 -8.39 -35.92 -30.98
N ALA B 207 -7.67 -36.32 -29.94
CA ALA B 207 -6.43 -35.65 -29.55
C ALA B 207 -5.23 -36.48 -29.99
N LEU B 208 -4.11 -35.79 -30.19
CA LEU B 208 -2.88 -36.42 -30.65
C LEU B 208 -1.92 -36.59 -29.48
N GLU B 209 -1.26 -37.74 -29.44
CA GLU B 209 -0.32 -38.07 -28.40
C GLU B 209 1.12 -38.03 -28.91
N PRO B 210 2.07 -37.60 -28.09
CA PRO B 210 3.47 -37.51 -28.55
C PRO B 210 4.06 -38.89 -28.80
N LEU B 211 4.35 -39.19 -30.07
CA LEU B 211 4.88 -40.51 -30.40
C LEU B 211 6.37 -40.58 -30.16
N VAL B 212 7.16 -39.80 -30.90
CA VAL B 212 8.61 -39.92 -30.82
C VAL B 212 9.26 -38.55 -30.74
N ASP B 213 10.40 -38.51 -30.04
CA ASP B 213 11.24 -37.33 -29.93
C ASP B 213 12.65 -37.71 -30.34
N LEU B 214 13.37 -36.76 -30.95
CA LEU B 214 14.72 -37.02 -31.45
C LEU B 214 15.63 -35.82 -31.25
N PRO B 215 16.86 -36.03 -30.77
CA PRO B 215 17.84 -34.94 -30.74
C PRO B 215 18.55 -34.78 -32.08
N ILE B 216 18.31 -33.66 -32.76
CA ILE B 216 18.92 -33.38 -34.05
C ILE B 216 19.34 -31.92 -34.09
N GLY B 217 20.59 -31.68 -34.46
CA GLY B 217 21.13 -30.34 -34.53
C GLY B 217 21.23 -29.72 -35.91
N ILE B 218 20.58 -30.28 -36.92
CA ILE B 218 20.70 -29.79 -38.27
C ILE B 218 19.64 -28.72 -38.54
N ASN B 219 19.87 -27.92 -39.58
CA ASN B 219 18.90 -26.94 -40.04
C ASN B 219 17.99 -27.61 -41.06
N ILE B 220 16.70 -27.25 -41.03
CA ILE B 220 15.69 -27.92 -41.82
C ILE B 220 14.84 -26.88 -42.51
N THR B 221 14.67 -27.02 -43.83
CA THR B 221 13.90 -26.03 -44.58
C THR B 221 12.85 -26.65 -45.51
N ARG B 222 13.11 -27.86 -46.02
CA ARG B 222 12.24 -28.47 -47.00
C ARG B 222 11.99 -29.93 -46.65
N PHE B 223 10.88 -30.47 -47.17
CA PHE B 223 10.55 -31.88 -46.98
C PHE B 223 9.97 -32.44 -48.26
N GLN B 224 10.19 -33.73 -48.48
CA GLN B 224 9.83 -34.40 -49.72
C GLN B 224 9.17 -35.72 -49.34
N THR B 225 7.95 -35.94 -49.83
CA THR B 225 7.13 -37.07 -49.39
C THR B 225 7.39 -38.31 -50.26
N LEU B 226 8.04 -39.31 -49.68
CA LEU B 226 8.40 -40.51 -50.42
C LEU B 226 7.17 -41.36 -50.72
N LEU B 227 7.20 -42.01 -51.87
CA LEU B 227 6.04 -42.73 -52.38
C LEU B 227 6.51 -43.95 -53.16
N ALA B 228 5.94 -45.11 -52.80
CA ALA B 228 6.17 -46.32 -53.57
C ALA B 228 4.81 -46.91 -53.93
N LEU B 229 4.82 -47.75 -54.95
CA LEU B 229 3.58 -48.15 -55.61
C LEU B 229 3.70 -49.58 -56.13
N HIS B 230 2.54 -50.19 -56.33
CA HIS B 230 2.47 -51.60 -56.70
C HIS B 230 3.20 -51.86 -58.01
N ARG B 231 4.00 -52.94 -58.03
CA ARG B 231 4.74 -53.36 -59.22
C ARG B 231 4.00 -54.54 -59.84
N SER B 232 3.21 -54.26 -60.86
CA SER B 232 2.49 -55.31 -61.56
C SER B 232 3.36 -56.08 -62.55
N TYR B 233 4.56 -55.58 -62.85
CA TYR B 233 5.49 -56.24 -63.78
C TYR B 233 4.84 -56.47 -65.14
N LEU B 234 4.09 -55.48 -65.61
CA LEU B 234 3.41 -55.58 -66.90
C LEU B 234 4.35 -55.17 -68.03
N GLY B 242 6.64 -53.23 -62.52
CA GLY B 242 6.39 -51.92 -63.11
C GLY B 242 5.35 -51.11 -62.35
N TRP B 243 5.70 -49.87 -62.03
CA TRP B 243 4.80 -49.00 -61.30
C TRP B 243 3.61 -48.59 -62.18
N THR B 244 2.42 -48.66 -61.60
CA THR B 244 1.15 -48.35 -62.26
C THR B 244 0.79 -46.88 -62.06
N ALA B 245 -0.46 -46.54 -62.30
CA ALA B 245 -0.96 -45.20 -62.01
C ALA B 245 -1.06 -44.98 -60.50
N GLY B 246 -1.15 -43.70 -60.12
CA GLY B 246 -1.19 -43.30 -58.73
C GLY B 246 -2.53 -42.70 -58.35
N ALA B 247 -2.88 -42.83 -57.06
CA ALA B 247 -4.14 -42.31 -56.53
C ALA B 247 -3.98 -41.69 -55.15
N ALA B 248 -2.85 -41.03 -54.89
CA ALA B 248 -2.54 -40.54 -53.55
C ALA B 248 -3.58 -39.54 -53.07
N ALA B 249 -3.86 -39.57 -51.77
CA ALA B 249 -4.90 -38.75 -51.17
C ALA B 249 -4.41 -38.13 -49.87
N TYR B 250 -3.23 -37.53 -49.89
CA TYR B 250 -2.65 -36.92 -48.70
C TYR B 250 -2.83 -35.40 -48.72
N TYR B 251 -3.09 -34.83 -47.55
CA TYR B 251 -3.36 -33.41 -47.39
C TYR B 251 -2.22 -32.74 -46.65
N VAL B 252 -2.06 -31.43 -46.86
CA VAL B 252 -0.96 -30.66 -46.30
C VAL B 252 -1.51 -29.39 -45.64
N GLY B 253 -1.09 -29.12 -44.41
CA GLY B 253 -1.44 -27.88 -43.74
C GLY B 253 -0.25 -27.33 -42.97
N TYR B 254 -0.42 -26.10 -42.49
CA TYR B 254 0.65 -25.40 -41.80
C TYR B 254 0.12 -24.74 -40.52
N LEU B 255 1.01 -24.53 -39.56
CA LEU B 255 0.64 -24.08 -38.22
C LEU B 255 0.99 -22.61 -38.03
N GLN B 256 0.29 -21.98 -37.11
CA GLN B 256 0.49 -20.58 -36.74
C GLN B 256 0.29 -20.42 -35.25
N PRO B 257 0.86 -19.38 -34.64
CA PRO B 257 0.69 -19.18 -33.19
C PRO B 257 -0.74 -18.76 -32.85
N ARG B 258 -1.39 -19.52 -31.99
CA ARG B 258 -2.75 -19.25 -31.56
C ARG B 258 -2.90 -19.60 -30.09
N THR B 259 -3.91 -19.01 -29.45
CA THR B 259 -4.23 -19.27 -28.05
C THR B 259 -5.46 -20.15 -27.97
N PHE B 260 -5.35 -21.25 -27.24
CA PHE B 260 -6.41 -22.25 -27.15
C PHE B 260 -6.84 -22.44 -25.70
N LEU B 261 -8.07 -22.91 -25.52
CA LEU B 261 -8.58 -23.25 -24.21
C LEU B 261 -9.10 -24.68 -24.25
N LEU B 262 -8.58 -25.54 -23.38
CA LEU B 262 -8.82 -26.98 -23.43
C LEU B 262 -9.61 -27.45 -22.21
N LYS B 263 -10.32 -28.56 -22.39
CA LYS B 263 -11.14 -29.14 -21.34
C LYS B 263 -10.63 -30.53 -21.00
N TYR B 264 -10.53 -30.82 -19.71
CA TYR B 264 -10.03 -32.10 -19.21
C TYR B 264 -11.12 -32.78 -18.39
N ASN B 265 -11.24 -34.09 -18.53
CA ASN B 265 -12.19 -34.88 -17.77
C ASN B 265 -11.49 -35.50 -16.55
N GLU B 266 -12.19 -36.42 -15.88
CA GLU B 266 -11.63 -37.04 -14.68
C GLU B 266 -10.55 -38.07 -14.99
N ASN B 267 -10.48 -38.57 -16.22
CA ASN B 267 -9.46 -39.53 -16.61
C ASN B 267 -8.24 -38.87 -17.23
N GLY B 268 -8.21 -37.55 -17.31
CA GLY B 268 -7.04 -36.84 -17.79
C GLY B 268 -6.96 -36.67 -19.29
N THR B 269 -7.98 -37.05 -20.04
CA THR B 269 -7.99 -36.90 -21.49
C THR B 269 -8.76 -35.65 -21.90
N ILE B 270 -8.46 -35.18 -23.11
CA ILE B 270 -9.01 -33.93 -23.62
C ILE B 270 -10.33 -34.21 -24.30
N THR B 271 -11.35 -33.42 -23.98
CA THR B 271 -12.68 -33.60 -24.54
C THR B 271 -13.14 -32.46 -25.43
N ASP B 272 -12.68 -31.23 -25.21
CA ASP B 272 -13.12 -30.10 -26.01
C ASP B 272 -12.04 -29.02 -26.00
N ALA B 273 -12.13 -28.13 -27.00
CA ALA B 273 -11.21 -27.01 -27.10
C ALA B 273 -11.90 -25.87 -27.83
N VAL B 274 -11.46 -24.65 -27.54
CA VAL B 274 -11.97 -23.45 -28.20
C VAL B 274 -10.80 -22.56 -28.62
N ASP B 275 -10.90 -22.03 -29.83
CA ASP B 275 -9.94 -21.07 -30.38
C ASP B 275 -10.36 -19.67 -29.96
N CYS B 276 -9.45 -18.93 -29.34
CA CYS B 276 -9.83 -17.66 -28.73
C CYS B 276 -10.00 -16.53 -29.72
N ALA B 277 -9.59 -16.68 -30.98
CA ALA B 277 -9.83 -15.66 -32.00
C ALA B 277 -10.45 -16.33 -33.23
N LEU B 278 -11.75 -16.56 -33.17
CA LEU B 278 -12.57 -16.93 -34.31
C LEU B 278 -13.72 -15.96 -34.51
N ASP B 279 -14.45 -15.66 -33.44
CA ASP B 279 -15.60 -14.78 -33.48
C ASP B 279 -15.80 -14.20 -32.08
N PRO B 280 -16.62 -13.16 -31.94
CA PRO B 280 -16.76 -12.53 -30.62
C PRO B 280 -17.18 -13.47 -29.50
N LEU B 281 -18.01 -14.48 -29.79
CA LEU B 281 -18.43 -15.41 -28.74
C LEU B 281 -17.26 -16.22 -28.21
N SER B 282 -16.36 -16.64 -29.10
CA SER B 282 -15.19 -17.39 -28.67
C SER B 282 -14.30 -16.55 -27.76
N GLU B 283 -14.11 -15.28 -28.12
CA GLU B 283 -13.29 -14.40 -27.28
C GLU B 283 -13.97 -14.11 -25.95
N THR B 284 -15.30 -14.02 -25.94
CA THR B 284 -16.01 -13.86 -24.67
C THR B 284 -15.80 -15.07 -23.77
N LYS B 285 -15.90 -16.27 -24.33
CA LYS B 285 -15.64 -17.48 -23.54
C LYS B 285 -14.19 -17.50 -23.07
N CYS B 286 -13.26 -17.08 -23.92
CA CYS B 286 -11.85 -17.07 -23.54
C CYS B 286 -11.59 -16.10 -22.40
N THR B 287 -12.23 -14.94 -22.41
CA THR B 287 -12.03 -13.97 -21.34
C THR B 287 -12.70 -14.42 -20.05
N LEU B 288 -13.89 -14.99 -20.14
CA LEU B 288 -14.62 -15.39 -18.94
C LEU B 288 -14.03 -16.62 -18.26
N LYS B 289 -13.23 -17.42 -18.97
CA LYS B 289 -12.68 -18.67 -18.46
C LYS B 289 -13.80 -19.65 -18.10
N SER B 290 -14.62 -19.97 -19.10
CA SER B 290 -15.73 -20.90 -18.93
C SER B 290 -16.18 -21.37 -20.30
N PHE B 291 -17.21 -22.22 -20.30
CA PHE B 291 -17.78 -22.75 -21.53
C PHE B 291 -19.25 -22.41 -21.71
N THR B 292 -19.93 -21.90 -20.70
CA THR B 292 -21.32 -21.49 -20.80
C THR B 292 -21.48 -20.08 -20.29
N VAL B 293 -22.37 -19.31 -20.94
CA VAL B 293 -22.55 -17.89 -20.63
C VAL B 293 -24.04 -17.58 -20.56
N GLU B 294 -24.34 -16.44 -19.94
CA GLU B 294 -25.70 -15.94 -19.82
C GLU B 294 -25.80 -14.56 -20.47
N LYS B 295 -26.96 -13.93 -20.33
CA LYS B 295 -27.20 -12.67 -21.01
C LYS B 295 -26.53 -11.50 -20.31
N GLY B 296 -26.03 -10.57 -21.10
CA GLY B 296 -25.37 -9.40 -20.55
C GLY B 296 -24.46 -8.75 -21.58
N ILE B 297 -23.77 -7.71 -21.13
CA ILE B 297 -22.80 -7.00 -21.94
C ILE B 297 -21.44 -7.10 -21.25
N TYR B 298 -20.43 -7.49 -22.00
CA TYR B 298 -19.10 -7.74 -21.46
C TYR B 298 -18.07 -6.94 -22.24
N GLN B 299 -16.98 -6.60 -21.56
CA GLN B 299 -15.88 -5.83 -22.14
C GLN B 299 -14.72 -6.78 -22.41
N THR B 300 -14.27 -6.85 -23.67
CA THR B 300 -13.31 -7.85 -24.09
C THR B 300 -11.96 -7.24 -24.49
N SER B 301 -11.93 -6.31 -25.44
CA SER B 301 -10.66 -5.89 -26.02
C SER B 301 -10.74 -4.43 -26.44
N ASN B 302 -9.65 -3.96 -27.05
CA ASN B 302 -9.52 -2.59 -27.52
C ASN B 302 -9.14 -2.60 -28.99
N PHE B 303 -9.42 -1.49 -29.65
CA PHE B 303 -9.16 -1.35 -31.08
C PHE B 303 -8.38 -0.07 -31.34
N ARG B 304 -7.43 -0.17 -32.27
CA ARG B 304 -6.60 0.95 -32.73
C ARG B 304 -6.55 0.96 -34.24
N VAL B 305 -6.02 2.04 -34.80
CA VAL B 305 -5.87 2.19 -36.25
C VAL B 305 -4.38 2.16 -36.55
N GLN B 306 -3.98 1.22 -37.40
CA GLN B 306 -2.57 1.03 -37.67
C GLN B 306 -2.06 2.00 -38.73
N PRO B 307 -0.78 2.36 -38.69
CA PRO B 307 -0.23 3.31 -39.65
C PRO B 307 -0.17 2.72 -41.06
N THR B 308 -0.03 3.62 -42.03
CA THR B 308 0.02 3.26 -43.44
C THR B 308 1.41 3.37 -44.04
N GLU B 309 2.16 4.41 -43.71
CA GLU B 309 3.49 4.61 -44.27
C GLU B 309 4.35 5.37 -43.27
N SER B 310 5.59 5.66 -43.67
CA SER B 310 6.53 6.40 -42.84
C SER B 310 7.22 7.47 -43.67
N ILE B 311 7.51 8.61 -43.04
CA ILE B 311 8.17 9.73 -43.70
C ILE B 311 9.40 10.14 -42.90
N VAL B 312 10.36 10.76 -43.60
CA VAL B 312 11.59 11.24 -42.99
C VAL B 312 11.91 12.62 -43.59
N ARG B 313 12.24 13.57 -42.72
CA ARG B 313 12.59 14.92 -43.16
C ARG B 313 13.87 15.35 -42.44
N PHE B 314 14.88 15.71 -43.21
CA PHE B 314 16.20 16.08 -42.72
C PHE B 314 16.68 17.34 -43.43
N PRO B 315 17.63 18.06 -42.84
CA PRO B 315 18.23 19.21 -43.54
C PRO B 315 18.95 18.80 -44.80
N ASN B 316 19.41 19.79 -45.56
CA ASN B 316 19.84 19.61 -46.94
C ASN B 316 21.25 20.15 -47.16
N ILE B 317 22.19 19.77 -46.31
CA ILE B 317 23.57 20.21 -46.43
C ILE B 317 24.45 18.99 -46.67
N THR B 318 25.43 19.14 -47.57
CA THR B 318 26.33 18.05 -47.94
C THR B 318 27.77 18.57 -47.92
N ASN B 319 28.49 18.33 -46.82
CA ASN B 319 29.91 18.62 -46.73
C ASN B 319 30.58 17.53 -45.91
N LEU B 320 31.63 16.93 -46.46
CA LEU B 320 32.44 15.95 -45.72
C LEU B 320 33.39 16.74 -44.84
N CYS B 321 32.90 17.19 -43.69
CA CYS B 321 33.65 18.12 -42.86
C CYS B 321 34.82 17.43 -42.16
N PRO B 322 35.82 18.20 -41.70
CA PRO B 322 37.12 17.60 -41.39
C PRO B 322 37.13 16.68 -40.18
N PHE B 323 36.62 15.46 -40.36
CA PHE B 323 36.96 14.40 -39.43
C PHE B 323 38.35 13.85 -39.73
N GLY B 324 38.80 13.97 -40.97
CA GLY B 324 40.15 13.53 -41.30
C GLY B 324 41.21 14.36 -40.61
N GLU B 325 41.03 15.69 -40.60
CA GLU B 325 42.07 16.56 -40.05
C GLU B 325 42.34 16.28 -38.58
N VAL B 326 41.29 15.98 -37.82
CA VAL B 326 41.48 15.68 -36.41
C VAL B 326 42.22 14.35 -36.24
N PHE B 327 41.93 13.36 -37.07
CA PHE B 327 42.51 12.04 -36.91
C PHE B 327 43.79 11.90 -37.73
N ASN B 328 43.71 12.10 -39.04
CA ASN B 328 44.91 12.35 -39.82
C ASN B 328 45.50 13.69 -39.41
N ALA B 329 46.55 13.66 -38.61
CA ALA B 329 47.11 14.93 -38.17
C ALA B 329 48.59 14.76 -37.90
N THR B 330 49.33 15.85 -38.12
CA THR B 330 50.79 15.77 -38.11
C THR B 330 51.35 15.64 -36.69
N ARG B 331 50.81 16.40 -35.75
CA ARG B 331 51.45 16.56 -34.45
C ARG B 331 50.44 17.19 -33.49
N PHE B 332 50.21 16.52 -32.36
CA PHE B 332 49.30 17.00 -31.33
C PHE B 332 50.05 17.73 -30.21
N ALA B 333 49.34 18.61 -29.51
CA ALA B 333 49.93 19.40 -28.46
C ALA B 333 50.16 18.53 -27.22
N SER B 334 50.57 19.16 -26.12
CA SER B 334 50.84 18.44 -24.88
C SER B 334 49.55 18.18 -24.12
N VAL B 335 49.68 17.47 -23.00
CA VAL B 335 48.51 17.09 -22.22
C VAL B 335 47.89 18.31 -21.54
N TYR B 336 48.72 19.20 -21.01
CA TYR B 336 48.18 20.34 -20.27
C TYR B 336 47.91 21.54 -21.17
N ALA B 337 48.08 21.39 -22.48
CA ALA B 337 47.68 22.39 -23.45
C ALA B 337 46.79 21.75 -24.51
N TRP B 338 45.82 20.97 -24.06
CA TRP B 338 44.96 20.24 -24.97
C TRP B 338 44.19 21.19 -25.89
N ASN B 339 44.17 20.86 -27.18
CA ASN B 339 43.56 21.72 -28.18
C ASN B 339 42.10 21.38 -28.35
N ARG B 340 41.26 22.40 -28.46
CA ARG B 340 39.82 22.25 -28.63
C ARG B 340 39.43 22.71 -30.03
N LYS B 341 38.65 21.88 -30.72
CA LYS B 341 38.30 22.12 -32.11
C LYS B 341 36.79 22.07 -32.28
N ARG B 342 36.30 22.81 -33.26
CA ARG B 342 34.88 22.89 -33.55
C ARG B 342 34.53 22.11 -34.79
N ILE B 343 33.47 21.33 -34.71
CA ILE B 343 32.93 20.58 -35.84
C ILE B 343 31.48 20.97 -36.00
N SER B 344 31.14 21.54 -37.16
CA SER B 344 29.81 22.05 -37.39
C SER B 344 29.52 22.10 -38.89
N ASN B 345 28.23 22.18 -39.23
CA ASN B 345 27.77 22.22 -40.61
C ASN B 345 28.31 21.03 -41.40
N CYS B 346 27.87 19.84 -41.00
CA CYS B 346 28.43 18.59 -41.48
C CYS B 346 27.36 17.64 -41.96
N VAL B 347 27.80 16.66 -42.74
CA VAL B 347 27.11 15.38 -42.88
C VAL B 347 28.16 14.32 -42.53
N ALA B 348 28.22 13.95 -41.27
CA ALA B 348 29.31 13.14 -40.74
C ALA B 348 28.93 11.68 -40.72
N ASP B 349 29.80 10.84 -41.28
CA ASP B 349 29.64 9.40 -41.23
C ASP B 349 30.47 8.86 -40.07
N TYR B 350 29.85 8.06 -39.22
CA TYR B 350 30.50 7.53 -38.03
C TYR B 350 30.99 6.11 -38.18
N SER B 351 30.20 5.25 -38.85
CA SER B 351 30.62 3.86 -39.05
C SER B 351 31.76 3.76 -40.07
N VAL B 352 32.08 4.83 -40.80
CA VAL B 352 33.22 4.80 -41.68
C VAL B 352 34.51 4.61 -40.90
N LEU B 353 34.52 5.02 -39.63
CA LEU B 353 35.68 4.77 -38.78
C LEU B 353 35.82 3.28 -38.49
N TYR B 354 34.72 2.55 -38.41
CA TYR B 354 34.77 1.14 -38.04
C TYR B 354 35.35 0.25 -39.13
N ASN B 355 35.53 0.79 -40.34
CA ASN B 355 36.20 0.03 -41.40
C ASN B 355 37.71 -0.01 -41.22
N SER B 356 38.26 0.81 -40.32
CA SER B 356 39.69 0.83 -40.02
C SER B 356 39.85 0.59 -38.52
N ALA B 357 39.92 -0.69 -38.14
CA ALA B 357 39.98 -1.07 -36.72
C ALA B 357 41.44 -1.14 -36.30
N SER B 358 42.00 0.01 -35.94
CA SER B 358 43.33 0.09 -35.36
C SER B 358 43.34 0.70 -33.97
N PHE B 359 42.18 1.15 -33.47
CA PHE B 359 42.09 1.76 -32.16
C PHE B 359 41.83 0.68 -31.11
N SER B 360 42.69 0.63 -30.10
CA SER B 360 42.51 -0.37 -29.05
C SER B 360 41.23 -0.13 -28.26
N THR B 361 40.92 1.12 -27.96
CA THR B 361 39.80 1.47 -27.10
C THR B 361 38.78 2.30 -27.87
N PHE B 362 37.53 1.84 -27.87
CA PHE B 362 36.40 2.59 -28.44
C PHE B 362 35.20 2.33 -27.54
N LYS B 363 34.98 3.22 -26.58
CA LYS B 363 33.88 3.09 -25.64
C LYS B 363 33.03 4.36 -25.67
N CYS B 364 31.73 4.18 -25.51
CA CYS B 364 30.78 5.29 -25.48
C CYS B 364 29.86 5.13 -24.27
N TYR B 365 29.44 6.26 -23.71
CA TYR B 365 28.77 6.27 -22.42
C TYR B 365 27.26 6.39 -22.53
N GLY B 366 26.76 7.44 -23.17
CA GLY B 366 25.34 7.71 -23.24
C GLY B 366 24.65 7.34 -24.53
N VAL B 367 25.31 6.61 -25.43
CA VAL B 367 24.71 6.26 -26.71
C VAL B 367 25.48 5.08 -27.28
N SER B 368 24.76 4.15 -27.89
CA SER B 368 25.39 3.01 -28.54
C SER B 368 26.14 3.45 -29.79
N PRO B 369 27.26 2.80 -30.11
CA PRO B 369 28.05 3.18 -31.29
C PRO B 369 27.46 2.76 -32.62
N THR B 370 26.22 2.26 -32.66
CA THR B 370 25.58 1.90 -33.91
C THR B 370 24.36 2.75 -34.24
N LYS B 371 23.80 3.48 -33.29
CA LYS B 371 22.67 4.35 -33.53
C LYS B 371 23.08 5.77 -33.90
N LEU B 372 24.37 6.05 -33.99
CA LEU B 372 24.84 7.37 -34.37
C LEU B 372 24.47 7.77 -35.79
N ASN B 373 24.07 6.82 -36.62
CA ASN B 373 23.83 7.07 -38.03
C ASN B 373 22.44 7.59 -38.33
N ASP B 374 21.58 7.74 -37.33
CA ASP B 374 20.26 8.33 -37.52
C ASP B 374 19.94 9.31 -36.40
N LEU B 375 20.91 10.14 -36.03
CA LEU B 375 20.75 11.14 -35.01
C LEU B 375 21.33 12.47 -35.47
N CYS B 376 20.80 13.56 -34.94
CA CYS B 376 21.29 14.90 -35.23
C CYS B 376 21.74 15.57 -33.94
N PHE B 377 22.98 16.06 -33.93
CA PHE B 377 23.58 16.66 -32.75
C PHE B 377 23.88 18.12 -33.01
N THR B 378 24.17 18.83 -31.93
CA THR B 378 24.68 20.20 -31.99
C THR B 378 25.80 20.34 -30.98
N ASN B 379 26.73 21.26 -31.28
CA ASN B 379 27.92 21.49 -30.46
C ASN B 379 28.75 20.22 -30.32
N VAL B 380 29.31 19.78 -31.45
CA VAL B 380 30.23 18.64 -31.45
C VAL B 380 31.62 19.15 -31.08
N TYR B 381 32.18 18.62 -30.00
CA TYR B 381 33.44 19.09 -29.44
C TYR B 381 34.50 18.00 -29.57
N ALA B 382 35.70 18.41 -29.97
CA ALA B 382 36.81 17.49 -30.16
C ALA B 382 38.02 17.96 -29.35
N ASP B 383 38.62 17.05 -28.60
CA ASP B 383 39.83 17.30 -27.84
C ASP B 383 40.86 16.25 -28.20
N SER B 384 42.09 16.67 -28.47
CA SER B 384 43.15 15.76 -28.88
C SER B 384 44.43 16.09 -28.12
N PHE B 385 45.09 15.04 -27.63
CA PHE B 385 46.39 15.17 -26.96
C PHE B 385 47.01 13.79 -26.86
N VAL B 386 48.20 13.73 -26.26
CA VAL B 386 48.95 12.49 -26.13
C VAL B 386 49.48 12.38 -24.70
N ILE B 387 49.30 11.20 -24.09
CA ILE B 387 49.73 10.95 -22.72
C ILE B 387 50.48 9.63 -22.65
N ARG B 388 50.84 9.22 -21.44
CA ARG B 388 51.56 7.97 -21.23
C ARG B 388 50.65 6.78 -21.49
N GLY B 389 51.24 5.58 -21.41
CA GLY B 389 50.54 4.35 -21.72
C GLY B 389 49.77 3.72 -20.59
N ASP B 390 49.81 4.29 -19.39
CA ASP B 390 49.09 3.74 -18.24
C ASP B 390 48.14 4.75 -17.61
N GLU B 391 48.03 5.95 -18.17
CA GLU B 391 47.05 6.91 -17.73
C GLU B 391 45.76 6.82 -18.54
N VAL B 392 45.65 5.87 -19.47
CA VAL B 392 44.45 5.72 -20.28
C VAL B 392 43.26 5.37 -19.40
N ARG B 393 43.48 4.59 -18.34
CA ARG B 393 42.39 4.28 -17.43
C ARG B 393 41.91 5.51 -16.67
N GLN B 394 42.81 6.46 -16.40
CA GLN B 394 42.42 7.65 -15.64
C GLN B 394 41.49 8.57 -16.42
N ILE B 395 41.37 8.40 -17.74
CA ILE B 395 40.52 9.26 -18.57
C ILE B 395 39.12 8.63 -18.53
N ALA B 396 38.38 8.97 -17.49
CA ALA B 396 37.02 8.46 -17.30
C ALA B 396 36.32 9.34 -16.29
N PRO B 397 34.99 9.39 -16.31
CA PRO B 397 34.26 10.24 -15.35
C PRO B 397 34.48 9.76 -13.91
N GLY B 398 34.92 10.66 -13.05
CA GLY B 398 35.06 10.34 -11.64
C GLY B 398 36.14 9.34 -11.32
N GLN B 399 37.40 9.76 -11.49
CA GLN B 399 38.54 8.89 -11.18
C GLN B 399 39.49 9.64 -10.27
N THR B 400 40.38 8.88 -9.62
CA THR B 400 41.38 9.41 -8.72
C THR B 400 42.76 9.18 -9.32
N GLY B 401 43.54 10.25 -9.46
CA GLY B 401 44.85 10.14 -10.04
C GLY B 401 45.48 11.51 -10.15
N LYS B 402 46.73 11.52 -10.59
CA LYS B 402 47.46 12.78 -10.71
C LYS B 402 46.81 13.72 -11.72
N ILE B 403 46.77 13.30 -12.99
CA ILE B 403 46.15 14.13 -14.01
C ILE B 403 44.64 14.22 -13.81
N ALA B 404 44.07 13.35 -12.98
CA ALA B 404 42.64 13.43 -12.72
C ALA B 404 42.25 14.74 -12.05
N ASP B 405 43.10 15.25 -11.16
CA ASP B 405 42.86 16.53 -10.52
C ASP B 405 43.93 17.56 -10.83
N TYR B 406 44.75 17.34 -11.84
CA TYR B 406 45.79 18.27 -12.23
C TYR B 406 45.73 18.70 -13.68
N ASN B 407 45.27 17.86 -14.58
CA ASN B 407 45.35 18.20 -16.00
C ASN B 407 44.02 18.09 -16.73
N TYR B 408 43.19 17.10 -16.41
CA TYR B 408 42.00 16.84 -17.20
C TYR B 408 41.04 15.98 -16.40
N LYS B 409 39.75 16.28 -16.51
CA LYS B 409 38.72 15.47 -15.87
C LYS B 409 37.38 15.75 -16.53
N LEU B 410 36.63 14.68 -16.79
CA LEU B 410 35.30 14.78 -17.37
C LEU B 410 34.25 14.94 -16.29
N PRO B 411 33.09 15.52 -16.61
CA PRO B 411 32.02 15.60 -15.62
C PRO B 411 31.43 14.24 -15.30
N ASP B 412 30.45 14.19 -14.40
CA ASP B 412 29.81 12.94 -14.02
C ASP B 412 28.59 12.61 -14.85
N ASP B 413 28.27 13.42 -15.84
CA ASP B 413 27.14 13.19 -16.74
C ASP B 413 27.59 13.27 -18.19
N PHE B 414 28.68 12.58 -18.50
CA PHE B 414 29.27 12.66 -19.83
C PHE B 414 28.36 12.03 -20.87
N THR B 415 28.46 12.55 -22.10
CA THR B 415 27.71 12.03 -23.24
C THR B 415 28.63 12.08 -24.45
N GLY B 416 29.29 10.97 -24.75
CA GLY B 416 30.22 10.94 -25.88
C GLY B 416 31.05 9.68 -25.87
N CYS B 417 32.16 9.73 -26.60
CA CYS B 417 33.02 8.57 -26.81
C CYS B 417 34.47 8.98 -26.63
N VAL B 418 35.32 8.01 -26.26
CA VAL B 418 36.75 8.20 -26.14
C VAL B 418 37.46 7.14 -26.96
N ILE B 419 38.47 7.55 -27.71
CA ILE B 419 39.22 6.67 -28.61
C ILE B 419 40.69 6.80 -28.28
N ALA B 420 41.39 5.67 -28.18
CA ALA B 420 42.82 5.67 -27.90
C ALA B 420 43.49 4.61 -28.76
N TRP B 421 44.64 4.95 -29.33
CA TRP B 421 45.43 4.02 -30.12
C TRP B 421 46.91 4.29 -29.88
N ASN B 422 47.72 3.28 -30.15
CA ASN B 422 49.15 3.33 -29.85
C ASN B 422 49.92 4.04 -30.95
N SER B 423 51.00 4.71 -30.53
CA SER B 423 51.98 5.28 -31.45
C SER B 423 53.34 5.23 -30.76
N ASN B 424 54.08 4.15 -31.00
CA ASN B 424 55.41 3.98 -30.43
C ASN B 424 56.51 4.07 -31.47
N ASN B 425 56.17 4.36 -32.73
CA ASN B 425 57.15 4.48 -33.80
C ASN B 425 57.34 5.91 -34.27
N LEU B 426 56.26 6.62 -34.57
CA LEU B 426 56.36 8.01 -35.01
C LEU B 426 56.67 8.97 -33.87
N ASP B 427 56.50 8.55 -32.62
CA ASP B 427 56.62 9.43 -31.47
C ASP B 427 57.70 8.96 -30.50
N SER B 428 58.70 8.25 -31.00
CA SER B 428 59.77 7.73 -30.15
C SER B 428 61.12 7.95 -30.83
N LYS B 429 62.11 8.35 -30.03
CA LYS B 429 63.48 8.46 -30.50
C LYS B 429 64.38 7.67 -29.56
N VAL B 430 65.37 6.98 -30.13
CA VAL B 430 66.27 6.15 -29.35
C VAL B 430 67.02 6.97 -28.31
N GLY B 431 67.18 8.27 -28.52
CA GLY B 431 67.79 9.14 -27.54
C GLY B 431 66.85 9.64 -26.47
N GLY B 432 65.57 9.30 -26.54
CA GLY B 432 64.61 9.73 -25.55
C GLY B 432 63.85 10.98 -25.96
N ASN B 433 62.52 10.92 -25.91
CA ASN B 433 61.68 12.06 -26.24
C ASN B 433 61.39 12.85 -24.97
N TYR B 434 61.87 14.09 -24.92
CA TYR B 434 61.69 14.97 -23.78
C TYR B 434 60.99 16.25 -24.18
N ASN B 435 60.20 16.21 -25.25
CA ASN B 435 59.45 17.37 -25.72
C ASN B 435 57.98 17.32 -25.31
N TYR B 436 57.61 16.42 -24.41
CA TYR B 436 56.23 16.30 -23.95
C TYR B 436 56.18 16.68 -22.48
N LEU B 437 55.31 17.64 -22.16
CA LEU B 437 55.35 18.33 -20.88
C LEU B 437 54.03 18.16 -20.13
N TYR B 438 54.12 18.15 -18.81
CA TYR B 438 52.96 17.94 -17.95
C TYR B 438 53.25 18.48 -16.57
N ARG B 439 52.18 18.70 -15.80
CA ARG B 439 52.29 19.30 -14.48
C ARG B 439 52.20 18.22 -13.40
N LEU B 440 53.03 18.37 -12.37
CA LEU B 440 53.07 17.44 -11.25
C LEU B 440 52.80 18.08 -9.90
N PHE B 441 52.88 19.39 -9.77
CA PHE B 441 52.77 20.06 -8.48
C PHE B 441 51.73 21.16 -8.58
N ARG B 442 50.64 21.04 -7.81
CA ARG B 442 49.65 22.08 -7.70
C ARG B 442 48.83 21.83 -6.45
N LYS B 443 48.49 22.89 -5.74
CA LYS B 443 47.84 22.78 -4.44
C LYS B 443 46.31 22.73 -4.52
N SER B 444 45.75 22.83 -5.72
CA SER B 444 44.30 22.88 -5.86
C SER B 444 43.86 21.94 -6.97
N ASN B 445 42.61 21.50 -6.88
CA ASN B 445 42.00 20.65 -7.90
C ASN B 445 41.18 21.50 -8.85
N LEU B 446 41.36 21.26 -10.15
CA LEU B 446 40.69 22.05 -11.17
C LEU B 446 39.32 21.44 -11.49
N LYS B 447 38.43 22.30 -11.99
CA LYS B 447 37.12 21.86 -12.39
C LYS B 447 37.16 21.28 -13.80
N PRO B 448 36.16 20.47 -14.17
CA PRO B 448 36.20 19.83 -15.50
C PRO B 448 36.21 20.86 -16.62
N PHE B 449 36.88 20.49 -17.71
CA PHE B 449 37.00 21.33 -18.90
C PHE B 449 37.58 22.71 -18.56
N GLU B 450 38.64 22.70 -17.75
CA GLU B 450 39.35 23.93 -17.38
C GLU B 450 40.81 23.78 -17.74
N ARG B 451 41.36 24.79 -18.43
CA ARG B 451 42.74 24.79 -18.85
C ARG B 451 43.56 25.69 -17.96
N ASP B 452 44.74 25.23 -17.55
CA ASP B 452 45.64 25.97 -16.69
C ASP B 452 46.95 26.23 -17.44
N ILE B 453 47.36 27.50 -17.50
CA ILE B 453 48.62 27.90 -18.11
C ILE B 453 49.35 28.76 -17.08
N SER B 454 50.42 28.21 -16.50
CA SER B 454 51.17 28.92 -15.47
C SER B 454 52.56 28.32 -15.38
N THR B 455 53.58 29.14 -15.64
CA THR B 455 54.97 28.74 -15.48
C THR B 455 55.58 29.25 -14.19
N GLU B 456 54.74 29.68 -13.25
CA GLU B 456 55.23 30.25 -12.00
C GLU B 456 55.82 29.17 -11.11
N ILE B 457 56.59 29.62 -10.12
CA ILE B 457 57.26 28.72 -9.19
C ILE B 457 56.32 28.36 -8.05
N TYR B 458 56.24 27.07 -7.74
CA TYR B 458 55.42 26.62 -6.62
C TYR B 458 56.05 27.12 -5.32
N GLN B 459 55.21 27.74 -4.48
CA GLN B 459 55.63 28.01 -3.11
C GLN B 459 55.65 26.70 -2.33
N ALA B 460 56.80 26.04 -2.31
CA ALA B 460 56.92 24.70 -1.75
C ALA B 460 57.62 24.66 -0.40
N GLY B 461 58.70 25.41 -0.24
CA GLY B 461 59.40 25.43 1.02
C GLY B 461 58.64 26.21 2.08
N SER B 462 59.08 26.02 3.34
CA SER B 462 58.47 26.73 4.45
C SER B 462 58.74 28.22 4.40
N THR B 463 59.71 28.66 3.60
CA THR B 463 60.06 30.05 3.38
C THR B 463 59.40 30.56 2.10
N PRO B 464 59.12 31.87 1.99
CA PRO B 464 58.58 32.41 0.75
C PRO B 464 59.44 32.05 -0.46
N CYS B 465 58.85 31.37 -1.44
CA CYS B 465 59.59 30.91 -2.60
C CYS B 465 59.65 31.99 -3.68
N ASN B 466 60.06 33.19 -3.30
CA ASN B 466 60.30 34.29 -4.24
C ASN B 466 61.77 34.53 -4.48
N GLY B 467 62.58 34.55 -3.43
CA GLY B 467 64.02 34.57 -3.58
C GLY B 467 64.61 33.18 -3.64
N VAL B 468 63.83 32.20 -3.21
CA VAL B 468 64.22 30.79 -3.26
C VAL B 468 63.62 30.22 -4.53
N GLU B 469 64.36 30.37 -5.63
CA GLU B 469 63.88 29.94 -6.94
C GLU B 469 64.56 28.68 -7.44
N GLY B 470 65.45 28.08 -6.64
CA GLY B 470 66.10 26.85 -7.03
C GLY B 470 65.53 25.65 -6.30
N PHE B 471 66.33 25.03 -5.44
CA PHE B 471 65.88 23.89 -4.67
C PHE B 471 64.96 24.34 -3.54
N ASN B 472 64.28 23.38 -2.93
CA ASN B 472 63.38 23.56 -1.79
C ASN B 472 62.10 24.26 -2.26
N CYS B 473 62.11 24.72 -3.51
CA CYS B 473 60.91 25.30 -4.15
C CYS B 473 60.90 24.75 -5.57
N TYR B 474 60.15 23.67 -5.79
CA TYR B 474 60.24 22.91 -7.03
C TYR B 474 59.44 23.57 -8.13
N PHE B 475 59.97 23.53 -9.34
CA PHE B 475 59.21 23.97 -10.50
C PHE B 475 58.11 22.95 -10.80
N PRO B 476 56.88 23.39 -11.06
CA PRO B 476 55.75 22.44 -11.15
C PRO B 476 55.66 21.71 -12.47
N LEU B 477 56.51 22.02 -13.45
CA LEU B 477 56.39 21.48 -14.80
C LEU B 477 57.48 20.42 -15.03
N GLN B 478 57.05 19.20 -15.33
CA GLN B 478 57.95 18.09 -15.64
C GLN B 478 57.75 17.68 -17.09
N SER B 479 58.70 16.89 -17.60
CA SER B 479 58.65 16.40 -18.96
C SER B 479 58.81 14.89 -18.98
N TYR B 480 58.11 14.23 -19.89
CA TYR B 480 58.17 12.79 -19.97
C TYR B 480 59.44 12.33 -20.68
N GLY B 481 59.63 11.02 -20.70
CA GLY B 481 60.69 10.42 -21.49
C GLY B 481 60.19 9.23 -22.26
N PHE B 482 60.25 9.28 -23.59
CA PHE B 482 59.74 8.22 -24.44
C PHE B 482 60.87 7.68 -25.30
N GLN B 483 61.08 6.38 -25.24
CA GLN B 483 62.16 5.69 -25.93
C GLN B 483 61.61 4.42 -26.56
N PRO B 484 62.23 3.94 -27.65
CA PRO B 484 61.94 2.59 -28.13
C PRO B 484 62.65 1.51 -27.33
N THR B 485 63.34 1.87 -26.26
CA THR B 485 64.14 0.93 -25.49
C THR B 485 63.39 0.29 -24.34
N ASN B 486 62.17 0.73 -24.05
CA ASN B 486 61.39 0.20 -22.94
C ASN B 486 60.17 -0.56 -23.46
N GLY B 487 59.48 -1.23 -22.56
CA GLY B 487 58.36 -2.08 -22.89
C GLY B 487 57.03 -1.33 -22.91
N VAL B 488 55.95 -2.10 -22.74
CA VAL B 488 54.62 -1.53 -22.80
C VAL B 488 54.36 -0.68 -21.56
N GLY B 489 53.40 0.24 -21.68
CA GLY B 489 53.00 1.08 -20.60
C GLY B 489 53.79 2.36 -20.44
N TYR B 490 54.96 2.45 -21.08
CA TYR B 490 55.81 3.62 -21.01
C TYR B 490 55.99 4.24 -22.38
N GLN B 491 54.93 4.20 -23.19
CA GLN B 491 54.95 4.67 -24.57
C GLN B 491 53.81 5.64 -24.80
N PRO B 492 53.98 6.58 -25.72
CA PRO B 492 52.92 7.56 -25.99
C PRO B 492 51.69 6.92 -26.60
N TYR B 493 50.53 7.52 -26.33
CA TYR B 493 49.24 7.06 -26.81
C TYR B 493 48.41 8.26 -27.24
N ARG B 494 47.68 8.11 -28.33
CA ARG B 494 46.92 9.21 -28.91
C ARG B 494 45.47 9.09 -28.49
N VAL B 495 44.88 10.19 -28.03
CA VAL B 495 43.55 10.17 -27.43
C VAL B 495 42.69 11.27 -28.06
N VAL B 496 41.46 10.91 -28.45
CA VAL B 496 40.47 11.85 -28.94
C VAL B 496 39.18 11.66 -28.14
N VAL B 497 38.57 12.77 -27.74
CA VAL B 497 37.35 12.76 -26.93
C VAL B 497 36.30 13.60 -27.63
N LEU B 498 35.10 13.06 -27.77
CA LEU B 498 34.00 13.73 -28.47
C LEU B 498 32.86 13.98 -27.49
N SER B 499 32.35 15.20 -27.48
CA SER B 499 31.28 15.61 -26.57
C SER B 499 30.07 16.09 -27.38
N PHE B 500 28.89 15.64 -26.99
CA PHE B 500 27.65 15.95 -27.67
C PHE B 500 26.73 16.78 -26.80
N GLU B 501 25.68 17.30 -27.42
CA GLU B 501 24.55 17.91 -26.71
C GLU B 501 23.29 17.50 -27.46
N LEU B 502 22.35 16.87 -26.76
CA LEU B 502 21.24 16.20 -27.41
C LEU B 502 20.22 17.22 -27.91
N LEU B 503 19.08 16.73 -28.40
CA LEU B 503 18.13 17.53 -29.16
C LEU B 503 17.42 18.52 -28.23
N HIS B 504 17.88 19.76 -28.24
CA HIS B 504 17.21 20.84 -27.52
C HIS B 504 17.18 22.13 -28.31
N ALA B 505 17.65 22.13 -29.56
CA ALA B 505 17.80 23.34 -30.34
C ALA B 505 17.90 22.93 -31.81
N PRO B 506 17.86 23.88 -32.73
CA PRO B 506 18.10 23.54 -34.15
C PRO B 506 19.43 22.83 -34.32
N ALA B 507 19.41 21.76 -35.10
CA ALA B 507 20.59 20.93 -35.29
C ALA B 507 21.44 21.45 -36.43
N THR B 508 22.70 21.02 -36.44
CA THR B 508 23.62 21.44 -37.49
C THR B 508 24.34 20.25 -38.09
N VAL B 509 24.56 19.20 -37.30
CA VAL B 509 25.29 18.02 -37.73
C VAL B 509 24.32 16.84 -37.75
N CYS B 510 24.20 16.19 -38.91
CA CYS B 510 23.25 15.10 -39.07
C CYS B 510 23.91 13.98 -39.86
N GLY B 511 23.37 12.78 -39.71
CA GLY B 511 23.95 11.61 -40.34
C GLY B 511 23.62 11.55 -41.82
N PRO B 512 24.10 10.50 -42.47
CA PRO B 512 23.89 10.33 -43.92
C PRO B 512 22.59 9.62 -44.24
N LYS B 513 21.48 10.32 -44.06
CA LYS B 513 20.15 9.80 -44.34
C LYS B 513 19.57 10.47 -45.57
N LYS B 514 18.38 10.01 -45.96
CA LYS B 514 17.69 10.52 -47.13
C LYS B 514 16.31 11.04 -46.73
N SER B 515 15.80 12.00 -47.49
CA SER B 515 14.55 12.65 -47.18
C SER B 515 13.49 12.30 -48.21
N THR B 516 12.25 12.22 -47.75
CA THR B 516 11.10 11.95 -48.60
C THR B 516 10.06 13.05 -48.43
N ASN B 517 9.17 13.16 -49.40
CA ASN B 517 8.11 14.15 -49.34
C ASN B 517 7.13 13.81 -48.22
N LEU B 518 6.43 14.83 -47.75
CA LEU B 518 5.53 14.67 -46.61
C LEU B 518 4.08 14.65 -47.05
N VAL B 519 3.26 13.95 -46.27
CA VAL B 519 1.83 13.83 -46.52
C VAL B 519 1.10 14.20 -45.24
N LYS B 520 -0.19 14.52 -45.39
CA LYS B 520 -1.02 14.96 -44.28
C LYS B 520 -2.36 14.25 -44.30
N ASN B 521 -3.05 14.30 -43.16
CA ASN B 521 -4.39 13.77 -42.97
C ASN B 521 -4.43 12.25 -42.96
N LYS B 522 -3.36 11.61 -42.49
CA LYS B 522 -3.33 10.16 -42.31
C LYS B 522 -2.56 9.85 -41.03
N CYS B 523 -2.87 8.69 -40.44
CA CYS B 523 -2.12 8.22 -39.29
C CYS B 523 -0.84 7.58 -39.81
N VAL B 524 0.27 8.29 -39.68
CA VAL B 524 1.58 7.85 -40.15
C VAL B 524 2.58 7.97 -39.00
N ASN B 525 3.75 7.36 -39.20
CA ASN B 525 4.86 7.51 -38.27
C ASN B 525 5.98 8.31 -38.95
N PHE B 526 6.61 9.19 -38.18
CA PHE B 526 7.48 10.22 -38.74
C PHE B 526 8.82 10.25 -38.01
N ASN B 527 9.77 10.97 -38.62
CA ASN B 527 11.11 11.17 -38.06
C ASN B 527 11.49 12.62 -38.35
N PHE B 528 11.41 13.47 -37.33
CA PHE B 528 11.66 14.90 -37.46
C PHE B 528 12.97 15.23 -36.75
N ASN B 529 14.07 15.26 -37.51
CA ASN B 529 15.39 15.58 -36.98
C ASN B 529 15.77 14.69 -35.80
N GLY B 530 15.44 13.41 -35.91
CA GLY B 530 15.74 12.44 -34.87
C GLY B 530 14.59 12.15 -33.93
N LEU B 531 13.51 12.92 -34.00
CA LEU B 531 12.35 12.69 -33.15
C LEU B 531 11.47 11.62 -33.76
N THR B 532 11.07 10.64 -32.96
CA THR B 532 10.27 9.52 -33.42
C THR B 532 8.89 9.54 -32.78
N GLY B 533 7.88 9.19 -33.56
CA GLY B 533 6.52 9.17 -33.04
C GLY B 533 5.55 8.64 -34.08
N THR B 534 4.26 8.76 -33.74
CA THR B 534 3.19 8.33 -34.64
C THR B 534 1.97 9.21 -34.41
N GLY B 535 1.27 9.55 -35.48
CA GLY B 535 0.07 10.36 -35.37
C GLY B 535 -0.36 10.89 -36.72
N VAL B 536 -1.19 11.94 -36.68
CA VAL B 536 -1.68 12.61 -37.88
C VAL B 536 -1.21 14.06 -37.86
N LEU B 537 -0.99 14.61 -39.05
CA LEU B 537 -0.42 15.93 -39.21
C LEU B 537 -1.43 16.87 -39.86
N THR B 538 -1.59 18.06 -39.29
CA THR B 538 -2.50 19.08 -39.81
C THR B 538 -1.85 20.44 -39.64
N GLU B 539 -2.07 21.32 -40.62
CA GLU B 539 -1.47 22.65 -40.59
C GLU B 539 -2.05 23.47 -39.46
N SER B 540 -1.18 24.20 -38.77
CA SER B 540 -1.54 24.94 -37.58
C SER B 540 -1.33 26.44 -37.80
N ASN B 541 -1.67 27.22 -36.76
CA ASN B 541 -1.57 28.68 -36.82
C ASN B 541 -0.88 29.24 -35.57
N LYS B 542 -0.01 28.46 -34.95
CA LYS B 542 0.75 28.94 -33.80
C LYS B 542 1.91 29.81 -34.27
N LYS B 543 2.16 30.89 -33.53
CA LYS B 543 3.20 31.85 -33.89
C LYS B 543 4.45 31.55 -33.06
N PHE B 544 5.54 31.22 -33.74
CA PHE B 544 6.79 30.84 -33.09
C PHE B 544 7.74 32.03 -33.03
N LEU B 545 8.85 31.82 -32.33
CA LEU B 545 9.96 32.75 -32.23
C LEU B 545 11.18 32.10 -32.85
N PRO B 546 11.86 32.73 -33.81
CA PRO B 546 12.86 31.99 -34.60
C PRO B 546 14.12 31.64 -33.84
N PHE B 547 13.93 31.12 -32.64
CA PHE B 547 14.95 30.31 -31.97
C PHE B 547 14.33 29.15 -31.21
N GLN B 548 13.01 28.97 -31.31
CA GLN B 548 12.29 27.85 -30.70
C GLN B 548 11.69 27.00 -31.81
N GLN B 549 11.79 25.68 -31.64
CA GLN B 549 11.30 24.74 -32.65
C GLN B 549 10.21 23.79 -32.15
N PHE B 550 10.26 23.38 -30.88
CA PHE B 550 9.38 22.34 -30.37
C PHE B 550 8.24 22.94 -29.56
N GLY B 551 7.34 22.07 -29.10
CA GLY B 551 6.24 22.45 -28.24
C GLY B 551 5.73 21.29 -27.43
N ARG B 552 5.61 21.45 -26.12
CA ARG B 552 5.29 20.35 -25.22
C ARG B 552 4.07 20.70 -24.38
N ASP B 553 3.21 19.70 -24.15
CA ASP B 553 2.04 19.88 -23.31
C ASP B 553 2.39 19.48 -21.88
N ILE B 554 1.37 19.35 -21.02
CA ILE B 554 1.62 19.14 -19.60
C ILE B 554 2.20 17.77 -19.31
N ALA B 555 2.05 16.81 -20.23
CA ALA B 555 2.55 15.45 -20.02
C ALA B 555 3.87 15.19 -20.74
N ASP B 556 4.54 16.24 -21.21
CA ASP B 556 5.81 16.12 -21.92
C ASP B 556 5.68 15.27 -23.18
N THR B 557 4.58 15.45 -23.90
CA THR B 557 4.40 14.84 -25.21
C THR B 557 4.48 15.91 -26.28
N THR B 558 5.29 15.68 -27.30
CA THR B 558 5.52 16.67 -28.34
C THR B 558 4.21 16.96 -29.07
N ASP B 559 3.94 18.24 -29.30
CA ASP B 559 2.68 18.68 -29.89
C ASP B 559 2.84 19.32 -31.26
N ALA B 560 3.69 20.33 -31.40
CA ALA B 560 3.86 21.03 -32.65
C ALA B 560 5.32 20.99 -33.06
N VAL B 561 5.57 20.80 -34.35
CA VAL B 561 6.93 20.69 -34.88
C VAL B 561 7.06 21.65 -36.05
N ARG B 562 8.29 22.14 -36.24
CA ARG B 562 8.60 23.06 -37.33
C ARG B 562 9.37 22.32 -38.40
N ASP B 563 8.93 22.48 -39.65
CA ASP B 563 9.53 21.73 -40.75
C ASP B 563 10.96 22.22 -41.00
N PRO B 564 11.89 21.31 -41.28
CA PRO B 564 13.29 21.73 -41.46
C PRO B 564 13.58 22.37 -42.81
N GLN B 565 12.77 22.09 -43.82
CA GLN B 565 13.03 22.58 -45.18
C GLN B 565 12.11 23.73 -45.57
N THR B 566 10.80 23.52 -45.51
CA THR B 566 9.82 24.56 -45.80
C THR B 566 9.16 24.94 -44.48
N LEU B 567 9.59 26.05 -43.91
CA LEU B 567 9.33 26.35 -42.51
C LEU B 567 7.85 26.65 -42.31
N GLU B 568 7.10 25.65 -41.83
CA GLU B 568 5.72 25.79 -41.39
C GLU B 568 5.58 25.11 -40.05
N ILE B 569 4.37 25.15 -39.50
CA ILE B 569 4.05 24.51 -38.23
C ILE B 569 2.99 23.46 -38.49
N LEU B 570 3.10 22.31 -37.82
CA LEU B 570 2.19 21.20 -38.02
C LEU B 570 1.72 20.67 -36.68
N ASP B 571 0.45 20.28 -36.62
CA ASP B 571 -0.15 19.69 -35.43
C ASP B 571 0.09 18.19 -35.39
N ILE B 572 0.02 17.63 -34.19
CA ILE B 572 0.16 16.20 -33.97
C ILE B 572 -1.03 15.72 -33.15
N THR B 573 -1.71 14.66 -33.64
CA THR B 573 -2.83 14.06 -32.95
C THR B 573 -2.77 12.56 -33.17
N PRO B 574 -2.82 11.75 -32.11
CA PRO B 574 -2.79 10.30 -32.31
C PRO B 574 -4.08 9.80 -32.93
N CYS B 575 -3.96 8.84 -33.84
CA CYS B 575 -5.14 8.31 -34.50
C CYS B 575 -5.98 7.50 -33.52
N SER B 576 -7.24 7.29 -33.88
CA SER B 576 -8.28 6.95 -32.92
C SER B 576 -8.02 5.60 -32.26
N PHE B 577 -8.68 5.40 -31.12
CA PHE B 577 -8.64 4.15 -30.37
C PHE B 577 -9.92 4.05 -29.56
N GLY B 578 -10.22 2.84 -29.08
CA GLY B 578 -11.42 2.67 -28.28
C GLY B 578 -11.52 1.26 -27.73
N GLY B 579 -12.65 0.99 -27.08
CA GLY B 579 -12.93 -0.31 -26.51
C GLY B 579 -14.07 -1.03 -27.19
N VAL B 580 -14.19 -2.34 -26.99
CA VAL B 580 -15.18 -3.16 -27.68
C VAL B 580 -16.02 -3.90 -26.65
N SER B 581 -17.34 -3.93 -26.87
CA SER B 581 -18.25 -4.65 -26.00
C SER B 581 -19.11 -5.60 -26.81
N VAL B 582 -19.51 -6.70 -26.18
CA VAL B 582 -20.28 -7.77 -26.84
C VAL B 582 -21.58 -7.97 -26.08
N ILE B 583 -22.69 -8.04 -26.81
CA ILE B 583 -24.02 -8.21 -26.26
C ILE B 583 -24.57 -9.53 -26.77
N THR B 584 -25.05 -10.36 -25.85
CA THR B 584 -25.57 -11.66 -26.24
C THR B 584 -26.73 -12.07 -25.37
N PRO B 585 -27.76 -12.70 -25.93
CA PRO B 585 -28.64 -13.53 -25.12
C PRO B 585 -27.90 -14.75 -24.64
N GLY B 586 -28.36 -15.33 -23.53
CA GLY B 586 -27.69 -16.48 -22.96
C GLY B 586 -27.45 -17.58 -23.96
N THR B 587 -26.40 -18.37 -23.77
CA THR B 587 -26.08 -19.44 -24.71
C THR B 587 -27.15 -20.53 -24.73
N ASN B 588 -28.06 -20.54 -23.76
CA ASN B 588 -29.18 -21.46 -23.80
C ASN B 588 -30.11 -21.18 -24.96
N THR B 589 -30.13 -19.94 -25.44
CA THR B 589 -31.11 -19.51 -26.44
C THR B 589 -30.56 -19.54 -27.85
N SER B 590 -29.47 -18.83 -28.12
CA SER B 590 -28.98 -18.68 -29.48
C SER B 590 -27.49 -18.37 -29.44
N ASN B 591 -26.90 -18.27 -30.64
CA ASN B 591 -25.47 -17.97 -30.78
C ASN B 591 -25.22 -16.69 -31.57
N GLN B 592 -26.20 -15.79 -31.63
CA GLN B 592 -26.03 -14.51 -32.29
C GLN B 592 -25.51 -13.48 -31.29
N VAL B 593 -24.64 -12.59 -31.76
CA VAL B 593 -24.03 -11.57 -30.92
C VAL B 593 -24.11 -10.22 -31.61
N ALA B 594 -24.08 -9.17 -30.80
CA ALA B 594 -24.01 -7.79 -31.28
C ALA B 594 -22.75 -7.15 -30.72
N VAL B 595 -22.15 -6.26 -31.50
CA VAL B 595 -20.88 -5.64 -31.15
C VAL B 595 -21.06 -4.14 -31.04
N LEU B 596 -20.49 -3.56 -29.98
CA LEU B 596 -20.56 -2.12 -29.73
C LEU B 596 -19.15 -1.56 -29.68
N TYR B 597 -18.90 -0.53 -30.49
CA TYR B 597 -17.64 0.19 -30.52
C TYR B 597 -17.85 1.54 -29.83
N GLN B 598 -17.07 1.79 -28.78
CA GLN B 598 -17.33 2.91 -27.89
C GLN B 598 -16.58 4.16 -28.35
N ASP B 599 -17.29 5.28 -28.39
CA ASP B 599 -16.71 6.60 -28.69
C ASP B 599 -16.10 6.65 -30.08
N VAL B 600 -16.88 6.20 -31.08
CA VAL B 600 -16.46 6.26 -32.47
C VAL B 600 -17.62 6.78 -33.31
N ASN B 601 -17.33 7.02 -34.58
CA ASN B 601 -18.32 7.33 -35.58
C ASN B 601 -18.48 6.12 -36.50
N CYS B 602 -19.73 5.83 -36.89
CA CYS B 602 -20.02 4.60 -37.60
C CYS B 602 -19.45 4.56 -39.01
N THR B 603 -18.66 5.55 -39.41
CA THR B 603 -18.10 5.58 -40.75
C THR B 603 -16.79 4.80 -40.88
N GLU B 604 -15.96 4.81 -39.84
CA GLU B 604 -14.64 4.18 -39.87
C GLU B 604 -14.55 3.00 -38.90
N VAL B 605 -15.59 2.17 -38.85
CA VAL B 605 -15.55 0.96 -38.05
C VAL B 605 -14.70 -0.15 -38.68
N PRO B 606 -14.65 -0.34 -40.00
CA PRO B 606 -13.96 -1.52 -40.53
C PRO B 606 -12.44 -1.43 -40.53
N VAL B 607 -11.85 -0.41 -39.90
CA VAL B 607 -10.40 -0.31 -39.82
C VAL B 607 -9.88 -0.66 -38.44
N ALA B 608 -10.74 -1.15 -37.54
CA ALA B 608 -10.32 -1.54 -36.21
C ALA B 608 -9.29 -2.66 -36.26
N SER B 625 -27.08 -1.80 -43.59
CA SER B 625 -27.75 -2.92 -42.93
C SER B 625 -27.20 -3.14 -41.53
N ASN B 626 -28.06 -2.93 -40.53
CA ASN B 626 -27.72 -3.13 -39.12
C ASN B 626 -26.55 -2.24 -38.71
N VAL B 627 -26.76 -0.93 -38.83
CA VAL B 627 -25.81 0.08 -38.37
C VAL B 627 -26.60 1.16 -37.64
N PHE B 628 -26.44 1.23 -36.32
CA PHE B 628 -27.14 2.19 -35.48
C PHE B 628 -26.12 3.05 -34.75
N GLN B 629 -26.34 4.36 -34.72
CA GLN B 629 -25.46 5.30 -34.06
C GLN B 629 -26.16 5.88 -32.84
N THR B 630 -25.56 5.70 -31.67
CA THR B 630 -26.11 6.17 -30.41
C THR B 630 -25.15 7.16 -29.75
N ARG B 631 -25.52 7.63 -28.57
CA ARG B 631 -24.64 8.50 -27.81
C ARG B 631 -23.45 7.76 -27.22
N ALA B 632 -23.44 6.43 -27.28
CA ALA B 632 -22.32 5.63 -26.79
C ALA B 632 -21.38 5.18 -27.89
N GLY B 633 -21.85 5.02 -29.12
CA GLY B 633 -20.99 4.64 -30.21
C GLY B 633 -21.75 3.86 -31.27
N CYS B 634 -21.00 3.12 -32.07
CA CYS B 634 -21.56 2.36 -33.18
C CYS B 634 -22.10 1.02 -32.69
N LEU B 635 -23.29 0.67 -33.17
CA LEU B 635 -23.94 -0.59 -32.83
C LEU B 635 -24.19 -1.38 -34.10
N ILE B 636 -23.57 -2.55 -34.21
CA ILE B 636 -23.63 -3.38 -35.40
C ILE B 636 -24.34 -4.67 -35.06
N GLY B 637 -25.39 -4.98 -35.81
CA GLY B 637 -26.13 -6.21 -35.63
C GLY B 637 -27.40 -6.11 -34.81
N ALA B 638 -28.06 -4.95 -34.81
CA ALA B 638 -29.29 -4.76 -34.07
C ALA B 638 -30.28 -4.00 -34.94
N GLU B 639 -31.57 -4.22 -34.69
CA GLU B 639 -32.64 -3.61 -35.46
C GLU B 639 -33.39 -2.58 -34.62
N HIS B 640 -33.64 -1.42 -35.20
CA HIS B 640 -34.35 -0.34 -34.53
C HIS B 640 -35.86 -0.54 -34.66
N VAL B 641 -36.58 -0.28 -33.57
CA VAL B 641 -38.03 -0.38 -33.56
C VAL B 641 -38.61 0.93 -33.02
N ASN B 642 -39.93 0.99 -32.93
CA ASN B 642 -40.62 2.18 -32.47
C ASN B 642 -41.45 1.98 -31.20
N ASN B 643 -41.56 0.75 -30.69
CA ASN B 643 -42.33 0.50 -29.48
C ASN B 643 -41.51 0.90 -28.25
N SER B 644 -41.98 0.50 -27.08
CA SER B 644 -41.25 0.75 -25.84
C SER B 644 -41.70 -0.29 -24.81
N TYR B 645 -40.73 -1.01 -24.25
CA TYR B 645 -41.01 -2.01 -23.21
C TYR B 645 -40.02 -1.80 -22.07
N GLU B 646 -40.19 -2.58 -21.01
CA GLU B 646 -39.14 -2.70 -20.00
C GLU B 646 -37.93 -3.38 -20.62
N CYS B 647 -36.73 -2.96 -20.22
CA CYS B 647 -35.53 -3.32 -20.96
C CYS B 647 -34.69 -4.33 -20.19
N ASP B 648 -34.12 -5.28 -20.94
CA ASP B 648 -33.43 -6.44 -20.40
C ASP B 648 -31.93 -6.18 -20.22
N ILE B 649 -31.27 -5.66 -21.25
CA ILE B 649 -29.85 -5.33 -21.20
C ILE B 649 -29.73 -3.82 -21.40
N PRO B 650 -29.01 -3.11 -20.54
CA PRO B 650 -28.84 -1.66 -20.73
C PRO B 650 -27.62 -1.33 -21.57
N ILE B 651 -27.80 -0.39 -22.49
CA ILE B 651 -26.70 0.06 -23.35
C ILE B 651 -26.19 1.41 -22.86
N GLY B 652 -27.04 2.42 -22.86
CA GLY B 652 -26.65 3.73 -22.39
C GLY B 652 -27.54 4.85 -22.87
N ALA B 653 -27.74 5.86 -22.03
CA ALA B 653 -28.51 7.07 -22.37
C ALA B 653 -29.93 6.73 -22.84
N GLY B 654 -30.58 5.80 -22.14
CA GLY B 654 -31.96 5.47 -22.42
C GLY B 654 -32.19 4.44 -23.51
N ILE B 655 -31.15 3.81 -24.02
CA ILE B 655 -31.27 2.80 -25.07
C ILE B 655 -31.00 1.43 -24.44
N CYS B 656 -31.89 0.48 -24.72
CA CYS B 656 -31.78 -0.87 -24.17
C CYS B 656 -32.03 -1.87 -25.28
N ALA B 657 -31.49 -3.08 -25.10
CA ALA B 657 -31.57 -4.12 -26.11
C ALA B 657 -32.09 -5.41 -25.51
N SER B 658 -32.78 -6.19 -26.34
CA SER B 658 -33.35 -7.46 -25.90
C SER B 658 -33.47 -8.41 -27.09
N TYR B 659 -33.54 -9.69 -26.80
CA TYR B 659 -33.74 -10.73 -27.82
C TYR B 659 -35.21 -11.17 -27.76
N GLN B 660 -35.98 -10.74 -28.75
CA GLN B 660 -37.39 -11.08 -28.80
C GLN B 660 -37.58 -12.56 -29.04
N SER B 676 -34.20 -12.31 -33.82
CA SER B 676 -33.25 -11.21 -33.99
C SER B 676 -33.08 -10.44 -32.68
N ILE B 677 -32.27 -9.38 -32.72
CA ILE B 677 -31.99 -8.56 -31.56
C ILE B 677 -32.46 -7.14 -31.87
N ILE B 678 -33.27 -6.58 -30.97
CA ILE B 678 -33.90 -5.28 -31.19
C ILE B 678 -33.43 -4.30 -30.13
N ALA B 679 -33.47 -3.02 -30.48
CA ALA B 679 -33.10 -1.93 -29.57
C ALA B 679 -34.22 -0.90 -29.53
N TYR B 680 -34.43 -0.29 -28.37
CA TYR B 680 -35.57 0.59 -28.18
C TYR B 680 -35.27 1.56 -27.04
N THR B 681 -36.17 2.51 -26.85
CA THR B 681 -36.14 3.42 -25.71
C THR B 681 -37.08 2.90 -24.63
N MET B 682 -36.59 2.78 -23.42
CA MET B 682 -37.34 2.15 -22.35
C MET B 682 -38.48 3.04 -21.87
N SER B 683 -39.58 2.40 -21.47
CA SER B 683 -40.74 3.09 -20.92
C SER B 683 -40.71 3.04 -19.40
N LEU B 684 -41.27 4.08 -18.79
CA LEU B 684 -41.24 4.22 -17.34
C LEU B 684 -42.45 3.62 -16.65
N GLY B 685 -43.48 3.25 -17.39
CA GLY B 685 -44.65 2.64 -16.80
C GLY B 685 -45.90 3.05 -17.56
N ALA B 686 -47.04 2.77 -16.94
CA ALA B 686 -48.33 3.06 -17.53
C ALA B 686 -48.79 4.46 -17.17
N GLU B 687 -49.88 4.90 -17.81
CA GLU B 687 -50.44 6.21 -17.59
C GLU B 687 -51.70 6.13 -16.74
N ASN B 688 -51.92 7.16 -15.92
CA ASN B 688 -53.05 7.18 -15.01
C ASN B 688 -53.46 8.63 -14.77
N SER B 689 -54.77 8.83 -14.62
CA SER B 689 -55.32 10.14 -14.27
C SER B 689 -56.31 9.95 -13.13
N VAL B 690 -56.11 10.69 -12.04
CA VAL B 690 -57.01 10.63 -10.89
C VAL B 690 -58.11 11.66 -11.06
N ALA B 691 -59.35 11.21 -10.99
CA ALA B 691 -60.49 12.12 -11.13
C ALA B 691 -60.57 12.98 -9.88
N TYR B 692 -60.16 14.23 -10.00
CA TYR B 692 -60.12 15.16 -8.88
C TYR B 692 -61.23 16.18 -9.03
N SER B 693 -62.00 16.38 -7.95
CA SER B 693 -62.96 17.47 -7.87
C SER B 693 -62.93 18.04 -6.46
N ASN B 694 -63.91 18.88 -6.12
CA ASN B 694 -63.97 19.46 -4.79
C ASN B 694 -65.09 18.93 -3.92
N ASN B 695 -65.81 17.89 -4.35
CA ASN B 695 -66.79 17.25 -3.49
C ASN B 695 -66.86 15.74 -3.63
N SER B 696 -65.86 15.08 -4.19
CA SER B 696 -65.90 13.65 -4.45
C SER B 696 -64.77 12.94 -3.71
N ILE B 697 -65.10 11.79 -3.10
CA ILE B 697 -64.17 11.00 -2.31
C ILE B 697 -64.34 9.53 -2.64
N ALA B 698 -63.33 8.73 -2.30
CA ALA B 698 -63.34 7.30 -2.55
C ALA B 698 -62.99 6.54 -1.27
N ILE B 699 -63.69 5.44 -1.03
CA ILE B 699 -63.53 4.66 0.20
C ILE B 699 -63.50 3.17 -0.12
N PRO B 700 -62.63 2.39 0.51
CA PRO B 700 -62.54 0.96 0.19
C PRO B 700 -63.70 0.17 0.77
N THR B 701 -63.79 -1.09 0.32
CA THR B 701 -64.82 -2.02 0.79
C THR B 701 -64.26 -3.36 1.25
N ASN B 702 -63.07 -3.76 0.80
CA ASN B 702 -62.53 -5.08 1.12
C ASN B 702 -61.05 -4.94 1.44
N PHE B 703 -60.43 -6.04 1.83
CA PHE B 703 -59.03 -6.01 2.25
C PHE B 703 -58.36 -7.33 1.87
N THR B 704 -57.02 -7.31 1.82
CA THR B 704 -56.22 -8.50 1.54
C THR B 704 -54.96 -8.50 2.41
N ILE B 705 -54.51 -9.69 2.76
CA ILE B 705 -53.35 -9.89 3.62
C ILE B 705 -52.23 -10.49 2.78
N SER B 706 -51.04 -9.91 2.86
CA SER B 706 -49.91 -10.32 2.03
C SER B 706 -48.69 -10.59 2.91
N VAL B 707 -47.78 -11.40 2.37
CA VAL B 707 -46.55 -11.78 3.04
C VAL B 707 -45.39 -11.64 2.06
N THR B 708 -44.29 -11.03 2.51
CA THR B 708 -43.13 -10.79 1.68
C THR B 708 -41.86 -11.25 2.40
N THR B 709 -40.75 -11.26 1.67
CA THR B 709 -39.47 -11.75 2.17
C THR B 709 -38.39 -10.68 2.05
N GLU B 710 -37.37 -10.79 2.90
CA GLU B 710 -36.26 -9.85 2.92
C GLU B 710 -35.02 -10.55 3.45
N ILE B 711 -33.89 -10.38 2.76
CA ILE B 711 -32.67 -11.11 3.01
C ILE B 711 -31.52 -10.14 3.26
N LEU B 712 -30.68 -10.44 4.26
CA LEU B 712 -29.54 -9.59 4.63
C LEU B 712 -28.38 -10.44 5.15
N PRO B 713 -27.15 -10.21 4.67
CA PRO B 713 -26.00 -10.93 5.20
C PRO B 713 -25.51 -10.35 6.51
N VAL B 714 -24.76 -11.17 7.25
CA VAL B 714 -24.31 -10.79 8.59
C VAL B 714 -22.80 -10.94 8.77
N SER B 715 -22.26 -12.11 8.48
CA SER B 715 -20.87 -12.43 8.83
C SER B 715 -20.12 -12.95 7.60
N MET B 716 -18.82 -13.16 7.79
CA MET B 716 -17.92 -13.66 6.74
C MET B 716 -17.14 -14.87 7.23
N THR B 717 -16.14 -15.28 6.45
CA THR B 717 -15.26 -16.38 6.80
C THR B 717 -13.97 -15.84 7.42
N LYS B 718 -13.45 -16.59 8.39
CA LYS B 718 -12.30 -16.16 9.20
C LYS B 718 -11.05 -16.88 8.71
N THR B 719 -10.14 -16.14 8.07
CA THR B 719 -8.92 -16.69 7.52
C THR B 719 -7.70 -16.08 8.20
N SER B 720 -6.58 -16.79 8.10
CA SER B 720 -5.32 -16.32 8.66
C SER B 720 -4.18 -16.75 7.75
N VAL B 721 -3.20 -15.88 7.59
CA VAL B 721 -2.04 -16.13 6.73
C VAL B 721 -0.78 -15.90 7.53
N ASP B 722 0.23 -16.75 7.29
CA ASP B 722 1.53 -16.63 7.92
C ASP B 722 2.52 -16.04 6.93
N CYS B 723 3.21 -14.97 7.33
CA CYS B 723 4.15 -14.31 6.44
C CYS B 723 5.25 -15.24 5.97
N THR B 724 6.09 -15.69 6.91
CA THR B 724 7.36 -16.31 6.54
C THR B 724 7.15 -17.54 5.67
N MET B 725 6.12 -18.33 5.96
CA MET B 725 5.86 -19.50 5.13
C MET B 725 5.37 -19.11 3.75
N TYR B 726 4.56 -18.06 3.65
CA TYR B 726 4.07 -17.62 2.35
C TYR B 726 5.17 -17.00 1.49
N ILE B 727 6.13 -16.32 2.12
CA ILE B 727 7.14 -15.57 1.38
C ILE B 727 8.38 -16.41 1.16
N CYS B 728 9.03 -16.82 2.26
CA CYS B 728 10.34 -17.45 2.19
C CYS B 728 10.29 -18.97 2.28
N GLY B 729 9.12 -19.57 2.32
CA GLY B 729 9.01 -21.02 2.36
C GLY B 729 9.63 -21.62 3.61
N ASP B 730 10.76 -22.29 3.43
CA ASP B 730 11.49 -22.86 4.57
C ASP B 730 12.99 -22.66 4.43
N SER B 731 13.41 -21.59 3.76
CA SER B 731 14.82 -21.30 3.54
C SER B 731 15.29 -20.26 4.54
N THR B 732 16.35 -20.59 5.28
CA THR B 732 16.82 -19.69 6.34
C THR B 732 17.45 -18.42 5.78
N GLU B 733 18.07 -18.51 4.60
CA GLU B 733 18.68 -17.34 3.99
C GLU B 733 17.65 -16.28 3.68
N CYS B 734 16.49 -16.69 3.17
CA CYS B 734 15.42 -15.74 2.88
C CYS B 734 14.93 -15.08 4.16
N SER B 735 14.86 -15.82 5.25
CA SER B 735 14.47 -15.24 6.53
C SER B 735 15.49 -14.21 7.01
N ASN B 736 16.79 -14.54 6.87
CA ASN B 736 17.82 -13.58 7.24
C ASN B 736 17.73 -12.31 6.40
N LEU B 737 17.41 -12.45 5.11
CA LEU B 737 17.24 -11.28 4.27
C LEU B 737 16.00 -10.49 4.66
N LEU B 738 14.92 -11.18 5.02
CA LEU B 738 13.67 -10.53 5.37
C LEU B 738 13.77 -9.78 6.69
N LEU B 739 14.69 -10.20 7.57
CA LEU B 739 14.84 -9.54 8.86
C LEU B 739 15.29 -8.08 8.74
N GLN B 740 15.50 -7.60 7.52
CA GLN B 740 15.94 -6.23 7.28
C GLN B 740 14.81 -5.27 6.97
N TYR B 741 13.55 -5.71 7.02
CA TYR B 741 12.43 -4.90 6.54
C TYR B 741 11.54 -4.36 7.66
N GLY B 742 11.82 -4.67 8.91
CA GLY B 742 11.10 -4.06 10.02
C GLY B 742 10.01 -4.96 10.56
N SER B 743 8.81 -4.40 10.73
CA SER B 743 7.70 -5.06 11.41
C SER B 743 6.42 -4.95 10.61
N PHE B 744 6.50 -5.21 9.30
CA PHE B 744 5.31 -5.22 8.46
C PHE B 744 4.40 -6.39 8.80
N CYS B 745 4.99 -7.54 9.11
CA CYS B 745 4.23 -8.77 9.23
C CYS B 745 3.41 -8.82 10.51
N THR B 746 3.96 -8.27 11.60
CA THR B 746 3.16 -8.13 12.82
C THR B 746 1.94 -7.25 12.55
N GLN B 747 2.13 -6.19 11.75
CA GLN B 747 1.01 -5.31 11.40
C GLN B 747 -0.05 -6.08 10.63
N LEU B 748 0.36 -6.87 9.65
CA LEU B 748 -0.61 -7.62 8.86
C LEU B 748 -1.36 -8.63 9.71
N ASN B 749 -0.65 -9.36 10.56
CA ASN B 749 -1.30 -10.33 11.44
C ASN B 749 -2.28 -9.65 12.39
N ARG B 750 -1.90 -8.49 12.92
CA ARG B 750 -2.78 -7.75 13.82
C ARG B 750 -4.06 -7.33 13.10
N ALA B 751 -3.93 -6.84 11.87
CA ALA B 751 -5.11 -6.45 11.10
C ALA B 751 -6.03 -7.64 10.86
N LEU B 752 -5.46 -8.79 10.51
CA LEU B 752 -6.29 -9.97 10.25
C LEU B 752 -7.01 -10.43 11.51
N THR B 753 -6.33 -10.43 12.66
CA THR B 753 -6.99 -10.83 13.90
C THR B 753 -8.11 -9.87 14.28
N GLY B 754 -7.89 -8.56 14.08
CA GLY B 754 -8.94 -7.60 14.31
C GLY B 754 -10.16 -7.85 13.44
N ILE B 755 -9.93 -8.18 12.17
CA ILE B 755 -11.05 -8.55 11.29
C ILE B 755 -11.75 -9.80 11.82
N ALA B 756 -10.97 -10.75 12.35
CA ALA B 756 -11.55 -12.03 12.77
C ALA B 756 -12.52 -11.86 13.93
N VAL B 757 -12.19 -11.03 14.92
CA VAL B 757 -13.06 -10.94 16.09
C VAL B 757 -14.41 -10.27 15.75
N GLU B 758 -14.43 -9.44 14.71
CA GLU B 758 -15.60 -8.63 14.42
C GLU B 758 -16.79 -9.46 13.95
N GLN B 759 -16.55 -10.59 13.28
CA GLN B 759 -17.66 -11.42 12.83
C GLN B 759 -18.44 -11.99 14.01
N ASP B 760 -17.72 -12.50 15.02
CA ASP B 760 -18.39 -12.96 16.24
C ASP B 760 -19.12 -11.81 16.91
N LYS B 761 -18.51 -10.63 16.93
CA LYS B 761 -19.20 -9.46 17.49
C LYS B 761 -20.53 -9.22 16.80
N ASN B 762 -20.54 -9.24 15.46
CA ASN B 762 -21.75 -8.98 14.69
C ASN B 762 -22.83 -10.03 14.97
N THR B 763 -22.45 -11.31 14.97
CA THR B 763 -23.43 -12.36 15.22
C THR B 763 -24.02 -12.23 16.63
N GLN B 764 -23.19 -11.90 17.61
CA GLN B 764 -23.69 -11.68 18.96
C GLN B 764 -24.67 -10.52 19.00
N GLU B 765 -24.35 -9.43 18.31
CA GLU B 765 -25.24 -8.28 18.30
C GLU B 765 -26.58 -8.61 17.67
N VAL B 766 -26.59 -9.43 16.63
CA VAL B 766 -27.83 -9.72 15.93
C VAL B 766 -28.70 -10.72 16.69
N PHE B 767 -28.16 -11.88 17.05
CA PHE B 767 -29.02 -13.00 17.42
C PHE B 767 -29.24 -13.15 18.93
N ALA B 768 -28.68 -12.29 19.77
CA ALA B 768 -28.81 -12.42 21.22
C ALA B 768 -29.51 -11.20 21.79
N GLN B 769 -30.84 -11.24 21.86
CA GLN B 769 -31.63 -10.14 22.38
C GLN B 769 -32.38 -10.49 23.66
N VAL B 770 -32.79 -11.74 23.84
CA VAL B 770 -33.42 -12.18 25.08
C VAL B 770 -32.40 -12.95 25.89
N LYS B 771 -32.66 -13.09 27.19
CA LYS B 771 -31.80 -13.87 28.06
C LYS B 771 -32.52 -15.05 28.71
N GLN B 772 -33.69 -15.42 28.20
CA GLN B 772 -34.40 -16.61 28.64
C GLN B 772 -34.82 -17.41 27.42
N ILE B 773 -34.91 -18.73 27.59
CA ILE B 773 -35.35 -19.63 26.52
C ILE B 773 -36.79 -20.01 26.79
N TYR B 774 -37.68 -19.70 25.85
CA TYR B 774 -39.11 -19.91 25.99
C TYR B 774 -39.53 -21.17 25.24
N LYS B 775 -40.52 -21.86 25.78
CA LYS B 775 -41.04 -23.10 25.21
C LYS B 775 -42.41 -22.86 24.59
N THR B 776 -42.82 -23.79 23.75
CA THR B 776 -44.13 -23.73 23.12
C THR B 776 -45.03 -24.84 23.66
N PRO B 777 -46.31 -24.56 23.88
CA PRO B 777 -47.18 -25.59 24.45
C PRO B 777 -47.36 -26.76 23.50
N PRO B 778 -47.60 -27.97 24.02
CA PRO B 778 -47.77 -29.12 23.14
C PRO B 778 -49.13 -29.18 22.46
N ILE B 779 -50.12 -28.44 22.94
CA ILE B 779 -51.45 -28.39 22.34
C ILE B 779 -51.59 -27.07 21.63
N LYS B 780 -52.02 -27.12 20.37
CA LYS B 780 -52.11 -25.94 19.52
C LYS B 780 -53.54 -25.77 19.03
N ASP B 781 -54.21 -24.72 19.52
CA ASP B 781 -55.51 -24.29 19.00
C ASP B 781 -55.53 -22.76 19.03
N PHE B 782 -55.08 -22.16 17.92
CA PHE B 782 -54.93 -20.71 17.84
C PHE B 782 -56.08 -20.05 17.09
N GLY B 783 -57.29 -20.60 17.21
CA GLY B 783 -58.44 -20.02 16.56
C GLY B 783 -58.49 -20.19 15.06
N GLY B 784 -57.79 -21.18 14.53
CA GLY B 784 -57.73 -21.40 13.10
C GLY B 784 -56.43 -21.00 12.44
N PHE B 785 -55.40 -20.66 13.20
CA PHE B 785 -54.12 -20.25 12.66
C PHE B 785 -53.17 -21.43 12.69
N ASN B 786 -52.52 -21.70 11.56
CA ASN B 786 -51.68 -22.87 11.38
C ASN B 786 -50.24 -22.38 11.23
N PHE B 787 -49.40 -22.69 12.23
CA PHE B 787 -48.01 -22.26 12.26
C PHE B 787 -47.05 -23.42 11.98
N SER B 788 -47.52 -24.44 11.26
CA SER B 788 -46.73 -25.66 11.12
C SER B 788 -45.49 -25.45 10.26
N GLN B 789 -45.54 -24.50 9.33
CA GLN B 789 -44.44 -24.34 8.37
C GLN B 789 -43.27 -23.54 8.93
N ILE B 790 -43.37 -22.99 10.13
CA ILE B 790 -42.28 -22.24 10.73
C ILE B 790 -41.80 -22.80 12.06
N LEU B 791 -42.58 -23.67 12.70
CA LEU B 791 -42.19 -24.23 13.99
C LEU B 791 -41.19 -25.37 13.83
N PRO B 792 -40.43 -25.68 14.88
CA PRO B 792 -39.44 -26.76 14.77
C PRO B 792 -40.09 -28.11 14.53
N ASP B 793 -39.36 -28.97 13.82
CA ASP B 793 -39.82 -30.31 13.50
C ASP B 793 -39.11 -31.31 14.38
N PRO B 794 -39.81 -32.02 15.28
CA PRO B 794 -39.13 -32.95 16.20
C PRO B 794 -38.74 -34.28 15.57
N SER B 795 -39.19 -34.58 14.36
CA SER B 795 -38.91 -35.85 13.70
C SER B 795 -37.67 -35.79 12.82
N LYS B 796 -36.71 -34.94 13.15
CA LYS B 796 -35.43 -34.86 12.46
C LYS B 796 -34.33 -34.61 13.48
N PRO B 797 -33.11 -35.09 13.21
CA PRO B 797 -32.03 -34.90 14.18
C PRO B 797 -31.50 -33.48 14.25
N SER B 798 -31.87 -32.61 13.32
CA SER B 798 -31.35 -31.25 13.28
C SER B 798 -32.25 -30.24 13.96
N LYS B 799 -33.55 -30.54 14.13
CA LYS B 799 -34.51 -29.65 14.75
C LYS B 799 -34.59 -28.31 14.01
N ARG B 800 -35.01 -28.39 12.75
CA ARG B 800 -35.15 -27.22 11.89
C ARG B 800 -36.51 -27.23 11.22
N SER B 801 -37.06 -26.04 11.02
CA SER B 801 -38.34 -25.91 10.34
C SER B 801 -38.17 -26.26 8.86
N PRO B 802 -39.26 -26.65 8.19
CA PRO B 802 -39.14 -27.01 6.76
C PRO B 802 -38.60 -25.90 5.89
N ILE B 803 -38.93 -24.65 6.19
CA ILE B 803 -38.41 -23.53 5.41
C ILE B 803 -36.90 -23.39 5.61
N GLU B 804 -36.43 -23.57 6.84
CA GLU B 804 -34.99 -23.53 7.09
C GLU B 804 -34.29 -24.70 6.40
N ASP B 805 -34.93 -25.87 6.38
CA ASP B 805 -34.35 -26.99 5.65
C ASP B 805 -34.25 -26.69 4.15
N LEU B 806 -35.27 -26.05 3.59
CA LEU B 806 -35.20 -25.67 2.18
C LEU B 806 -34.11 -24.64 1.93
N LEU B 807 -33.96 -23.68 2.83
CA LEU B 807 -32.94 -22.66 2.67
C LEU B 807 -31.53 -23.24 2.77
N PHE B 808 -31.35 -24.23 3.66
CA PHE B 808 -30.02 -24.78 3.89
C PHE B 808 -29.48 -25.53 2.67
N ASN B 809 -30.36 -26.10 1.86
CA ASN B 809 -29.95 -26.91 0.72
C ASN B 809 -29.73 -26.09 -0.55
N LYS B 810 -30.01 -24.78 -0.51
CA LYS B 810 -29.94 -23.97 -1.72
C LYS B 810 -28.61 -23.26 -1.90
N VAL B 811 -27.91 -22.95 -0.83
CA VAL B 811 -26.65 -22.22 -0.91
C VAL B 811 -25.50 -23.21 -1.03
N THR B 812 -24.68 -23.06 -2.05
CA THR B 812 -23.55 -23.95 -2.28
C THR B 812 -22.29 -23.39 -1.65
N LEU B 834 -6.81 -26.36 -4.78
CA LEU B 834 -6.88 -25.10 -4.06
C LEU B 834 -7.03 -25.34 -2.56
N ILE B 835 -7.81 -26.37 -2.21
CA ILE B 835 -8.02 -26.70 -0.80
C ILE B 835 -6.70 -27.12 -0.16
N CYS B 836 -5.94 -27.97 -0.86
CA CYS B 836 -4.61 -28.34 -0.37
C CYS B 836 -3.64 -27.16 -0.45
N ALA B 837 -3.75 -26.33 -1.49
CA ALA B 837 -2.87 -25.18 -1.64
C ALA B 837 -3.03 -24.22 -0.46
N GLN B 838 -4.27 -23.98 -0.04
CA GLN B 838 -4.48 -23.19 1.17
C GLN B 838 -3.85 -23.89 2.38
N LYS B 839 -4.02 -25.20 2.48
CA LYS B 839 -3.37 -25.97 3.53
C LYS B 839 -1.86 -26.05 3.34
N PHE B 840 -1.34 -25.62 2.19
CA PHE B 840 0.09 -25.75 1.91
C PHE B 840 0.87 -24.49 2.28
N ASN B 841 0.43 -23.33 1.82
CA ASN B 841 1.24 -22.12 1.86
C ASN B 841 1.04 -21.30 3.14
N GLY B 842 0.25 -21.78 4.09
CA GLY B 842 0.10 -21.06 5.34
C GLY B 842 -1.23 -20.37 5.50
N LEU B 843 -2.26 -20.91 4.86
CA LEU B 843 -3.61 -20.36 4.94
C LEU B 843 -4.48 -21.29 5.76
N THR B 844 -5.20 -20.73 6.74
CA THR B 844 -6.01 -21.51 7.65
C THR B 844 -7.39 -20.88 7.80
N VAL B 845 -8.36 -21.70 8.17
CA VAL B 845 -9.75 -21.28 8.36
C VAL B 845 -10.10 -21.52 9.82
N LEU B 846 -10.52 -20.47 10.51
CA LEU B 846 -10.87 -20.63 11.92
C LEU B 846 -12.36 -20.89 12.08
N PRO B 847 -12.74 -21.75 13.02
CA PRO B 847 -14.15 -22.08 13.20
C PRO B 847 -14.89 -20.97 13.94
N PRO B 848 -16.20 -20.87 13.78
CA PRO B 848 -16.97 -19.87 14.53
C PRO B 848 -17.09 -20.21 16.00
N LEU B 849 -17.80 -19.37 16.75
CA LEU B 849 -18.03 -19.61 18.18
C LEU B 849 -19.40 -20.22 18.47
N LEU B 850 -20.45 -19.76 17.80
CA LEU B 850 -21.79 -20.28 18.00
C LEU B 850 -22.13 -21.24 16.86
N THR B 851 -22.45 -22.48 17.22
CA THR B 851 -22.88 -23.45 16.22
C THR B 851 -24.29 -23.12 15.74
N ASP B 852 -24.71 -23.81 14.66
CA ASP B 852 -26.02 -23.55 14.09
C ASP B 852 -27.14 -24.00 15.01
N GLU B 853 -26.88 -24.99 15.86
CA GLU B 853 -27.89 -25.44 16.81
C GLU B 853 -28.28 -24.34 17.78
N MET B 854 -27.29 -23.61 18.29
CA MET B 854 -27.57 -22.52 19.23
C MET B 854 -28.35 -21.39 18.57
N ILE B 855 -28.02 -21.07 17.33
CA ILE B 855 -28.74 -20.03 16.61
C ILE B 855 -30.19 -20.46 16.39
N ALA B 856 -30.40 -21.74 16.06
CA ALA B 856 -31.77 -22.25 15.91
C ALA B 856 -32.52 -22.17 17.23
N GLN B 857 -31.84 -22.48 18.35
CA GLN B 857 -32.49 -22.37 19.65
C GLN B 857 -32.92 -20.94 19.94
N TYR B 858 -32.05 -19.98 19.63
CA TYR B 858 -32.39 -18.57 19.80
C TYR B 858 -33.62 -18.19 18.97
N THR B 859 -33.64 -18.62 17.71
CA THR B 859 -34.75 -18.28 16.84
C THR B 859 -36.05 -18.89 17.35
N SER B 860 -36.01 -20.15 17.78
CA SER B 860 -37.22 -20.79 18.29
C SER B 860 -37.71 -20.11 19.56
N ALA B 861 -36.78 -19.70 20.44
CA ALA B 861 -37.18 -18.98 21.64
C ALA B 861 -37.88 -17.67 21.29
N LEU B 862 -37.33 -16.92 20.34
CA LEU B 862 -37.96 -15.67 19.92
C LEU B 862 -39.35 -15.92 19.35
N LEU B 863 -39.48 -16.93 18.50
CA LEU B 863 -40.77 -17.22 17.88
C LEU B 863 -41.81 -17.61 18.93
N ALA B 864 -41.44 -18.48 19.87
CA ALA B 864 -42.37 -18.88 20.91
C ALA B 864 -42.78 -17.68 21.75
N GLY B 865 -41.82 -16.83 22.12
CA GLY B 865 -42.15 -15.67 22.93
C GLY B 865 -43.12 -14.74 22.24
N THR B 866 -42.89 -14.47 20.95
CA THR B 866 -43.80 -13.56 20.26
C THR B 866 -45.16 -14.20 20.00
N ILE B 867 -45.22 -15.52 19.84
CA ILE B 867 -46.49 -16.18 19.61
C ILE B 867 -47.34 -16.18 20.88
N THR B 868 -46.72 -16.40 22.04
CA THR B 868 -47.49 -16.56 23.26
C THR B 868 -47.79 -15.25 23.99
N SER B 869 -46.89 -14.28 23.94
CA SER B 869 -47.04 -13.05 24.73
C SER B 869 -47.34 -11.81 23.89
N GLY B 870 -46.53 -11.52 22.89
CA GLY B 870 -46.72 -10.32 22.09
C GLY B 870 -45.52 -9.39 22.14
N TRP B 871 -45.76 -8.12 22.41
CA TRP B 871 -44.68 -7.15 22.58
C TRP B 871 -44.30 -6.96 24.04
N THR B 872 -44.89 -7.71 24.96
CA THR B 872 -44.70 -7.51 26.38
C THR B 872 -43.46 -8.18 26.93
N PHE B 873 -42.82 -9.08 26.19
CA PHE B 873 -41.61 -9.72 26.66
C PHE B 873 -40.36 -8.98 26.25
N GLY B 874 -40.49 -7.86 25.55
CA GLY B 874 -39.39 -7.00 25.22
C GLY B 874 -39.20 -5.81 26.14
N ALA B 875 -40.11 -5.61 27.09
CA ALA B 875 -40.01 -4.50 28.03
C ALA B 875 -40.16 -4.92 29.48
N GLY B 876 -40.08 -6.21 29.77
CA GLY B 876 -40.22 -6.70 31.12
C GLY B 876 -40.60 -8.17 31.16
N PRO B 877 -41.28 -8.58 32.23
CA PRO B 877 -41.75 -9.97 32.30
C PRO B 877 -42.82 -10.26 31.26
N ALA B 878 -42.84 -11.51 30.80
CA ALA B 878 -43.81 -11.92 29.80
C ALA B 878 -45.20 -12.04 30.40
N LEU B 879 -46.21 -11.66 29.63
CA LEU B 879 -47.60 -11.76 30.04
C LEU B 879 -48.40 -12.48 28.97
N GLN B 880 -49.31 -13.34 29.39
CA GLN B 880 -50.07 -14.21 28.49
C GLN B 880 -51.31 -13.51 27.97
N ILE B 881 -51.73 -13.88 26.76
CA ILE B 881 -52.91 -13.31 26.12
C ILE B 881 -53.30 -14.18 24.92
N PRO B 882 -54.59 -14.43 24.69
CA PRO B 882 -54.99 -15.20 23.51
C PRO B 882 -54.66 -14.48 22.20
N PHE B 883 -54.41 -15.27 21.17
CA PHE B 883 -54.00 -14.72 19.87
C PHE B 883 -55.04 -13.82 19.21
N PRO B 884 -56.33 -14.19 19.15
CA PRO B 884 -57.29 -13.28 18.53
C PRO B 884 -57.35 -11.90 19.16
N MET B 885 -57.20 -11.81 20.48
CA MET B 885 -57.16 -10.51 21.13
C MET B 885 -55.94 -9.70 20.70
N GLN B 886 -54.80 -10.37 20.54
CA GLN B 886 -53.61 -9.69 20.04
C GLN B 886 -53.85 -9.15 18.64
N MET B 887 -54.45 -9.96 17.77
CA MET B 887 -54.74 -9.50 16.41
C MET B 887 -55.70 -8.33 16.41
N ALA B 888 -56.72 -8.37 17.28
CA ALA B 888 -57.66 -7.26 17.37
C ALA B 888 -56.96 -5.98 17.83
N TYR B 889 -56.05 -6.11 18.79
CA TYR B 889 -55.31 -4.96 19.28
C TYR B 889 -54.43 -4.36 18.19
N ARG B 890 -53.77 -5.22 17.41
CA ARG B 890 -52.95 -4.73 16.31
C ARG B 890 -53.80 -4.06 15.24
N PHE B 891 -55.01 -4.58 15.01
CA PHE B 891 -55.95 -3.90 14.11
C PHE B 891 -56.32 -2.53 14.65
N ASN B 892 -56.56 -2.44 15.95
CA ASN B 892 -56.82 -1.15 16.59
C ASN B 892 -55.64 -0.20 16.48
N GLY B 893 -54.43 -0.73 16.28
CA GLY B 893 -53.27 0.12 16.15
C GLY B 893 -53.12 0.83 14.82
N ILE B 894 -53.95 0.52 13.82
CA ILE B 894 -53.85 1.14 12.51
C ILE B 894 -55.11 1.90 12.11
N GLY B 895 -56.11 1.96 12.98
CA GLY B 895 -57.30 2.74 12.71
C GLY B 895 -58.53 1.97 12.25
N VAL B 896 -58.65 0.70 12.61
CA VAL B 896 -59.82 -0.10 12.28
C VAL B 896 -60.38 -0.66 13.59
N THR B 897 -61.70 -0.60 13.74
CA THR B 897 -62.33 -1.00 14.98
C THR B 897 -62.23 -2.51 15.19
N GLN B 898 -62.45 -2.92 16.43
CA GLN B 898 -62.24 -4.31 16.81
C GLN B 898 -63.29 -5.24 16.20
N ASN B 899 -64.53 -4.76 16.04
CA ASN B 899 -65.59 -5.64 15.57
C ASN B 899 -65.40 -6.09 14.13
N VAL B 900 -64.47 -5.48 13.39
CA VAL B 900 -64.19 -5.93 12.04
C VAL B 900 -63.58 -7.33 12.06
N LEU B 901 -62.62 -7.57 12.95
CA LEU B 901 -61.92 -8.86 12.95
C LEU B 901 -62.81 -9.98 13.50
N TYR B 902 -63.60 -9.69 14.52
CA TYR B 902 -64.41 -10.73 15.16
C TYR B 902 -65.51 -11.27 14.26
N GLU B 903 -65.86 -10.57 13.18
CA GLU B 903 -66.87 -11.03 12.25
C GLU B 903 -66.30 -11.59 10.96
N ASN B 904 -64.98 -11.62 10.81
CA ASN B 904 -64.33 -12.12 9.61
C ASN B 904 -63.15 -13.04 9.95
N GLN B 905 -63.26 -13.79 11.03
CA GLN B 905 -62.12 -14.55 11.55
C GLN B 905 -61.64 -15.60 10.55
N LYS B 906 -62.56 -16.42 10.04
CA LYS B 906 -62.19 -17.56 9.22
C LYS B 906 -61.54 -17.13 7.91
N LEU B 907 -62.05 -16.05 7.31
CA LEU B 907 -61.48 -15.56 6.06
C LEU B 907 -60.02 -15.12 6.26
N ILE B 908 -59.75 -14.40 7.35
CA ILE B 908 -58.39 -13.95 7.63
C ILE B 908 -57.46 -15.14 7.87
N ALA B 909 -57.94 -16.13 8.62
CA ALA B 909 -57.10 -17.31 8.86
C ALA B 909 -56.79 -18.04 7.56
N ASN B 910 -57.78 -18.20 6.68
CA ASN B 910 -57.55 -18.88 5.42
C ASN B 910 -56.56 -18.10 4.55
N GLN B 911 -56.68 -16.77 4.52
CA GLN B 911 -55.74 -15.97 3.75
C GLN B 911 -54.33 -16.12 4.27
N PHE B 912 -54.17 -16.15 5.59
CA PHE B 912 -52.85 -16.37 6.19
C PHE B 912 -52.26 -17.70 5.75
N ASN B 913 -53.04 -18.78 5.85
CA ASN B 913 -52.53 -20.09 5.48
C ASN B 913 -52.15 -20.17 3.99
N SER B 914 -53.02 -19.62 3.12
CA SER B 914 -52.71 -19.62 1.69
C SER B 914 -51.45 -18.84 1.39
N ALA B 915 -51.25 -17.70 2.06
CA ALA B 915 -50.05 -16.90 1.84
C ALA B 915 -48.80 -17.68 2.23
N ILE B 916 -48.84 -18.38 3.38
CA ILE B 916 -47.67 -19.14 3.80
C ILE B 916 -47.34 -20.23 2.77
N GLY B 917 -48.36 -20.95 2.31
CA GLY B 917 -48.13 -21.97 1.30
C GLY B 917 -47.52 -21.41 0.03
N LYS B 918 -48.05 -20.28 -0.44
CA LYS B 918 -47.51 -19.65 -1.64
C LYS B 918 -46.07 -19.21 -1.44
N ILE B 919 -45.74 -18.75 -0.23
CA ILE B 919 -44.36 -18.33 0.05
C ILE B 919 -43.42 -19.51 -0.14
N GLN B 920 -43.77 -20.67 0.44
CA GLN B 920 -42.90 -21.83 0.27
C GLN B 920 -42.80 -22.25 -1.19
N ASP B 921 -43.93 -22.22 -1.91
CA ASP B 921 -43.91 -22.62 -3.32
C ASP B 921 -43.03 -21.70 -4.14
N SER B 922 -43.12 -20.39 -3.91
CA SER B 922 -42.31 -19.44 -4.67
C SER B 922 -40.83 -19.57 -4.32
N LEU B 923 -40.52 -19.82 -3.06
CA LEU B 923 -39.11 -20.01 -2.69
C LEU B 923 -38.53 -21.25 -3.36
N SER B 924 -39.28 -22.35 -3.38
CA SER B 924 -38.74 -23.62 -3.83
C SER B 924 -38.75 -23.78 -5.35
N SER B 925 -38.92 -22.71 -6.12
CA SER B 925 -38.99 -22.86 -7.57
C SER B 925 -38.27 -21.78 -8.37
N THR B 926 -37.61 -20.83 -7.73
CA THR B 926 -36.87 -19.77 -8.42
C THR B 926 -35.51 -19.64 -7.78
N PRO B 927 -34.43 -20.04 -8.45
CA PRO B 927 -33.11 -20.04 -7.81
C PRO B 927 -32.48 -18.66 -7.67
N SER B 928 -33.10 -17.62 -8.21
CA SER B 928 -32.50 -16.28 -8.23
C SER B 928 -32.83 -15.46 -6.97
N ALA B 929 -33.11 -16.12 -5.86
CA ALA B 929 -33.48 -15.42 -4.64
C ALA B 929 -32.32 -15.23 -3.67
N LEU B 930 -31.42 -16.20 -3.57
CA LEU B 930 -30.35 -16.18 -2.57
C LEU B 930 -29.02 -15.72 -3.15
N GLY B 931 -29.05 -14.76 -4.07
CA GLY B 931 -27.83 -14.33 -4.73
C GLY B 931 -26.90 -13.49 -3.88
N LYS B 932 -27.43 -12.80 -2.87
CA LYS B 932 -26.62 -11.87 -2.09
C LYS B 932 -25.52 -12.59 -1.32
N LEU B 933 -25.83 -13.73 -0.71
CA LEU B 933 -24.83 -14.47 0.05
C LEU B 933 -23.86 -15.21 -0.87
N GLN B 934 -24.38 -15.75 -1.97
CA GLN B 934 -23.53 -16.38 -2.97
C GLN B 934 -22.51 -15.41 -3.53
N ASP B 935 -22.89 -14.13 -3.66
CA ASP B 935 -21.96 -13.12 -4.14
C ASP B 935 -20.76 -12.97 -3.21
N VAL B 936 -21.03 -12.91 -1.90
CA VAL B 936 -19.95 -12.76 -0.93
C VAL B 936 -19.04 -13.99 -0.94
N VAL B 937 -19.65 -15.18 -0.99
CA VAL B 937 -18.85 -16.40 -1.00
C VAL B 937 -17.93 -16.42 -2.22
N ASN B 938 -18.49 -16.10 -3.39
CA ASN B 938 -17.70 -16.09 -4.62
C ASN B 938 -16.59 -15.05 -4.56
N GLN B 939 -16.88 -13.89 -3.97
CA GLN B 939 -15.87 -12.83 -3.87
C GLN B 939 -14.67 -13.30 -3.05
N ASN B 940 -14.95 -13.91 -1.90
CA ASN B 940 -13.85 -14.39 -1.07
C ASN B 940 -13.05 -15.47 -1.79
N ALA B 941 -13.73 -16.40 -2.47
CA ALA B 941 -13.03 -17.45 -3.19
C ALA B 941 -12.15 -16.87 -4.28
N GLN B 942 -12.66 -15.89 -5.04
CA GLN B 942 -11.89 -15.28 -6.11
C GLN B 942 -10.65 -14.57 -5.56
N ALA B 943 -10.81 -13.85 -4.45
CA ALA B 943 -9.66 -13.16 -3.87
C ALA B 943 -8.58 -14.15 -3.45
N LEU B 944 -8.97 -15.25 -2.79
CA LEU B 944 -7.98 -16.23 -2.37
C LEU B 944 -7.29 -16.88 -3.56
N ASN B 945 -8.05 -17.21 -4.62
CA ASN B 945 -7.43 -17.82 -5.80
C ASN B 945 -6.45 -16.87 -6.46
N THR B 946 -6.80 -15.59 -6.55
CA THR B 946 -5.89 -14.60 -7.12
C THR B 946 -4.62 -14.50 -6.29
N LEU B 947 -4.75 -14.53 -4.97
CA LEU B 947 -3.56 -14.49 -4.12
C LEU B 947 -2.67 -15.70 -4.37
N VAL B 948 -3.26 -16.90 -4.46
CA VAL B 948 -2.46 -18.11 -4.59
C VAL B 948 -1.78 -18.18 -5.96
N LYS B 949 -2.42 -17.65 -7.00
CA LYS B 949 -1.86 -17.76 -8.34
C LYS B 949 -0.59 -16.92 -8.54
N GLN B 950 -0.24 -16.04 -7.61
CA GLN B 950 0.86 -15.11 -7.79
C GLN B 950 2.22 -15.68 -7.39
N LEU B 951 2.28 -16.91 -6.92
CA LEU B 951 3.53 -17.52 -6.50
C LEU B 951 4.33 -18.11 -7.66
N SER B 952 3.90 -17.91 -8.90
CA SER B 952 4.60 -18.46 -10.06
C SER B 952 5.11 -17.37 -11.01
N SER B 953 5.31 -16.16 -10.51
CA SER B 953 5.74 -15.04 -11.34
C SER B 953 7.21 -14.72 -11.08
N ASN B 954 7.86 -14.16 -12.11
CA ASN B 954 9.29 -13.86 -12.01
C ASN B 954 9.53 -12.53 -11.32
N PHE B 955 8.84 -11.48 -11.76
CA PHE B 955 8.99 -10.08 -11.34
C PHE B 955 10.30 -9.47 -11.81
N GLY B 956 11.16 -10.22 -12.48
CA GLY B 956 12.43 -9.69 -12.93
C GLY B 956 13.57 -10.68 -12.79
N ALA B 957 13.39 -11.68 -11.95
CA ALA B 957 14.41 -12.68 -11.70
C ALA B 957 14.44 -13.70 -12.83
N ILE B 958 15.48 -14.55 -12.81
CA ILE B 958 15.65 -15.56 -13.85
C ILE B 958 14.76 -16.78 -13.66
N SER B 959 14.13 -16.93 -12.51
CA SER B 959 13.28 -18.08 -12.24
C SER B 959 12.24 -17.68 -11.20
N SER B 960 11.56 -18.68 -10.64
CA SER B 960 10.61 -18.46 -9.56
C SER B 960 10.77 -19.43 -8.40
N VAL B 961 11.54 -20.50 -8.57
CA VAL B 961 11.81 -21.43 -7.49
C VAL B 961 13.12 -21.03 -6.81
N LEU B 962 13.09 -20.92 -5.49
CA LEU B 962 14.27 -20.50 -4.74
C LEU B 962 15.40 -21.53 -4.87
N ASN B 963 15.05 -22.81 -4.91
CA ASN B 963 16.08 -23.86 -4.93
C ASN B 963 16.94 -23.78 -6.18
N ASP B 964 16.33 -23.48 -7.33
CA ASP B 964 17.11 -23.35 -8.55
C ASP B 964 18.10 -22.20 -8.47
N ILE B 965 17.67 -21.06 -7.95
CA ILE B 965 18.56 -19.91 -7.79
C ILE B 965 19.69 -20.25 -6.83
N LEU B 966 19.37 -20.95 -5.75
CA LEU B 966 20.40 -21.35 -4.80
C LEU B 966 21.41 -22.29 -5.44
N SER B 967 20.94 -23.23 -6.26
CA SER B 967 21.80 -24.25 -6.82
C SER B 967 22.53 -23.81 -8.08
N ARG B 968 22.17 -22.68 -8.67
CA ARG B 968 22.81 -22.26 -9.91
C ARG B 968 23.91 -21.23 -9.72
N LEU B 969 23.77 -20.31 -8.76
CA LEU B 969 24.69 -19.20 -8.63
C LEU B 969 25.26 -19.12 -7.22
N ASP B 970 26.33 -18.35 -7.09
CA ASP B 970 26.92 -18.04 -5.80
C ASP B 970 26.07 -17.00 -5.05
N PRO B 971 26.23 -16.91 -3.73
CA PRO B 971 25.31 -16.09 -2.91
C PRO B 971 25.22 -14.63 -3.35
N PRO B 972 26.32 -13.98 -3.77
CA PRO B 972 26.21 -12.54 -4.10
C PRO B 972 25.14 -12.20 -5.13
N GLU B 973 24.95 -13.04 -6.15
CA GLU B 973 23.90 -12.75 -7.13
C GLU B 973 22.54 -13.22 -6.65
N ALA B 974 22.51 -14.36 -5.96
CA ALA B 974 21.26 -14.84 -5.39
C ALA B 974 20.64 -13.82 -4.46
N GLU B 975 21.46 -12.96 -3.86
CA GLU B 975 20.94 -11.92 -2.99
C GLU B 975 19.90 -11.06 -3.71
N VAL B 976 20.31 -10.38 -4.79
CA VAL B 976 19.37 -9.52 -5.52
C VAL B 976 18.28 -10.35 -6.18
N GLN B 977 18.64 -11.53 -6.70
CA GLN B 977 17.63 -12.36 -7.35
C GLN B 977 16.54 -12.79 -6.39
N ILE B 978 16.83 -12.85 -5.09
CA ILE B 978 15.80 -13.13 -4.09
C ILE B 978 15.09 -11.85 -3.64
N ASP B 979 15.81 -10.73 -3.61
CA ASP B 979 15.21 -9.46 -3.21
C ASP B 979 14.03 -9.11 -4.10
N ARG B 980 14.16 -9.35 -5.40
CA ARG B 980 13.06 -9.04 -6.31
C ARG B 980 11.78 -9.78 -5.93
N LEU B 981 11.90 -11.09 -5.69
CA LEU B 981 10.73 -11.90 -5.33
C LEU B 981 10.16 -11.46 -3.99
N ILE B 982 11.04 -11.14 -3.04
CA ILE B 982 10.58 -10.68 -1.72
C ILE B 982 9.68 -9.46 -1.87
N THR B 983 10.16 -8.48 -2.66
CA THR B 983 9.39 -7.25 -2.85
C THR B 983 8.04 -7.53 -3.49
N GLY B 984 8.03 -8.36 -4.54
CA GLY B 984 6.76 -8.65 -5.21
C GLY B 984 5.74 -9.30 -4.28
N ARG B 985 6.18 -10.29 -3.52
CA ARG B 985 5.24 -11.00 -2.65
C ARG B 985 4.73 -10.11 -1.53
N LEU B 986 5.59 -9.23 -1.01
CA LEU B 986 5.13 -8.25 -0.03
C LEU B 986 4.03 -7.38 -0.59
N GLN B 987 4.21 -6.90 -1.82
CA GLN B 987 3.19 -6.05 -2.44
C GLN B 987 1.85 -6.79 -2.57
N SER B 988 1.91 -8.05 -3.00
CA SER B 988 0.68 -8.83 -3.16
C SER B 988 -0.07 -8.96 -1.84
N LEU B 989 0.66 -9.27 -0.77
CA LEU B 989 0.01 -9.41 0.54
C LEU B 989 -0.63 -8.09 0.99
N GLN B 990 0.07 -6.98 0.77
CA GLN B 990 -0.49 -5.68 1.14
C GLN B 990 -1.83 -5.43 0.45
N THR B 991 -1.88 -5.70 -0.86
CA THR B 991 -3.12 -5.49 -1.61
C THR B 991 -4.25 -6.34 -1.06
N TYR B 992 -3.96 -7.62 -0.77
CA TYR B 992 -4.99 -8.50 -0.24
C TYR B 992 -5.58 -7.97 1.07
N VAL B 993 -4.70 -7.54 1.98
CA VAL B 993 -5.17 -7.07 3.29
C VAL B 993 -6.05 -5.83 3.14
N THR B 994 -5.64 -4.90 2.28
CA THR B 994 -6.43 -3.68 2.10
C THR B 994 -7.83 -3.99 1.58
N GLN B 995 -7.92 -4.86 0.58
CA GLN B 995 -9.23 -5.22 0.05
C GLN B 995 -10.11 -5.87 1.11
N GLN B 996 -9.52 -6.74 1.94
CA GLN B 996 -10.31 -7.38 2.99
C GLN B 996 -10.90 -6.35 3.95
N LEU B 997 -10.10 -5.38 4.37
CA LEU B 997 -10.62 -4.35 5.29
C LEU B 997 -11.78 -3.60 4.65
N ILE B 998 -11.62 -3.22 3.38
CA ILE B 998 -12.68 -2.45 2.71
C ILE B 998 -13.97 -3.25 2.66
N ARG B 999 -13.90 -4.56 2.42
CA ARG B 999 -15.11 -5.38 2.44
C ARG B 999 -15.73 -5.46 3.84
N ALA B 1000 -14.88 -5.60 4.86
CA ALA B 1000 -15.40 -5.78 6.22
C ALA B 1000 -16.23 -4.58 6.66
N ALA B 1001 -15.87 -3.38 6.21
CA ALA B 1001 -16.66 -2.20 6.60
C ALA B 1001 -18.11 -2.32 6.15
N GLU B 1002 -18.34 -2.68 4.88
CA GLU B 1002 -19.69 -2.80 4.36
C GLU B 1002 -20.44 -3.94 5.05
N ILE B 1003 -19.75 -5.04 5.34
CA ILE B 1003 -20.40 -6.12 6.07
C ILE B 1003 -20.92 -5.64 7.42
N ARG B 1004 -20.09 -4.86 8.14
CA ARG B 1004 -20.51 -4.35 9.44
C ARG B 1004 -21.73 -3.44 9.31
N ALA B 1005 -21.76 -2.58 8.29
CA ALA B 1005 -22.93 -1.71 8.11
C ALA B 1005 -24.20 -2.53 7.91
N SER B 1006 -24.12 -3.59 7.09
CA SER B 1006 -25.28 -4.44 6.89
C SER B 1006 -25.72 -5.10 8.20
N ALA B 1007 -24.75 -5.54 9.02
CA ALA B 1007 -25.10 -6.18 10.28
C ALA B 1007 -25.82 -5.21 11.22
N ASN B 1008 -25.37 -3.96 11.28
CA ASN B 1008 -26.05 -2.97 12.13
C ASN B 1008 -27.48 -2.73 11.66
N LEU B 1009 -27.68 -2.61 10.34
CA LEU B 1009 -29.04 -2.45 9.83
C LEU B 1009 -29.92 -3.63 10.21
N ALA B 1010 -29.39 -4.85 10.08
CA ALA B 1010 -30.18 -6.03 10.41
C ALA B 1010 -30.56 -6.06 11.89
N ALA B 1011 -29.62 -5.69 12.76
CA ALA B 1011 -29.93 -5.66 14.19
C ALA B 1011 -31.03 -4.67 14.50
N THR B 1012 -30.98 -3.48 13.89
CA THR B 1012 -32.04 -2.51 14.11
C THR B 1012 -33.39 -3.04 13.62
N LYS B 1013 -33.40 -3.67 12.44
CA LYS B 1013 -34.66 -4.21 11.93
C LYS B 1013 -35.24 -5.26 12.85
N MET B 1014 -34.38 -6.15 13.38
CA MET B 1014 -34.85 -7.18 14.30
C MET B 1014 -35.42 -6.55 15.57
N SER B 1015 -34.76 -5.52 16.09
CA SER B 1015 -35.28 -4.86 17.28
C SER B 1015 -36.64 -4.24 17.04
N GLU B 1016 -36.83 -3.58 15.89
CA GLU B 1016 -37.99 -2.72 15.73
C GLU B 1016 -39.17 -3.35 15.00
N CYS B 1017 -39.01 -4.46 14.27
CA CYS B 1017 -40.13 -5.07 13.59
C CYS B 1017 -40.64 -6.35 14.25
N VAL B 1018 -39.88 -6.95 15.16
CA VAL B 1018 -40.26 -8.25 15.73
C VAL B 1018 -40.84 -8.07 17.13
N LEU B 1019 -40.33 -7.09 17.87
CA LEU B 1019 -40.75 -6.87 19.25
C LEU B 1019 -41.75 -5.73 19.39
N GLY B 1020 -42.32 -5.25 18.29
CA GLY B 1020 -43.32 -4.21 18.38
C GLY B 1020 -43.89 -3.90 17.02
N GLN B 1021 -44.83 -2.95 17.01
CA GLN B 1021 -45.48 -2.50 15.78
C GLN B 1021 -44.88 -1.16 15.36
N SER B 1022 -44.54 -1.04 14.09
CA SER B 1022 -43.82 0.12 13.58
C SER B 1022 -44.74 1.04 12.79
N LYS B 1023 -44.55 2.35 12.97
CA LYS B 1023 -45.32 3.35 12.24
C LYS B 1023 -44.56 3.97 11.08
N ARG B 1024 -43.27 3.68 10.95
CA ARG B 1024 -42.50 4.20 9.83
C ARG B 1024 -42.95 3.55 8.53
N VAL B 1025 -43.06 4.37 7.49
CA VAL B 1025 -43.57 3.90 6.20
C VAL B 1025 -42.49 3.13 5.47
N ASP B 1026 -42.86 1.95 4.96
CA ASP B 1026 -42.01 1.11 4.12
C ASP B 1026 -40.76 0.60 4.82
N PHE B 1027 -40.77 0.56 6.16
CA PHE B 1027 -39.64 0.02 6.90
C PHE B 1027 -39.77 -1.49 7.08
N CYS B 1028 -40.85 -1.94 7.70
CA CYS B 1028 -41.11 -3.36 7.89
C CYS B 1028 -42.28 -3.73 6.97
N GLY B 1029 -41.98 -4.06 5.73
CA GLY B 1029 -42.97 -4.54 4.80
C GLY B 1029 -43.30 -3.55 3.70
N LYS B 1030 -44.52 -3.67 3.18
CA LYS B 1030 -45.03 -2.79 2.14
C LYS B 1030 -46.54 -2.64 2.35
N GLY B 1031 -46.93 -1.59 3.06
CA GLY B 1031 -48.32 -1.38 3.42
C GLY B 1031 -48.48 -0.96 4.87
N TYR B 1032 -49.46 -1.51 5.57
CA TYR B 1032 -49.65 -1.26 6.99
C TYR B 1032 -49.15 -2.48 7.76
N HIS B 1033 -48.18 -2.27 8.63
CA HIS B 1033 -47.46 -3.37 9.28
C HIS B 1033 -48.29 -3.98 10.40
N LEU B 1034 -48.25 -5.31 10.48
CA LEU B 1034 -48.94 -6.04 11.54
C LEU B 1034 -47.98 -6.84 12.42
N MET B 1035 -47.14 -7.70 11.85
CA MET B 1035 -46.19 -8.50 12.62
C MET B 1035 -45.18 -9.13 11.67
N SER B 1036 -44.08 -9.63 12.24
CA SER B 1036 -43.01 -10.23 11.45
C SER B 1036 -42.40 -11.39 12.22
N PHE B 1037 -41.71 -12.28 11.48
CA PHE B 1037 -41.08 -13.47 12.05
C PHE B 1037 -39.67 -13.67 11.52
N PRO B 1038 -38.74 -14.13 12.36
CA PRO B 1038 -37.36 -14.36 11.89
C PRO B 1038 -37.08 -15.79 11.46
N GLN B 1039 -36.08 -15.99 10.61
CA GLN B 1039 -35.63 -17.31 10.22
C GLN B 1039 -34.11 -17.30 10.01
N SER B 1040 -33.49 -18.45 10.19
CA SER B 1040 -32.03 -18.59 10.09
C SER B 1040 -31.63 -19.06 8.70
N ALA B 1041 -30.40 -18.72 8.31
CA ALA B 1041 -29.85 -19.06 7.01
C ALA B 1041 -28.34 -18.98 7.12
N PRO B 1042 -27.62 -19.62 6.19
CA PRO B 1042 -26.14 -19.56 6.25
C PRO B 1042 -25.59 -18.15 6.09
N HIS B 1043 -24.97 -17.64 7.15
CA HIS B 1043 -24.34 -16.31 7.16
C HIS B 1043 -25.35 -15.18 6.91
N GLY B 1044 -26.58 -15.35 7.36
CA GLY B 1044 -27.56 -14.31 7.14
C GLY B 1044 -28.85 -14.59 7.88
N VAL B 1045 -29.85 -13.74 7.61
CA VAL B 1045 -31.15 -13.82 8.24
C VAL B 1045 -32.23 -13.51 7.20
N VAL B 1046 -33.44 -14.00 7.47
CA VAL B 1046 -34.58 -13.83 6.56
C VAL B 1046 -35.78 -13.38 7.36
N PHE B 1047 -36.50 -12.37 6.87
CA PHE B 1047 -37.66 -11.79 7.53
C PHE B 1047 -38.90 -12.03 6.70
N LEU B 1048 -40.02 -12.29 7.37
CA LEU B 1048 -41.33 -12.42 6.73
C LEU B 1048 -42.27 -11.40 7.34
N HIS B 1049 -42.84 -10.53 6.51
CA HIS B 1049 -43.64 -9.40 6.96
C HIS B 1049 -45.11 -9.62 6.60
N VAL B 1050 -46.00 -9.31 7.54
CA VAL B 1050 -47.44 -9.40 7.34
C VAL B 1050 -48.02 -7.99 7.28
N THR B 1051 -48.76 -7.69 6.21
CA THR B 1051 -49.26 -6.35 5.95
C THR B 1051 -50.76 -6.39 5.68
N TYR B 1052 -51.34 -5.21 5.45
CA TYR B 1052 -52.76 -5.01 5.25
C TYR B 1052 -52.96 -4.10 4.05
N VAL B 1053 -53.69 -4.58 3.04
CA VAL B 1053 -53.88 -3.85 1.78
C VAL B 1053 -55.37 -3.76 1.46
N PRO B 1054 -55.92 -2.57 1.29
CA PRO B 1054 -57.34 -2.45 0.94
C PRO B 1054 -57.58 -2.48 -0.57
N ALA B 1055 -58.85 -2.68 -0.93
CA ALA B 1055 -59.24 -2.78 -2.32
C ALA B 1055 -60.74 -2.53 -2.45
N GLN B 1056 -61.22 -2.53 -3.70
CA GLN B 1056 -62.64 -2.42 -4.03
C GLN B 1056 -63.25 -1.11 -3.52
N GLU B 1057 -62.78 -0.01 -4.12
CA GLU B 1057 -63.21 1.33 -3.74
C GLU B 1057 -64.49 1.75 -4.47
N LYS B 1058 -65.14 2.79 -3.96
CA LYS B 1058 -66.38 3.32 -4.52
C LYS B 1058 -66.40 4.84 -4.44
N ASN B 1059 -67.25 5.46 -5.25
CA ASN B 1059 -67.39 6.91 -5.30
C ASN B 1059 -68.48 7.40 -4.35
N PHE B 1060 -68.29 8.60 -3.81
CA PHE B 1060 -69.26 9.24 -2.92
C PHE B 1060 -69.09 10.75 -3.03
N THR B 1061 -70.00 11.48 -2.39
CA THR B 1061 -69.92 12.94 -2.27
C THR B 1061 -69.77 13.32 -0.81
N THR B 1062 -69.12 14.46 -0.55
CA THR B 1062 -68.72 14.83 0.79
C THR B 1062 -68.91 16.32 1.02
N ALA B 1063 -68.95 16.71 2.29
CA ALA B 1063 -69.08 18.09 2.72
C ALA B 1063 -68.17 18.30 3.94
N PRO B 1064 -67.70 19.53 4.17
CA PRO B 1064 -66.82 19.77 5.31
C PRO B 1064 -67.54 19.83 6.66
N ALA B 1065 -68.78 20.31 6.68
CA ALA B 1065 -69.49 20.51 7.94
C ALA B 1065 -70.98 20.55 7.67
N ILE B 1066 -71.75 20.45 8.75
CA ILE B 1066 -73.21 20.44 8.71
C ILE B 1066 -73.74 21.59 9.57
N CYS B 1067 -74.60 22.41 9.00
CA CYS B 1067 -75.22 23.53 9.72
C CYS B 1067 -76.64 23.13 10.12
N HIS B 1068 -76.89 23.08 11.42
CA HIS B 1068 -78.20 22.76 11.96
C HIS B 1068 -78.51 23.73 13.08
N ASP B 1069 -79.67 24.38 13.00
CA ASP B 1069 -80.09 25.37 13.99
C ASP B 1069 -79.08 26.51 14.11
N GLY B 1070 -78.43 26.86 13.01
CA GLY B 1070 -77.50 27.97 13.03
C GLY B 1070 -76.18 27.71 13.69
N LYS B 1071 -75.75 26.45 13.78
CA LYS B 1071 -74.47 26.09 14.37
C LYS B 1071 -73.76 25.09 13.48
N ALA B 1072 -72.43 25.07 13.56
CA ALA B 1072 -71.61 24.21 12.72
C ALA B 1072 -71.24 22.94 13.48
N HIS B 1073 -71.50 21.80 12.86
CA HIS B 1073 -71.24 20.49 13.45
C HIS B 1073 -70.11 19.80 12.69
N PHE B 1074 -69.07 19.38 13.42
CA PHE B 1074 -67.89 18.73 12.87
C PHE B 1074 -67.82 17.27 13.32
N PRO B 1075 -67.22 16.40 12.53
CA PRO B 1075 -67.14 14.98 12.93
C PRO B 1075 -66.14 14.78 14.04
N ARG B 1076 -66.24 13.63 14.70
CA ARG B 1076 -65.31 13.28 15.77
C ARG B 1076 -64.08 12.56 15.24
N GLU B 1077 -64.26 11.37 14.64
CA GLU B 1077 -63.20 10.70 13.90
C GLU B 1077 -63.69 10.15 12.57
N GLY B 1078 -64.76 10.71 12.01
CA GLY B 1078 -65.35 10.20 10.80
C GLY B 1078 -65.31 11.18 9.65
N VAL B 1079 -66.01 10.82 8.57
CA VAL B 1079 -66.17 11.65 7.38
C VAL B 1079 -67.64 11.67 7.01
N PHE B 1080 -68.14 12.84 6.61
CA PHE B 1080 -69.54 12.97 6.22
C PHE B 1080 -69.70 12.57 4.76
N VAL B 1081 -70.59 11.62 4.49
CA VAL B 1081 -70.81 11.12 3.14
C VAL B 1081 -72.30 11.02 2.86
N SER B 1082 -72.65 10.99 1.58
CA SER B 1082 -74.03 10.84 1.15
C SER B 1082 -74.08 9.92 -0.07
N ASN B 1083 -75.22 9.28 -0.26
CA ASN B 1083 -75.45 8.46 -1.44
C ASN B 1083 -76.62 8.92 -2.30
N GLY B 1084 -77.16 10.10 -2.03
CA GLY B 1084 -78.47 10.47 -2.53
C GLY B 1084 -79.12 11.48 -1.61
N THR B 1085 -80.31 11.16 -1.08
CA THR B 1085 -81.04 12.10 -0.24
C THR B 1085 -80.81 11.86 1.25
N HIS B 1086 -79.72 11.21 1.64
CA HIS B 1086 -79.42 10.98 3.05
C HIS B 1086 -77.93 11.10 3.29
N TRP B 1087 -77.57 11.50 4.52
CA TRP B 1087 -76.19 11.74 4.91
C TRP B 1087 -75.80 10.84 6.07
N PHE B 1088 -74.55 10.37 6.07
CA PHE B 1088 -74.05 9.45 7.08
C PHE B 1088 -72.61 9.81 7.44
N VAL B 1089 -72.06 9.09 8.41
CA VAL B 1089 -70.68 9.27 8.87
C VAL B 1089 -70.02 7.90 8.97
N THR B 1090 -68.77 7.81 8.51
CA THR B 1090 -68.08 6.53 8.42
C THR B 1090 -66.59 6.73 8.72
N GLN B 1091 -65.91 5.61 8.94
CA GLN B 1091 -64.47 5.59 9.16
C GLN B 1091 -63.73 5.50 7.82
N ARG B 1092 -62.48 5.96 7.83
CA ARG B 1092 -61.75 6.16 6.58
C ARG B 1092 -61.43 4.85 5.88
N ASN B 1093 -60.96 3.85 6.61
CA ASN B 1093 -60.38 2.66 6.01
C ASN B 1093 -61.38 1.52 5.85
N PHE B 1094 -62.67 1.77 6.07
CA PHE B 1094 -63.70 0.76 5.84
C PHE B 1094 -65.04 1.44 5.77
N TYR B 1095 -65.90 0.97 4.86
CA TYR B 1095 -67.21 1.57 4.67
C TYR B 1095 -68.18 1.05 5.74
N GLU B 1096 -68.73 1.97 6.53
CA GLU B 1096 -69.67 1.62 7.58
C GLU B 1096 -70.54 2.82 7.91
N PRO B 1097 -71.69 2.96 7.27
CA PRO B 1097 -72.54 4.14 7.52
C PRO B 1097 -73.16 4.12 8.90
N GLN B 1098 -73.50 5.32 9.38
CA GLN B 1098 -74.14 5.47 10.68
C GLN B 1098 -74.98 6.75 10.68
N ILE B 1099 -75.93 6.81 11.60
CA ILE B 1099 -76.83 7.95 11.74
C ILE B 1099 -76.16 9.02 12.58
N ILE B 1100 -76.38 10.29 12.23
CA ILE B 1100 -75.68 11.39 12.88
C ILE B 1100 -76.42 11.79 14.15
N THR B 1101 -75.77 11.62 15.29
CA THR B 1101 -76.30 11.95 16.60
C THR B 1101 -75.40 12.98 17.27
N THR B 1102 -75.68 13.27 18.54
CA THR B 1102 -74.88 14.22 19.30
C THR B 1102 -73.68 13.58 19.99
N ASP B 1103 -73.49 12.27 19.84
CA ASP B 1103 -72.37 11.58 20.45
C ASP B 1103 -71.24 11.29 19.48
N ASN B 1104 -71.31 11.83 18.25
CA ASN B 1104 -70.21 11.71 17.30
C ASN B 1104 -69.92 13.04 16.61
N THR B 1105 -70.38 14.15 17.16
CA THR B 1105 -70.12 15.48 16.62
C THR B 1105 -69.84 16.45 17.75
N PHE B 1106 -69.14 17.53 17.44
CA PHE B 1106 -68.98 18.65 18.36
C PHE B 1106 -69.27 19.96 17.66
N VAL B 1107 -69.66 20.96 18.44
CA VAL B 1107 -70.23 22.21 17.94
C VAL B 1107 -69.21 23.33 18.10
N SER B 1108 -69.16 24.22 17.10
CA SER B 1108 -68.27 25.38 17.16
C SER B 1108 -68.83 26.48 16.28
N GLY B 1109 -69.18 27.62 16.88
CA GLY B 1109 -69.58 28.79 16.12
C GLY B 1109 -70.92 28.64 15.43
N ASN B 1110 -71.16 29.53 14.47
CA ASN B 1110 -72.36 29.53 13.66
C ASN B 1110 -72.00 29.36 12.19
N CYS B 1111 -72.90 28.74 11.44
CA CYS B 1111 -72.59 28.33 10.07
C CYS B 1111 -72.56 29.54 9.13
N ASP B 1112 -71.52 30.37 9.27
CA ASP B 1112 -71.36 31.55 8.42
C ASP B 1112 -69.94 31.76 7.92
N VAL B 1113 -68.95 31.01 8.39
CA VAL B 1113 -67.56 31.27 8.04
C VAL B 1113 -66.98 30.20 7.13
N VAL B 1114 -67.53 28.99 7.12
CA VAL B 1114 -66.95 27.89 6.36
C VAL B 1114 -67.29 28.06 4.88
N ILE B 1115 -66.35 27.69 4.02
CA ILE B 1115 -66.56 27.71 2.58
C ILE B 1115 -67.05 26.33 2.17
N GLY B 1116 -68.37 26.19 2.08
CA GLY B 1116 -68.97 24.91 1.74
C GLY B 1116 -69.62 24.24 2.94
N ILE B 1117 -70.94 24.37 3.05
CA ILE B 1117 -71.69 23.83 4.18
C ILE B 1117 -73.11 23.56 3.70
N VAL B 1118 -73.71 22.49 4.23
CA VAL B 1118 -75.01 22.03 3.75
C VAL B 1118 -75.99 22.00 4.91
N ASN B 1119 -77.27 22.13 4.58
CA ASN B 1119 -78.34 22.03 5.57
C ASN B 1119 -78.79 20.58 5.73
N ASN B 1120 -78.92 20.13 6.97
CA ASN B 1120 -79.44 18.81 7.25
C ASN B 1120 -79.75 18.72 8.75
N THR B 1121 -80.50 17.70 9.13
CA THR B 1121 -80.96 17.52 10.50
C THR B 1121 -80.05 16.57 11.26
N VAL B 1122 -80.05 16.70 12.58
CA VAL B 1122 -79.21 15.89 13.46
C VAL B 1122 -80.09 15.30 14.56
N TYR B 1123 -79.98 13.99 14.76
CA TYR B 1123 -80.83 13.30 15.72
C TYR B 1123 -80.42 13.69 17.14
N ASP B 1124 -81.42 13.84 18.00
CA ASP B 1124 -81.22 14.25 19.39
C ASP B 1124 -81.74 13.16 20.34
N PRO B 1125 -80.88 12.31 20.90
CA PRO B 1125 -81.31 11.26 21.82
C PRO B 1125 -81.78 11.80 23.16
N ALA C 12 25.10 56.43 -6.34
CA ALA C 12 23.81 56.60 -5.69
C ALA C 12 23.22 55.22 -5.45
N TYR C 13 21.96 55.17 -5.01
CA TYR C 13 21.27 53.93 -4.71
C TYR C 13 19.93 53.92 -5.41
N THR C 14 19.65 52.83 -6.13
CA THR C 14 18.40 52.64 -6.84
C THR C 14 17.87 51.25 -6.57
N ASN C 15 16.56 51.08 -6.71
CA ASN C 15 15.90 49.81 -6.45
C ASN C 15 15.33 49.28 -7.76
N SER C 16 15.53 47.98 -7.99
CA SER C 16 14.93 47.32 -9.14
C SER C 16 13.52 46.88 -8.80
N PHE C 17 12.54 47.33 -9.58
CA PHE C 17 11.15 47.07 -9.23
C PHE C 17 10.80 45.60 -9.40
N THR C 18 10.83 45.11 -10.66
CA THR C 18 10.60 43.69 -10.92
C THR C 18 11.49 43.15 -12.02
N ARG C 19 12.53 43.88 -12.41
CA ARG C 19 13.32 43.53 -13.57
C ARG C 19 14.31 42.41 -13.24
N GLY C 20 14.82 41.76 -14.29
CA GLY C 20 15.79 40.70 -14.13
C GLY C 20 15.26 39.30 -14.34
N VAL C 21 14.45 39.11 -15.38
CA VAL C 21 13.94 37.79 -15.75
C VAL C 21 14.29 37.53 -17.21
N TYR C 22 14.62 36.28 -17.53
CA TYR C 22 15.00 35.90 -18.88
C TYR C 22 14.34 34.57 -19.24
N TYR C 23 14.19 34.35 -20.55
CA TYR C 23 13.66 33.08 -21.04
C TYR C 23 14.67 31.97 -20.79
N PRO C 24 14.34 30.93 -20.04
CA PRO C 24 15.31 29.86 -19.78
C PRO C 24 15.19 28.68 -20.71
N ASP C 25 14.14 28.64 -21.53
CA ASP C 25 13.81 27.45 -22.29
C ASP C 25 13.77 27.74 -23.78
N LYS C 26 14.12 26.73 -24.57
CA LYS C 26 13.98 26.77 -26.01
C LYS C 26 12.73 26.06 -26.50
N VAL C 27 11.74 25.89 -25.62
CA VAL C 27 10.51 25.17 -25.94
C VAL C 27 9.34 26.14 -25.89
N PHE C 28 8.26 25.77 -26.55
CA PHE C 28 7.07 26.61 -26.67
C PHE C 28 6.02 26.14 -25.67
N ARG C 29 5.45 27.09 -24.92
CA ARG C 29 4.36 26.82 -24.01
C ARG C 29 3.33 27.94 -24.12
N SER C 30 2.07 27.61 -23.84
CA SER C 30 1.00 28.58 -23.97
C SER C 30 -0.12 28.26 -22.98
N SER C 31 -0.63 29.32 -22.34
CA SER C 31 -1.78 29.22 -21.44
C SER C 31 -1.55 28.24 -20.29
N VAL C 32 -0.35 28.29 -19.70
CA VAL C 32 -0.01 27.46 -18.55
C VAL C 32 0.73 28.31 -17.53
N LEU C 33 0.85 27.76 -16.32
CA LEU C 33 1.70 28.32 -15.26
C LEU C 33 2.86 27.35 -15.03
N HIS C 34 4.08 27.86 -15.11
CA HIS C 34 5.27 27.01 -15.04
C HIS C 34 6.19 27.52 -13.95
N SER C 35 6.96 26.60 -13.39
CA SER C 35 7.91 26.89 -12.32
C SER C 35 9.33 26.77 -12.85
N THR C 36 10.13 27.81 -12.62
CA THR C 36 11.52 27.81 -13.05
C THR C 36 12.40 28.11 -11.85
N GLN C 37 13.47 27.33 -11.69
CA GLN C 37 14.44 27.52 -10.62
C GLN C 37 15.78 27.86 -11.26
N ASP C 38 16.01 29.14 -11.50
CA ASP C 38 17.27 29.64 -12.05
C ASP C 38 17.75 30.81 -11.21
N LEU C 39 18.95 31.30 -11.52
CA LEU C 39 19.48 32.48 -10.86
C LEU C 39 18.84 33.73 -11.45
N PHE C 40 18.45 34.66 -10.58
CA PHE C 40 17.81 35.89 -11.01
C PHE C 40 18.25 37.03 -10.10
N LEU C 41 17.77 38.22 -10.41
CA LEU C 41 17.93 39.39 -9.57
C LEU C 41 16.64 39.61 -8.80
N PRO C 42 16.63 39.45 -7.47
CA PRO C 42 15.37 39.55 -6.73
C PRO C 42 14.77 40.93 -6.83
N PHE C 43 13.44 40.98 -6.76
CA PHE C 43 12.73 42.25 -6.83
C PHE C 43 13.07 43.11 -5.62
N PHE C 44 13.13 44.43 -5.84
CA PHE C 44 13.36 45.41 -4.79
C PHE C 44 14.69 45.16 -4.08
N SER C 45 15.76 45.29 -4.86
CA SER C 45 17.12 45.13 -4.37
C SER C 45 17.90 46.42 -4.60
N ASN C 46 19.02 46.54 -3.89
CA ASN C 46 19.78 47.79 -3.84
C ASN C 46 20.92 47.84 -4.85
N VAL C 47 20.60 48.02 -6.14
CA VAL C 47 21.60 48.17 -7.19
C VAL C 47 22.34 49.48 -7.01
N THR C 48 23.66 49.45 -7.19
CA THR C 48 24.49 50.66 -7.10
C THR C 48 24.50 51.36 -8.45
N TRP C 49 24.20 52.66 -8.44
CA TRP C 49 24.17 53.46 -9.66
C TRP C 49 25.47 54.24 -9.81
N PHE C 50 26.07 54.18 -10.98
CA PHE C 50 27.34 54.84 -11.25
C PHE C 50 27.22 55.67 -12.53
N HIS C 51 26.97 56.96 -12.37
CA HIS C 51 26.88 57.90 -13.48
C HIS C 51 28.21 58.65 -13.57
N ALA C 52 28.89 58.49 -14.70
CA ALA C 52 30.24 59.02 -14.87
C ALA C 52 30.19 60.33 -15.64
N ILE C 53 30.89 61.34 -15.11
CA ILE C 53 30.98 62.66 -15.74
C ILE C 53 32.44 62.90 -16.10
N HIS C 54 32.69 63.25 -17.35
CA HIS C 54 34.04 63.53 -17.82
C HIS C 54 34.53 64.85 -17.27
N ASN C 66 36.74 54.19 -14.95
CA ASN C 66 35.78 53.24 -14.40
C ASN C 66 36.49 51.99 -13.89
N PRO C 67 36.66 51.91 -12.57
CA PRO C 67 37.45 50.83 -11.98
C PRO C 67 36.77 49.48 -12.01
N VAL C 68 37.38 48.49 -11.36
CA VAL C 68 36.87 47.12 -11.39
C VAL C 68 35.65 46.99 -10.48
N LEU C 69 34.86 45.96 -10.77
CA LEU C 69 33.69 45.62 -9.97
C LEU C 69 33.69 44.12 -9.74
N PRO C 70 33.48 43.66 -8.51
CA PRO C 70 33.61 42.23 -8.22
C PRO C 70 32.60 41.38 -8.98
N PHE C 71 33.09 40.27 -9.53
CA PHE C 71 32.33 39.26 -10.24
C PHE C 71 31.93 38.14 -9.27
N ASN C 72 31.67 36.94 -9.83
CA ASN C 72 31.44 35.65 -9.17
C ASN C 72 30.01 35.37 -8.74
N ASP C 73 29.06 36.19 -9.18
CA ASP C 73 27.67 35.82 -8.99
C ASP C 73 26.80 36.19 -10.18
N GLY C 74 27.39 36.43 -11.35
CA GLY C 74 26.62 36.91 -12.48
C GLY C 74 26.34 38.39 -12.35
N VAL C 75 26.45 39.12 -13.45
CA VAL C 75 26.33 40.57 -13.43
C VAL C 75 25.20 41.00 -14.36
N TYR C 76 24.29 41.81 -13.84
CA TYR C 76 23.21 42.40 -14.61
C TYR C 76 23.60 43.82 -14.96
N PHE C 77 23.94 44.05 -16.22
CA PHE C 77 24.30 45.37 -16.72
C PHE C 77 23.19 45.83 -17.65
N ALA C 78 22.69 47.05 -17.43
CA ALA C 78 21.58 47.55 -18.23
C ALA C 78 21.60 49.07 -18.26
N SER C 79 21.66 49.63 -19.45
CA SER C 79 21.47 51.06 -19.67
C SER C 79 20.22 51.25 -20.51
N THR C 80 19.50 52.33 -20.24
CA THR C 80 18.19 52.53 -20.85
C THR C 80 18.11 53.88 -21.57
N GLU C 81 18.89 54.85 -21.12
CA GLU C 81 18.87 56.18 -21.71
C GLU C 81 19.51 56.14 -23.09
N LYS C 82 19.60 57.31 -23.72
CA LYS C 82 20.30 57.41 -25.00
C LYS C 82 21.74 56.92 -24.85
N SER C 83 22.16 56.04 -25.75
CA SER C 83 23.44 55.35 -25.60
C SER C 83 24.16 55.32 -26.93
N ASN C 84 25.25 56.08 -27.03
CA ASN C 84 26.21 55.90 -28.11
C ASN C 84 27.64 56.01 -27.60
N ILE C 85 27.86 55.95 -26.29
CA ILE C 85 29.16 56.15 -25.68
C ILE C 85 29.74 54.83 -25.16
N ILE C 86 29.01 54.14 -24.29
CA ILE C 86 29.50 52.89 -23.72
C ILE C 86 29.58 51.83 -24.80
N ARG C 87 30.77 51.27 -24.99
CA ARG C 87 31.01 50.36 -26.11
C ARG C 87 31.35 48.94 -25.68
N GLY C 88 32.38 48.75 -24.85
CA GLY C 88 32.89 47.41 -24.63
C GLY C 88 33.02 46.95 -23.20
N TRP C 89 33.61 45.78 -23.01
CA TRP C 89 33.79 45.19 -21.68
C TRP C 89 35.04 44.33 -21.68
N ILE C 90 35.76 44.35 -20.56
CA ILE C 90 36.95 43.52 -20.38
C ILE C 90 36.82 42.74 -19.09
N PHE C 91 37.45 41.57 -19.05
CA PHE C 91 37.35 40.66 -17.92
C PHE C 91 38.73 40.10 -17.63
N GLY C 92 38.78 39.13 -16.73
CA GLY C 92 40.01 38.39 -16.50
C GLY C 92 40.20 38.08 -15.02
N THR C 93 41.26 37.33 -14.76
CA THR C 93 41.66 37.03 -13.38
C THR C 93 42.50 38.17 -12.81
N THR C 94 43.58 38.53 -13.49
CA THR C 94 44.33 39.75 -13.21
C THR C 94 44.35 40.57 -14.49
N LEU C 95 43.77 41.77 -14.44
CA LEU C 95 43.56 42.55 -15.65
C LEU C 95 44.88 43.12 -16.17
N ASP C 96 45.60 42.33 -16.95
CA ASP C 96 46.91 42.72 -17.47
C ASP C 96 47.20 41.89 -18.72
N SER C 97 48.45 41.94 -19.17
CA SER C 97 48.92 41.11 -20.27
C SER C 97 49.76 39.94 -19.78
N LYS C 98 49.61 39.56 -18.52
CA LYS C 98 50.36 38.44 -17.95
C LYS C 98 49.55 37.16 -17.85
N THR C 99 48.25 37.25 -17.59
CA THR C 99 47.36 36.10 -17.53
C THR C 99 46.25 36.27 -18.54
N GLN C 100 45.50 35.19 -18.79
CA GLN C 100 44.49 35.19 -19.83
C GLN C 100 43.43 36.26 -19.57
N SER C 101 43.08 37.00 -20.62
CA SER C 101 42.11 38.07 -20.53
C SER C 101 41.16 38.03 -21.71
N LEU C 102 39.95 38.53 -21.50
CA LEU C 102 38.90 38.55 -22.51
C LEU C 102 38.56 39.98 -22.88
N LEU C 103 38.41 40.24 -24.18
CA LEU C 103 38.08 41.56 -24.68
C LEU C 103 36.92 41.45 -25.67
N ILE C 104 35.93 42.31 -25.52
CA ILE C 104 34.76 42.36 -26.39
C ILE C 104 34.52 43.81 -26.79
N VAL C 105 34.52 44.07 -28.10
CA VAL C 105 34.33 45.42 -28.63
C VAL C 105 33.16 45.40 -29.59
N ASN C 106 32.18 46.28 -29.34
CA ASN C 106 31.01 46.43 -30.21
C ASN C 106 30.77 47.92 -30.33
N ASN C 107 31.16 48.53 -31.45
CA ASN C 107 31.09 49.98 -31.58
C ASN C 107 30.07 50.42 -32.62
N ALA C 108 30.29 50.14 -33.90
CA ALA C 108 29.29 50.52 -34.90
C ALA C 108 29.19 49.60 -36.10
N THR C 109 30.00 48.55 -36.23
CA THR C 109 30.04 47.84 -37.49
C THR C 109 29.99 46.33 -37.32
N ASN C 110 30.48 45.82 -36.20
CA ASN C 110 30.59 44.37 -36.01
C ASN C 110 30.89 44.11 -34.53
N VAL C 111 31.15 42.85 -34.21
CA VAL C 111 31.60 42.43 -32.89
C VAL C 111 32.95 41.74 -33.05
N VAL C 112 33.93 42.19 -32.28
CA VAL C 112 35.27 41.61 -32.30
C VAL C 112 35.55 41.02 -30.92
N ILE C 113 35.77 39.72 -30.86
CA ILE C 113 36.01 39.02 -29.61
C ILE C 113 37.33 38.28 -29.72
N LYS C 114 38.25 38.54 -28.80
CA LYS C 114 39.51 37.83 -28.73
C LYS C 114 39.80 37.50 -27.28
N VAL C 115 40.60 36.46 -27.06
CA VAL C 115 40.98 36.03 -25.72
C VAL C 115 42.50 35.94 -25.71
N CYS C 116 43.17 36.97 -25.30
CA CYS C 116 44.61 36.95 -25.34
C CYS C 116 45.14 37.84 -24.22
N GLU C 117 46.41 38.23 -24.30
CA GLU C 117 47.02 39.08 -23.26
C GLU C 117 47.31 40.44 -23.90
N PHE C 118 46.33 41.31 -23.90
CA PHE C 118 46.45 42.60 -24.56
C PHE C 118 47.05 43.63 -23.61
N GLN C 119 47.77 44.58 -24.17
CA GLN C 119 48.39 45.65 -23.40
C GLN C 119 47.33 46.73 -23.16
N PHE C 120 46.90 46.87 -21.91
CA PHE C 120 45.85 47.82 -21.54
C PHE C 120 46.48 49.22 -21.50
N CYS C 121 46.50 49.87 -22.66
CA CYS C 121 47.09 51.20 -22.77
C CYS C 121 46.22 52.26 -22.08
N PRO C 124 41.20 53.12 -22.77
CA PRO C 124 41.09 54.58 -22.61
C PRO C 124 40.07 55.21 -23.54
N PHE C 125 40.26 56.49 -23.85
CA PHE C 125 39.31 57.20 -24.70
C PHE C 125 39.37 56.68 -26.13
N LEU C 126 38.21 56.65 -26.77
CA LEU C 126 38.05 56.18 -28.14
C LEU C 126 37.50 57.33 -28.99
N GLY C 127 38.39 57.99 -29.74
CA GLY C 127 37.98 59.10 -30.57
C GLY C 127 37.32 58.68 -31.86
N VAL C 128 37.55 59.41 -32.93
CA VAL C 128 36.98 59.08 -34.23
C VAL C 128 37.92 58.18 -35.00
N MET C 138 33.67 50.62 -37.51
CA MET C 138 35.11 50.55 -37.30
C MET C 138 35.72 51.94 -37.14
N GLU C 139 36.41 52.15 -36.02
CA GLU C 139 37.03 53.43 -35.72
C GLU C 139 38.37 53.18 -35.03
N SER C 140 38.95 54.22 -34.45
CA SER C 140 40.20 54.10 -33.73
C SER C 140 40.03 53.17 -32.52
N GLU C 141 40.65 52.00 -32.57
CA GLU C 141 40.45 50.97 -31.56
C GLU C 141 41.73 50.53 -30.87
N PHE C 142 42.90 50.89 -31.41
CA PHE C 142 44.17 50.49 -30.81
C PHE C 142 44.35 51.01 -29.39
N ARG C 143 43.45 51.86 -28.91
CA ARG C 143 43.58 52.41 -27.56
C ARG C 143 43.58 51.31 -26.51
N VAL C 144 42.70 50.32 -26.67
CA VAL C 144 42.55 49.29 -25.64
C VAL C 144 43.67 48.26 -25.74
N TYR C 145 44.05 47.85 -26.95
CA TYR C 145 45.01 46.78 -27.13
C TYR C 145 46.11 47.22 -28.08
N SER C 146 47.31 46.68 -27.86
CA SER C 146 48.46 46.98 -28.70
C SER C 146 48.87 45.79 -29.57
N SER C 147 48.94 44.59 -28.99
CA SER C 147 49.31 43.39 -29.74
C SER C 147 48.84 42.17 -28.98
N ALA C 148 48.31 41.20 -29.71
CA ALA C 148 47.80 39.96 -29.13
C ALA C 148 48.81 38.85 -29.40
N ASN C 149 49.54 38.46 -28.36
CA ASN C 149 50.61 37.47 -28.47
C ASN C 149 50.23 36.21 -27.71
N ASN C 150 50.41 35.06 -28.34
CA ASN C 150 50.26 33.74 -27.71
C ASN C 150 48.84 33.59 -27.16
N CYS C 151 47.90 33.48 -28.11
CA CYS C 151 46.52 33.27 -27.73
C CYS C 151 45.79 32.41 -28.80
N THR C 152 44.69 31.82 -28.35
CA THR C 152 43.98 30.75 -29.06
C THR C 152 42.79 31.29 -29.83
N PHE C 153 41.84 31.93 -29.15
CA PHE C 153 40.51 32.14 -29.70
C PHE C 153 40.36 33.51 -30.35
N GLU C 154 39.71 33.53 -31.51
CA GLU C 154 39.33 34.76 -32.19
C GLU C 154 37.93 34.60 -32.75
N TYR C 155 37.23 35.72 -32.95
CA TYR C 155 35.82 35.66 -33.32
C TYR C 155 35.38 37.02 -33.85
N VAL C 156 34.66 37.01 -34.96
CA VAL C 156 34.06 38.20 -35.55
C VAL C 156 32.68 37.82 -36.09
N SER C 157 31.72 38.74 -35.98
CA SER C 157 30.36 38.45 -36.43
C SER C 157 29.59 39.75 -36.58
N GLN C 158 28.29 39.63 -36.85
CA GLN C 158 27.41 40.78 -37.04
C GLN C 158 27.21 41.51 -35.72
N PRO C 159 27.16 42.85 -35.74
CA PRO C 159 26.88 43.59 -34.50
C PRO C 159 25.43 43.44 -34.08
N PHE C 160 25.18 43.66 -32.79
CA PHE C 160 23.86 43.48 -32.20
C PHE C 160 23.17 44.77 -31.81
N LEU C 161 23.93 45.81 -31.47
CA LEU C 161 23.35 47.05 -30.97
C LEU C 161 22.75 47.85 -32.13
N MET C 162 22.23 49.03 -31.79
CA MET C 162 21.66 49.94 -32.77
C MET C 162 22.09 51.37 -32.43
N ASP C 163 22.01 52.23 -33.43
CA ASP C 163 22.38 53.63 -33.25
C ASP C 163 21.35 54.57 -33.85
N LYS C 172 14.38 55.56 -23.17
CA LYS C 172 14.21 55.54 -24.61
C LYS C 172 14.42 54.14 -25.16
N ASN C 173 15.64 53.62 -25.00
CA ASN C 173 16.03 52.33 -25.56
C ASN C 173 16.69 51.52 -24.46
N LEU C 174 15.98 50.52 -23.93
CA LEU C 174 16.50 49.69 -22.85
C LEU C 174 17.33 48.55 -23.43
N ARG C 175 18.55 48.40 -22.92
CA ARG C 175 19.43 47.30 -23.26
C ARG C 175 19.79 46.56 -21.98
N GLU C 176 19.68 45.24 -21.98
CA GLU C 176 19.95 44.43 -20.80
C GLU C 176 20.87 43.29 -21.15
N PHE C 177 21.92 43.11 -20.34
CA PHE C 177 22.91 42.07 -20.56
C PHE C 177 23.11 41.28 -19.27
N VAL C 178 23.23 39.96 -19.39
CA VAL C 178 23.47 39.09 -18.26
C VAL C 178 24.70 38.23 -18.57
N PHE C 179 25.72 38.33 -17.73
CA PHE C 179 26.94 37.56 -17.89
C PHE C 179 26.85 36.30 -17.04
N LYS C 180 27.06 35.15 -17.67
CA LYS C 180 27.05 33.88 -16.96
C LYS C 180 28.22 33.03 -17.45
N ASN C 181 28.69 32.16 -16.56
CA ASN C 181 29.76 31.23 -16.92
C ASN C 181 29.56 29.95 -16.14
N ILE C 182 29.16 28.88 -16.83
CA ILE C 182 29.00 27.56 -16.25
C ILE C 182 29.80 26.58 -17.08
N ASP C 183 30.54 25.68 -16.42
CA ASP C 183 31.42 24.67 -16.99
C ASP C 183 32.44 25.25 -17.97
N GLY C 184 32.64 26.56 -17.97
CA GLY C 184 33.47 27.22 -18.95
C GLY C 184 32.72 27.84 -20.11
N TYR C 185 31.39 27.70 -20.14
CA TYR C 185 30.59 28.22 -21.24
C TYR C 185 30.05 29.59 -20.86
N PHE C 186 30.24 30.58 -21.74
CA PHE C 186 29.89 31.96 -21.46
C PHE C 186 28.55 32.28 -22.12
N LYS C 187 27.57 32.66 -21.31
CA LYS C 187 26.25 33.03 -21.81
C LYS C 187 26.10 34.54 -21.82
N ILE C 188 25.36 35.04 -22.80
CA ILE C 188 25.03 36.46 -22.91
C ILE C 188 23.58 36.58 -23.34
N TYR C 189 22.72 37.06 -22.45
CA TYR C 189 21.33 37.32 -22.77
C TYR C 189 21.17 38.77 -23.20
N SER C 190 20.21 39.02 -24.09
CA SER C 190 19.96 40.36 -24.59
C SER C 190 18.47 40.60 -24.70
N LYS C 191 18.08 41.87 -24.60
CA LYS C 191 16.69 42.25 -24.74
C LYS C 191 16.64 43.75 -25.02
N HIS C 192 15.93 44.13 -26.07
CA HIS C 192 15.85 45.52 -26.49
C HIS C 192 14.40 45.90 -26.68
N THR C 193 14.00 47.04 -26.12
CA THR C 193 12.64 47.52 -26.26
C THR C 193 12.61 49.03 -26.28
N PRO C 194 12.14 49.64 -27.36
CA PRO C 194 12.04 51.11 -27.40
C PRO C 194 10.95 51.61 -26.46
N ILE C 195 11.30 52.61 -25.67
CA ILE C 195 10.36 53.21 -24.71
C ILE C 195 10.46 54.73 -24.78
N ASN C 196 9.74 55.42 -23.90
CA ASN C 196 9.86 56.86 -23.73
C ASN C 196 10.57 57.15 -22.42
N LEU C 197 11.62 57.97 -22.49
CA LEU C 197 12.52 58.18 -21.35
C LEU C 197 11.98 59.32 -20.50
N VAL C 198 11.43 58.99 -19.33
CA VAL C 198 11.14 59.98 -18.30
C VAL C 198 11.80 59.64 -16.96
N ARG C 199 12.07 58.37 -16.68
CA ARG C 199 12.65 57.96 -15.41
C ARG C 199 14.05 57.41 -15.66
N ASP C 200 14.90 57.50 -14.63
CA ASP C 200 16.23 56.91 -14.73
C ASP C 200 16.15 55.39 -14.81
N LEU C 201 15.12 54.79 -14.22
CA LEU C 201 14.87 53.36 -14.31
C LEU C 201 13.37 53.11 -14.15
N PRO C 202 12.69 52.67 -15.20
CA PRO C 202 11.22 52.55 -15.14
C PRO C 202 10.76 51.30 -14.43
N GLN C 203 9.44 51.06 -14.44
CA GLN C 203 8.83 49.91 -13.78
C GLN C 203 8.28 48.90 -14.79
N GLY C 204 8.89 48.83 -15.97
CA GLY C 204 8.39 47.95 -17.01
C GLY C 204 8.66 46.49 -16.71
N PHE C 205 8.00 45.64 -17.50
CA PHE C 205 8.13 44.19 -17.39
C PHE C 205 8.96 43.68 -18.55
N SER C 206 9.97 42.85 -18.24
CA SER C 206 10.95 42.44 -19.22
C SER C 206 11.18 40.93 -19.14
N ALA C 207 11.64 40.37 -20.26
CA ALA C 207 12.01 38.95 -20.34
C ALA C 207 13.15 38.85 -21.35
N LEU C 208 14.37 38.65 -20.84
CA LEU C 208 15.55 38.68 -21.69
C LEU C 208 15.64 37.44 -22.55
N GLU C 209 16.31 37.58 -23.71
CA GLU C 209 16.44 36.50 -24.66
C GLU C 209 17.90 36.14 -24.88
N PRO C 210 18.22 34.86 -25.09
CA PRO C 210 19.62 34.47 -25.30
C PRO C 210 20.05 34.77 -26.74
N LEU C 211 21.20 35.43 -26.88
CA LEU C 211 21.69 35.82 -28.19
C LEU C 211 23.00 35.12 -28.55
N VAL C 212 24.03 35.22 -27.71
CA VAL C 212 25.36 34.70 -28.03
C VAL C 212 25.81 33.77 -26.93
N ASP C 213 26.49 32.69 -27.30
CA ASP C 213 26.91 31.68 -26.34
C ASP C 213 28.25 31.12 -26.83
N LEU C 214 29.32 31.34 -26.06
CA LEU C 214 30.66 31.07 -26.55
C LEU C 214 31.43 30.18 -25.57
N PRO C 215 32.35 29.37 -26.07
CA PRO C 215 33.26 28.57 -25.22
C PRO C 215 34.55 29.30 -24.84
N ILE C 216 34.44 30.17 -23.84
CA ILE C 216 35.60 30.93 -23.38
C ILE C 216 36.59 30.00 -22.67
N GLY C 217 36.12 29.30 -21.64
CA GLY C 217 36.95 28.32 -20.97
C GLY C 217 38.05 28.86 -20.09
N ILE C 218 37.90 30.09 -19.57
CA ILE C 218 38.89 30.68 -18.69
C ILE C 218 38.27 30.97 -17.33
N ASN C 219 39.09 31.46 -16.40
CA ASN C 219 38.66 31.76 -15.04
C ASN C 219 38.54 33.27 -14.88
N ILE C 220 37.34 33.74 -14.53
CA ILE C 220 37.05 35.15 -14.44
C ILE C 220 36.64 35.49 -13.02
N THR C 221 37.17 36.60 -12.50
CA THR C 221 36.85 37.00 -11.13
C THR C 221 36.59 38.50 -10.97
N ARG C 222 36.92 39.31 -11.96
CA ARG C 222 36.51 40.72 -11.97
C ARG C 222 36.13 41.13 -13.39
N PHE C 223 35.63 42.36 -13.52
CA PHE C 223 35.25 42.90 -14.81
C PHE C 223 35.29 44.42 -14.77
N GLN C 224 35.32 45.03 -15.95
CA GLN C 224 35.42 46.48 -16.08
C GLN C 224 34.70 46.90 -17.35
N THR C 225 34.06 48.07 -17.30
CA THR C 225 33.22 48.55 -18.40
C THR C 225 33.87 49.76 -19.05
N LEU C 226 34.02 49.70 -20.37
CA LEU C 226 34.58 50.81 -21.12
C LEU C 226 33.56 51.94 -21.25
N LEU C 227 34.08 53.14 -21.50
CA LEU C 227 33.26 54.32 -21.81
C LEU C 227 33.98 55.08 -22.93
N ALA C 228 33.63 54.75 -24.17
CA ALA C 228 34.32 55.31 -25.33
C ALA C 228 34.06 56.81 -25.39
N LEU C 229 35.12 57.60 -25.19
CA LEU C 229 35.02 59.06 -25.18
C LEU C 229 35.11 59.54 -26.61
N HIS C 230 33.95 59.72 -27.25
CA HIS C 230 33.88 60.09 -28.65
C HIS C 230 34.33 61.54 -28.84
N ARG C 231 34.30 61.98 -30.10
CA ARG C 231 34.66 63.34 -30.48
C ARG C 231 33.57 63.88 -31.39
N SER C 232 32.63 64.63 -30.83
CA SER C 232 31.53 65.22 -31.57
C SER C 232 31.89 66.54 -32.23
N TYR C 233 33.20 66.80 -32.40
CA TYR C 233 33.70 68.03 -33.02
C TYR C 233 33.21 69.26 -32.24
N LEU C 234 33.62 69.31 -30.98
CA LEU C 234 33.24 70.42 -30.09
C LEU C 234 34.46 71.23 -29.69
N GLY C 242 38.53 68.84 -24.88
CA GLY C 242 38.72 68.44 -26.26
C GLY C 242 38.05 67.12 -26.59
N TRP C 243 37.02 66.77 -25.81
CA TRP C 243 36.29 65.53 -26.01
C TRP C 243 34.84 65.75 -25.62
N THR C 244 34.00 64.76 -25.93
CA THR C 244 32.58 64.85 -25.63
C THR C 244 32.35 64.88 -24.13
N ALA C 245 31.28 65.57 -23.73
CA ALA C 245 30.89 65.64 -22.33
C ALA C 245 30.26 64.31 -21.92
N GLY C 246 31.08 63.42 -21.35
CA GLY C 246 30.60 62.11 -20.98
C GLY C 246 29.63 62.18 -19.80
N ALA C 247 28.41 61.67 -19.99
CA ALA C 247 27.44 61.61 -18.91
C ALA C 247 26.66 60.30 -18.92
N ALA C 248 27.23 59.24 -19.51
CA ALA C 248 26.52 57.97 -19.60
C ALA C 248 26.36 57.35 -18.22
N ALA C 249 25.17 56.77 -17.98
CA ALA C 249 24.84 56.17 -16.70
C ALA C 249 24.55 54.70 -16.88
N TYR C 250 24.88 53.91 -15.87
CA TYR C 250 24.65 52.48 -15.91
C TYR C 250 24.38 51.96 -14.50
N TYR C 251 23.77 50.78 -14.43
CA TYR C 251 23.41 50.15 -13.18
C TYR C 251 23.97 48.74 -13.16
N VAL C 252 24.43 48.30 -11.98
CA VAL C 252 25.07 47.00 -11.81
C VAL C 252 24.24 46.18 -10.83
N GLY C 253 23.74 45.03 -11.30
CA GLY C 253 22.99 44.12 -10.46
C GLY C 253 23.74 42.81 -10.26
N TYR C 254 23.43 42.13 -9.16
CA TYR C 254 24.08 40.87 -8.82
C TYR C 254 23.04 39.77 -8.65
N LEU C 255 23.32 38.59 -9.18
CA LEU C 255 22.39 37.48 -9.19
C LEU C 255 22.74 36.46 -8.12
N GLN C 256 21.73 35.83 -7.55
CA GLN C 256 21.91 34.79 -6.56
C GLN C 256 20.81 33.75 -6.73
N PRO C 257 21.03 32.51 -6.26
CA PRO C 257 20.03 31.46 -6.46
C PRO C 257 18.68 31.80 -5.84
N ARG C 258 17.61 31.44 -6.53
CA ARG C 258 16.26 31.78 -6.13
C ARG C 258 15.30 30.74 -6.71
N THR C 259 14.01 31.03 -6.64
CA THR C 259 12.97 30.20 -7.25
C THR C 259 11.82 31.12 -7.67
N PHE C 260 11.36 30.97 -8.90
CA PHE C 260 10.37 31.89 -9.47
C PHE C 260 9.20 31.10 -10.05
N LEU C 261 8.14 31.84 -10.38
CA LEU C 261 6.95 31.27 -11.02
C LEU C 261 6.55 32.17 -12.17
N LEU C 262 6.43 31.60 -13.36
CA LEU C 262 6.18 32.36 -14.58
C LEU C 262 4.77 32.11 -15.11
N LYS C 263 4.36 32.95 -16.04
CA LYS C 263 3.05 32.86 -16.69
C LYS C 263 3.22 32.98 -18.19
N TYR C 264 2.40 32.25 -18.94
CA TYR C 264 2.39 32.32 -20.40
C TYR C 264 0.96 32.57 -20.87
N ASN C 265 0.80 33.49 -21.82
CA ASN C 265 -0.52 33.82 -22.33
C ASN C 265 -0.89 32.84 -23.44
N GLU C 266 -1.99 33.11 -24.14
CA GLU C 266 -2.45 32.22 -25.21
C GLU C 266 -1.60 32.34 -26.45
N ASN C 267 -0.83 33.40 -26.61
CA ASN C 267 0.06 33.58 -27.75
C ASN C 267 1.49 33.17 -27.44
N GLY C 268 1.77 32.68 -26.24
CA GLY C 268 3.10 32.18 -25.92
C GLY C 268 4.12 33.24 -25.56
N THR C 269 3.82 34.04 -24.54
CA THR C 269 4.76 35.05 -24.05
C THR C 269 4.51 35.27 -22.56
N ILE C 270 5.53 35.81 -21.90
CA ILE C 270 5.50 36.01 -20.45
C ILE C 270 4.82 37.32 -20.13
N THR C 271 3.88 37.28 -19.18
CA THR C 271 3.14 38.48 -18.78
C THR C 271 3.41 38.87 -17.32
N ASP C 272 3.37 37.92 -16.40
CA ASP C 272 3.57 38.23 -14.98
C ASP C 272 4.42 37.15 -14.32
N ALA C 273 5.05 37.51 -13.21
CA ALA C 273 5.88 36.58 -12.46
C ALA C 273 5.82 36.93 -10.99
N VAL C 274 5.87 35.91 -10.13
CA VAL C 274 5.90 36.08 -8.69
C VAL C 274 6.97 35.16 -8.11
N ASP C 275 7.82 35.69 -7.24
CA ASP C 275 8.89 34.91 -6.64
C ASP C 275 8.39 34.26 -5.34
N CYS C 276 8.98 33.11 -5.02
CA CYS C 276 8.54 32.34 -3.86
C CYS C 276 9.13 32.84 -2.55
N ALA C 277 10.02 33.84 -2.58
CA ALA C 277 10.50 34.46 -1.34
C ALA C 277 10.59 35.97 -1.56
N LEU C 278 9.48 36.66 -1.32
CA LEU C 278 9.48 38.12 -1.24
C LEU C 278 8.66 38.56 -0.04
N ASP C 279 7.64 37.78 0.32
CA ASP C 279 6.80 38.03 1.48
C ASP C 279 5.88 36.83 1.67
N PRO C 280 5.25 36.71 2.85
CA PRO C 280 4.35 35.56 3.08
C PRO C 280 3.28 35.39 2.03
N LEU C 281 2.71 36.48 1.51
CA LEU C 281 1.67 36.34 0.49
C LEU C 281 2.23 35.68 -0.77
N SER C 282 3.45 36.06 -1.17
CA SER C 282 4.06 35.44 -2.33
C SER C 282 4.35 33.98 -2.09
N GLU C 283 4.77 33.62 -0.87
CA GLU C 283 4.97 32.21 -0.55
C GLU C 283 3.66 31.43 -0.63
N THR C 284 2.57 32.03 -0.16
CA THR C 284 1.27 31.37 -0.27
C THR C 284 0.88 31.17 -1.73
N LYS C 285 1.08 32.19 -2.57
CA LYS C 285 0.77 32.06 -3.98
C LYS C 285 1.63 30.98 -4.64
N CYS C 286 2.92 30.93 -4.29
CA CYS C 286 3.82 29.96 -4.88
C CYS C 286 3.49 28.54 -4.44
N THR C 287 3.12 28.36 -3.17
CA THR C 287 2.81 27.02 -2.68
C THR C 287 1.48 26.53 -3.22
N LEU C 288 0.48 27.40 -3.29
CA LEU C 288 -0.80 27.02 -3.89
C LEU C 288 -0.72 26.90 -5.40
N LYS C 289 0.28 27.51 -6.02
CA LYS C 289 0.42 27.55 -7.48
C LYS C 289 -0.80 28.19 -8.14
N SER C 290 -1.07 29.43 -7.73
CA SER C 290 -2.17 30.20 -8.28
C SER C 290 -1.84 31.68 -8.12
N PHE C 291 -2.70 32.53 -8.68
CA PHE C 291 -2.50 33.97 -8.63
C PHE C 291 -3.58 34.70 -7.83
N THR C 292 -4.71 34.06 -7.54
CA THR C 292 -5.75 34.66 -6.72
C THR C 292 -6.12 33.71 -5.60
N VAL C 293 -6.31 34.25 -4.39
CA VAL C 293 -6.55 33.46 -3.20
C VAL C 293 -7.86 33.91 -2.55
N GLU C 294 -8.53 32.98 -1.89
CA GLU C 294 -9.71 33.27 -1.10
C GLU C 294 -9.33 33.28 0.39
N LYS C 295 -10.28 33.73 1.21
CA LYS C 295 -10.02 33.86 2.64
C LYS C 295 -9.80 32.49 3.27
N GLY C 296 -9.03 32.48 4.35
CA GLY C 296 -8.72 31.25 5.06
C GLY C 296 -7.34 31.34 5.67
N ILE C 297 -6.85 30.17 6.08
CA ILE C 297 -5.52 30.04 6.67
C ILE C 297 -4.79 28.91 5.97
N TYR C 298 -3.54 29.13 5.60
CA TYR C 298 -2.76 28.18 4.83
C TYR C 298 -1.38 27.99 5.45
N GLN C 299 -0.85 26.79 5.32
CA GLN C 299 0.48 26.44 5.82
C GLN C 299 1.46 26.44 4.65
N THR C 300 2.47 27.30 4.72
CA THR C 300 3.39 27.47 3.60
C THR C 300 4.63 26.60 3.73
N SER C 301 5.41 26.79 4.78
CA SER C 301 6.63 26.04 4.99
C SER C 301 7.02 26.16 6.45
N ASN C 302 8.24 25.71 6.76
CA ASN C 302 8.72 25.63 8.14
C ASN C 302 9.94 26.52 8.32
N PHE C 303 10.39 26.60 9.57
CA PHE C 303 11.55 27.39 9.93
C PHE C 303 12.47 26.60 10.84
N ARG C 304 13.76 26.91 10.79
CA ARG C 304 14.74 26.27 11.65
C ARG C 304 15.92 27.20 11.82
N VAL C 305 16.68 26.99 12.89
CA VAL C 305 17.83 27.84 13.19
C VAL C 305 19.05 27.30 12.45
N GLN C 306 19.69 28.17 11.68
CA GLN C 306 20.91 27.77 10.99
C GLN C 306 22.08 27.70 11.99
N PRO C 307 23.07 26.85 11.72
CA PRO C 307 24.21 26.74 12.63
C PRO C 307 25.05 28.00 12.65
N THR C 308 25.97 28.05 13.60
CA THR C 308 26.81 29.23 13.80
C THR C 308 28.29 28.97 13.57
N GLU C 309 28.84 27.89 14.12
CA GLU C 309 30.25 27.60 13.96
C GLU C 309 30.47 26.09 14.03
N SER C 310 31.71 25.68 13.76
CA SER C 310 32.08 24.26 13.72
C SER C 310 33.30 24.01 14.59
N ILE C 311 33.32 22.86 15.26
CA ILE C 311 34.40 22.47 16.16
C ILE C 311 34.80 21.03 15.87
N VAL C 312 36.02 20.69 16.30
CA VAL C 312 36.57 19.34 16.14
C VAL C 312 37.30 18.96 17.42
N ARG C 313 37.07 17.74 17.90
CA ARG C 313 37.72 17.24 19.10
C ARG C 313 38.38 15.90 18.79
N PHE C 314 39.68 15.81 19.03
CA PHE C 314 40.49 14.64 18.77
C PHE C 314 41.38 14.36 19.96
N PRO C 315 41.89 13.13 20.10
CA PRO C 315 42.80 12.83 21.21
C PRO C 315 44.09 13.60 21.12
N ASN C 316 44.75 13.75 22.27
CA ASN C 316 45.93 14.59 22.40
C ASN C 316 47.24 13.85 22.18
N ILE C 317 47.18 12.58 21.77
CA ILE C 317 48.41 11.85 21.47
C ILE C 317 49.11 12.49 20.28
N THR C 318 50.42 12.30 20.21
CA THR C 318 51.20 12.82 19.09
C THR C 318 52.34 11.83 18.81
N ASN C 319 52.09 10.90 17.91
CA ASN C 319 53.05 9.88 17.53
C ASN C 319 53.05 9.75 16.02
N LEU C 320 54.01 8.99 15.51
CA LEU C 320 54.04 8.58 14.11
C LEU C 320 53.89 7.06 14.07
N CYS C 321 52.90 6.60 13.33
CA CYS C 321 52.60 5.17 13.35
C CYS C 321 53.67 4.39 12.58
N PRO C 322 54.07 3.22 13.07
CA PRO C 322 55.13 2.46 12.40
C PRO C 322 54.67 1.80 11.11
N PHE C 323 54.19 2.60 10.16
CA PHE C 323 53.83 2.07 8.86
C PHE C 323 55.06 1.73 8.02
N GLY C 324 56.16 2.46 8.22
CA GLY C 324 57.32 2.26 7.36
C GLY C 324 57.90 0.87 7.48
N GLU C 325 57.98 0.34 8.69
CA GLU C 325 58.64 -0.95 8.89
C GLU C 325 57.92 -2.10 8.21
N VAL C 326 56.61 -1.99 8.00
CA VAL C 326 55.86 -3.04 7.31
C VAL C 326 55.89 -2.84 5.80
N PHE C 327 55.57 -1.64 5.33
CA PHE C 327 55.56 -1.38 3.90
C PHE C 327 56.95 -1.47 3.29
N ASN C 328 58.00 -1.30 4.08
CA ASN C 328 59.38 -1.33 3.59
C ASN C 328 60.10 -2.59 4.08
N ALA C 329 59.40 -3.71 4.13
CA ALA C 329 60.01 -4.96 4.55
C ALA C 329 61.02 -5.46 3.53
N THR C 330 62.12 -5.98 4.02
CA THR C 330 63.16 -6.54 3.15
C THR C 330 62.84 -7.93 2.65
N ARG C 331 62.22 -8.77 3.46
CA ARG C 331 61.87 -10.13 3.10
C ARG C 331 60.41 -10.36 3.45
N PHE C 332 59.73 -11.13 2.61
CA PHE C 332 58.31 -11.33 2.73
C PHE C 332 58.01 -12.81 2.87
N ALA C 333 57.09 -13.15 3.77
CA ALA C 333 56.76 -14.54 4.04
C ALA C 333 55.99 -15.13 2.87
N SER C 334 55.63 -16.40 3.00
CA SER C 334 54.91 -17.11 1.95
C SER C 334 53.41 -17.01 2.16
N VAL C 335 52.65 -17.55 1.22
CA VAL C 335 51.19 -17.40 1.25
C VAL C 335 50.59 -18.24 2.37
N TYR C 336 51.08 -19.45 2.56
CA TYR C 336 50.46 -20.35 3.52
C TYR C 336 50.84 -20.05 4.96
N ALA C 337 51.73 -19.10 5.21
CA ALA C 337 52.13 -18.68 6.54
C ALA C 337 52.16 -17.16 6.65
N TRP C 338 51.09 -16.51 6.19
CA TRP C 338 51.09 -15.06 6.10
C TRP C 338 51.24 -14.42 7.48
N ASN C 339 52.04 -13.37 7.56
CA ASN C 339 52.32 -12.68 8.81
C ASN C 339 51.26 -11.61 9.08
N ARG C 340 51.07 -11.32 10.37
CA ARG C 340 50.05 -10.36 10.79
C ARG C 340 50.59 -9.49 11.91
N LYS C 341 50.47 -8.17 11.75
CA LYS C 341 50.90 -7.21 12.75
C LYS C 341 49.73 -6.33 13.16
N ARG C 342 49.73 -5.92 14.43
CA ARG C 342 48.64 -5.14 14.99
C ARG C 342 49.08 -3.70 15.22
N ILE C 343 48.25 -2.76 14.80
CA ILE C 343 48.55 -1.33 14.86
C ILE C 343 47.54 -0.67 15.78
N SER C 344 48.02 0.09 16.76
CA SER C 344 47.13 0.76 17.70
C SER C 344 47.86 1.93 18.34
N ASN C 345 47.07 2.88 18.82
CA ASN C 345 47.54 4.03 19.61
C ASN C 345 48.64 4.80 18.86
N CYS C 346 48.24 5.39 17.74
CA CYS C 346 49.15 6.17 16.93
C CYS C 346 48.37 7.19 16.13
N VAL C 347 49.09 8.19 15.61
CA VAL C 347 48.53 9.13 14.65
C VAL C 347 49.13 8.77 13.29
N ALA C 348 48.30 8.29 12.39
CA ALA C 348 48.77 7.79 11.11
C ALA C 348 48.83 8.92 10.09
N ASP C 349 49.29 8.58 8.89
CA ASP C 349 49.35 9.53 7.78
C ASP C 349 49.21 8.71 6.52
N TYR C 350 48.00 8.68 5.97
CA TYR C 350 47.76 7.97 4.72
C TYR C 350 48.10 8.79 3.49
N SER C 351 48.41 10.08 3.68
CA SER C 351 48.64 10.95 2.53
C SER C 351 49.93 10.59 1.79
N VAL C 352 51.03 10.43 2.54
CA VAL C 352 52.30 10.13 1.90
C VAL C 352 52.32 8.71 1.36
N LEU C 353 51.61 7.79 2.02
CA LEU C 353 51.48 6.44 1.47
C LEU C 353 50.76 6.46 0.14
N TYR C 354 49.69 7.25 0.03
CA TYR C 354 48.91 7.27 -1.20
C TYR C 354 49.62 8.02 -2.32
N ASN C 355 50.22 9.17 -2.02
CA ASN C 355 50.71 10.04 -3.08
C ASN C 355 51.99 9.52 -3.73
N SER C 356 52.76 8.68 -3.02
CA SER C 356 53.99 8.15 -3.59
C SER C 356 53.69 7.25 -4.77
N ALA C 357 54.17 7.65 -5.95
CA ALA C 357 53.86 6.92 -7.19
C ALA C 357 54.77 5.70 -7.31
N SER C 358 54.46 4.70 -6.49
CA SER C 358 55.21 3.45 -6.52
C SER C 358 54.31 2.23 -6.36
N PHE C 359 53.02 2.34 -6.69
CA PHE C 359 52.07 1.26 -6.49
C PHE C 359 51.32 0.96 -7.77
N SER C 360 50.86 -0.28 -7.90
CA SER C 360 50.19 -0.76 -9.10
C SER C 360 48.74 -1.16 -8.87
N THR C 361 48.30 -1.34 -7.63
CA THR C 361 46.91 -1.68 -7.33
C THR C 361 46.52 -1.05 -6.01
N PHE C 362 45.42 -0.29 -6.00
CA PHE C 362 44.98 0.42 -4.81
C PHE C 362 43.45 0.45 -4.84
N LYS C 363 42.83 -0.53 -4.19
CA LYS C 363 41.38 -0.66 -4.18
C LYS C 363 40.88 -0.70 -2.75
N CYS C 364 39.87 0.11 -2.46
CA CYS C 364 39.20 0.11 -1.17
C CYS C 364 37.73 -0.18 -1.37
N TYR C 365 37.10 -0.75 -0.34
CA TYR C 365 35.74 -1.27 -0.46
C TYR C 365 34.72 -0.44 0.30
N GLY C 366 34.89 -0.27 1.61
CA GLY C 366 33.92 0.46 2.40
C GLY C 366 34.15 1.94 2.52
N VAL C 367 35.17 2.49 1.85
CA VAL C 367 35.50 3.90 1.99
C VAL C 367 36.31 4.32 0.77
N SER C 368 36.02 5.51 0.26
CA SER C 368 36.84 6.06 -0.81
C SER C 368 38.22 6.41 -0.28
N PRO C 369 39.28 6.21 -1.06
CA PRO C 369 40.62 6.42 -0.52
C PRO C 369 41.04 7.88 -0.55
N THR C 370 40.13 8.76 -0.14
CA THR C 370 40.43 10.17 -0.01
C THR C 370 39.82 10.80 1.23
N LYS C 371 39.04 10.05 2.01
CA LYS C 371 38.42 10.55 3.23
C LYS C 371 38.92 9.83 4.47
N LEU C 372 40.07 9.16 4.37
CA LEU C 372 40.63 8.46 5.51
C LEU C 372 41.25 9.41 6.53
N ASN C 373 41.49 10.67 6.15
CA ASN C 373 42.14 11.61 7.04
C ASN C 373 41.21 12.17 8.10
N ASP C 374 39.89 12.03 7.92
CA ASP C 374 38.91 12.53 8.86
C ASP C 374 38.25 11.42 9.68
N LEU C 375 38.72 10.19 9.56
CA LEU C 375 38.08 9.05 10.18
C LEU C 375 38.98 8.47 11.26
N CYS C 376 38.43 8.31 12.47
CA CYS C 376 39.12 7.63 13.55
C CYS C 376 38.69 6.18 13.57
N PHE C 377 39.67 5.27 13.63
CA PHE C 377 39.42 3.85 13.59
C PHE C 377 39.80 3.20 14.91
N THR C 378 39.60 1.89 14.97
CA THR C 378 40.07 1.08 16.09
C THR C 378 40.44 -0.29 15.55
N ASN C 379 41.46 -0.90 16.15
CA ASN C 379 41.85 -2.28 15.86
C ASN C 379 42.19 -2.47 14.38
N VAL C 380 43.26 -1.82 13.98
CA VAL C 380 43.79 -1.94 12.62
C VAL C 380 44.64 -3.20 12.52
N TYR C 381 44.39 -3.99 11.47
CA TYR C 381 45.12 -5.24 11.21
C TYR C 381 45.90 -5.11 9.91
N ALA C 382 47.13 -5.62 9.90
CA ALA C 382 47.98 -5.59 8.73
C ALA C 382 48.47 -7.00 8.41
N ASP C 383 48.39 -7.38 7.14
CA ASP C 383 48.81 -8.70 6.68
C ASP C 383 49.69 -8.56 5.44
N SER C 384 50.58 -9.54 5.24
CA SER C 384 51.53 -9.48 4.15
C SER C 384 51.90 -10.88 3.67
N PHE C 385 52.19 -10.99 2.38
CA PHE C 385 52.66 -12.23 1.75
C PHE C 385 53.09 -11.89 0.33
N VAL C 386 53.47 -12.91 -0.44
CA VAL C 386 53.88 -12.75 -1.82
C VAL C 386 52.99 -13.60 -2.70
N ILE C 387 52.92 -13.25 -3.98
CA ILE C 387 52.10 -13.98 -4.94
C ILE C 387 52.65 -13.70 -6.33
N ARG C 388 52.27 -14.54 -7.29
CA ARG C 388 52.76 -14.44 -8.66
C ARG C 388 51.96 -13.36 -9.42
N GLY C 389 52.13 -13.34 -10.74
CA GLY C 389 51.63 -12.24 -11.54
C GLY C 389 50.14 -12.21 -11.81
N ASP C 390 49.63 -13.23 -12.48
CA ASP C 390 48.27 -13.22 -13.00
C ASP C 390 47.22 -13.55 -11.95
N GLU C 391 47.62 -13.93 -10.74
CA GLU C 391 46.68 -14.37 -9.73
C GLU C 391 46.50 -13.36 -8.61
N VAL C 392 47.06 -12.15 -8.74
CA VAL C 392 46.84 -11.11 -7.76
C VAL C 392 45.41 -10.58 -7.82
N ARG C 393 44.71 -10.78 -8.93
CA ARG C 393 43.35 -10.29 -9.11
C ARG C 393 42.32 -11.16 -8.42
N GLN C 394 42.73 -12.10 -7.56
CA GLN C 394 41.81 -12.98 -6.87
C GLN C 394 41.61 -12.60 -5.41
N ILE C 395 42.31 -11.58 -4.92
CA ILE C 395 42.13 -11.11 -3.55
C ILE C 395 40.96 -10.14 -3.52
N ALA C 396 39.76 -10.68 -3.34
CA ALA C 396 38.55 -9.89 -3.34
C ALA C 396 37.43 -10.74 -2.74
N PRO C 397 36.39 -10.10 -2.20
CA PRO C 397 35.26 -10.87 -1.66
C PRO C 397 34.57 -11.69 -2.75
N GLY C 398 34.18 -12.91 -2.39
CA GLY C 398 33.38 -13.71 -3.29
C GLY C 398 34.11 -14.31 -4.47
N GLN C 399 35.44 -14.26 -4.49
CA GLN C 399 36.21 -14.84 -5.57
C GLN C 399 36.58 -16.29 -5.24
N THR C 400 36.91 -17.05 -6.29
CA THR C 400 37.28 -18.45 -6.15
C THR C 400 38.53 -18.73 -6.98
N GLY C 401 39.26 -19.77 -6.57
CA GLY C 401 40.52 -20.09 -7.21
C GLY C 401 41.33 -21.13 -6.46
N LYS C 402 42.59 -20.84 -6.19
CA LYS C 402 43.41 -21.70 -5.36
C LYS C 402 43.88 -21.05 -4.07
N ILE C 403 44.12 -19.74 -4.06
CA ILE C 403 44.43 -19.08 -2.80
C ILE C 403 43.14 -18.73 -2.07
N ALA C 404 42.10 -18.35 -2.81
CA ALA C 404 40.85 -17.96 -2.20
C ALA C 404 40.08 -19.12 -1.61
N ASP C 405 40.46 -20.36 -1.91
CA ASP C 405 39.76 -21.52 -1.37
C ASP C 405 40.65 -22.53 -0.67
N TYR C 406 41.97 -22.41 -0.79
CA TYR C 406 42.87 -23.24 -0.01
C TYR C 406 43.81 -22.47 0.89
N ASN C 407 44.04 -21.17 0.65
CA ASN C 407 45.08 -20.43 1.34
C ASN C 407 44.56 -19.23 2.11
N TYR C 408 43.76 -18.36 1.49
CA TYR C 408 43.41 -17.08 2.10
C TYR C 408 42.06 -16.62 1.57
N LYS C 409 41.08 -16.49 2.46
CA LYS C 409 39.72 -16.14 2.09
C LYS C 409 39.26 -14.93 2.87
N LEU C 410 38.67 -13.96 2.17
CA LEU C 410 38.08 -12.78 2.79
C LEU C 410 36.57 -12.92 2.88
N PRO C 411 35.96 -12.44 3.97
CA PRO C 411 34.52 -12.67 4.17
C PRO C 411 33.65 -11.92 3.18
N ASP C 412 32.33 -12.10 3.29
CA ASP C 412 31.41 -11.46 2.36
C ASP C 412 31.43 -9.94 2.53
N ASP C 413 31.51 -9.45 3.75
CA ASP C 413 31.63 -8.02 4.02
C ASP C 413 33.06 -7.70 4.43
N PHE C 414 33.63 -6.66 3.82
CA PHE C 414 35.02 -6.30 4.07
C PHE C 414 35.16 -4.79 4.00
N THR C 415 35.67 -4.19 5.07
CA THR C 415 35.92 -2.75 5.12
C THR C 415 37.42 -2.56 5.25
N GLY C 416 38.09 -2.39 4.11
CA GLY C 416 39.53 -2.21 4.11
C GLY C 416 40.03 -2.04 2.69
N CYS C 417 41.33 -1.72 2.61
CA CYS C 417 41.99 -1.49 1.34
C CYS C 417 43.02 -2.59 1.09
N VAL C 418 43.34 -2.81 -0.19
CA VAL C 418 44.34 -3.78 -0.60
C VAL C 418 45.36 -3.05 -1.47
N ILE C 419 46.64 -3.28 -1.20
CA ILE C 419 47.74 -2.61 -1.88
C ILE C 419 48.66 -3.65 -2.48
N ALA C 420 49.07 -3.44 -3.73
CA ALA C 420 49.99 -4.36 -4.40
C ALA C 420 50.92 -3.57 -5.31
N TRP C 421 52.20 -3.94 -5.30
CA TRP C 421 53.19 -3.31 -6.17
C TRP C 421 54.04 -4.39 -6.83
N ASN C 422 54.83 -3.96 -7.81
CA ASN C 422 55.62 -4.86 -8.64
C ASN C 422 57.05 -4.98 -8.13
N SER C 423 57.68 -6.11 -8.44
CA SER C 423 59.06 -6.36 -8.04
C SER C 423 59.67 -7.52 -8.80
N ASN C 424 60.86 -7.33 -9.36
CA ASN C 424 61.62 -8.43 -9.94
C ASN C 424 63.10 -8.39 -9.60
N ASN C 425 63.56 -7.37 -8.87
CA ASN C 425 64.95 -7.29 -8.48
C ASN C 425 65.20 -7.66 -7.03
N LEU C 426 64.15 -7.80 -6.22
CA LEU C 426 64.31 -8.22 -4.84
C LEU C 426 64.37 -9.74 -4.71
N ASP C 427 63.48 -10.44 -5.40
CA ASP C 427 63.47 -11.89 -5.44
C ASP C 427 63.71 -12.35 -6.88
N SER C 428 63.55 -13.66 -7.10
CA SER C 428 63.75 -14.27 -8.41
C SER C 428 65.18 -14.02 -8.92
N LYS C 429 66.14 -14.56 -8.18
CA LYS C 429 67.54 -14.38 -8.55
C LYS C 429 67.88 -15.19 -9.80
N VAL C 430 69.06 -14.90 -10.36
CA VAL C 430 69.45 -15.49 -11.64
C VAL C 430 69.51 -17.01 -11.56
N GLY C 431 69.76 -17.56 -10.38
CA GLY C 431 69.81 -18.99 -10.21
C GLY C 431 68.47 -19.67 -10.06
N GLY C 432 67.38 -18.89 -10.09
CA GLY C 432 66.06 -19.45 -9.88
C GLY C 432 65.72 -19.49 -8.40
N ASN C 433 64.61 -18.87 -8.01
CA ASN C 433 64.26 -18.74 -6.60
C ASN C 433 63.24 -19.81 -6.24
N TYR C 434 63.62 -20.71 -5.33
CA TYR C 434 62.75 -21.79 -4.87
C TYR C 434 62.71 -21.74 -3.35
N ASN C 435 61.87 -20.85 -2.81
CA ASN C 435 61.54 -20.87 -1.40
C ASN C 435 60.08 -20.53 -1.14
N TYR C 436 59.27 -20.33 -2.17
CA TYR C 436 57.89 -19.90 -2.03
C TYR C 436 56.97 -21.04 -2.44
N LEU C 437 56.21 -21.55 -1.48
CA LEU C 437 55.36 -22.72 -1.66
C LEU C 437 53.90 -22.34 -1.50
N TYR C 438 53.02 -23.31 -1.76
CA TYR C 438 51.60 -23.15 -1.51
C TYR C 438 50.93 -24.51 -1.56
N ARG C 439 50.10 -24.80 -0.56
CA ARG C 439 49.33 -26.04 -0.56
C ARG C 439 48.18 -25.93 -1.55
N LEU C 440 47.85 -27.05 -2.19
CA LEU C 440 46.78 -27.05 -3.18
C LEU C 440 45.91 -28.29 -3.16
N PHE C 441 46.04 -29.16 -2.15
CA PHE C 441 45.11 -30.26 -1.95
C PHE C 441 44.56 -30.18 -0.54
N ARG C 442 43.23 -30.16 -0.41
CA ARG C 442 42.60 -30.12 0.89
C ARG C 442 41.17 -30.60 0.76
N LYS C 443 40.70 -31.28 1.81
CA LYS C 443 39.35 -31.84 1.79
C LYS C 443 38.29 -30.74 1.73
N SER C 444 38.47 -29.68 2.50
CA SER C 444 37.48 -28.62 2.60
C SER C 444 38.14 -27.27 2.41
N ASN C 445 37.39 -26.34 1.81
CA ASN C 445 37.88 -24.99 1.61
C ASN C 445 38.00 -24.26 2.95
N LEU C 446 38.94 -23.33 3.01
CA LEU C 446 39.17 -22.58 4.25
C LEU C 446 38.00 -21.65 4.55
N LYS C 447 37.61 -21.60 5.81
CA LYS C 447 36.75 -20.53 6.29
C LYS C 447 37.55 -19.23 6.38
N PRO C 448 36.89 -18.08 6.40
CA PRO C 448 37.62 -16.81 6.35
C PRO C 448 38.61 -16.65 7.49
N PHE C 449 39.78 -16.10 7.18
CA PHE C 449 40.81 -15.73 8.16
C PHE C 449 41.24 -16.94 9.00
N GLU C 450 41.81 -17.94 8.33
CA GLU C 450 42.40 -19.09 9.00
C GLU C 450 43.77 -19.39 8.43
N ARG C 451 44.68 -19.86 9.27
CA ARG C 451 46.05 -20.16 8.89
C ARG C 451 46.28 -21.66 8.99
N ASP C 452 46.77 -22.26 7.92
CA ASP C 452 47.08 -23.68 7.89
C ASP C 452 48.58 -23.86 7.77
N ILE C 453 49.13 -24.81 8.53
CA ILE C 453 50.57 -24.97 8.62
C ILE C 453 50.96 -26.42 8.39
N SER C 454 49.98 -27.32 8.36
CA SER C 454 50.27 -28.75 8.32
C SER C 454 50.82 -29.15 6.95
N THR C 455 51.54 -30.28 6.94
CA THR C 455 52.06 -30.88 5.72
C THR C 455 51.97 -32.39 5.77
N GLU C 456 50.99 -32.92 6.49
CA GLU C 456 50.85 -34.36 6.63
C GLU C 456 50.35 -34.96 5.32
N ILE C 457 50.70 -36.24 5.09
CA ILE C 457 50.46 -36.89 3.80
C ILE C 457 48.98 -36.86 3.43
N TYR C 458 48.68 -36.34 2.25
CA TYR C 458 47.30 -36.19 1.80
C TYR C 458 46.92 -37.43 0.99
N GLN C 459 46.00 -38.23 1.53
CA GLN C 459 45.53 -39.42 0.84
C GLN C 459 44.48 -39.04 -0.19
N ALA C 460 44.71 -39.39 -1.45
CA ALA C 460 43.79 -39.04 -2.52
C ALA C 460 42.80 -40.16 -2.81
N GLY C 461 43.30 -41.35 -3.13
CA GLY C 461 42.46 -42.48 -3.48
C GLY C 461 42.00 -43.25 -2.26
N SER C 462 41.34 -44.39 -2.54
CA SER C 462 40.79 -45.23 -1.50
C SER C 462 41.83 -46.14 -0.86
N THR C 463 42.98 -46.33 -1.48
CA THR C 463 44.02 -47.17 -0.91
C THR C 463 44.70 -46.44 0.24
N PRO C 464 44.70 -46.99 1.46
CA PRO C 464 45.32 -46.29 2.58
C PRO C 464 46.80 -46.02 2.32
N CYS C 465 47.24 -44.82 2.71
CA CYS C 465 48.64 -44.43 2.61
C CYS C 465 49.10 -43.93 3.97
N ASN C 466 50.20 -44.51 4.47
CA ASN C 466 50.72 -44.16 5.78
C ASN C 466 52.22 -43.90 5.81
N GLY C 467 52.94 -44.12 4.71
CA GLY C 467 54.38 -43.99 4.72
C GLY C 467 54.89 -42.77 3.98
N VAL C 468 55.38 -43.00 2.76
CA VAL C 468 56.04 -41.95 1.99
C VAL C 468 55.41 -41.86 0.61
N GLU C 469 56.00 -41.06 -0.26
CA GLU C 469 55.56 -40.85 -1.63
C GLU C 469 55.12 -42.16 -2.27
N GLY C 470 53.88 -42.20 -2.74
CA GLY C 470 53.30 -43.38 -3.35
C GLY C 470 52.13 -42.94 -4.22
N PHE C 471 51.44 -43.93 -4.78
CA PHE C 471 50.28 -43.62 -5.59
C PHE C 471 49.18 -43.03 -4.72
N ASN C 472 48.33 -42.22 -5.35
CA ASN C 472 47.15 -41.56 -4.77
C ASN C 472 47.37 -41.12 -3.32
N CYS C 473 48.58 -40.62 -3.03
CA CYS C 473 48.87 -39.98 -1.75
C CYS C 473 50.13 -39.14 -1.94
N TYR C 474 50.01 -37.84 -1.75
CA TYR C 474 51.10 -36.90 -1.97
C TYR C 474 51.14 -35.88 -0.85
N PHE C 475 52.27 -35.19 -0.74
CA PHE C 475 52.27 -34.10 0.21
C PHE C 475 52.03 -32.77 -0.52
N PRO C 476 51.31 -31.83 0.11
CA PRO C 476 50.69 -30.75 -0.67
C PRO C 476 51.67 -29.72 -1.22
N LEU C 477 52.61 -29.25 -0.42
CA LEU C 477 53.38 -28.06 -0.77
C LEU C 477 54.13 -28.24 -2.07
N GLN C 478 54.10 -27.22 -2.92
CA GLN C 478 54.81 -27.22 -4.20
C GLN C 478 55.37 -25.82 -4.40
N SER C 479 56.61 -25.74 -4.86
CA SER C 479 57.38 -24.50 -4.84
C SER C 479 57.13 -23.65 -6.07
N TYR C 480 57.10 -22.33 -5.86
CA TYR C 480 56.98 -21.38 -6.95
C TYR C 480 58.26 -21.35 -7.77
N GLY C 481 58.11 -21.11 -9.08
CA GLY C 481 59.26 -21.00 -9.96
C GLY C 481 59.55 -19.58 -10.37
N PHE C 482 60.62 -19.00 -9.85
CA PHE C 482 60.97 -17.60 -10.11
C PHE C 482 62.38 -17.54 -10.69
N GLN C 483 62.48 -17.58 -12.01
CA GLN C 483 63.72 -17.41 -12.75
C GLN C 483 63.75 -16.02 -13.36
N PRO C 484 64.94 -15.48 -13.65
CA PRO C 484 65.00 -14.15 -14.29
C PRO C 484 64.43 -14.13 -15.70
N THR C 485 64.33 -15.28 -16.36
CA THR C 485 63.90 -15.29 -17.75
C THR C 485 62.40 -15.04 -17.89
N ASN C 486 61.62 -15.38 -16.87
CA ASN C 486 60.17 -15.25 -16.95
C ASN C 486 59.79 -13.77 -17.09
N GLY C 487 58.90 -13.49 -18.02
CA GLY C 487 58.45 -12.13 -18.25
C GLY C 487 57.35 -11.71 -17.30
N VAL C 488 56.41 -10.90 -17.79
CA VAL C 488 55.32 -10.43 -16.95
C VAL C 488 54.42 -11.60 -16.56
N GLY C 489 53.79 -11.49 -15.40
CA GLY C 489 52.94 -12.54 -14.89
C GLY C 489 53.63 -13.58 -14.05
N TYR C 490 54.96 -13.54 -13.95
CA TYR C 490 55.70 -14.53 -13.16
C TYR C 490 56.78 -13.84 -12.32
N GLN C 491 56.57 -12.59 -11.97
CA GLN C 491 57.52 -11.89 -11.13
C GLN C 491 56.92 -11.63 -9.75
N PRO C 492 57.75 -11.55 -8.72
CA PRO C 492 57.23 -11.40 -7.34
C PRO C 492 56.41 -10.12 -7.18
N TYR C 493 55.14 -10.30 -6.82
CA TYR C 493 54.25 -9.21 -6.49
C TYR C 493 54.03 -9.20 -4.98
N ARG C 494 54.26 -8.05 -4.36
CA ARG C 494 54.12 -7.92 -2.91
C ARG C 494 52.73 -7.39 -2.58
N VAL C 495 52.04 -8.08 -1.67
CA VAL C 495 50.65 -7.79 -1.35
C VAL C 495 50.55 -7.40 0.12
N VAL C 496 49.91 -6.28 0.39
CA VAL C 496 49.61 -5.83 1.75
C VAL C 496 48.11 -5.60 1.84
N VAL C 497 47.49 -6.13 2.89
CA VAL C 497 46.06 -6.02 3.10
C VAL C 497 45.82 -5.33 4.43
N LEU C 498 45.05 -4.24 4.42
CA LEU C 498 44.69 -3.49 5.60
C LEU C 498 43.21 -3.72 5.91
N SER C 499 42.91 -3.98 7.18
CA SER C 499 41.55 -4.24 7.62
C SER C 499 41.19 -3.32 8.77
N PHE C 500 40.03 -2.67 8.68
CA PHE C 500 39.47 -1.90 9.78
C PHE C 500 38.04 -2.35 10.04
N GLU C 501 37.57 -2.10 11.25
CA GLU C 501 36.16 -2.06 11.55
C GLU C 501 35.87 -0.70 12.17
N LEU C 502 34.73 -0.11 11.82
CA LEU C 502 34.49 1.28 12.14
C LEU C 502 34.28 1.46 13.64
N LEU C 503 34.03 2.70 14.04
CA LEU C 503 34.05 3.08 15.45
C LEU C 503 32.92 2.40 16.19
N HIS C 504 33.26 1.38 16.98
CA HIS C 504 32.33 0.71 17.87
C HIS C 504 32.84 0.71 19.30
N ALA C 505 33.80 1.58 19.61
CA ALA C 505 34.48 1.64 20.89
C ALA C 505 35.28 2.94 20.93
N PRO C 506 35.87 3.31 22.06
CA PRO C 506 36.76 4.47 22.07
C PRO C 506 37.87 4.34 21.04
N ALA C 507 38.10 5.43 20.30
CA ALA C 507 39.03 5.40 19.20
C ALA C 507 40.47 5.29 19.69
N THR C 508 41.31 4.67 18.86
CA THR C 508 42.73 4.51 19.15
C THR C 508 43.61 5.14 18.09
N VAL C 509 43.33 4.89 16.81
CA VAL C 509 44.11 5.44 15.70
C VAL C 509 43.29 6.53 15.03
N CYS C 510 43.88 7.71 14.88
CA CYS C 510 43.19 8.85 14.31
C CYS C 510 44.12 9.56 13.33
N GLY C 511 43.53 10.24 12.36
CA GLY C 511 44.29 11.01 11.41
C GLY C 511 44.67 12.37 11.97
N PRO C 512 45.36 13.15 11.15
CA PRO C 512 45.80 14.47 11.59
C PRO C 512 44.74 15.54 11.40
N LYS C 513 44.38 16.24 12.48
CA LYS C 513 43.44 17.35 12.40
C LYS C 513 43.77 18.33 13.52
N LYS C 514 43.06 19.46 13.51
CA LYS C 514 43.24 20.52 14.49
C LYS C 514 42.10 20.50 15.49
N SER C 515 42.42 20.40 16.77
CA SER C 515 41.39 20.48 17.80
C SER C 515 40.92 21.91 17.99
N THR C 516 39.71 22.06 18.51
CA THR C 516 39.11 23.37 18.75
C THR C 516 38.46 23.37 20.13
N ASN C 517 38.32 24.58 20.68
CA ASN C 517 37.82 24.73 22.04
C ASN C 517 36.31 24.49 22.09
N LEU C 518 35.76 24.52 23.31
CA LEU C 518 34.40 24.09 23.58
C LEU C 518 33.52 25.29 23.90
N VAL C 519 32.32 25.32 23.31
CA VAL C 519 31.36 26.39 23.51
C VAL C 519 30.03 25.77 23.93
N LYS C 520 29.07 26.64 24.25
CA LYS C 520 27.75 26.20 24.67
C LYS C 520 26.72 27.24 24.27
N ASN C 521 25.46 26.82 24.23
CA ASN C 521 24.32 27.71 24.03
C ASN C 521 24.34 28.38 22.66
N LYS C 522 24.63 27.59 21.63
CA LYS C 522 24.51 28.04 20.25
C LYS C 522 24.47 26.82 19.35
N CYS C 523 23.64 26.88 18.29
CA CYS C 523 23.49 25.76 17.38
C CYS C 523 24.75 25.64 16.53
N VAL C 524 25.44 24.50 16.65
CA VAL C 524 26.71 24.27 15.99
C VAL C 524 26.70 22.92 15.31
N ASN C 525 27.57 22.75 14.32
CA ASN C 525 27.81 21.46 13.68
C ASN C 525 29.22 21.00 14.01
N PHE C 526 29.33 19.86 14.68
CA PHE C 526 30.59 19.40 15.23
C PHE C 526 31.02 18.10 14.57
N ASN C 527 32.25 17.68 14.89
CA ASN C 527 32.87 16.48 14.34
C ASN C 527 33.64 15.81 15.49
N PHE C 528 32.99 14.88 16.17
CA PHE C 528 33.58 14.19 17.32
C PHE C 528 34.12 12.84 16.87
N ASN C 529 35.44 12.76 16.71
CA ASN C 529 36.11 11.51 16.34
C ASN C 529 35.54 10.92 15.06
N GLY C 530 35.24 11.76 14.09
CA GLY C 530 34.63 11.34 12.85
C GLY C 530 33.12 11.29 12.85
N LEU C 531 32.47 11.57 14.00
CA LEU C 531 31.02 11.54 14.10
C LEU C 531 30.50 12.95 13.86
N THR C 532 29.84 13.15 12.72
CA THR C 532 29.28 14.46 12.38
C THR C 532 27.92 14.65 13.04
N GLY C 533 27.55 15.92 13.24
CA GLY C 533 26.26 16.20 13.87
C GLY C 533 25.98 17.68 13.87
N THR C 534 24.85 18.03 14.48
CA THR C 534 24.42 19.42 14.61
C THR C 534 23.48 19.53 15.81
N GLY C 535 23.64 20.59 16.58
CA GLY C 535 22.77 20.80 17.74
C GLY C 535 23.36 21.82 18.69
N VAL C 536 22.90 21.75 19.94
CA VAL C 536 23.33 22.65 21.00
C VAL C 536 23.81 21.81 22.19
N LEU C 537 24.67 22.42 23.00
CA LEU C 537 25.29 21.75 24.13
C LEU C 537 24.83 22.39 25.44
N THR C 538 24.64 21.58 26.46
CA THR C 538 24.19 22.05 27.76
C THR C 538 24.68 21.07 28.82
N GLU C 539 24.12 21.17 30.03
CA GLU C 539 24.59 20.40 31.17
C GLU C 539 23.46 19.53 31.68
N SER C 540 23.78 18.27 31.98
CA SER C 540 22.82 17.30 32.47
C SER C 540 23.09 17.01 33.94
N ASN C 541 22.06 17.12 34.77
CA ASN C 541 22.22 16.81 36.19
C ASN C 541 22.52 15.33 36.40
N LYS C 542 22.04 14.46 35.52
CA LYS C 542 22.32 13.04 35.61
C LYS C 542 23.74 12.78 35.13
N LYS C 543 24.57 12.21 36.00
CA LYS C 543 25.95 11.88 35.66
C LYS C 543 26.01 10.46 35.10
N PHE C 544 26.83 10.30 34.06
CA PHE C 544 26.99 8.99 33.46
C PHE C 544 27.69 8.04 34.42
N LEU C 545 27.54 6.75 34.16
CA LEU C 545 28.27 5.75 34.88
C LEU C 545 29.75 5.82 34.51
N PRO C 546 30.62 5.26 35.34
CA PRO C 546 32.06 5.32 35.03
C PRO C 546 32.43 4.67 33.71
N PHE C 547 31.59 3.80 33.15
CA PHE C 547 31.92 3.08 31.94
C PHE C 547 31.04 3.47 30.75
N GLN C 548 30.32 4.58 30.84
CA GLN C 548 29.34 4.96 29.82
C GLN C 548 29.81 6.22 29.11
N GLN C 549 29.87 6.16 27.77
CA GLN C 549 30.37 7.26 26.96
C GLN C 549 29.43 7.69 25.84
N PHE C 550 28.28 7.03 25.68
CA PHE C 550 27.34 7.36 24.62
C PHE C 550 25.92 7.37 25.17
N GLY C 551 25.04 8.07 24.46
CA GLY C 551 23.63 8.07 24.78
C GLY C 551 22.78 8.08 23.53
N ARG C 552 21.68 7.34 23.55
CA ARG C 552 20.82 7.19 22.38
C ARG C 552 19.36 7.38 22.77
N ASP C 553 18.50 7.45 21.77
CA ASP C 553 17.06 7.52 21.93
C ASP C 553 16.43 6.34 21.20
N ILE C 554 15.09 6.37 21.12
CA ILE C 554 14.36 5.25 20.52
C ILE C 554 14.72 5.11 19.05
N ALA C 555 14.81 6.23 18.32
CA ALA C 555 15.07 6.20 16.89
C ALA C 555 16.56 6.09 16.55
N ASP C 556 17.40 5.74 17.53
CA ASP C 556 18.83 5.55 17.32
C ASP C 556 19.50 6.83 16.80
N THR C 557 19.40 7.88 17.60
CA THR C 557 20.11 9.13 17.36
C THR C 557 20.97 9.45 18.58
N THR C 558 22.18 9.92 18.35
CA THR C 558 23.10 10.22 19.43
C THR C 558 22.52 11.29 20.34
N ASP C 559 22.71 11.13 21.65
CA ASP C 559 22.10 12.01 22.63
C ASP C 559 23.13 12.82 23.41
N ALA C 560 24.10 12.17 24.05
CA ALA C 560 25.04 12.86 24.91
C ALA C 560 26.44 12.30 24.68
N VAL C 561 27.45 13.14 24.92
CA VAL C 561 28.83 12.82 24.64
C VAL C 561 29.67 13.10 25.89
N ARG C 562 30.80 12.39 25.99
CA ARG C 562 31.83 12.68 26.98
C ARG C 562 33.11 12.98 26.21
N ASP C 563 33.64 14.20 26.39
CA ASP C 563 34.62 14.72 25.46
C ASP C 563 35.93 13.93 25.52
N PRO C 564 36.63 13.79 24.39
CA PRO C 564 37.83 12.96 24.36
C PRO C 564 39.08 13.60 24.95
N GLN C 565 39.02 14.88 25.29
CA GLN C 565 40.14 15.56 25.94
C GLN C 565 39.89 15.87 27.40
N THR C 566 38.67 16.22 27.77
CA THR C 566 38.29 16.47 29.15
C THR C 566 36.97 15.77 29.44
N LEU C 567 36.73 15.48 30.71
CA LEU C 567 35.62 14.64 31.12
C LEU C 567 34.47 15.51 31.59
N GLU C 568 33.37 15.50 30.83
CA GLU C 568 32.13 16.17 31.21
C GLU C 568 30.95 15.33 30.74
N ILE C 569 29.75 15.80 31.06
CA ILE C 569 28.50 15.18 30.64
C ILE C 569 27.70 16.26 29.92
N LEU C 570 27.79 16.30 28.59
CA LEU C 570 27.13 17.32 27.80
C LEU C 570 26.05 16.69 26.94
N ASP C 571 24.92 17.38 26.79
CA ASP C 571 23.78 16.88 26.04
C ASP C 571 23.66 17.57 24.68
N ILE C 572 22.98 16.89 23.76
CA ILE C 572 22.74 17.40 22.42
C ILE C 572 21.25 17.54 22.22
N THR C 573 20.83 18.71 21.74
CA THR C 573 19.45 18.94 21.34
C THR C 573 19.45 19.88 20.13
N PRO C 574 18.89 19.46 19.00
CA PRO C 574 18.88 20.32 17.83
C PRO C 574 18.11 21.60 18.10
N CYS C 575 18.59 22.70 17.53
CA CYS C 575 17.96 23.99 17.73
C CYS C 575 16.56 24.00 17.12
N SER C 576 15.74 24.94 17.60
CA SER C 576 14.29 24.81 17.50
C SER C 576 13.80 24.81 16.06
N PHE C 577 12.70 24.09 15.84
CA PHE C 577 12.01 23.97 14.57
C PHE C 577 10.59 24.51 14.71
N GLY C 578 9.77 24.30 13.69
CA GLY C 578 8.36 24.64 13.78
C GLY C 578 7.80 24.98 12.42
N GLY C 579 6.47 25.12 12.38
CA GLY C 579 5.77 25.48 11.17
C GLY C 579 5.34 26.93 11.16
N VAL C 580 4.85 27.36 10.00
CA VAL C 580 4.41 28.73 9.78
C VAL C 580 3.08 28.70 9.04
N SER C 581 2.13 29.52 9.48
CA SER C 581 0.83 29.65 8.84
C SER C 581 0.53 31.12 8.58
N VAL C 582 -0.29 31.38 7.57
CA VAL C 582 -0.58 32.74 7.12
C VAL C 582 -2.09 32.95 7.14
N ILE C 583 -2.53 34.03 7.77
CA ILE C 583 -3.94 34.39 7.86
C ILE C 583 -4.17 35.59 6.95
N THR C 584 -5.09 35.45 6.00
CA THR C 584 -5.37 36.51 5.05
C THR C 584 -6.86 36.55 4.76
N PRO C 585 -7.41 37.73 4.49
CA PRO C 585 -8.74 37.80 3.88
C PRO C 585 -8.65 37.53 2.39
N GLY C 586 -9.76 37.68 1.66
CA GLY C 586 -9.71 37.47 0.23
C GLY C 586 -8.73 38.43 -0.43
N THR C 587 -7.95 37.92 -1.37
CA THR C 587 -7.03 38.77 -2.12
C THR C 587 -7.75 39.79 -2.97
N ASN C 588 -9.06 39.62 -3.20
CA ASN C 588 -9.86 40.59 -3.92
C ASN C 588 -10.31 41.76 -3.04
N THR C 589 -10.02 41.71 -1.74
CA THR C 589 -10.46 42.75 -0.82
C THR C 589 -9.32 43.57 -0.24
N SER C 590 -8.17 42.97 0.06
CA SER C 590 -7.06 43.70 0.66
C SER C 590 -5.76 42.97 0.32
N ASN C 591 -4.68 43.37 1.00
CA ASN C 591 -3.37 42.78 0.76
C ASN C 591 -2.58 42.54 2.03
N GLN C 592 -3.14 42.79 3.22
CA GLN C 592 -2.44 42.58 4.47
C GLN C 592 -2.59 41.14 4.94
N VAL C 593 -1.59 40.66 5.67
CA VAL C 593 -1.56 39.29 6.16
C VAL C 593 -1.11 39.27 7.62
N ALA C 594 -1.33 38.14 8.26
CA ALA C 594 -0.85 37.88 9.61
C ALA C 594 -0.20 36.51 9.65
N VAL C 595 0.81 36.36 10.51
CA VAL C 595 1.61 35.14 10.57
C VAL C 595 1.51 34.54 11.96
N LEU C 596 1.41 33.21 12.02
CA LEU C 596 1.33 32.47 13.27
C LEU C 596 2.43 31.43 13.34
N TYR C 597 3.13 31.38 14.48
CA TYR C 597 4.17 30.40 14.74
C TYR C 597 3.66 29.36 15.72
N GLN C 598 3.88 28.08 15.40
CA GLN C 598 3.26 27.00 16.15
C GLN C 598 4.12 26.62 17.35
N ASP C 599 3.57 26.78 18.55
CA ASP C 599 4.15 26.30 19.79
C ASP C 599 5.55 26.88 20.03
N VAL C 600 5.60 28.20 20.18
CA VAL C 600 6.83 28.90 20.51
C VAL C 600 6.51 29.98 21.53
N ASN C 601 7.21 29.97 22.66
CA ASN C 601 7.15 31.09 23.60
C ASN C 601 7.84 32.26 22.90
N CYS C 602 7.04 33.21 22.40
CA CYS C 602 7.48 34.03 21.28
C CYS C 602 8.13 35.34 21.72
N THR C 603 8.51 35.46 22.99
CA THR C 603 9.63 36.33 23.29
C THR C 603 10.89 35.80 22.63
N GLU C 604 10.96 34.49 22.43
CA GLU C 604 12.03 33.84 21.68
C GLU C 604 11.58 33.56 20.25
N VAL C 605 11.44 34.64 19.48
CA VAL C 605 11.24 34.54 18.03
C VAL C 605 12.18 35.55 17.37
N PRO C 606 13.41 35.18 17.06
CA PRO C 606 14.27 36.08 16.28
C PRO C 606 14.02 36.00 14.79
N VAL C 607 12.95 35.29 14.36
CA VAL C 607 12.79 34.78 13.00
C VAL C 607 13.86 33.72 12.86
N ALA C 608 13.65 32.52 13.41
CA ALA C 608 14.69 31.97 14.26
C ALA C 608 16.00 31.78 13.49
N ILE C 609 16.49 32.93 13.04
CA ILE C 609 17.85 33.11 12.56
C ILE C 609 18.03 34.61 12.43
N HIS C 610 19.27 35.09 12.42
CA HIS C 610 19.40 36.53 12.24
C HIS C 610 19.28 36.91 10.77
N ALA C 611 20.22 36.46 9.92
CA ALA C 611 20.11 36.53 8.47
C ALA C 611 19.43 37.80 7.97
N ASP C 612 18.19 37.64 7.47
CA ASP C 612 17.22 38.69 7.19
C ASP C 612 17.30 39.16 5.75
N GLN C 613 16.16 39.49 5.16
CA GLN C 613 16.12 40.08 3.83
C GLN C 613 15.04 41.16 3.71
N LEU C 614 14.52 41.61 4.85
CA LEU C 614 13.79 42.88 4.97
C LEU C 614 12.55 42.94 4.07
N THR C 615 11.60 41.95 4.26
CA THR C 615 10.22 42.03 3.74
C THR C 615 9.24 41.05 4.48
N PRO C 616 9.40 39.72 4.46
CA PRO C 616 9.10 38.93 5.69
C PRO C 616 9.76 39.39 6.96
N THR C 617 9.41 38.61 7.95
CA THR C 617 9.60 38.93 9.34
C THR C 617 11.02 39.40 9.65
N TRP C 618 11.17 40.14 10.76
CA TRP C 618 12.23 41.13 10.95
C TRP C 618 12.07 42.29 9.98
N ARG C 619 10.87 42.44 9.42
CA ARG C 619 10.42 43.69 8.84
C ARG C 619 9.46 44.39 9.78
N VAL C 620 9.36 43.90 11.02
CA VAL C 620 8.42 44.20 12.12
C VAL C 620 7.19 43.33 11.86
N TYR C 621 7.33 42.35 10.97
CA TYR C 621 6.47 41.18 10.98
C TYR C 621 6.89 40.19 12.06
N SER C 622 7.96 40.48 12.81
CA SER C 622 8.45 39.60 13.85
C SER C 622 8.38 40.21 15.24
N THR C 623 8.99 41.39 15.45
CA THR C 623 8.97 42.00 16.77
C THR C 623 8.44 43.43 16.74
N GLY C 624 7.45 43.72 15.92
CA GLY C 624 7.00 45.08 15.76
C GLY C 624 5.62 45.37 16.30
N SER C 625 5.55 46.17 17.37
CA SER C 625 4.30 46.76 17.83
C SER C 625 3.29 45.73 18.32
N ASN C 626 2.69 44.99 17.39
CA ASN C 626 1.56 44.13 17.68
C ASN C 626 2.04 42.70 17.90
N VAL C 627 2.08 42.28 19.16
CA VAL C 627 2.42 40.91 19.55
C VAL C 627 1.40 40.44 20.58
N PHE C 628 0.88 39.24 20.39
CA PHE C 628 -0.16 38.69 21.25
C PHE C 628 0.00 37.18 21.30
N GLN C 629 0.25 36.64 22.50
CA GLN C 629 0.54 35.22 22.64
C GLN C 629 -0.72 34.43 22.95
N THR C 630 -0.96 33.40 22.16
CA THR C 630 -2.08 32.48 22.30
C THR C 630 -1.55 31.09 22.70
N ARG C 631 -2.45 30.12 22.74
CA ARG C 631 -2.06 28.77 23.14
C ARG C 631 -1.29 28.05 22.05
N ALA C 632 -1.52 28.39 20.79
CA ALA C 632 -0.82 27.75 19.68
C ALA C 632 0.41 28.51 19.23
N GLY C 633 0.82 29.56 19.94
CA GLY C 633 1.95 30.36 19.57
C GLY C 633 1.69 31.82 19.84
N CYS C 634 2.06 32.71 18.91
CA CYS C 634 1.61 34.09 19.01
C CYS C 634 1.42 34.65 17.61
N LEU C 635 0.57 35.66 17.53
CA LEU C 635 0.13 36.24 16.26
C LEU C 635 0.75 37.64 16.14
N ILE C 636 1.46 37.87 15.06
CA ILE C 636 2.07 39.16 14.78
C ILE C 636 1.32 39.80 13.62
N GLY C 637 0.92 41.06 13.78
CA GLY C 637 0.17 41.76 12.77
C GLY C 637 -1.29 41.95 13.05
N ALA C 638 -1.76 41.60 14.25
CA ALA C 638 -3.16 41.74 14.63
C ALA C 638 -3.26 42.33 16.03
N GLU C 639 -4.36 43.02 16.29
CA GLU C 639 -4.60 43.65 17.57
C GLU C 639 -5.72 42.95 18.33
N HIS C 640 -5.70 43.11 19.65
CA HIS C 640 -6.59 42.40 20.55
C HIS C 640 -7.75 43.30 20.96
N VAL C 641 -8.95 42.76 20.94
CA VAL C 641 -10.14 43.47 21.37
C VAL C 641 -10.73 42.76 22.59
N ASN C 642 -11.65 43.43 23.26
CA ASN C 642 -12.27 42.93 24.47
C ASN C 642 -13.75 42.58 24.28
N ASN C 643 -14.22 42.49 23.05
CA ASN C 643 -15.59 42.10 22.76
C ASN C 643 -15.63 40.64 22.31
N SER C 644 -16.79 40.19 21.88
CA SER C 644 -16.96 38.84 21.36
C SER C 644 -17.94 38.84 20.20
N TYR C 645 -17.60 38.10 19.15
CA TYR C 645 -18.45 37.96 17.98
C TYR C 645 -18.39 36.52 17.49
N GLU C 646 -19.06 36.25 16.38
CA GLU C 646 -19.03 34.93 15.77
C GLU C 646 -17.70 34.67 15.07
N CYS C 647 -17.32 33.40 14.97
CA CYS C 647 -16.05 33.05 14.37
C CYS C 647 -16.07 33.30 12.87
N ASP C 648 -14.96 33.84 12.36
CA ASP C 648 -14.76 34.01 10.93
C ASP C 648 -13.61 33.16 10.41
N ILE C 649 -12.40 33.33 10.96
CA ILE C 649 -11.26 32.48 10.64
C ILE C 649 -10.70 31.92 11.94
N PRO C 650 -10.75 30.62 12.16
CA PRO C 650 -10.34 30.08 13.46
C PRO C 650 -8.85 29.85 13.55
N ILE C 651 -8.32 30.03 14.76
CA ILE C 651 -6.90 29.82 15.05
C ILE C 651 -6.71 28.62 15.97
N GLY C 652 -7.46 28.55 17.04
CA GLY C 652 -7.39 27.43 17.97
C GLY C 652 -7.61 27.88 19.40
N ALA C 653 -8.09 26.96 20.22
CA ALA C 653 -8.34 27.19 21.64
C ALA C 653 -9.28 28.37 21.89
N GLY C 654 -10.29 28.53 21.04
CA GLY C 654 -11.28 29.56 21.24
C GLY C 654 -10.93 30.93 20.69
N ILE C 655 -9.97 31.02 19.78
CA ILE C 655 -9.53 32.29 19.21
C ILE C 655 -9.89 32.30 17.73
N CYS C 656 -10.50 33.39 17.29
CA CYS C 656 -10.85 33.58 15.89
C CYS C 656 -10.34 34.95 15.45
N ALA C 657 -10.46 35.21 14.14
CA ALA C 657 -10.01 36.48 13.58
C ALA C 657 -10.92 36.87 12.42
N SER C 658 -10.98 38.18 12.17
CA SER C 658 -11.82 38.75 11.12
C SER C 658 -11.17 40.04 10.63
N TYR C 659 -11.87 40.75 9.75
CA TYR C 659 -11.33 41.93 9.07
C TYR C 659 -12.42 42.98 8.98
N GLN C 660 -12.31 44.04 9.78
CA GLN C 660 -13.25 45.15 9.74
C GLN C 660 -12.73 46.35 10.51
N SER C 676 -8.04 46.56 9.08
CA SER C 676 -7.26 45.89 10.11
C SER C 676 -7.80 44.52 10.44
N ILE C 677 -7.02 43.72 11.18
CA ILE C 677 -7.39 42.37 11.56
C ILE C 677 -7.47 42.33 13.08
N ILE C 678 -8.61 41.88 13.60
CA ILE C 678 -8.88 41.86 15.03
C ILE C 678 -9.03 40.42 15.49
N ALA C 679 -8.49 40.12 16.68
CA ALA C 679 -8.55 38.79 17.27
C ALA C 679 -9.38 38.85 18.54
N TYR C 680 -10.29 37.90 18.70
CA TYR C 680 -11.24 37.91 19.81
C TYR C 680 -11.49 36.49 20.30
N THR C 681 -12.14 36.40 21.45
CA THR C 681 -12.66 35.13 21.96
C THR C 681 -14.06 34.92 21.40
N MET C 682 -14.32 33.72 20.91
CA MET C 682 -15.59 33.47 20.21
C MET C 682 -16.75 33.46 21.19
N SER C 683 -17.94 33.74 20.66
CA SER C 683 -19.16 33.84 21.44
C SER C 683 -20.07 32.67 21.12
N LEU C 684 -20.80 32.22 22.15
CA LEU C 684 -21.68 31.07 22.02
C LEU C 684 -23.14 31.43 21.79
N GLY C 685 -23.57 32.62 22.18
CA GLY C 685 -24.95 33.03 21.96
C GLY C 685 -25.39 34.01 23.02
N ALA C 686 -26.65 34.40 22.92
CA ALA C 686 -27.23 35.36 23.85
C ALA C 686 -27.74 34.66 25.10
N GLU C 687 -27.94 35.44 26.15
CA GLU C 687 -28.42 34.92 27.42
C GLU C 687 -29.95 34.95 27.48
N ASN C 688 -30.52 34.04 28.26
CA ASN C 688 -31.96 33.98 28.42
C ASN C 688 -32.30 33.33 29.75
N SER C 689 -33.31 33.87 30.42
CA SER C 689 -33.80 33.34 31.69
C SER C 689 -35.30 33.10 31.57
N VAL C 690 -35.75 31.99 32.12
CA VAL C 690 -37.16 31.61 32.06
C VAL C 690 -37.72 31.67 33.48
N ALA C 691 -38.79 32.44 33.67
CA ALA C 691 -39.45 32.48 34.96
C ALA C 691 -40.06 31.13 35.28
N TYR C 692 -39.86 30.67 36.51
CA TYR C 692 -40.37 29.37 36.94
C TYR C 692 -41.14 29.54 38.25
N SER C 693 -42.35 28.97 38.29
CA SER C 693 -43.15 28.89 39.49
C SER C 693 -43.87 27.56 39.50
N ASN C 694 -44.68 27.32 40.53
CA ASN C 694 -45.44 26.08 40.63
C ASN C 694 -46.92 26.28 40.36
N ASN C 695 -47.34 27.45 39.87
CA ASN C 695 -48.72 27.66 39.46
C ASN C 695 -48.85 28.52 38.21
N SER C 696 -47.83 28.61 37.37
CA SER C 696 -47.84 29.49 36.21
C SER C 696 -47.56 28.70 34.94
N ILE C 697 -48.15 29.15 33.82
CA ILE C 697 -48.06 28.46 32.54
C ILE C 697 -48.16 29.50 31.42
N ALA C 698 -47.83 29.08 30.20
CA ALA C 698 -47.88 29.94 29.02
C ALA C 698 -48.51 29.19 27.85
N ILE C 699 -49.37 29.89 27.11
CA ILE C 699 -50.08 29.31 25.97
C ILE C 699 -49.89 30.20 24.75
N PRO C 700 -49.66 29.64 23.56
CA PRO C 700 -49.55 30.47 22.36
C PRO C 700 -50.91 31.00 21.90
N THR C 701 -50.86 32.00 21.02
CA THR C 701 -52.07 32.63 20.50
C THR C 701 -52.11 32.76 18.98
N ASN C 702 -50.97 32.73 18.29
CA ASN C 702 -50.97 32.79 16.84
C ASN C 702 -50.00 31.72 16.31
N PHE C 703 -49.78 31.71 15.00
CA PHE C 703 -48.98 30.67 14.37
C PHE C 703 -48.34 31.21 13.10
N THR C 704 -47.31 30.51 12.63
CA THR C 704 -46.61 30.87 11.40
C THR C 704 -46.29 29.62 10.61
N ILE C 705 -46.07 29.80 9.31
CA ILE C 705 -45.74 28.72 8.39
C ILE C 705 -44.40 29.03 7.76
N SER C 706 -43.50 28.05 7.74
CA SER C 706 -42.15 28.24 7.24
C SER C 706 -41.76 27.12 6.30
N VAL C 707 -40.88 27.43 5.35
CA VAL C 707 -40.36 26.47 4.39
C VAL C 707 -38.84 26.52 4.43
N THR C 708 -38.20 25.37 4.60
CA THR C 708 -36.75 25.27 4.67
C THR C 708 -36.25 24.29 3.62
N THR C 709 -34.96 24.39 3.30
CA THR C 709 -34.36 23.66 2.19
C THR C 709 -33.30 22.69 2.71
N GLU C 710 -33.13 21.59 1.98
CA GLU C 710 -32.12 20.58 2.29
C GLU C 710 -31.54 20.04 0.99
N ILE C 711 -30.23 19.80 0.98
CA ILE C 711 -29.50 19.41 -0.22
C ILE C 711 -28.68 18.15 0.08
N LEU C 712 -28.72 17.18 -0.84
CA LEU C 712 -28.05 15.89 -0.63
C LEU C 712 -27.46 15.33 -1.92
N PRO C 713 -26.18 14.98 -1.93
CA PRO C 713 -25.58 14.38 -3.12
C PRO C 713 -26.00 12.92 -3.30
N VAL C 714 -25.91 12.45 -4.54
CA VAL C 714 -26.37 11.11 -4.88
C VAL C 714 -25.29 10.28 -5.56
N SER C 715 -24.76 10.77 -6.69
CA SER C 715 -23.91 9.95 -7.54
C SER C 715 -22.64 10.71 -7.91
N MET C 716 -21.75 10.03 -8.64
CA MET C 716 -20.51 10.60 -9.14
C MET C 716 -20.38 10.38 -10.65
N THR C 717 -19.20 10.65 -11.19
CA THR C 717 -18.90 10.42 -12.60
C THR C 717 -18.18 9.09 -12.78
N LYS C 718 -18.44 8.45 -13.92
CA LYS C 718 -17.93 7.12 -14.21
C LYS C 718 -16.72 7.23 -15.13
N THR C 719 -15.59 6.68 -14.70
CA THR C 719 -14.33 6.82 -15.43
C THR C 719 -13.72 5.45 -15.68
N SER C 720 -13.12 5.28 -16.86
CA SER C 720 -12.46 4.04 -17.25
C SER C 720 -11.02 4.35 -17.66
N VAL C 721 -10.08 3.54 -17.16
CA VAL C 721 -8.66 3.74 -17.43
C VAL C 721 -8.07 2.45 -17.98
N ASP C 722 -7.14 2.59 -18.92
CA ASP C 722 -6.50 1.46 -19.56
C ASP C 722 -5.04 1.36 -19.09
N CYS C 723 -4.66 0.17 -18.64
CA CYS C 723 -3.30 -0.05 -18.14
C CYS C 723 -2.25 0.18 -19.20
N THR C 724 -2.26 -0.64 -20.25
CA THR C 724 -1.15 -0.67 -21.20
C THR C 724 -1.00 0.66 -21.91
N MET C 725 -2.11 1.31 -22.26
CA MET C 725 -2.02 2.60 -22.92
C MET C 725 -1.47 3.67 -21.98
N TYR C 726 -1.77 3.58 -20.69
CA TYR C 726 -1.27 4.57 -19.74
C TYR C 726 0.20 4.35 -19.39
N ILE C 727 0.64 3.10 -19.34
CA ILE C 727 1.99 2.80 -18.88
C ILE C 727 2.93 2.63 -20.07
N CYS C 728 2.64 1.65 -20.93
CA CYS C 728 3.59 1.23 -21.94
C CYS C 728 3.38 1.89 -23.29
N GLY C 729 2.39 2.75 -23.43
CA GLY C 729 2.18 3.43 -24.70
C GLY C 729 1.89 2.46 -25.82
N ASP C 730 2.69 2.53 -26.88
CA ASP C 730 2.53 1.66 -28.04
C ASP C 730 3.81 0.90 -28.36
N SER C 731 4.58 0.53 -27.34
CA SER C 731 5.82 -0.22 -27.50
C SER C 731 5.59 -1.68 -27.13
N THR C 732 5.93 -2.59 -28.05
CA THR C 732 5.78 -4.01 -27.76
C THR C 732 6.76 -4.48 -26.71
N GLU C 733 7.96 -3.91 -26.68
CA GLU C 733 8.97 -4.31 -25.71
C GLU C 733 8.51 -4.04 -24.29
N CYS C 734 7.88 -2.87 -24.07
CA CYS C 734 7.37 -2.55 -22.75
C CYS C 734 6.27 -3.53 -22.31
N SER C 735 5.39 -3.91 -23.24
CA SER C 735 4.35 -4.87 -22.90
C SER C 735 4.95 -6.24 -22.56
N ASN C 736 5.95 -6.67 -23.32
CA ASN C 736 6.61 -7.94 -23.02
C ASN C 736 7.27 -7.90 -21.65
N LEU C 737 7.91 -6.79 -21.32
CA LEU C 737 8.51 -6.65 -19.98
C LEU C 737 7.44 -6.64 -18.89
N LEU C 738 6.33 -5.94 -19.12
CA LEU C 738 5.27 -5.83 -18.12
C LEU C 738 4.52 -7.14 -17.91
N LEU C 739 4.55 -8.04 -18.88
CA LEU C 739 3.88 -9.33 -18.73
C LEU C 739 4.43 -10.14 -17.55
N GLN C 740 5.63 -9.84 -17.08
CA GLN C 740 6.22 -10.55 -15.96
C GLN C 740 5.65 -10.14 -14.61
N TYR C 741 4.83 -9.08 -14.55
CA TYR C 741 4.32 -8.54 -13.29
C TYR C 741 2.87 -9.01 -13.09
N GLY C 742 2.75 -10.25 -12.62
CA GLY C 742 1.48 -10.81 -12.16
C GLY C 742 0.23 -10.50 -12.95
N SER C 743 -0.84 -10.14 -12.24
CA SER C 743 -2.14 -9.83 -12.85
C SER C 743 -2.79 -8.63 -12.16
N PHE C 744 -1.99 -7.59 -11.90
CA PHE C 744 -2.51 -6.42 -11.20
C PHE C 744 -3.59 -5.71 -12.02
N CYS C 745 -3.39 -5.64 -13.34
CA CYS C 745 -4.22 -4.79 -14.17
C CYS C 745 -5.65 -5.30 -14.28
N THR C 746 -5.82 -6.62 -14.30
CA THR C 746 -7.17 -7.17 -14.26
C THR C 746 -7.88 -6.77 -12.99
N GLN C 747 -7.17 -6.79 -11.86
CA GLN C 747 -7.76 -6.37 -10.60
C GLN C 747 -8.19 -4.91 -10.66
N LEU C 748 -7.33 -4.05 -11.20
CA LEU C 748 -7.66 -2.62 -11.26
C LEU C 748 -8.89 -2.38 -12.13
N ASN C 749 -8.92 -3.01 -13.31
CA ASN C 749 -10.04 -2.83 -14.22
C ASN C 749 -11.33 -3.33 -13.58
N ARG C 750 -11.29 -4.49 -12.93
CA ARG C 750 -12.47 -5.05 -12.30
C ARG C 750 -12.98 -4.16 -11.17
N ALA C 751 -12.08 -3.60 -10.37
CA ALA C 751 -12.50 -2.70 -9.30
C ALA C 751 -13.21 -1.47 -9.86
N LEU C 752 -12.62 -0.85 -10.90
CA LEU C 752 -13.25 0.33 -11.48
C LEU C 752 -14.60 0.00 -12.10
N THR C 753 -14.69 -1.14 -12.81
CA THR C 753 -15.96 -1.53 -13.41
C THR C 753 -17.02 -1.75 -12.35
N GLY C 754 -16.64 -2.37 -11.23
CA GLY C 754 -17.59 -2.54 -10.14
C GLY C 754 -18.08 -1.21 -9.59
N ILE C 755 -17.16 -0.25 -9.46
CA ILE C 755 -17.57 1.08 -9.01
C ILE C 755 -18.55 1.70 -10.00
N ALA C 756 -18.43 1.38 -11.28
CA ALA C 756 -19.21 2.06 -12.31
C ALA C 756 -20.73 1.88 -12.12
N VAL C 757 -21.18 0.66 -11.82
CA VAL C 757 -22.62 0.39 -11.82
C VAL C 757 -23.33 0.83 -10.55
N GLU C 758 -22.58 1.08 -9.47
CA GLU C 758 -23.19 1.45 -8.21
C GLU C 758 -23.93 2.79 -8.30
N GLN C 759 -23.44 3.71 -9.14
CA GLN C 759 -24.09 5.01 -9.25
C GLN C 759 -25.47 4.88 -9.88
N ASP C 760 -25.58 4.07 -10.94
CA ASP C 760 -26.88 3.82 -11.55
C ASP C 760 -27.81 3.12 -10.56
N LYS C 761 -27.27 2.18 -9.78
CA LYS C 761 -28.08 1.54 -8.76
C LYS C 761 -28.60 2.56 -7.75
N ASN C 762 -27.75 3.50 -7.33
CA ASN C 762 -28.15 4.53 -6.37
C ASN C 762 -29.26 5.39 -6.93
N THR C 763 -29.13 5.82 -8.18
CA THR C 763 -30.17 6.65 -8.79
C THR C 763 -31.49 5.89 -8.87
N GLN C 764 -31.44 4.62 -9.27
CA GLN C 764 -32.64 3.80 -9.32
C GLN C 764 -33.29 3.72 -7.95
N GLU C 765 -32.50 3.49 -6.90
CA GLU C 765 -33.06 3.38 -5.57
C GLU C 765 -33.71 4.68 -5.13
N VAL C 766 -33.07 5.81 -5.39
CA VAL C 766 -33.58 7.08 -4.88
C VAL C 766 -34.85 7.49 -5.60
N PHE C 767 -34.88 7.36 -6.93
CA PHE C 767 -35.96 8.00 -7.67
C PHE C 767 -37.06 7.05 -8.13
N ALA C 768 -36.77 5.77 -8.36
CA ALA C 768 -37.79 4.84 -8.86
C ALA C 768 -38.48 4.17 -7.69
N GLN C 769 -39.50 4.85 -7.17
CA GLN C 769 -40.32 4.32 -6.09
C GLN C 769 -41.78 4.18 -6.45
N VAL C 770 -42.18 4.51 -7.68
CA VAL C 770 -43.55 4.36 -8.14
C VAL C 770 -43.54 3.56 -9.43
N LYS C 771 -44.64 2.86 -9.68
CA LYS C 771 -44.78 2.02 -10.87
C LYS C 771 -45.73 2.62 -11.90
N GLN C 772 -46.34 3.75 -11.62
CA GLN C 772 -47.27 4.40 -12.54
C GLN C 772 -46.96 5.88 -12.64
N ILE C 773 -47.42 6.49 -13.72
CA ILE C 773 -47.20 7.91 -13.98
C ILE C 773 -48.54 8.62 -13.86
N TYR C 774 -48.67 9.51 -12.88
CA TYR C 774 -49.90 10.26 -12.67
C TYR C 774 -49.81 11.61 -13.33
N LYS C 775 -50.97 12.15 -13.70
CA LYS C 775 -51.06 13.38 -14.49
C LYS C 775 -51.89 14.43 -13.76
N THR C 776 -51.41 15.66 -13.78
CA THR C 776 -52.15 16.76 -13.17
C THR C 776 -53.39 17.11 -13.98
N PRO C 777 -54.45 17.55 -13.31
CA PRO C 777 -55.70 17.88 -14.02
C PRO C 777 -55.55 19.18 -14.80
N PRO C 778 -56.37 19.39 -15.83
CA PRO C 778 -56.24 20.63 -16.60
C PRO C 778 -56.73 21.86 -15.86
N ILE C 779 -57.89 21.78 -15.21
CA ILE C 779 -58.37 22.89 -14.39
C ILE C 779 -57.69 22.82 -13.03
N LYS C 780 -57.11 23.93 -12.61
CA LYS C 780 -56.39 24.00 -11.34
C LYS C 780 -57.15 24.90 -10.38
N ASP C 781 -57.77 24.30 -9.36
CA ASP C 781 -58.55 25.03 -8.37
C ASP C 781 -58.43 24.27 -7.05
N PHE C 782 -57.54 24.73 -6.17
CA PHE C 782 -57.24 24.03 -4.94
C PHE C 782 -57.62 24.86 -3.70
N GLY C 783 -58.68 25.65 -3.80
CA GLY C 783 -59.11 26.43 -2.66
C GLY C 783 -58.24 27.62 -2.33
N GLY C 784 -57.51 28.15 -3.30
CA GLY C 784 -56.66 29.29 -3.08
C GLY C 784 -55.18 28.99 -2.94
N PHE C 785 -54.78 27.73 -3.07
CA PHE C 785 -53.38 27.33 -2.98
C PHE C 785 -52.76 27.36 -4.36
N ASN C 786 -51.59 27.97 -4.48
CA ASN C 786 -50.93 28.19 -5.75
C ASN C 786 -49.65 27.36 -5.80
N PHE C 787 -49.54 26.49 -6.81
CA PHE C 787 -48.43 25.57 -6.92
C PHE C 787 -47.59 25.80 -8.18
N SER C 788 -47.73 26.96 -8.82
CA SER C 788 -47.15 27.14 -10.16
C SER C 788 -45.63 27.07 -10.14
N GLN C 789 -44.99 27.45 -9.04
CA GLN C 789 -43.53 27.50 -9.01
C GLN C 789 -42.92 26.10 -9.13
N ILE C 790 -43.50 25.11 -8.46
CA ILE C 790 -42.94 23.76 -8.45
C ILE C 790 -43.50 22.87 -9.55
N LEU C 791 -44.59 23.24 -10.19
CA LEU C 791 -45.17 22.43 -11.24
C LEU C 791 -44.43 22.61 -12.56
N PRO C 792 -44.51 21.65 -13.47
CA PRO C 792 -43.80 21.78 -14.75
C PRO C 792 -44.37 22.91 -15.60
N ASP C 793 -43.50 23.44 -16.46
CA ASP C 793 -43.85 24.55 -17.35
C ASP C 793 -44.02 24.05 -18.78
N PRO C 794 -45.22 24.10 -19.35
CA PRO C 794 -45.41 23.56 -20.70
C PRO C 794 -44.88 24.46 -21.80
N SER C 795 -44.87 25.77 -21.57
CA SER C 795 -44.39 26.70 -22.58
C SER C 795 -42.90 26.52 -22.84
N LYS C 796 -42.13 26.31 -21.79
CA LYS C 796 -40.71 26.05 -21.96
C LYS C 796 -40.50 24.71 -22.66
N PRO C 797 -39.64 24.63 -23.67
CA PRO C 797 -39.48 23.37 -24.41
C PRO C 797 -38.93 22.23 -23.57
N SER C 798 -38.09 22.52 -22.57
CA SER C 798 -37.38 21.47 -21.85
C SER C 798 -38.23 20.75 -20.81
N LYS C 799 -39.46 21.20 -20.58
CA LYS C 799 -40.38 20.56 -19.63
C LYS C 799 -39.77 20.50 -18.23
N ARG C 800 -39.52 21.68 -17.67
CA ARG C 800 -38.96 21.81 -16.33
C ARG C 800 -39.62 22.99 -15.63
N SER C 801 -39.50 23.00 -14.31
CA SER C 801 -40.06 24.06 -13.48
C SER C 801 -39.05 25.16 -13.26
N PRO C 802 -39.51 26.38 -12.90
CA PRO C 802 -38.56 27.48 -12.72
C PRO C 802 -37.47 27.22 -11.69
N ILE C 803 -37.80 26.54 -10.58
CA ILE C 803 -36.79 26.27 -9.56
C ILE C 803 -35.76 25.27 -10.08
N GLU C 804 -36.21 24.26 -10.81
CA GLU C 804 -35.28 23.31 -11.40
C GLU C 804 -34.39 24.01 -12.44
N ASP C 805 -34.96 24.95 -13.19
CA ASP C 805 -34.15 25.72 -14.14
C ASP C 805 -33.09 26.55 -13.44
N LEU C 806 -33.46 27.19 -12.32
CA LEU C 806 -32.49 27.97 -11.56
C LEU C 806 -31.37 27.08 -11.01
N LEU C 807 -31.73 25.92 -10.47
CA LEU C 807 -30.71 25.01 -9.95
C LEU C 807 -29.82 24.48 -11.06
N PHE C 808 -30.40 24.22 -12.24
CA PHE C 808 -29.62 23.74 -13.37
C PHE C 808 -28.61 24.80 -13.82
N ASN C 809 -29.04 26.06 -13.89
CA ASN C 809 -28.15 27.13 -14.35
C ASN C 809 -27.15 27.56 -13.29
N LYS C 810 -27.42 27.31 -12.01
CA LYS C 810 -26.50 27.77 -10.98
C LYS C 810 -25.25 26.90 -10.88
N VAL C 811 -25.38 25.60 -11.05
CA VAL C 811 -24.26 24.67 -10.91
C VAL C 811 -23.56 24.55 -12.25
N THR C 812 -22.26 24.86 -12.27
CA THR C 812 -21.48 24.76 -13.49
C THR C 812 -20.24 23.92 -13.28
N LEU C 834 -8.78 20.93 -22.73
CA LEU C 834 -8.29 20.33 -21.50
C LEU C 834 -8.72 18.87 -21.38
N ILE C 835 -9.99 18.61 -21.72
CA ILE C 835 -10.51 17.25 -21.62
C ILE C 835 -9.83 16.35 -22.65
N CYS C 836 -9.52 16.88 -23.83
CA CYS C 836 -8.88 16.07 -24.86
C CYS C 836 -7.47 15.65 -24.47
N ALA C 837 -6.73 16.53 -23.78
CA ALA C 837 -5.38 16.17 -23.36
C ALA C 837 -5.38 14.98 -22.41
N GLN C 838 -6.30 14.97 -21.46
CA GLN C 838 -6.44 13.82 -20.58
C GLN C 838 -6.99 12.60 -21.32
N LYS C 839 -7.92 12.81 -22.25
CA LYS C 839 -8.53 11.70 -22.97
C LYS C 839 -7.50 10.95 -23.80
N PHE C 840 -6.55 11.67 -24.37
CA PHE C 840 -5.59 11.04 -25.29
C PHE C 840 -4.69 10.02 -24.60
N ASN C 841 -4.64 9.99 -23.27
CA ASN C 841 -3.73 9.11 -22.55
C ASN C 841 -4.42 7.85 -22.02
N GLY C 842 -5.60 7.52 -22.52
CA GLY C 842 -6.30 6.32 -22.10
C GLY C 842 -7.42 6.52 -21.10
N LEU C 843 -7.91 7.74 -20.93
CA LEU C 843 -8.97 8.03 -19.98
C LEU C 843 -10.27 8.28 -20.71
N THR C 844 -11.37 7.74 -20.18
CA THR C 844 -12.67 7.84 -20.81
C THR C 844 -13.74 8.08 -19.75
N VAL C 845 -14.83 8.73 -20.16
CA VAL C 845 -15.98 8.98 -19.31
C VAL C 845 -17.19 8.29 -19.94
N LEU C 846 -17.91 7.50 -19.13
CA LEU C 846 -19.07 6.78 -19.65
C LEU C 846 -20.35 7.52 -19.32
N PRO C 847 -21.33 7.52 -20.22
CA PRO C 847 -22.58 8.23 -19.96
C PRO C 847 -23.44 7.46 -18.97
N PRO C 848 -24.29 8.16 -18.23
CA PRO C 848 -25.24 7.46 -17.34
C PRO C 848 -26.36 6.79 -18.12
N LEU C 849 -27.29 6.13 -17.43
CA LEU C 849 -28.40 5.46 -18.08
C LEU C 849 -29.61 6.39 -18.22
N LEU C 850 -30.11 6.91 -17.11
CA LEU C 850 -31.28 7.78 -17.14
C LEU C 850 -30.89 9.21 -17.50
N THR C 851 -31.57 9.77 -18.49
CA THR C 851 -31.34 11.15 -18.87
C THR C 851 -32.06 12.09 -17.90
N ASP C 852 -31.87 13.40 -18.11
CA ASP C 852 -32.43 14.39 -17.19
C ASP C 852 -33.94 14.42 -17.24
N GLU C 853 -34.52 14.36 -18.45
CA GLU C 853 -35.96 14.47 -18.60
C GLU C 853 -36.69 13.29 -17.97
N MET C 854 -36.06 12.11 -17.93
CA MET C 854 -36.68 10.97 -17.25
C MET C 854 -36.80 11.22 -15.75
N ILE C 855 -35.75 11.75 -15.13
CA ILE C 855 -35.81 12.08 -13.71
C ILE C 855 -36.82 13.18 -13.45
N ALA C 856 -36.89 14.17 -14.35
CA ALA C 856 -37.90 15.21 -14.22
C ALA C 856 -39.31 14.62 -14.28
N GLN C 857 -39.52 13.67 -15.19
CA GLN C 857 -40.83 13.01 -15.29
C GLN C 857 -41.17 12.26 -14.00
N TYR C 858 -40.18 11.57 -13.42
CA TYR C 858 -40.42 10.89 -12.16
C TYR C 858 -40.82 11.87 -11.06
N THR C 859 -40.12 13.01 -10.99
CA THR C 859 -40.46 14.01 -9.98
C THR C 859 -41.86 14.55 -10.19
N SER C 860 -42.24 14.82 -11.44
CA SER C 860 -43.59 15.28 -11.73
C SER C 860 -44.62 14.25 -11.32
N ALA C 861 -44.35 12.97 -11.57
CA ALA C 861 -45.28 11.92 -11.18
C ALA C 861 -45.49 11.90 -9.67
N LEU C 862 -44.39 11.99 -8.91
CA LEU C 862 -44.51 12.01 -7.47
C LEU C 862 -45.29 13.22 -6.98
N LEU C 863 -45.02 14.39 -7.56
CA LEU C 863 -45.73 15.60 -7.15
C LEU C 863 -47.22 15.49 -7.41
N ALA C 864 -47.59 15.01 -8.60
CA ALA C 864 -49.01 14.86 -8.92
C ALA C 864 -49.67 13.87 -7.99
N GLY C 865 -49.00 12.74 -7.72
CA GLY C 865 -49.57 11.76 -6.83
C GLY C 865 -49.82 12.29 -5.44
N THR C 866 -48.86 13.04 -4.89
CA THR C 866 -49.06 13.56 -3.54
C THR C 866 -50.07 14.70 -3.51
N ILE C 867 -50.19 15.47 -4.60
CA ILE C 867 -51.17 16.55 -4.60
C ILE C 867 -52.59 15.99 -4.68
N THR C 868 -52.82 15.01 -5.55
CA THR C 868 -54.19 14.55 -5.77
C THR C 868 -54.63 13.42 -4.84
N SER C 869 -53.73 12.80 -4.10
CA SER C 869 -54.16 11.65 -3.32
C SER C 869 -53.80 11.71 -1.84
N GLY C 870 -52.60 12.19 -1.49
CA GLY C 870 -52.16 12.16 -0.11
C GLY C 870 -51.21 11.01 0.15
N TRP C 871 -51.32 10.38 1.32
CA TRP C 871 -50.50 9.22 1.66
C TRP C 871 -51.13 7.90 1.26
N THR C 872 -52.31 7.93 0.61
CA THR C 872 -53.01 6.70 0.30
C THR C 872 -52.35 5.92 -0.83
N PHE C 873 -51.68 6.61 -1.74
CA PHE C 873 -51.09 5.92 -2.89
C PHE C 873 -49.77 5.23 -2.58
N GLY C 874 -49.22 5.44 -1.38
CA GLY C 874 -48.02 4.74 -1.00
C GLY C 874 -48.23 3.33 -0.50
N ALA C 875 -49.48 2.95 -0.22
CA ALA C 875 -49.85 1.60 0.18
C ALA C 875 -51.15 1.23 -0.51
N GLY C 876 -51.04 0.65 -1.70
CA GLY C 876 -52.20 0.20 -2.44
C GLY C 876 -52.70 1.21 -3.45
N PRO C 877 -53.94 1.06 -3.89
CA PRO C 877 -54.49 1.97 -4.90
C PRO C 877 -54.66 3.39 -4.38
N ALA C 878 -54.61 4.34 -5.30
CA ALA C 878 -54.75 5.75 -4.95
C ALA C 878 -56.22 6.13 -4.84
N LEU C 879 -56.51 7.04 -3.91
CA LEU C 879 -57.85 7.55 -3.71
C LEU C 879 -57.81 9.07 -3.71
N GLN C 880 -58.91 9.68 -4.15
CA GLN C 880 -58.98 11.12 -4.32
C GLN C 880 -59.70 11.78 -3.16
N ILE C 881 -59.30 13.02 -2.86
CA ILE C 881 -59.84 13.77 -1.72
C ILE C 881 -59.53 15.25 -1.93
N PRO C 882 -60.41 16.17 -1.52
CA PRO C 882 -60.09 17.60 -1.63
C PRO C 882 -58.88 17.98 -0.79
N PHE C 883 -58.14 18.98 -1.29
CA PHE C 883 -56.92 19.42 -0.60
C PHE C 883 -57.17 20.01 0.78
N PRO C 884 -58.16 20.90 0.99
CA PRO C 884 -58.38 21.43 2.35
C PRO C 884 -58.67 20.35 3.37
N MET C 885 -59.38 19.29 2.99
CA MET C 885 -59.62 18.18 3.91
C MET C 885 -58.32 17.47 4.26
N GLN C 886 -57.42 17.31 3.29
CA GLN C 886 -56.11 16.74 3.58
C GLN C 886 -55.34 17.62 4.56
N MET C 887 -55.38 18.93 4.36
CA MET C 887 -54.71 19.85 5.28
C MET C 887 -55.30 19.74 6.69
N ALA C 888 -56.63 19.65 6.79
CA ALA C 888 -57.25 19.49 8.10
C ALA C 888 -56.83 18.18 8.76
N TYR C 889 -56.74 17.10 7.99
CA TYR C 889 -56.29 15.84 8.55
C TYR C 889 -54.84 15.92 9.04
N ARG C 890 -53.99 16.62 8.29
CA ARG C 890 -52.61 16.79 8.74
C ARG C 890 -52.52 17.69 9.98
N PHE C 891 -53.46 18.63 10.13
CA PHE C 891 -53.52 19.43 11.35
C PHE C 891 -53.82 18.56 12.56
N ASN C 892 -54.71 17.58 12.40
CA ASN C 892 -55.10 16.69 13.49
C ASN C 892 -53.98 15.77 13.95
N GLY C 893 -52.89 15.67 13.19
CA GLY C 893 -51.76 14.84 13.55
C GLY C 893 -50.74 15.47 14.47
N ILE C 894 -50.90 16.74 14.81
CA ILE C 894 -49.98 17.40 15.73
C ILE C 894 -50.64 17.83 17.03
N GLY C 895 -51.97 17.92 17.09
CA GLY C 895 -52.65 18.25 18.32
C GLY C 895 -53.52 19.48 18.24
N VAL C 896 -53.98 19.82 17.05
CA VAL C 896 -54.84 20.98 16.83
C VAL C 896 -56.16 20.51 16.24
N THR C 897 -57.26 21.00 16.78
CA THR C 897 -58.57 20.65 16.24
C THR C 897 -58.74 21.21 14.83
N GLN C 898 -59.60 20.55 14.06
CA GLN C 898 -59.66 20.84 12.63
C GLN C 898 -60.37 22.16 12.33
N ASN C 899 -61.28 22.59 13.21
CA ASN C 899 -62.03 23.82 12.92
C ASN C 899 -61.10 25.02 12.79
N VAL C 900 -59.94 24.98 13.45
CA VAL C 900 -58.98 26.06 13.36
C VAL C 900 -58.60 26.32 11.91
N LEU C 901 -58.54 25.26 11.10
CA LEU C 901 -58.22 25.43 9.69
C LEU C 901 -59.39 26.03 8.92
N TYR C 902 -60.61 25.65 9.26
CA TYR C 902 -61.77 26.03 8.46
C TYR C 902 -62.17 27.49 8.63
N GLU C 903 -61.61 28.19 9.62
CA GLU C 903 -61.91 29.59 9.85
C GLU C 903 -60.74 30.51 9.53
N ASN C 904 -59.66 29.98 8.96
CA ASN C 904 -58.48 30.78 8.63
C ASN C 904 -57.88 30.40 7.30
N GLN C 905 -58.70 29.99 6.33
CA GLN C 905 -58.19 29.45 5.07
C GLN C 905 -57.32 30.46 4.33
N LYS C 906 -57.83 31.68 4.16
CA LYS C 906 -57.14 32.67 3.32
C LYS C 906 -55.78 33.03 3.90
N LEU C 907 -55.70 33.19 5.23
CA LEU C 907 -54.45 33.55 5.87
C LEU C 907 -53.38 32.50 5.60
N ILE C 908 -53.73 31.22 5.76
CA ILE C 908 -52.77 30.14 5.53
C ILE C 908 -52.35 30.09 4.08
N ALA C 909 -53.29 30.26 3.15
CA ALA C 909 -52.93 30.24 1.74
C ALA C 909 -51.97 31.36 1.38
N ASN C 910 -52.24 32.58 1.89
CA ASN C 910 -51.35 33.70 1.62
C ASN C 910 -49.96 33.47 2.20
N GLN C 911 -49.89 32.95 3.42
CA GLN C 911 -48.58 32.66 4.02
C GLN C 911 -47.81 31.64 3.20
N PHE C 912 -48.50 30.61 2.71
CA PHE C 912 -47.86 29.59 1.89
C PHE C 912 -47.26 30.20 0.62
N ASN C 913 -48.06 31.00 -0.08
CA ASN C 913 -47.58 31.60 -1.33
C ASN C 913 -46.40 32.54 -1.08
N SER C 914 -46.48 33.36 -0.03
CA SER C 914 -45.39 34.27 0.29
C SER C 914 -44.12 33.50 0.63
N ALA C 915 -44.25 32.39 1.37
CA ALA C 915 -43.07 31.59 1.69
C ALA C 915 -42.42 31.02 0.44
N ILE C 916 -43.23 30.56 -0.51
CA ILE C 916 -42.65 30.02 -1.75
C ILE C 916 -41.87 31.10 -2.51
N GLY C 917 -42.45 32.29 -2.62
CA GLY C 917 -41.74 33.38 -3.28
C GLY C 917 -40.45 33.75 -2.59
N LYS C 918 -40.48 33.82 -1.26
CA LYS C 918 -39.26 34.16 -0.52
C LYS C 918 -38.21 33.07 -0.67
N ILE C 919 -38.62 31.81 -0.77
CA ILE C 919 -37.67 30.73 -1.01
C ILE C 919 -36.98 30.93 -2.36
N GLN C 920 -37.74 31.29 -3.39
CA GLN C 920 -37.13 31.57 -4.68
C GLN C 920 -36.09 32.67 -4.57
N ASP C 921 -36.45 33.78 -3.91
CA ASP C 921 -35.50 34.89 -3.80
C ASP C 921 -34.26 34.50 -2.98
N SER C 922 -34.45 33.75 -1.88
CA SER C 922 -33.32 33.35 -1.07
C SER C 922 -32.36 32.44 -1.83
N LEU C 923 -32.91 31.52 -2.62
CA LEU C 923 -32.05 30.70 -3.47
C LEU C 923 -31.30 31.55 -4.49
N SER C 924 -31.99 32.51 -5.11
CA SER C 924 -31.35 33.31 -6.14
C SER C 924 -30.22 34.18 -5.58
N SER C 925 -30.43 34.78 -4.41
CA SER C 925 -29.53 35.83 -3.94
C SER C 925 -28.20 35.27 -3.45
N THR C 926 -28.23 34.47 -2.39
CA THR C 926 -27.00 33.99 -1.78
C THR C 926 -26.24 33.09 -2.75
N PRO C 927 -24.97 33.35 -3.02
CA PRO C 927 -24.26 32.61 -4.08
C PRO C 927 -23.78 31.23 -3.64
N SER C 928 -23.34 31.08 -2.40
CA SER C 928 -22.75 29.83 -1.93
C SER C 928 -23.82 29.04 -1.17
N ALA C 929 -24.69 28.39 -1.93
CA ALA C 929 -25.71 27.54 -1.36
C ALA C 929 -25.70 26.12 -1.90
N LEU C 930 -24.89 25.83 -2.92
CA LEU C 930 -24.81 24.50 -3.49
C LEU C 930 -23.39 23.96 -3.39
N GLY C 931 -22.79 24.10 -2.20
CA GLY C 931 -21.38 23.81 -2.05
C GLY C 931 -21.02 22.35 -2.20
N LYS C 932 -21.89 21.44 -1.75
CA LYS C 932 -21.52 20.03 -1.68
C LYS C 932 -21.22 19.44 -3.05
N LEU C 933 -22.15 19.63 -4.01
CA LEU C 933 -21.97 19.07 -5.33
C LEU C 933 -20.75 19.67 -6.02
N GLN C 934 -20.56 20.98 -5.88
CA GLN C 934 -19.39 21.63 -6.45
C GLN C 934 -18.11 21.06 -5.87
N ASP C 935 -18.11 20.78 -4.57
CA ASP C 935 -16.94 20.19 -3.94
C ASP C 935 -16.64 18.82 -4.52
N VAL C 936 -17.68 18.01 -4.73
CA VAL C 936 -17.49 16.68 -5.32
C VAL C 936 -16.84 16.81 -6.70
N VAL C 937 -17.37 17.71 -7.53
CA VAL C 937 -16.84 17.87 -8.88
C VAL C 937 -15.39 18.33 -8.83
N ASN C 938 -15.09 19.29 -7.96
CA ASN C 938 -13.73 19.80 -7.85
C ASN C 938 -12.76 18.72 -7.39
N GLN C 939 -13.18 17.89 -6.42
CA GLN C 939 -12.31 16.82 -5.94
C GLN C 939 -11.99 15.83 -7.05
N ASN C 940 -13.00 15.43 -7.82
CA ASN C 940 -12.74 14.50 -8.91
C ASN C 940 -11.79 15.10 -9.95
N ALA C 941 -12.02 16.36 -10.32
CA ALA C 941 -11.16 17.00 -11.31
C ALA C 941 -9.72 17.11 -10.80
N GLN C 942 -9.55 17.48 -9.53
CA GLN C 942 -8.21 17.61 -8.97
C GLN C 942 -7.48 16.27 -8.96
N ALA C 943 -8.18 15.21 -8.58
CA ALA C 943 -7.55 13.89 -8.57
C ALA C 943 -7.10 13.49 -9.96
N LEU C 944 -7.96 13.71 -10.97
CA LEU C 944 -7.58 13.35 -12.33
C LEU C 944 -6.40 14.18 -12.83
N ASN C 945 -6.39 15.48 -12.53
CA ASN C 945 -5.29 16.33 -12.97
C ASN C 945 -3.97 15.90 -12.34
N THR C 946 -4.00 15.58 -11.03
CA THR C 946 -2.79 15.11 -10.37
C THR C 946 -2.31 13.79 -10.98
N LEU C 947 -3.24 12.89 -11.30
CA LEU C 947 -2.84 11.65 -11.95
C LEU C 947 -2.18 11.90 -13.30
N VAL C 948 -2.73 12.81 -14.09
CA VAL C 948 -2.19 13.07 -15.42
C VAL C 948 -0.81 13.72 -15.33
N LYS C 949 -0.59 14.57 -14.32
CA LYS C 949 0.67 15.30 -14.24
C LYS C 949 1.87 14.42 -13.91
N GLN C 950 1.66 13.17 -13.51
CA GLN C 950 2.76 12.32 -13.07
C GLN C 950 3.57 11.72 -14.21
N LEU C 951 3.17 11.91 -15.46
CA LEU C 951 3.87 11.33 -16.60
C LEU C 951 5.14 12.09 -16.98
N SER C 952 5.54 13.09 -16.19
CA SER C 952 6.73 13.88 -16.49
C SER C 952 7.82 13.72 -15.43
N SER C 953 7.85 12.59 -14.73
CA SER C 953 8.83 12.36 -13.68
C SER C 953 9.82 11.28 -14.12
N ASN C 954 11.09 11.47 -13.75
CA ASN C 954 12.12 10.52 -14.15
C ASN C 954 12.04 9.23 -13.35
N PHE C 955 11.80 9.32 -12.05
CA PHE C 955 11.83 8.18 -11.13
C PHE C 955 13.21 7.51 -11.07
N GLY C 956 14.26 8.24 -11.47
CA GLY C 956 15.61 7.72 -11.43
C GLY C 956 16.19 7.35 -12.78
N ALA C 957 15.39 7.32 -13.83
CA ALA C 957 15.89 6.99 -15.16
C ALA C 957 16.61 8.18 -15.78
N ILE C 958 17.09 8.00 -17.00
CA ILE C 958 17.84 9.07 -17.67
C ILE C 958 16.94 10.07 -18.38
N SER C 959 15.67 9.75 -18.57
CA SER C 959 14.74 10.65 -19.26
C SER C 959 13.32 10.26 -18.87
N SER C 960 12.36 10.96 -19.46
CA SER C 960 10.95 10.71 -19.19
C SER C 960 10.17 10.25 -20.41
N VAL C 961 10.83 10.09 -21.56
CA VAL C 961 10.18 9.70 -22.80
C VAL C 961 10.75 8.37 -23.26
N LEU C 962 9.87 7.42 -23.56
CA LEU C 962 10.32 6.09 -23.94
C LEU C 962 11.03 6.09 -25.29
N ASN C 963 10.56 6.91 -26.24
CA ASN C 963 11.10 6.86 -27.59
C ASN C 963 12.53 7.37 -27.63
N ASP C 964 12.89 8.33 -26.77
CA ASP C 964 14.28 8.77 -26.71
C ASP C 964 15.21 7.64 -26.26
N ILE C 965 14.81 6.92 -25.21
CA ILE C 965 15.61 5.79 -24.75
C ILE C 965 15.71 4.74 -25.85
N LEU C 966 14.60 4.46 -26.52
CA LEU C 966 14.60 3.44 -27.56
C LEU C 966 15.46 3.83 -28.75
N SER C 967 15.55 5.13 -29.05
CA SER C 967 16.36 5.59 -30.15
C SER C 967 17.79 5.92 -29.76
N ARG C 968 18.14 5.83 -28.48
CA ARG C 968 19.50 6.13 -28.04
C ARG C 968 20.29 4.91 -27.58
N LEU C 969 19.64 3.80 -27.25
CA LEU C 969 20.33 2.68 -26.62
C LEU C 969 19.81 1.35 -27.16
N ASP C 970 20.62 0.31 -26.96
CA ASP C 970 20.32 -1.09 -27.20
C ASP C 970 19.59 -1.68 -25.99
N PRO C 971 18.86 -2.77 -26.18
CA PRO C 971 17.94 -3.27 -25.13
C PRO C 971 18.62 -3.54 -23.79
N PRO C 972 19.82 -4.15 -23.76
CA PRO C 972 20.41 -4.48 -22.46
C PRO C 972 20.58 -3.29 -21.53
N GLU C 973 20.73 -2.09 -22.07
CA GLU C 973 20.80 -0.90 -21.24
C GLU C 973 19.45 -0.24 -21.01
N ALA C 974 18.49 -0.44 -21.93
CA ALA C 974 17.18 0.19 -21.78
C ALA C 974 16.27 -0.53 -20.80
N GLU C 975 16.57 -1.81 -20.52
CA GLU C 975 15.70 -2.59 -19.62
C GLU C 975 15.55 -1.93 -18.26
N VAL C 976 16.65 -1.45 -17.68
CA VAL C 976 16.61 -0.93 -16.31
C VAL C 976 15.77 0.34 -16.24
N GLN C 977 15.93 1.24 -17.20
CA GLN C 977 15.15 2.48 -17.21
C GLN C 977 13.67 2.17 -17.40
N ILE C 978 13.35 1.25 -18.30
CA ILE C 978 11.96 0.86 -18.49
C ILE C 978 11.37 0.31 -17.20
N ASP C 979 12.16 -0.50 -16.47
CA ASP C 979 11.67 -1.08 -15.22
C ASP C 979 11.37 0.01 -14.19
N ARG C 980 12.26 0.99 -14.05
CA ARG C 980 12.03 2.06 -13.08
C ARG C 980 10.75 2.84 -13.41
N LEU C 981 10.58 3.17 -14.69
CA LEU C 981 9.36 3.89 -15.09
C LEU C 981 8.11 3.07 -14.80
N ILE C 982 8.15 1.77 -15.10
CA ILE C 982 7.00 0.90 -14.87
C ILE C 982 6.62 0.90 -13.40
N THR C 983 7.62 0.77 -12.52
CA THR C 983 7.35 0.72 -11.08
C THR C 983 6.68 2.01 -10.61
N GLY C 984 7.20 3.16 -11.04
CA GLY C 984 6.60 4.42 -10.62
C GLY C 984 5.16 4.56 -11.05
N ARG C 985 4.88 4.26 -12.32
CA ARG C 985 3.52 4.43 -12.83
C ARG C 985 2.55 3.46 -12.15
N LEU C 986 3.01 2.23 -11.86
CA LEU C 986 2.17 1.28 -11.15
C LEU C 986 1.78 1.81 -9.77
N GLN C 987 2.76 2.38 -9.04
CA GLN C 987 2.47 2.92 -7.72
C GLN C 987 1.41 4.02 -7.80
N SER C 988 1.57 4.93 -8.76
CA SER C 988 0.61 6.03 -8.88
C SER C 988 -0.80 5.51 -9.16
N LEU C 989 -0.92 4.54 -10.08
CA LEU C 989 -2.25 4.02 -10.41
C LEU C 989 -2.91 3.36 -9.21
N GLN C 990 -2.15 2.57 -8.44
CA GLN C 990 -2.71 1.90 -7.27
C GLN C 990 -3.24 2.92 -6.26
N THR C 991 -2.47 3.98 -6.02
CA THR C 991 -2.92 5.00 -5.07
C THR C 991 -4.23 5.64 -5.52
N TYR C 992 -4.32 5.98 -6.80
CA TYR C 992 -5.56 6.58 -7.31
C TYR C 992 -6.76 5.67 -7.11
N VAL C 993 -6.60 4.37 -7.41
CA VAL C 993 -7.72 3.44 -7.30
C VAL C 993 -8.19 3.34 -5.85
N THR C 994 -7.25 3.24 -4.90
CA THR C 994 -7.64 3.13 -3.50
C THR C 994 -8.42 4.35 -3.04
N GLN C 995 -7.96 5.55 -3.42
CA GLN C 995 -8.69 6.75 -3.03
C GLN C 995 -10.11 6.75 -3.59
N GLN C 996 -10.27 6.32 -4.85
CA GLN C 996 -11.60 6.31 -5.44
C GLN C 996 -12.54 5.38 -4.70
N LEU C 997 -12.06 4.19 -4.30
CA LEU C 997 -12.91 3.28 -3.53
C LEU C 997 -13.37 3.92 -2.22
N ILE C 998 -12.43 4.54 -1.51
CA ILE C 998 -12.78 5.15 -0.23
C ILE C 998 -13.85 6.23 -0.42
N ARG C 999 -13.75 7.01 -1.50
CA ARG C 999 -14.78 8.03 -1.76
C ARG C 999 -16.15 7.40 -2.07
N ALA C 1000 -16.14 6.30 -2.83
CA ALA C 1000 -17.40 5.68 -3.24
C ALA C 1000 -18.19 5.19 -2.03
N ALA C 1001 -17.49 4.72 -0.99
CA ALA C 1001 -18.20 4.29 0.22
C ALA C 1001 -19.06 5.42 0.81
N GLU C 1002 -18.48 6.60 0.97
CA GLU C 1002 -19.19 7.74 1.54
C GLU C 1002 -20.36 8.16 0.66
N ILE C 1003 -20.15 8.15 -0.67
CA ILE C 1003 -21.24 8.51 -1.57
C ILE C 1003 -22.41 7.55 -1.41
N ARG C 1004 -22.12 6.25 -1.26
CA ARG C 1004 -23.19 5.27 -1.06
C ARG C 1004 -23.96 5.54 0.22
N ALA C 1005 -23.26 5.88 1.30
CA ALA C 1005 -23.96 6.20 2.55
C ALA C 1005 -24.91 7.37 2.36
N SER C 1006 -24.45 8.42 1.67
CA SER C 1006 -25.33 9.57 1.41
C SER C 1006 -26.56 9.16 0.61
N ALA C 1007 -26.38 8.31 -0.40
CA ALA C 1007 -27.52 7.88 -1.21
C ALA C 1007 -28.53 7.12 -0.38
N ASN C 1008 -28.07 6.26 0.53
CA ASN C 1008 -28.99 5.54 1.40
C ASN C 1008 -29.79 6.51 2.28
N LEU C 1009 -29.12 7.53 2.83
CA LEU C 1009 -29.84 8.50 3.64
C LEU C 1009 -30.90 9.23 2.82
N ALA C 1010 -30.57 9.60 1.57
CA ALA C 1010 -31.54 10.26 0.71
C ALA C 1010 -32.75 9.37 0.43
N ALA C 1011 -32.50 8.08 0.18
CA ALA C 1011 -33.61 7.16 -0.07
C ALA C 1011 -34.52 7.05 1.15
N THR C 1012 -33.95 6.95 2.34
CA THR C 1012 -34.78 6.90 3.54
C THR C 1012 -35.60 8.17 3.71
N LYS C 1013 -34.98 9.33 3.48
CA LYS C 1013 -35.71 10.59 3.62
C LYS C 1013 -36.88 10.65 2.64
N MET C 1014 -36.66 10.23 1.39
CA MET C 1014 -37.74 10.24 0.41
C MET C 1014 -38.87 9.30 0.83
N SER C 1015 -38.52 8.12 1.35
CA SER C 1015 -39.56 7.19 1.76
C SER C 1015 -40.37 7.70 2.95
N GLU C 1016 -39.75 8.43 3.86
CA GLU C 1016 -40.43 8.76 5.11
C GLU C 1016 -41.06 10.14 5.17
N CYS C 1017 -40.51 11.15 4.47
CA CYS C 1017 -41.05 12.50 4.60
C CYS C 1017 -41.97 12.91 3.45
N VAL C 1018 -41.99 12.17 2.33
CA VAL C 1018 -42.79 12.57 1.18
C VAL C 1018 -44.05 11.72 1.08
N LEU C 1019 -43.97 10.48 1.54
CA LEU C 1019 -45.09 9.55 1.45
C LEU C 1019 -45.89 9.45 2.75
N GLY C 1020 -45.63 10.31 3.72
CA GLY C 1020 -46.39 10.28 4.96
C GLY C 1020 -46.02 11.42 5.87
N GLN C 1021 -46.54 11.37 7.09
CA GLN C 1021 -46.25 12.37 8.12
C GLN C 1021 -45.44 11.72 9.23
N SER C 1022 -44.32 12.34 9.59
CA SER C 1022 -43.37 11.77 10.52
C SER C 1022 -43.49 12.40 11.90
N LYS C 1023 -43.30 11.60 12.95
CA LYS C 1023 -43.32 12.06 14.32
C LYS C 1023 -41.93 12.18 14.92
N ARG C 1024 -40.88 11.94 14.15
CA ARG C 1024 -39.52 12.07 14.65
C ARG C 1024 -39.13 13.54 14.74
N VAL C 1025 -38.41 13.89 15.79
CA VAL C 1025 -38.08 15.28 16.05
C VAL C 1025 -36.89 15.69 15.21
N ASP C 1026 -37.04 16.79 14.47
CA ASP C 1026 -35.97 17.41 13.68
C ASP C 1026 -35.43 16.47 12.60
N PHE C 1027 -36.32 15.70 11.97
CA PHE C 1027 -35.93 14.87 10.83
C PHE C 1027 -36.33 15.53 9.51
N CYS C 1028 -37.62 15.77 9.30
CA CYS C 1028 -38.08 16.49 8.11
C CYS C 1028 -38.33 17.96 8.42
N GLY C 1029 -37.29 18.64 8.88
CA GLY C 1029 -37.35 20.07 9.11
C GLY C 1029 -37.43 20.44 10.59
N LYS C 1030 -37.39 21.74 10.85
CA LYS C 1030 -37.45 22.28 12.20
C LYS C 1030 -38.83 22.88 12.47
N GLY C 1031 -39.54 22.34 13.45
CA GLY C 1031 -40.90 22.74 13.73
C GLY C 1031 -41.80 21.54 13.89
N TYR C 1032 -43.07 21.66 13.51
CA TYR C 1032 -43.98 20.52 13.46
C TYR C 1032 -44.27 20.19 12.00
N HIS C 1033 -43.89 18.99 11.57
CA HIS C 1033 -43.89 18.64 10.15
C HIS C 1033 -45.30 18.51 9.59
N LEU C 1034 -45.50 19.01 8.38
CA LEU C 1034 -46.78 18.85 7.68
C LEU C 1034 -46.66 18.10 6.37
N MET C 1035 -45.80 18.55 5.45
CA MET C 1035 -45.66 17.91 4.16
C MET C 1035 -44.35 18.37 3.52
N SER C 1036 -43.94 17.68 2.46
CA SER C 1036 -42.69 18.00 1.77
C SER C 1036 -42.83 17.73 0.28
N PHE C 1037 -41.99 18.41 -0.50
CA PHE C 1037 -41.97 18.31 -1.96
C PHE C 1037 -40.56 18.11 -2.47
N PRO C 1038 -40.37 17.19 -3.42
CA PRO C 1038 -39.04 16.93 -3.97
C PRO C 1038 -38.75 17.72 -5.24
N GLN C 1039 -37.47 18.05 -5.41
CA GLN C 1039 -36.99 18.69 -6.64
C GLN C 1039 -35.65 18.08 -7.02
N SER C 1040 -35.35 18.13 -8.32
CA SER C 1040 -34.18 17.45 -8.88
C SER C 1040 -33.11 18.45 -9.25
N ALA C 1041 -31.86 18.11 -8.94
CA ALA C 1041 -30.68 18.91 -9.21
C ALA C 1041 -29.62 18.02 -9.82
N PRO C 1042 -28.66 18.60 -10.56
CA PRO C 1042 -27.60 17.77 -11.16
C PRO C 1042 -26.83 17.00 -10.10
N HIS C 1043 -26.87 15.67 -10.22
CA HIS C 1043 -26.17 14.75 -9.32
C HIS C 1043 -26.68 14.80 -7.88
N GLY C 1044 -27.91 15.23 -7.66
CA GLY C 1044 -28.41 15.35 -6.29
C GLY C 1044 -29.90 15.59 -6.25
N VAL C 1045 -30.37 15.99 -5.07
CA VAL C 1045 -31.79 16.16 -4.81
C VAL C 1045 -31.97 17.29 -3.79
N VAL C 1046 -33.10 18.00 -3.90
CA VAL C 1046 -33.43 19.12 -3.03
C VAL C 1046 -34.82 18.89 -2.45
N PHE C 1047 -34.97 19.11 -1.15
CA PHE C 1047 -36.24 18.92 -0.45
C PHE C 1047 -36.77 20.26 0.04
N LEU C 1048 -38.09 20.37 0.13
CA LEU C 1048 -38.77 21.55 0.66
C LEU C 1048 -39.70 21.10 1.78
N HIS C 1049 -39.39 21.51 3.01
CA HIS C 1049 -40.11 21.05 4.19
C HIS C 1049 -41.06 22.14 4.68
N VAL C 1050 -42.29 21.75 5.00
CA VAL C 1050 -43.31 22.66 5.52
C VAL C 1050 -43.55 22.34 6.99
N THR C 1051 -43.44 23.36 7.84
CA THR C 1051 -43.49 23.16 9.28
C THR C 1051 -44.38 24.21 9.93
N TYR C 1052 -44.84 23.87 11.12
CA TYR C 1052 -45.71 24.71 11.95
C TYR C 1052 -44.91 25.20 13.15
N VAL C 1053 -45.03 26.50 13.44
CA VAL C 1053 -44.32 27.17 14.52
C VAL C 1053 -45.26 28.14 15.24
N PRO C 1054 -45.38 28.07 16.55
CA PRO C 1054 -46.28 28.99 17.27
C PRO C 1054 -45.56 30.24 17.75
N ALA C 1055 -46.36 31.23 18.16
CA ALA C 1055 -45.82 32.51 18.61
C ALA C 1055 -46.88 33.24 19.43
N GLN C 1056 -46.45 34.36 20.04
CA GLN C 1056 -47.32 35.26 20.80
C GLN C 1056 -47.97 34.55 21.99
N GLU C 1057 -47.12 34.20 22.96
CA GLU C 1057 -47.55 33.54 24.18
C GLU C 1057 -48.09 34.55 25.19
N LYS C 1058 -48.65 34.02 26.28
CA LYS C 1058 -49.25 34.84 27.33
C LYS C 1058 -49.25 34.08 28.65
N ASN C 1059 -49.14 34.83 29.75
CA ASN C 1059 -49.11 34.24 31.09
C ASN C 1059 -50.50 33.82 31.54
N PHE C 1060 -50.56 32.74 32.33
CA PHE C 1060 -51.82 32.29 32.92
C PHE C 1060 -51.52 31.58 34.23
N THR C 1061 -52.59 31.33 35.00
CA THR C 1061 -52.53 30.61 36.27
C THR C 1061 -53.19 29.25 36.13
N THR C 1062 -52.56 28.21 36.69
CA THR C 1062 -53.00 26.84 36.49
C THR C 1062 -53.10 26.11 37.83
N ALA C 1063 -53.75 24.95 37.80
CA ALA C 1063 -53.92 24.09 38.96
C ALA C 1063 -54.04 22.66 38.47
N PRO C 1064 -53.60 21.67 39.27
CA PRO C 1064 -53.65 20.28 38.80
C PRO C 1064 -55.05 19.72 38.70
N ALA C 1065 -55.89 19.95 39.71
CA ALA C 1065 -57.21 19.32 39.74
C ALA C 1065 -58.20 20.23 40.45
N ILE C 1066 -59.49 19.97 40.22
CA ILE C 1066 -60.59 20.69 40.81
C ILE C 1066 -61.50 19.68 41.47
N CYS C 1067 -61.74 19.83 42.77
CA CYS C 1067 -62.63 18.91 43.47
C CYS C 1067 -63.88 19.65 43.93
N HIS C 1068 -65.04 19.07 43.63
CA HIS C 1068 -66.34 19.62 43.91
C HIS C 1068 -67.24 18.51 44.40
N ASP C 1069 -68.09 18.82 45.38
CA ASP C 1069 -68.94 17.83 46.05
C ASP C 1069 -68.14 16.75 46.77
N GLY C 1070 -66.90 17.05 47.12
CA GLY C 1070 -66.07 16.07 47.80
C GLY C 1070 -65.41 15.05 46.91
N LYS C 1071 -65.37 15.26 45.61
CA LYS C 1071 -64.72 14.34 44.68
C LYS C 1071 -63.82 15.14 43.74
N ALA C 1072 -62.67 14.57 43.41
CA ALA C 1072 -61.67 15.25 42.59
C ALA C 1072 -61.92 14.98 41.11
N HIS C 1073 -61.87 16.03 40.31
CA HIS C 1073 -62.11 15.94 38.88
C HIS C 1073 -60.82 16.28 38.12
N PHE C 1074 -60.55 15.50 37.07
CA PHE C 1074 -59.38 15.65 36.22
C PHE C 1074 -59.82 15.95 34.80
N PRO C 1075 -59.02 16.68 34.02
CA PRO C 1075 -59.39 16.98 32.63
C PRO C 1075 -59.22 15.76 31.74
N ARG C 1076 -59.83 15.83 30.56
CA ARG C 1076 -59.65 14.78 29.56
C ARG C 1076 -58.46 15.09 28.64
N GLU C 1077 -58.51 16.21 27.94
CA GLU C 1077 -57.35 16.74 27.23
C GLU C 1077 -57.32 18.25 27.45
N GLY C 1078 -56.16 18.78 27.77
CA GLY C 1078 -55.98 20.20 27.95
C GLY C 1078 -55.51 20.54 29.35
N VAL C 1079 -55.59 21.83 29.67
CA VAL C 1079 -55.15 22.35 30.96
C VAL C 1079 -56.26 23.19 31.57
N PHE C 1080 -56.22 23.31 32.88
CA PHE C 1080 -57.07 24.22 33.64
C PHE C 1080 -56.36 25.56 33.76
N VAL C 1081 -57.01 26.63 33.30
CA VAL C 1081 -56.43 27.96 33.28
C VAL C 1081 -57.34 28.92 34.03
N SER C 1082 -56.75 30.00 34.52
CA SER C 1082 -57.50 31.04 35.19
C SER C 1082 -57.00 32.39 34.72
N ASN C 1083 -57.86 33.39 34.82
CA ASN C 1083 -57.52 34.74 34.38
C ASN C 1083 -57.75 35.77 35.48
N GLY C 1084 -57.83 35.34 36.72
CA GLY C 1084 -58.39 36.17 37.77
C GLY C 1084 -59.53 35.49 38.48
N THR C 1085 -60.76 35.97 38.26
CA THR C 1085 -61.92 35.51 39.00
C THR C 1085 -62.64 34.32 38.38
N HIS C 1086 -62.16 33.78 37.27
CA HIS C 1086 -62.85 32.68 36.60
C HIS C 1086 -61.88 31.61 36.14
N TRP C 1087 -62.40 30.39 35.98
CA TRP C 1087 -61.60 29.23 35.60
C TRP C 1087 -62.17 28.60 34.33
N PHE C 1088 -61.28 28.19 33.43
CA PHE C 1088 -61.66 27.58 32.16
C PHE C 1088 -60.76 26.38 31.89
N VAL C 1089 -61.07 25.64 30.83
CA VAL C 1089 -60.28 24.51 30.38
C VAL C 1089 -60.00 24.68 28.89
N THR C 1090 -58.74 24.46 28.50
CA THR C 1090 -58.33 24.72 27.13
C THR C 1090 -57.39 23.63 26.63
N GLN C 1091 -56.93 23.79 25.39
CA GLN C 1091 -55.96 22.91 24.77
C GLN C 1091 -54.56 23.51 24.84
N ARG C 1092 -53.56 22.68 24.63
CA ARG C 1092 -52.18 23.10 24.89
C ARG C 1092 -51.65 24.05 23.82
N ASN C 1093 -51.94 23.78 22.55
CA ASN C 1093 -51.29 24.49 21.45
C ASN C 1093 -52.10 25.67 20.91
N PHE C 1094 -53.24 25.99 21.52
CA PHE C 1094 -54.04 27.12 21.08
C PHE C 1094 -54.95 27.56 22.23
N TYR C 1095 -55.13 28.88 22.35
CA TYR C 1095 -55.97 29.43 23.41
C TYR C 1095 -57.42 29.39 22.95
N GLU C 1096 -58.22 28.55 23.59
CA GLU C 1096 -59.66 28.45 23.30
C GLU C 1096 -60.38 28.11 24.58
N PRO C 1097 -60.86 29.11 25.32
CA PRO C 1097 -61.53 28.84 26.59
C PRO C 1097 -62.87 28.15 26.40
N GLN C 1098 -63.25 27.36 27.40
CA GLN C 1098 -64.51 26.65 27.37
C GLN C 1098 -65.03 26.48 28.80
N ILE C 1099 -66.33 26.21 28.91
CA ILE C 1099 -66.98 26.06 30.20
C ILE C 1099 -66.80 24.63 30.69
N ILE C 1100 -66.56 24.47 31.99
CA ILE C 1100 -66.27 23.16 32.56
C ILE C 1100 -67.59 22.45 32.83
N THR C 1101 -67.84 21.37 32.10
CA THR C 1101 -69.03 20.54 32.27
C THR C 1101 -68.59 19.10 32.54
N THR C 1102 -69.57 18.21 32.64
CA THR C 1102 -69.31 16.79 32.90
C THR C 1102 -68.99 16.01 31.63
N ASP C 1103 -68.69 16.71 30.53
CA ASP C 1103 -68.29 16.04 29.30
C ASP C 1103 -66.79 16.08 29.06
N ASN C 1104 -66.05 16.94 29.74
CA ASN C 1104 -64.61 17.04 29.58
C ASN C 1104 -63.85 16.76 30.87
N THR C 1105 -64.50 16.15 31.87
CA THR C 1105 -63.86 15.80 33.12
C THR C 1105 -64.26 14.39 33.53
N PHE C 1106 -63.39 13.72 34.28
CA PHE C 1106 -63.71 12.44 34.89
C PHE C 1106 -63.28 12.44 36.35
N VAL C 1107 -63.83 11.50 37.11
CA VAL C 1107 -63.75 11.51 38.57
C VAL C 1107 -62.94 10.31 39.04
N SER C 1108 -62.08 10.53 40.04
CA SER C 1108 -61.35 9.43 40.67
C SER C 1108 -60.94 9.88 42.08
N GLY C 1109 -61.69 9.43 43.09
CA GLY C 1109 -61.32 9.65 44.47
C GLY C 1109 -61.77 10.99 45.03
N ASN C 1110 -61.51 11.17 46.31
CA ASN C 1110 -61.83 12.40 47.02
C ASN C 1110 -60.57 13.21 47.27
N CYS C 1111 -60.72 14.54 47.35
CA CYS C 1111 -59.57 15.43 47.40
C CYS C 1111 -58.94 15.38 48.79
N ASP C 1112 -58.08 14.39 48.97
CA ASP C 1112 -57.24 14.29 50.16
C ASP C 1112 -55.80 13.93 49.86
N VAL C 1113 -55.48 13.46 48.65
CA VAL C 1113 -54.12 13.07 48.32
C VAL C 1113 -53.46 14.00 47.31
N VAL C 1114 -54.24 14.64 46.44
CA VAL C 1114 -53.65 15.53 45.44
C VAL C 1114 -53.17 16.80 46.11
N ILE C 1115 -51.92 17.18 45.82
CA ILE C 1115 -51.32 18.37 46.40
C ILE C 1115 -51.54 19.54 45.46
N GLY C 1116 -52.33 20.51 45.88
CA GLY C 1116 -52.56 21.71 45.09
C GLY C 1116 -53.93 21.78 44.47
N ILE C 1117 -54.94 21.31 45.17
CA ILE C 1117 -56.31 21.29 44.65
C ILE C 1117 -57.02 22.58 45.03
N VAL C 1118 -58.00 22.97 44.22
CA VAL C 1118 -58.73 24.22 44.40
C VAL C 1118 -60.21 23.96 44.20
N ASN C 1119 -61.04 24.68 44.95
CA ASN C 1119 -62.49 24.48 44.88
C ASN C 1119 -63.09 25.34 43.78
N ASN C 1120 -63.99 24.75 42.99
CA ASN C 1120 -64.81 25.50 42.05
C ASN C 1120 -66.00 24.63 41.66
N THR C 1121 -66.99 25.27 41.05
CA THR C 1121 -68.22 24.61 40.67
C THR C 1121 -68.11 24.00 39.28
N VAL C 1122 -68.76 22.85 39.10
CA VAL C 1122 -68.80 22.14 37.83
C VAL C 1122 -70.26 21.99 37.42
N TYR C 1123 -70.58 22.43 36.21
CA TYR C 1123 -71.95 22.39 35.71
C TYR C 1123 -72.19 21.11 34.93
N ASP C 1124 -73.45 20.86 34.62
CA ASP C 1124 -73.86 19.70 33.86
C ASP C 1124 -74.93 20.12 32.87
N PRO C 1125 -75.08 19.39 31.76
CA PRO C 1125 -76.12 19.73 30.78
C PRO C 1125 -77.41 18.98 31.04
C1 NAG D . -45.23 -1.37 45.29
C2 NAG D . -46.11 -1.54 46.52
C3 NAG D . -45.67 -0.58 47.62
C4 NAG D . -44.19 -0.79 47.94
C5 NAG D . -43.38 -0.65 46.67
C6 NAG D . -41.90 -0.95 46.86
C7 NAG D . -48.52 -1.88 46.87
C8 NAG D . -49.90 -1.54 46.39
N2 NAG D . -47.51 -1.32 46.18
O3 NAG D . -46.47 -0.82 48.78
O4 NAG D . -43.74 0.16 48.89
O5 NAG D . -43.85 -1.57 45.67
O6 NAG D . -41.19 -0.86 45.64
O7 NAG D . -48.33 -2.62 47.82
C1 NAG D . -43.78 -0.41 50.21
C2 NAG D . -42.69 0.22 51.07
C3 NAG D . -42.78 -0.29 52.50
C4 NAG D . -44.18 -0.10 53.06
C5 NAG D . -45.20 -0.72 52.13
C6 NAG D . -46.62 -0.47 52.55
C7 NAG D . -40.49 0.93 50.25
C8 NAG D . -39.17 0.48 49.69
N2 NAG D . -41.38 -0.04 50.52
O3 NAG D . -41.83 0.39 53.32
O4 NAG D . -44.28 -0.70 54.34
O5 NAG D . -45.05 -0.17 50.81
O6 NAG D . -46.71 -0.18 53.94
O7 NAG D . -40.74 2.10 50.46
C1 NAG E . -30.60 16.82 47.52
C2 NAG E . -30.90 17.04 49.01
C3 NAG E . -29.63 17.49 49.77
C4 NAG E . -28.50 16.52 49.51
C5 NAG E . -28.29 16.33 48.02
C6 NAG E . -27.25 15.30 47.69
C7 NAG E . -32.18 19.24 48.97
C8 NAG E . -31.06 19.93 48.25
N2 NAG E . -32.04 17.93 49.27
O3 NAG E . -29.94 17.56 51.15
O4 NAG E . -27.28 17.02 50.06
O5 NAG E . -29.51 15.91 47.39
O6 NAG E . -27.61 14.03 48.22
O7 NAG E . -33.22 19.83 49.27
C1 NAG E . -27.06 16.48 51.38
C2 NAG E . -25.60 16.07 51.52
C3 NAG E . -25.32 15.57 52.93
C4 NAG E . -25.75 16.63 53.95
C5 NAG E . -27.20 17.02 53.71
C6 NAG E . -27.66 18.14 54.61
C7 NAG E . -24.01 14.80 50.14
C8 NAG E . -23.83 13.70 49.14
N2 NAG E . -25.26 15.03 50.55
O3 NAG E . -23.93 15.30 53.09
O4 NAG E . -25.62 16.10 55.27
O5 NAG E . -27.37 17.47 52.36
O6 NAG E . -26.99 19.36 54.29
O7 NAG E . -23.05 15.45 50.57
C1 NAG F . -64.91 -10.14 43.38
C2 NAG F . -64.94 -10.71 44.78
C3 NAG F . -66.24 -10.33 45.48
C4 NAG F . -66.48 -8.82 45.41
C5 NAG F . -66.34 -8.32 43.97
C6 NAG F . -66.40 -6.82 43.87
C7 NAG F . -63.75 -12.76 45.37
C8 NAG F . -63.72 -14.26 45.26
N2 NAG F . -64.76 -12.15 44.78
O3 NAG F . -66.19 -10.75 46.83
O4 NAG F . -67.78 -8.52 45.88
O5 NAG F . -65.08 -8.73 43.42
O6 NAG F . -67.65 -6.32 44.32
O7 NAG F . -62.87 -12.14 45.97
C1 NAG F . -67.73 -7.88 47.17
C2 NAG F . -69.17 -7.63 47.63
C3 NAG F . -69.18 -7.00 49.00
C4 NAG F . -68.38 -7.84 49.99
C5 NAG F . -66.97 -8.08 49.43
C6 NAG F . -66.15 -9.01 50.31
C7 NAG F . -71.20 -6.92 46.45
C8 NAG F . -71.78 -5.99 45.43
N2 NAG F . -69.89 -6.81 46.67
O3 NAG F . -70.53 -6.88 49.46
O4 NAG F . -68.28 -7.16 51.24
O5 NAG F . -67.05 -8.68 48.14
O6 NAG F . -66.99 -9.80 51.14
O7 NAG F . -71.89 -7.74 47.05
C1 NAG G . -63.76 -9.70 -0.21
C2 NAG G . -65.23 -10.00 -0.33
C3 NAG G . -65.50 -11.46 0.05
C4 NAG G . -64.60 -12.41 -0.75
C5 NAG G . -63.14 -11.97 -0.65
C6 NAG G . -62.22 -12.76 -1.55
C7 NAG G . -67.32 -8.86 0.28
C8 NAG G . -67.97 -7.92 1.24
N2 NAG G . -66.02 -9.11 0.50
O3 NAG G . -66.86 -11.77 -0.19
O4 NAG G . -64.69 -13.71 -0.22
O5 NAG G . -63.02 -10.59 -1.04
O6 NAG G . -60.87 -12.47 -1.27
O7 NAG G . -67.93 -9.37 -0.65
C1 NAG G . -65.64 -14.53 -0.93
C2 NAG G . -65.34 -16.00 -0.64
C3 NAG G . -66.38 -16.91 -1.27
C4 NAG G . -67.78 -16.47 -0.87
C5 NAG G . -67.98 -15.00 -1.19
C6 NAG G . -69.32 -14.47 -0.71
C7 NAG G . -63.58 -16.36 -2.34
C8 NAG G . -62.16 -16.77 -2.55
N2 NAG G . -64.00 -16.37 -1.06
O3 NAG G . -66.15 -18.26 -0.88
O4 NAG G . -68.75 -17.24 -1.57
O5 NAG G . -66.96 -14.22 -0.53
O6 NAG G . -70.23 -15.53 -0.46
O7 NAG G . -64.31 -16.02 -3.26
C1 NAG H . -51.19 -27.06 8.85
C2 NAG H . -52.02 -28.34 9.01
C3 NAG H . -51.25 -29.54 8.49
C4 NAG H . -50.79 -29.29 7.05
C5 NAG H . -50.02 -27.99 6.96
C6 NAG H . -49.64 -27.61 5.54
C7 NAG H . -53.57 -29.01 10.77
C8 NAG H . -53.79 -29.16 12.25
N2 NAG H . -52.39 -28.54 10.41
O3 NAG H . -52.08 -30.69 8.55
O4 NAG H . -49.94 -30.34 6.62
O5 NAG H . -50.82 -26.90 7.47
O6 NAG H . -50.46 -28.27 4.60
O7 NAG H . -54.44 -29.31 9.96
C1 NAG H . -50.66 -31.32 5.84
C2 NAG H . -49.66 -32.13 5.02
C3 NAG H . -50.38 -33.26 4.28
C4 NAG H . -51.21 -34.09 5.24
C5 NAG H . -52.16 -33.17 6.01
C6 NAG H . -52.97 -33.91 7.06
C7 NAG H . -47.93 -30.50 4.42
C8 NAG H . -47.31 -29.69 3.31
N2 NAG H . -48.95 -31.29 4.07
O3 NAG H . -49.41 -34.10 3.65
O4 NAG H . -51.98 -35.06 4.53
O5 NAG H . -51.39 -32.18 6.71
O6 NAG H . -52.22 -34.09 8.25
O7 NAG H . -47.53 -30.41 5.58
C1 NAG I . -78.70 4.87 -0.12
C2 NAG I . -79.22 5.15 1.28
C3 NAG I . -80.49 4.34 1.54
C4 NAG I . -81.50 4.51 0.40
C5 NAG I . -80.84 4.41 -0.97
C6 NAG I . -81.74 4.83 -2.11
C7 NAG I . -77.69 3.65 2.52
C8 NAG I . -76.66 3.56 3.61
N2 NAG I . -78.21 4.86 2.29
O3 NAG I . -81.08 4.76 2.77
O4 NAG I . -82.42 3.42 0.46
O5 NAG I . -79.67 5.23 -1.06
O6 NAG I . -80.99 5.37 -3.18
O7 NAG I . -78.02 2.65 1.86
C1 NAG I . -83.62 3.63 1.26
C2 NAG I . -83.80 2.34 2.05
C3 NAG I . -85.03 2.43 2.95
C4 NAG I . -84.94 3.66 3.83
C5 NAG I . -84.71 4.90 2.97
C6 NAG I . -84.50 6.15 3.79
C7 NAG I . -84.82 0.97 0.25
C8 NAG I . -84.71 -0.29 -0.54
N2 NAG I . -83.87 1.17 1.18
O3 NAG I . -85.11 1.26 3.75
O4 NAG I . -86.14 3.82 4.56
O5 NAG I . -83.53 4.74 2.16
O6 NAG I . -83.12 6.44 3.96
O7 NAG I . -85.73 1.78 0.06
C1 NAG J . -52.28 36.47 13.86
C2 NAG J . -52.55 37.97 14.00
C3 NAG J . -51.40 38.79 13.44
C4 NAG J . -51.13 38.43 11.99
C5 NAG J . -50.92 36.93 11.80
C6 NAG J . -49.57 36.44 12.31
C7 NAG J . -54.93 38.58 14.06
C8 NAG J . -54.84 38.45 15.54
N2 NAG J . -53.80 38.34 13.37
O3 NAG J . -50.24 38.62 14.25
O4 NAG J . -52.23 38.83 11.18
O5 NAG J . -51.92 36.16 12.47
O6 NAG J . -48.53 36.76 11.39
O7 NAG J . -55.97 38.88 13.49
C1 NAG J . -52.21 40.24 10.88
C2 NAG J . -52.91 40.48 9.54
C3 NAG J . -53.00 41.97 9.23
C4 NAG J . -53.62 42.72 10.40
C5 NAG J . -52.86 42.40 11.68
C6 NAG J . -53.49 43.03 12.91
C7 NAG J . -51.04 39.99 8.01
C8 NAG J . -50.57 39.13 6.87
N2 NAG J . -52.27 39.76 8.45
O3 NAG J . -53.77 42.16 8.06
O4 NAG J . -53.57 44.12 10.15
O5 NAG J . -52.86 40.99 11.91
O6 NAG J . -53.66 44.44 12.74
O7 NAG J . -50.32 40.86 8.49
C1 NAG K . -50.01 31.81 -9.00
C2 NAG K . -51.10 32.65 -9.64
C3 NAG K . -50.60 33.30 -10.92
C4 NAG K . -49.33 34.09 -10.67
C5 NAG K . -48.29 33.19 -10.01
C6 NAG K . -47.03 33.93 -9.62
C7 NAG K . -53.53 32.36 -9.84
C8 NAG K . -54.63 31.41 -10.14
N2 NAG K . -52.29 31.86 -9.89
O3 NAG K . -51.61 34.16 -11.45
O4 NAG K . -48.81 34.60 -11.89
O5 NAG K . -48.83 32.61 -8.82
O6 NAG K . -46.00 33.03 -9.23
O7 NAG K . -53.74 33.54 -9.57
C1 NAG K . -48.89 36.03 -11.87
C2 NAG K . -47.90 36.59 -12.90
C3 NAG K . -47.98 38.12 -12.93
C4 NAG K . -49.41 38.57 -13.17
C5 NAG K . -50.35 37.93 -12.14
C6 NAG K . -51.81 38.23 -12.39
C7 NAG K . -45.80 35.49 -13.48
C8 NAG K . -44.42 35.12 -13.02
N2 NAG K . -46.55 36.16 -12.61
O3 NAG K . -47.14 38.60 -13.97
O4 NAG K . -49.51 39.98 -13.06
O5 NAG K . -50.21 36.50 -12.17
O6 NAG K . -52.20 37.80 -13.70
O7 NAG K . -46.20 35.20 -14.61
C1 NAG L . -61.51 37.12 33.10
C2 NAG L . -61.43 38.62 33.32
C3 NAG L . -62.79 39.15 33.74
C4 NAG L . -63.86 38.74 32.75
C5 NAG L . -63.82 37.23 32.51
C6 NAG L . -64.74 36.77 31.40
C7 NAG L . -59.83 40.14 34.40
C8 NAG L . -58.82 40.31 35.48
N2 NAG L . -60.42 38.94 34.32
O3 NAG L . -62.73 40.57 33.82
O4 NAG L . -65.13 39.09 33.26
O5 NAG L . -62.49 36.83 32.12
O6 NAG L . -66.06 36.53 31.87
O7 NAG L . -60.12 41.05 33.63
C1 NAG L . -66.92 37.56 31.32
C2 NAG L . -67.71 36.98 30.16
C3 NAG L . -69.00 37.77 29.93
C4 NAG L . -68.90 39.20 30.46
C5 NAG L . -68.45 39.25 31.92
C6 NAG L . -69.59 39.47 32.88
C7 NAG L . -66.40 35.82 28.43
C8 NAG L . -66.69 34.56 29.17
N2 NAG L . -66.91 36.94 28.94
O3 NAG L . -70.09 37.09 30.55
O4 NAG L . -68.03 39.96 29.65
O5 NAG L . -67.81 38.02 32.30
O6 NAG L . -70.49 40.45 32.41
O7 NAG L . -65.72 35.83 27.40
C1 NAG M . 18.86 -30.22 38.04
C2 NAG M . 18.46 -30.23 36.55
C3 NAG M . 17.15 -30.99 36.32
C4 NAG M . 17.21 -32.37 36.98
C5 NAG M . 17.58 -32.22 38.45
C6 NAG M . 17.73 -33.55 39.15
C7 NAG M . 17.65 -27.84 36.23
C8 NAG M . 16.64 -28.00 37.34
N2 NAG M . 18.43 -28.89 35.94
O3 NAG M . 16.91 -31.13 34.93
O4 NAG M . 15.94 -33.01 36.88
O5 NAG M . 18.85 -31.55 38.55
O6 NAG M . 16.99 -34.56 38.49
O7 NAG M . 17.76 -26.79 35.62
C1 NAG N . 53.31 -5.71 42.37
C2 NAG N . 53.47 -7.21 42.07
C3 NAG N . 54.54 -7.79 42.98
C4 NAG N . 55.83 -6.99 42.87
C5 NAG N . 55.58 -5.50 43.06
C6 NAG N . 56.79 -4.65 42.78
C7 NAG N . 51.86 -8.94 41.43
C8 NAG N . 50.53 -9.55 41.72
N2 NAG N . 52.22 -7.91 42.22
O3 NAG N . 54.78 -9.15 42.63
O4 NAG N . 56.76 -7.42 43.86
O5 NAG N . 54.55 -5.04 42.16
O6 NAG N . 57.79 -5.38 42.06
O7 NAG N . 52.58 -9.34 40.52
C1 NAG O . 42.79 -25.45 20.24
C2 NAG O . 42.92 -25.87 18.77
C3 NAG O . 42.33 -27.26 18.55
C4 NAG O . 42.95 -28.26 19.51
C5 NAG O . 42.76 -27.75 20.94
C6 NAG O . 43.43 -28.65 21.97
C7 NAG O . 41.01 -24.58 17.87
C8 NAG O . 40.59 -23.56 16.86
N2 NAG O . 42.31 -24.90 17.86
O3 NAG O . 42.56 -27.68 17.20
O4 NAG O . 42.32 -29.53 19.36
O5 NAG O . 43.36 -26.46 21.08
O6 NAG O . 43.41 -28.05 23.25
O7 NAG O . 40.21 -25.10 18.65
C1 NAG P . 15.80 -51.78 -12.99
C2 NAG P . 14.60 -52.02 -13.90
C3 NAG P . 13.54 -52.85 -13.18
C4 NAG P . 14.15 -54.13 -12.63
C5 NAG P . 15.35 -53.80 -11.75
C6 NAG P . 16.08 -55.03 -11.27
C7 NAG P . 13.38 -50.66 -15.52
C8 NAG P . 12.86 -49.29 -15.85
N2 NAG P . 14.05 -50.77 -14.37
O3 NAG P . 12.50 -53.16 -14.10
O4 NAG P . 13.18 -54.83 -11.86
O5 NAG P . 16.31 -53.03 -12.50
O6 NAG P . 16.70 -55.73 -12.33
O7 NAG P . 13.19 -51.62 -16.26
C1 NAG Q . 40.89 -56.09 -19.71
C2 NAG Q . 40.03 -55.26 -18.76
C3 NAG Q . 40.32 -55.64 -17.32
C4 NAG Q . 40.15 -57.14 -17.13
C5 NAG Q . 40.96 -57.92 -18.16
C6 NAG Q . 40.70 -59.40 -18.12
C7 NAG Q . 39.29 -52.96 -19.21
C8 NAG Q . 37.90 -53.53 -19.27
N2 NAG Q . 40.26 -53.83 -18.97
O3 NAG Q . 39.44 -54.93 -16.46
O4 NAG Q . 40.56 -57.51 -15.82
O5 NAG Q . 40.63 -57.47 -19.49
O6 NAG Q . 39.51 -59.70 -17.41
O7 NAG Q . 39.51 -51.77 -19.38
C1 NAG R . -61.26 -23.08 24.88
C2 NAG R . -62.61 -23.07 24.16
C3 NAG R . -63.51 -24.15 24.73
C4 NAG R . -62.81 -25.50 24.71
C5 NAG R . -61.46 -25.40 25.41
C6 NAG R . -60.65 -26.68 25.32
C7 NAG R . -64.07 -21.29 23.32
C8 NAG R . -64.63 -19.93 23.58
N2 NAG R . -63.24 -21.77 24.26
O3 NAG R . -64.71 -24.22 23.96
O4 NAG R . -63.61 -26.47 25.37
O5 NAG R . -60.67 -24.36 24.79
O6 NAG R . -60.08 -26.84 24.03
O7 NAG R . -64.34 -21.92 22.31
C1 NAG S . -51.72 -18.35 36.76
C2 NAG S . -50.58 -18.06 37.75
C3 NAG S . -49.49 -19.12 37.61
C4 NAG S . -50.06 -20.53 37.71
C5 NAG S . -51.19 -20.69 36.70
C6 NAG S . -51.90 -22.02 36.82
C7 NAG S . -49.29 -16.10 38.48
C8 NAG S . -48.81 -14.73 38.09
N2 NAG S . -50.03 -16.73 37.56
O3 NAG S . -48.51 -18.93 38.64
O4 NAG S . -49.06 -21.49 37.44
O5 NAG S . -52.18 -19.68 36.94
O6 NAG S . -53.27 -21.86 37.14
O7 NAG S . -49.02 -16.61 39.55
C1 NAG T . -77.64 -16.00 27.35
C2 NAG T . -77.43 -17.50 27.31
C3 NAG T . -78.23 -18.13 26.17
C4 NAG T . -79.70 -17.74 26.29
C5 NAG T . -79.83 -16.23 26.37
C6 NAG T . -81.26 -15.78 26.60
C7 NAG T . -75.48 -18.96 27.59
C8 NAG T . -74.00 -19.12 27.36
N2 NAG T . -76.02 -17.82 27.17
O3 NAG T . -78.10 -19.53 26.21
O4 NAG T . -80.42 -18.23 25.17
O5 NAG T . -79.04 -15.72 27.45
O6 NAG T . -81.78 -16.33 27.81
O7 NAG T . -76.15 -19.83 28.14
C1 NAG U . 44.08 8.69 -41.93
C2 NAG U . 42.89 8.67 -42.90
C3 NAG U . 42.84 7.38 -43.72
C4 NAG U . 44.19 7.13 -44.39
C5 NAG U . 45.29 7.13 -43.34
C6 NAG U . 46.67 6.95 -43.93
C7 NAG U . 40.95 8.25 -41.30
C8 NAG U . 41.61 6.99 -40.79
N2 NAG U . 41.60 8.95 -42.25
O3 NAG U . 41.82 7.49 -44.71
O4 NAG U . 44.18 5.88 -45.07
O5 NAG U . 45.30 8.39 -42.64
O6 NAG U . 46.64 6.03 -45.01
O7 NAG U . 39.87 8.63 -40.86
C1 NAG V . -66.76 23.30 -6.17
C2 NAG V . -67.26 24.54 -5.44
C3 NAG V . -68.39 25.21 -6.22
C4 NAG V . -67.96 25.47 -7.67
C5 NAG V . -67.45 24.17 -8.29
C6 NAG V . -66.90 24.37 -9.68
C7 NAG V . -67.02 24.53 -2.99
C8 NAG V . -65.73 25.26 -3.21
N2 NAG V . -67.71 24.21 -4.10
O3 NAG V . -68.73 26.43 -5.60
O4 NAG V . -69.06 25.94 -8.42
O5 NAG V . -66.38 23.64 -7.50
O6 NAG V . -66.38 25.67 -9.86
O7 NAG V . -67.42 24.23 -1.87
C1 NAG W . -65.80 7.66 -9.94
C2 NAG W . -65.84 6.40 -10.82
C3 NAG W . -64.83 6.51 -11.96
C4 NAG W . -65.05 7.80 -12.75
C5 NAG W . -65.02 8.99 -11.80
C6 NAG W . -65.33 10.30 -12.49
C7 NAG W . -64.46 4.94 -9.37
C8 NAG W . -64.44 3.64 -8.62
N2 NAG W . -65.60 5.19 -10.03
O3 NAG W . -64.98 5.39 -12.82
O4 NAG W . -64.04 7.95 -13.73
O5 NAG W . -66.00 8.82 -10.76
O6 NAG W . -65.60 11.33 -11.55
O7 NAG W . -63.52 5.71 -9.36
C1 NAG X . -80.19 26.62 4.97
C2 NAG X . -79.89 27.27 3.61
C3 NAG X . -80.03 28.79 3.70
C4 NAG X . -81.39 29.17 4.26
C5 NAG X . -81.59 28.49 5.61
C6 NAG X . -82.96 28.74 6.20
C7 NAG X . -78.30 25.79 2.47
C8 NAG X . -76.87 25.59 2.07
N2 NAG X . -78.56 26.91 3.14
O3 NAG X . -79.87 29.34 2.39
O4 NAG X . -81.47 30.58 4.43
O5 NAG X . -81.48 27.07 5.44
O6 NAG X . -83.32 27.73 7.12
O7 NAG X . -79.17 24.99 2.17
C1 NAG Y . 19.08 50.00 0.55
C2 NAG Y . 19.43 49.62 2.00
C3 NAG Y . 18.90 50.67 2.98
C4 NAG Y . 19.34 52.06 2.57
C5 NAG Y . 18.90 52.32 1.14
C6 NAG Y . 19.34 53.67 0.61
C7 NAG Y . 19.35 47.16 1.84
C8 NAG Y . 18.66 45.92 2.31
N2 NAG Y . 18.88 48.31 2.34
O3 NAG Y . 19.40 50.38 4.28
O4 NAG Y . 18.76 53.04 3.43
O5 NAG Y . 19.50 51.33 0.29
O6 NAG Y . 18.60 54.72 1.24
O7 NAG Y . 20.27 47.12 1.04
C1 NAG Z . 40.25 32.46 -10.52
C2 NAG Z . 40.57 31.29 -9.59
C3 NAG Z . 40.49 31.73 -8.13
C4 NAG Z . 41.37 32.94 -7.90
C5 NAG Z . 41.02 34.04 -8.88
C6 NAG Z . 41.92 35.25 -8.78
C7 NAG Z . 40.00 29.11 -10.58
C8 NAG Z . 38.95 28.05 -10.72
N2 NAG Z . 39.67 30.17 -9.83
O3 NAG Z . 40.89 30.66 -7.29
O4 NAG Z . 41.21 33.42 -6.57
O5 NAG Z . 41.13 33.56 -10.23
O6 NAG Z . 42.09 35.67 -7.43
O7 NAG Z . 41.09 29.02 -11.13
C1 NAG AA . -46.47 26.59 45.39
C2 NAG AA . -47.21 25.64 46.33
C3 NAG AA . -47.58 26.36 47.62
C4 NAG AA . -46.34 26.99 48.24
C5 NAG AA . -45.64 27.88 47.22
C6 NAG AA . -44.35 28.47 47.74
C7 NAG AA . -48.51 23.87 45.24
C8 NAG AA . -47.31 23.00 45.44
N2 NAG AA . -48.42 25.12 45.69
O3 NAG AA . -48.16 25.44 48.54
O4 NAG AA . -46.71 27.77 49.38
O5 NAG AA . -45.32 27.13 46.05
O6 NAG AA . -44.46 28.84 49.10
O7 NAG AA . -49.54 23.44 44.71
C1 NAG BA . -45.11 36.53 33.04
C2 NAG BA . -44.46 37.26 31.85
C3 NAG BA . -43.03 37.63 32.17
C4 NAG BA . -42.96 38.42 33.47
C5 NAG BA . -43.62 37.64 34.60
C6 NAG BA . -43.69 38.40 35.90
C7 NAG BA . -44.47 36.96 29.42
C8 NAG BA . -44.54 35.97 28.29
N2 NAG BA . -44.53 36.45 30.65
O3 NAG BA . -42.49 38.41 31.11
O4 NAG BA . -41.59 38.67 33.82
O5 NAG BA . -44.97 37.33 34.23
O6 NAG BA . -44.84 39.22 35.96
O7 NAG BA . -44.36 38.17 29.23
C1 NAG CA . -62.25 24.14 49.81
C2 NAG CA . -61.39 25.28 50.35
C3 NAG CA . -60.72 24.87 51.65
C4 NAG CA . -61.76 24.39 52.65
C5 NAG CA . -62.60 23.28 52.03
C6 NAG CA . -63.75 22.84 52.91
C7 NAG CA . -60.50 26.83 48.67
C8 NAG CA . -59.38 27.11 47.71
N2 NAG CA . -60.40 25.70 49.38
O3 NAG CA . -60.00 25.98 52.19
O4 NAG CA . -61.12 23.87 53.81
O5 NAG CA . -63.20 23.74 50.81
O6 NAG CA . -63.43 23.05 54.28
O7 NAG CA . -61.45 27.59 48.80
#